data_8DZ4
#
_entry.id   8DZ4
#
_cell.length_a   1.00
_cell.length_b   1.00
_cell.length_c   1.00
_cell.angle_alpha   90.00
_cell.angle_beta   90.00
_cell.angle_gamma   90.00
#
_symmetry.space_group_name_H-M   'P 1'
#
loop_
_entity.id
_entity.type
_entity.pdbx_description
1 polymer 'Circumsporozoite protein'
2 polymer '356 Fab light chain'
3 polymer '356 Fab heavy chain'
#
loop_
_entity_poly.entity_id
_entity_poly.type
_entity_poly.pdbx_seq_one_letter_code
_entity_poly.pdbx_strand_id
1 'polypeptide(L)'
;YGSSSNTRVLNELNYDNAGTNLYNELEMNYYGKQENWYSLKKNSRSLGENDDGNNEDNEKLRKPKHKKLKQPADGNPDPN
ANPNVDPNANPNVDPNANPNVDPNANPNANPNANPNANPNANPNANPNANPNANPNANPNANPNANPNANPNANPNANPN
ANPNANPNKNNQGNGQGHNMPNDPNRNVDENANANSAVKNNNNEEPSDKHIKEYLNKIQNSLSTEWSPCSVTCGNGIQVR
IKPGSANKPKDELDYANDIEKKICKMEKCSSVFNVVNS
;
I
2 'polypeptide(L)'
;QIVMTQSPATVSVSPGERATLSCRASRSVTSKLAWYQQKPGQAPRLLIYGASTRATGIPARFSGSGSGTEFTLTISSLQS
EDFAVYFCQQYNNGFTFGPGTKVDFKRTVAAPSVFIFPPSDEQLKSGTASVVCLLNNFYPREAKVQWKVDNALQSGNSQE
SVTEQDSKDSTYSLSSTLTLSKADYEKHKVYACEVTHQGLSSPVTKSFNRGEC
;
L,B,D,F,N,P,R,T,V,X,Z
3 'polypeptide(L)'
;QVQLVESGGGVVQPGRSLRLSCAASGFTFRNFGMHWVRQTPGKGLEWVAVIWHDGSNKFYADSVEGRFTISRDNSKNMIY
LQMNSLRVEDTAIYYCARDSLFYDHDNSGYYGYWGQGTLVTVSSASTKGPSVFPLAPSSKSTSGGTAALGCLVKDYFPEP
VTVSWNSGALTSGVHTFPAVLQSSGLYSLSSVVTVPSSSLGTQTYICNVNHKPSNTKVDKKVEPKSCD
;
H,A,C,E,M,O,Q,S,U,W,Y
#
# COMPACT_ATOMS: atom_id res chain seq x y z
N ASP A 78 43.96 -8.12 21.46
CA ASP A 78 44.84 -9.27 21.26
C ASP A 78 44.77 -9.73 19.80
N PRO A 79 45.87 -9.55 19.07
CA PRO A 79 45.89 -9.96 17.65
C PRO A 79 45.69 -11.44 17.44
N ASN A 80 45.98 -12.28 18.44
CA ASN A 80 45.90 -13.73 18.31
C ASN A 80 44.55 -14.28 18.74
N ALA A 81 43.56 -13.43 18.98
CA ALA A 81 42.22 -13.90 19.29
C ALA A 81 41.62 -14.59 18.06
N ASN A 82 40.73 -15.54 18.32
CA ASN A 82 40.14 -16.33 17.24
C ASN A 82 39.18 -15.46 16.44
N PRO A 83 39.39 -15.31 15.13
CA PRO A 83 38.48 -14.48 14.32
C PRO A 83 37.28 -15.24 13.77
N ASN A 84 37.32 -16.56 13.75
CA ASN A 84 36.22 -17.36 13.22
C ASN A 84 35.04 -17.36 14.20
N VAL A 85 33.85 -17.57 13.64
CA VAL A 85 32.63 -17.58 14.45
C VAL A 85 32.59 -18.89 15.23
N ASP A 86 32.08 -18.82 16.46
CA ASP A 86 31.90 -20.01 17.27
C ASP A 86 30.57 -20.67 16.91
N PRO A 87 30.58 -21.88 16.35
CA PRO A 87 29.32 -22.56 16.03
C PRO A 87 28.58 -23.07 17.26
N ASN A 88 29.23 -23.11 18.42
CA ASN A 88 28.63 -23.61 19.65
C ASN A 88 27.72 -22.59 20.32
N ALA A 89 27.53 -21.42 19.71
CA ALA A 89 26.65 -20.42 20.26
C ALA A 89 25.20 -20.91 20.25
N ASN A 90 24.40 -20.35 21.14
CA ASN A 90 23.01 -20.78 21.29
C ASN A 90 22.20 -20.37 20.06
N PRO A 91 21.59 -21.32 19.35
CA PRO A 91 20.79 -20.99 18.16
C PRO A 91 19.33 -20.66 18.45
N ASN A 92 18.83 -20.97 19.65
CA ASN A 92 17.44 -20.76 20.00
C ASN A 92 17.19 -19.29 20.35
N VAL A 93 15.94 -18.87 20.19
CA VAL A 93 15.55 -17.50 20.54
C VAL A 93 15.58 -17.36 22.05
N ASP A 94 16.14 -16.25 22.53
CA ASP A 94 16.28 -16.03 23.96
C ASP A 94 14.98 -15.46 24.49
N PRO A 95 14.26 -16.19 25.35
CA PRO A 95 12.97 -15.70 25.86
C PRO A 95 13.10 -14.56 26.86
N ASN A 96 14.31 -14.30 27.39
CA ASN A 96 14.51 -13.25 28.36
C ASN A 96 14.68 -11.87 27.72
N ALA A 97 14.64 -11.80 26.39
CA ALA A 97 14.64 -10.50 25.73
C ALA A 97 13.38 -9.73 26.10
N ASN A 98 13.53 -8.41 26.18
CA ASN A 98 12.46 -7.57 26.70
C ASN A 98 11.26 -7.61 25.77
N PRO A 99 10.07 -8.03 26.25
CA PRO A 99 8.89 -8.04 25.40
C PRO A 99 8.18 -6.69 25.30
N ASN A 100 8.55 -5.73 26.14
CA ASN A 100 7.96 -4.41 26.10
C ASN A 100 8.53 -3.62 24.91
N VAL A 101 7.68 -2.80 24.30
CA VAL A 101 8.07 -2.00 23.15
C VAL A 101 8.89 -0.81 23.63
N ASP A 102 9.90 -0.45 22.86
CA ASP A 102 10.88 0.56 23.25
C ASP A 102 10.33 1.96 23.10
N PRO A 103 10.26 2.76 24.18
CA PRO A 103 9.90 4.18 24.02
C PRO A 103 11.01 5.03 23.43
N ASN A 104 12.23 4.50 23.32
CA ASN A 104 13.36 5.25 22.81
C ASN A 104 13.51 5.14 21.30
N ALA A 105 12.59 4.46 20.63
CA ALA A 105 12.60 4.44 19.18
C ALA A 105 12.31 5.85 18.63
N ASN A 106 12.86 6.12 17.45
CA ASN A 106 12.78 7.45 16.88
C ASN A 106 11.34 7.79 16.51
N PRO A 107 10.75 8.84 17.09
CA PRO A 107 9.37 9.20 16.76
C PRO A 107 9.22 10.10 15.54
N ASN A 108 10.32 10.52 14.92
CA ASN A 108 10.28 11.42 13.78
C ASN A 108 10.12 10.63 12.49
N ALA A 109 9.45 11.26 11.52
CA ALA A 109 9.28 10.64 10.21
C ALA A 109 10.64 10.49 9.53
N ASN A 110 10.76 9.45 8.71
CA ASN A 110 12.03 9.12 8.08
C ASN A 110 12.10 9.78 6.71
N PRO A 111 12.98 10.77 6.51
CA PRO A 111 13.13 11.35 5.16
C PRO A 111 13.87 10.45 4.19
N ASN A 112 14.56 9.42 4.68
CA ASN A 112 15.32 8.52 3.82
C ASN A 112 14.48 7.39 3.25
N ALA A 113 13.17 7.39 3.52
CA ALA A 113 12.29 6.41 2.90
C ALA A 113 12.20 6.66 1.40
N ASN A 114 11.83 5.63 0.66
CA ASN A 114 11.81 5.71 -0.79
C ASN A 114 10.63 6.57 -1.24
N PRO A 115 10.88 7.68 -1.95
CA PRO A 115 9.78 8.54 -2.41
C PRO A 115 9.19 8.15 -3.76
N ASN A 116 9.77 7.17 -4.44
CA ASN A 116 9.31 6.75 -5.75
C ASN A 116 8.10 5.82 -5.62
N ALA A 117 7.24 5.86 -6.63
CA ALA A 117 6.08 4.98 -6.66
C ALA A 117 6.53 3.53 -6.81
N ASN A 118 5.71 2.61 -6.30
CA ASN A 118 6.08 1.19 -6.26
C ASN A 118 5.50 0.48 -7.47
N PRO A 119 6.31 0.05 -8.44
CA PRO A 119 5.78 -0.74 -9.55
C PRO A 119 5.40 -2.16 -9.16
N ASN A 120 5.83 -2.64 -8.00
CA ASN A 120 5.56 -4.00 -7.55
C ASN A 120 4.25 -4.12 -6.80
N ALA A 121 3.48 -3.03 -6.70
CA ALA A 121 2.15 -3.11 -6.12
C ALA A 121 1.25 -4.00 -6.99
N ASN A 122 0.08 -4.33 -6.44
CA ASN A 122 -0.83 -5.25 -7.11
C ASN A 122 -1.61 -4.51 -8.18
N PRO A 123 -1.44 -4.84 -9.46
CA PRO A 123 -2.20 -4.15 -10.51
C PRO A 123 -3.60 -4.70 -10.72
N ASN A 124 -3.93 -5.84 -10.13
CA ASN A 124 -5.23 -6.48 -10.32
C ASN A 124 -6.28 -5.81 -9.45
N ALA A 125 -7.54 -5.99 -9.85
CA ALA A 125 -8.65 -5.45 -9.08
C ALA A 125 -8.82 -6.25 -7.79
N ASN A 126 -9.53 -5.64 -6.83
CA ASN A 126 -9.69 -6.26 -5.52
C ASN A 126 -11.15 -6.67 -5.33
N PRO A 127 -11.49 -7.96 -5.46
CA PRO A 127 -12.86 -8.40 -5.16
C PRO A 127 -13.23 -8.28 -3.69
N ASN A 128 -12.26 -8.14 -2.80
CA ASN A 128 -12.53 -8.05 -1.37
C ASN A 128 -13.05 -6.68 -0.97
N ALA A 129 -13.07 -5.72 -1.89
CA ALA A 129 -13.69 -4.43 -1.63
C ALA A 129 -15.18 -4.61 -1.39
N ASN A 130 -15.76 -3.68 -0.64
CA ASN A 130 -17.15 -3.81 -0.23
C ASN A 130 -18.08 -3.66 -1.42
N PRO A 131 -18.90 -4.67 -1.75
CA PRO A 131 -19.84 -4.55 -2.87
C PRO A 131 -21.15 -3.88 -2.51
N ASN A 132 -21.38 -3.55 -1.24
CA ASN A 132 -22.64 -2.98 -0.80
C ASN A 132 -22.63 -1.47 -0.97
N ALA A 133 -23.81 -0.92 -1.24
CA ALA A 133 -23.96 0.52 -1.39
C ALA A 133 -23.67 1.21 -0.06
N ASN A 134 -22.98 2.35 -0.15
CA ASN A 134 -22.52 3.05 1.04
C ASN A 134 -23.59 4.05 1.47
N PRO A 135 -24.20 3.89 2.64
CA PRO A 135 -25.21 4.86 3.09
C PRO A 135 -24.62 6.17 3.59
N ASN A 136 -23.31 6.24 3.79
CA ASN A 136 -22.67 7.43 4.35
C ASN A 136 -22.33 8.48 3.29
N ALA A 137 -22.64 8.21 2.03
CA ALA A 137 -22.47 9.21 0.99
C ALA A 137 -23.39 10.40 1.25
N ASN A 138 -22.98 11.56 0.79
CA ASN A 138 -23.72 12.79 1.08
C ASN A 138 -25.05 12.79 0.34
N PRO A 139 -26.18 12.85 1.04
CA PRO A 139 -27.48 12.86 0.37
C PRO A 139 -27.98 14.23 -0.06
N ASN A 140 -27.26 15.30 0.29
CA ASN A 140 -27.67 16.66 -0.04
C ASN A 140 -27.30 16.99 -1.47
N ALA A 141 -28.15 17.80 -2.10
CA ALA A 141 -27.89 18.23 -3.46
C ALA A 141 -26.64 19.09 -3.52
N ASN A 142 -25.77 18.80 -4.50
CA ASN A 142 -24.48 19.47 -4.62
C ASN A 142 -24.69 20.85 -5.23
N PRO A 143 -24.33 21.94 -4.53
CA PRO A 143 -24.40 23.26 -5.16
C PRO A 143 -23.24 23.56 -6.08
N ASN A 144 -22.16 22.78 -6.02
CA ASN A 144 -20.97 23.01 -6.84
C ASN A 144 -21.08 22.38 -8.22
N ALA A 145 -22.22 21.77 -8.55
CA ALA A 145 -22.44 21.28 -9.90
C ALA A 145 -22.50 22.45 -10.86
N ASN A 146 -22.10 22.21 -12.10
CA ASN A 146 -22.00 23.27 -13.09
C ASN A 146 -23.38 23.80 -13.44
N PRO A 147 -23.66 25.09 -13.22
CA PRO A 147 -24.99 25.63 -13.54
C PRO A 147 -25.13 26.09 -14.99
N ASN A 148 -24.04 26.18 -15.74
CA ASN A 148 -24.09 26.62 -17.12
C ASN A 148 -24.68 25.52 -18.00
N ALA A 149 -25.35 25.94 -19.07
CA ALA A 149 -25.92 24.98 -20.02
C ALA A 149 -24.81 24.25 -20.77
N ASN A 150 -25.09 23.02 -21.18
CA ASN A 150 -24.09 22.17 -21.81
C ASN A 150 -24.19 22.29 -23.32
N PRO A 151 -23.20 22.89 -23.99
CA PRO A 151 -23.23 22.94 -25.46
C PRO A 151 -22.93 21.61 -26.13
N ASN A 152 -22.38 20.64 -25.41
CA ASN A 152 -21.97 19.36 -25.98
C ASN A 152 -23.11 18.36 -26.06
N ALA A 153 -24.31 18.74 -25.63
CA ALA A 153 -25.47 17.87 -25.79
C ALA A 153 -25.79 17.70 -27.27
N ASN A 154 -26.43 16.58 -27.59
CA ASN A 154 -26.72 16.24 -28.98
C ASN A 154 -27.67 17.27 -29.61
N PRO A 155 -27.27 17.95 -30.69
CA PRO A 155 -28.18 18.88 -31.35
C PRO A 155 -29.11 18.25 -32.37
N ASN A 156 -28.96 16.95 -32.63
CA ASN A 156 -29.75 16.27 -33.65
C ASN A 156 -31.05 15.73 -33.06
N ALA A 157 -32.10 15.76 -33.87
CA ALA A 157 -33.40 15.27 -33.44
C ALA A 157 -33.37 13.76 -33.24
N ASN A 158 -33.89 13.29 -32.10
CA ASN A 158 -33.80 11.90 -31.71
C ASN A 158 -34.76 11.05 -32.54
N PRO A 159 -34.28 10.04 -33.27
CA PRO A 159 -35.20 9.15 -33.98
C PRO A 159 -35.87 8.12 -33.09
N ASN A 160 -35.35 7.90 -31.88
CA ASN A 160 -35.89 6.89 -30.96
C ASN A 160 -37.01 7.42 -30.09
N ALA A 161 -37.41 8.67 -30.27
CA ALA A 161 -38.59 9.17 -29.59
C ALA A 161 -39.83 8.41 -30.05
N ASN A 162 -40.78 8.24 -29.15
CA ASN A 162 -41.96 7.43 -29.42
C ASN A 162 -42.77 8.04 -30.56
N PRO A 163 -42.96 7.33 -31.67
CA PRO A 163 -43.71 7.90 -32.80
C PRO A 163 -45.21 7.64 -32.78
N ASN A 164 -45.75 7.08 -31.70
CA ASN A 164 -47.16 6.75 -31.62
C ASN A 164 -47.91 7.87 -30.90
N ALA A 165 -49.23 7.69 -30.78
CA ALA A 165 -50.08 8.70 -30.16
C ALA A 165 -50.15 8.49 -28.65
N GLN B 1 18.37 -3.13 -10.74
CA GLN B 1 17.75 -3.58 -9.51
C GLN B 1 18.43 -4.84 -8.98
N ILE B 2 17.84 -5.99 -9.26
CA ILE B 2 18.36 -7.28 -8.83
C ILE B 2 18.85 -8.04 -10.05
N VAL B 3 20.13 -8.43 -10.04
CA VAL B 3 20.71 -9.14 -11.18
C VAL B 3 20.55 -10.63 -10.96
N MET B 4 19.98 -11.31 -11.95
CA MET B 4 19.66 -12.72 -11.86
C MET B 4 20.60 -13.54 -12.73
N THR B 5 21.16 -14.61 -12.17
CA THR B 5 22.07 -15.49 -12.88
C THR B 5 21.61 -16.93 -12.73
N GLN B 6 21.96 -17.75 -13.72
CA GLN B 6 21.59 -19.16 -13.73
C GLN B 6 22.83 -20.01 -13.95
N SER B 7 22.80 -21.23 -13.40
CA SER B 7 23.91 -22.16 -13.53
C SER B 7 23.39 -23.59 -13.48
N PRO B 8 23.89 -24.48 -14.34
CA PRO B 8 24.84 -24.24 -15.43
C PRO B 8 24.16 -23.66 -16.67
N ALA B 9 24.93 -23.22 -17.66
CA ALA B 9 24.33 -22.67 -18.87
C ALA B 9 23.51 -23.70 -19.62
N THR B 10 24.00 -24.94 -19.70
CA THR B 10 23.31 -26.01 -20.40
C THR B 10 23.40 -27.29 -19.57
N VAL B 11 22.38 -28.13 -19.69
CA VAL B 11 22.34 -29.42 -19.03
C VAL B 11 22.05 -30.50 -20.07
N SER B 12 22.71 -31.64 -19.91
CA SER B 12 22.53 -32.79 -20.78
C SER B 12 22.02 -33.95 -19.95
N VAL B 13 20.77 -34.34 -20.17
CA VAL B 13 20.13 -35.41 -19.41
C VAL B 13 19.33 -36.28 -20.38
N SER B 14 19.44 -37.59 -20.21
CA SER B 14 18.64 -38.53 -20.99
C SER B 14 17.21 -38.56 -20.45
N PRO B 15 16.23 -38.90 -21.29
CA PRO B 15 14.85 -39.00 -20.80
C PRO B 15 14.73 -40.04 -19.69
N GLY B 16 13.91 -39.71 -18.69
CA GLY B 16 13.74 -40.54 -17.52
C GLY B 16 14.64 -40.18 -16.36
N GLU B 17 15.68 -39.38 -16.60
CA GLU B 17 16.58 -38.94 -15.54
C GLU B 17 16.05 -37.67 -14.88
N ARG B 18 16.70 -37.28 -13.79
CA ARG B 18 16.32 -36.07 -13.07
C ARG B 18 17.26 -34.94 -13.43
N ALA B 19 16.69 -33.82 -13.87
CA ALA B 19 17.44 -32.64 -14.28
C ALA B 19 17.17 -31.51 -13.29
N THR B 20 18.23 -30.89 -12.78
CA THR B 20 18.13 -29.83 -11.81
C THR B 20 18.64 -28.52 -12.42
N LEU B 21 17.81 -27.49 -12.38
CA LEU B 21 18.17 -26.17 -12.85
C LEU B 21 18.21 -25.21 -11.67
N SER B 22 19.32 -24.49 -11.54
CA SER B 22 19.55 -23.59 -10.42
C SER B 22 19.40 -22.13 -10.85
N CYS B 23 19.09 -21.28 -9.88
CA CYS B 23 18.92 -19.85 -10.10
C CYS B 23 19.41 -19.09 -8.89
N ARG B 24 20.04 -17.93 -9.13
CA ARG B 24 20.60 -17.11 -8.07
C ARG B 24 20.25 -15.65 -8.32
N ALA B 25 19.84 -14.95 -7.28
CA ALA B 25 19.58 -13.53 -7.34
C ALA B 25 20.70 -12.76 -6.64
N SER B 26 20.98 -11.55 -7.15
CA SER B 26 22.03 -10.73 -6.55
C SER B 26 21.67 -10.32 -5.13
N ARG B 27 20.41 -9.96 -4.90
CA ARG B 27 19.93 -9.60 -3.57
C ARG B 27 18.71 -10.46 -3.23
N SER B 28 18.34 -10.42 -1.95
CA SER B 28 17.23 -11.25 -1.48
C SER B 28 15.92 -10.87 -2.18
N VAL B 29 15.21 -11.88 -2.67
CA VAL B 29 13.91 -11.71 -3.29
C VAL B 29 12.81 -12.37 -2.47
N THR B 30 13.10 -12.74 -1.22
CA THR B 30 12.18 -13.45 -0.35
C THR B 30 11.64 -14.71 -1.01
N SER B 31 10.32 -14.76 -1.24
CA SER B 31 9.68 -15.90 -1.87
C SER B 31 8.86 -15.48 -3.07
N LYS B 32 9.41 -14.59 -3.90
CA LYS B 32 8.75 -14.09 -5.10
C LYS B 32 9.64 -14.38 -6.30
N LEU B 33 9.47 -15.56 -6.90
CA LEU B 33 10.28 -15.99 -8.01
C LEU B 33 9.55 -17.06 -8.81
N ALA B 34 9.44 -16.83 -10.12
CA ALA B 34 8.70 -17.71 -11.00
C ALA B 34 9.64 -18.35 -12.03
N TRP B 35 9.20 -19.47 -12.59
CA TRP B 35 9.93 -20.19 -13.62
C TRP B 35 9.08 -20.28 -14.88
N TYR B 36 9.71 -20.06 -16.03
CA TYR B 36 9.03 -20.12 -17.32
C TYR B 36 9.73 -21.11 -18.23
N GLN B 37 8.94 -21.78 -19.06
CA GLN B 37 9.45 -22.72 -20.05
C GLN B 37 9.10 -22.21 -21.44
N GLN B 38 10.11 -22.14 -22.31
CA GLN B 38 9.94 -21.68 -23.68
C GLN B 38 10.45 -22.73 -24.65
N LYS B 39 9.59 -23.15 -25.56
CA LYS B 39 10.00 -24.02 -26.65
C LYS B 39 10.27 -23.19 -27.89
N PRO B 40 11.16 -23.66 -28.77
CA PRO B 40 11.53 -22.86 -29.95
C PRO B 40 10.30 -22.47 -30.78
N GLY B 41 10.12 -21.17 -30.98
CA GLY B 41 8.98 -20.65 -31.70
C GLY B 41 7.73 -20.44 -30.88
N GLN B 42 7.76 -20.71 -29.58
CA GLN B 42 6.60 -20.60 -28.71
C GLN B 42 6.83 -19.56 -27.63
N ALA B 43 5.73 -19.01 -27.13
CA ALA B 43 5.76 -18.08 -26.01
C ALA B 43 6.10 -18.82 -24.72
N PRO B 44 6.77 -18.16 -23.78
CA PRO B 44 7.10 -18.83 -22.52
C PRO B 44 5.86 -19.27 -21.77
N ARG B 45 6.00 -20.37 -21.04
CA ARG B 45 4.89 -20.96 -20.28
C ARG B 45 5.23 -20.95 -18.79
N LEU B 46 4.30 -20.43 -17.99
CA LEU B 46 4.52 -20.34 -16.54
C LEU B 46 4.33 -21.72 -15.92
N LEU B 47 5.41 -22.27 -15.35
CA LEU B 47 5.33 -23.56 -14.69
C LEU B 47 5.12 -23.39 -13.19
N ILE B 48 6.07 -22.72 -12.53
CA ILE B 48 6.04 -22.54 -11.09
C ILE B 48 6.01 -21.05 -10.79
N TYR B 49 5.19 -20.66 -9.80
CA TYR B 49 5.06 -19.26 -9.45
C TYR B 49 5.19 -19.08 -7.95
N GLY B 50 5.68 -17.92 -7.55
CA GLY B 50 5.95 -17.56 -6.17
C GLY B 50 7.27 -18.07 -5.66
N ALA B 51 7.32 -19.32 -5.19
CA ALA B 51 8.60 -20.01 -5.05
C ALA B 51 8.45 -21.47 -5.47
N SER B 52 7.27 -22.03 -5.21
CA SER B 52 7.01 -23.45 -5.44
C SER B 52 5.64 -23.76 -6.03
N THR B 53 4.66 -22.87 -5.90
CA THR B 53 3.31 -23.19 -6.34
C THR B 53 3.27 -23.41 -7.85
N ARG B 54 2.45 -24.36 -8.28
CA ARG B 54 2.42 -24.84 -9.65
C ARG B 54 1.21 -24.28 -10.37
N ALA B 55 1.43 -23.76 -11.57
CA ALA B 55 0.33 -23.27 -12.40
C ALA B 55 -0.59 -24.41 -12.78
N THR B 56 -1.87 -24.09 -12.99
CA THR B 56 -2.85 -25.10 -13.35
C THR B 56 -2.46 -25.78 -14.66
N GLY B 57 -2.54 -27.11 -14.68
CA GLY B 57 -2.19 -27.91 -15.83
C GLY B 57 -0.75 -28.37 -15.86
N ILE B 58 0.09 -27.87 -14.95
CA ILE B 58 1.49 -28.28 -14.90
C ILE B 58 1.59 -29.63 -14.21
N PRO B 59 2.21 -30.63 -14.84
CA PRO B 59 2.31 -31.95 -14.21
C PRO B 59 3.14 -31.91 -12.93
N ALA B 60 2.85 -32.86 -12.03
CA ALA B 60 3.59 -32.98 -10.79
C ALA B 60 5.07 -33.30 -11.02
N ARG B 61 5.45 -33.60 -12.26
CA ARG B 61 6.86 -33.82 -12.58
C ARG B 61 7.71 -32.60 -12.24
N PHE B 62 7.20 -31.40 -12.47
CA PHE B 62 7.94 -30.17 -12.22
C PHE B 62 7.85 -29.84 -10.74
N SER B 63 9.00 -29.64 -10.10
CA SER B 63 9.07 -29.33 -8.67
C SER B 63 9.98 -28.13 -8.47
N GLY B 64 9.40 -27.01 -8.06
CA GLY B 64 10.19 -25.84 -7.71
C GLY B 64 10.33 -25.67 -6.22
N SER B 65 11.47 -25.14 -5.80
CA SER B 65 11.74 -24.93 -4.38
C SER B 65 12.86 -23.90 -4.25
N GLY B 66 13.01 -23.40 -3.03
CA GLY B 66 14.05 -22.44 -2.70
C GLY B 66 13.47 -21.14 -2.19
N SER B 67 14.33 -20.37 -1.53
CA SER B 67 13.96 -19.08 -0.98
C SER B 67 15.22 -18.24 -0.77
N GLY B 68 15.03 -16.94 -0.67
CA GLY B 68 16.14 -16.02 -0.49
C GLY B 68 16.87 -15.71 -1.78
N THR B 69 18.10 -16.19 -1.90
CA THR B 69 18.90 -15.97 -3.10
C THR B 69 19.31 -17.26 -3.79
N GLU B 70 18.76 -18.41 -3.37
CA GLU B 70 19.11 -19.71 -3.94
C GLU B 70 17.82 -20.42 -4.32
N PHE B 71 17.58 -20.55 -5.62
CA PHE B 71 16.39 -21.20 -6.14
C PHE B 71 16.78 -22.31 -7.09
N THR B 72 16.01 -23.41 -7.05
CA THR B 72 16.25 -24.56 -7.92
C THR B 72 14.91 -25.04 -8.49
N LEU B 73 14.97 -25.55 -9.72
CA LEU B 73 13.83 -26.18 -10.36
C LEU B 73 14.22 -27.61 -10.71
N THR B 74 13.47 -28.57 -10.16
CA THR B 74 13.80 -29.98 -10.28
C THR B 74 12.75 -30.69 -11.11
N ILE B 75 13.19 -31.44 -12.12
CA ILE B 75 12.33 -32.24 -12.97
C ILE B 75 12.63 -33.70 -12.65
N SER B 76 11.67 -34.37 -11.99
CA SER B 76 11.95 -35.68 -11.41
C SER B 76 12.24 -36.73 -12.47
N SER B 77 11.36 -36.88 -13.47
CA SER B 77 11.57 -37.89 -14.52
C SER B 77 11.26 -37.22 -15.85
N LEU B 78 12.26 -36.55 -16.42
CA LEU B 78 12.06 -35.68 -17.58
C LEU B 78 11.65 -36.50 -18.79
N GLN B 79 10.56 -36.08 -19.44
CA GLN B 79 10.03 -36.74 -20.62
C GLN B 79 10.58 -36.09 -21.89
N SER B 80 10.05 -36.52 -23.04
CA SER B 80 10.53 -36.02 -24.33
C SER B 80 10.13 -34.57 -24.55
N GLU B 81 8.95 -34.17 -24.07
CA GLU B 81 8.45 -32.83 -24.31
C GLU B 81 9.06 -31.78 -23.38
N ASP B 82 9.86 -32.19 -22.40
CA ASP B 82 10.43 -31.28 -21.43
C ASP B 82 11.79 -30.74 -21.84
N PHE B 83 12.15 -30.84 -23.11
CA PHE B 83 13.39 -30.27 -23.61
C PHE B 83 13.13 -28.86 -24.12
N ALA B 84 13.64 -27.85 -23.40
CA ALA B 84 13.40 -26.46 -23.74
C ALA B 84 14.37 -25.55 -22.99
N VAL B 85 14.16 -24.24 -23.07
CA VAL B 85 14.95 -23.26 -22.35
C VAL B 85 14.08 -22.68 -21.24
N TYR B 86 14.63 -22.66 -20.02
CA TYR B 86 13.88 -22.29 -18.83
C TYR B 86 14.40 -20.96 -18.29
N PHE B 87 13.48 -20.06 -17.96
CA PHE B 87 13.81 -18.71 -17.52
C PHE B 87 13.44 -18.51 -16.06
N CYS B 88 14.27 -17.77 -15.34
CA CYS B 88 14.07 -17.49 -13.92
C CYS B 88 13.80 -16.00 -13.75
N GLN B 89 12.64 -15.67 -13.19
CA GLN B 89 12.22 -14.28 -13.01
C GLN B 89 11.98 -13.99 -11.54
N GLN B 90 12.36 -12.80 -11.10
CA GLN B 90 12.01 -12.29 -9.79
C GLN B 90 11.09 -11.08 -9.96
N TYR B 91 10.13 -10.94 -9.04
CA TYR B 91 9.22 -9.80 -9.05
C TYR B 91 9.07 -9.20 -7.66
N ASN B 92 10.07 -9.43 -6.79
CA ASN B 92 10.06 -8.82 -5.46
C ASN B 92 10.40 -7.34 -5.54
N ASN B 93 11.39 -6.98 -6.37
CA ASN B 93 11.83 -5.61 -6.55
C ASN B 93 12.06 -5.48 -8.05
N GLY B 94 11.13 -4.82 -8.75
CA GLY B 94 11.20 -4.70 -10.18
C GLY B 94 10.72 -5.96 -10.87
N PHE B 95 11.16 -6.11 -12.12
CA PHE B 95 10.81 -7.27 -12.96
C PHE B 95 12.02 -7.59 -13.83
N THR B 96 12.84 -8.54 -13.38
CA THR B 96 14.04 -8.94 -14.09
C THR B 96 14.00 -10.43 -14.38
N PHE B 97 14.63 -10.82 -15.48
CA PHE B 97 14.69 -12.21 -15.91
C PHE B 97 16.12 -12.73 -15.85
N GLY B 98 16.24 -14.04 -15.71
CA GLY B 98 17.53 -14.68 -15.82
C GLY B 98 17.94 -14.89 -17.27
N PRO B 99 19.23 -15.19 -17.47
CA PRO B 99 19.72 -15.41 -18.83
C PRO B 99 19.09 -16.60 -19.52
N GLY B 100 18.58 -17.58 -18.78
CA GLY B 100 17.97 -18.75 -19.39
C GLY B 100 18.88 -19.96 -19.41
N THR B 101 18.33 -21.14 -19.15
CA THR B 101 19.08 -22.39 -19.14
C THR B 101 18.43 -23.36 -20.11
N LYS B 102 19.23 -23.95 -20.99
CA LYS B 102 18.73 -24.86 -22.01
C LYS B 102 18.92 -26.31 -21.55
N VAL B 103 17.88 -27.12 -21.71
CA VAL B 103 17.94 -28.55 -21.44
C VAL B 103 18.06 -29.27 -22.77
N ASP B 104 19.10 -30.09 -22.91
CA ASP B 104 19.43 -30.73 -24.18
C ASP B 104 19.56 -32.23 -23.99
N PHE B 105 19.40 -32.95 -25.10
CA PHE B 105 19.53 -34.40 -25.09
C PHE B 105 20.95 -34.81 -24.71
N LYS B 106 21.07 -35.93 -24.00
CA LYS B 106 22.38 -36.46 -23.63
C LYS B 106 22.88 -37.44 -24.69
N GLN C 1 -10.59 -20.31 -21.98
CA GLN C 1 -9.70 -20.18 -23.13
C GLN C 1 -9.26 -18.73 -23.33
N VAL C 2 -8.22 -18.33 -22.59
CA VAL C 2 -7.68 -16.97 -22.70
C VAL C 2 -6.71 -16.96 -23.88
N GLN C 3 -7.05 -16.20 -24.92
CA GLN C 3 -6.21 -16.04 -26.09
C GLN C 3 -5.78 -14.59 -26.20
N LEU C 4 -4.48 -14.35 -26.26
CA LEU C 4 -3.92 -13.02 -26.45
C LEU C 4 -3.19 -12.97 -27.78
N VAL C 5 -3.64 -12.10 -28.68
CA VAL C 5 -3.04 -11.93 -30.00
C VAL C 5 -2.61 -10.47 -30.13
N GLU C 6 -1.46 -10.25 -30.73
CA GLU C 6 -0.95 -8.89 -30.92
C GLU C 6 -0.81 -8.58 -32.41
N SER C 7 -0.59 -7.29 -32.70
CA SER C 7 -0.43 -6.83 -34.07
C SER C 7 0.46 -5.60 -34.07
N GLY C 8 0.46 -4.88 -35.20
CA GLY C 8 1.23 -3.65 -35.31
C GLY C 8 2.70 -3.83 -35.56
N GLY C 9 3.17 -5.05 -35.79
CA GLY C 9 4.57 -5.29 -36.06
C GLY C 9 4.97 -4.85 -37.45
N GLY C 10 6.25 -4.96 -37.73
CA GLY C 10 6.79 -4.57 -39.02
C GLY C 10 8.20 -4.03 -38.87
N VAL C 11 8.65 -3.34 -39.91
CA VAL C 11 9.99 -2.77 -39.98
C VAL C 11 9.87 -1.26 -40.04
N VAL C 12 10.58 -0.58 -39.13
CA VAL C 12 10.58 0.87 -39.06
C VAL C 12 12.02 1.36 -38.98
N GLN C 13 12.23 2.61 -39.45
CA GLN C 13 13.55 3.20 -39.39
C GLN C 13 13.81 3.79 -38.01
N PRO C 14 15.07 3.88 -37.58
CA PRO C 14 15.37 4.48 -36.28
C PRO C 14 14.90 5.92 -36.20
N GLY C 15 14.43 6.31 -35.02
CA GLY C 15 13.90 7.63 -34.81
C GLY C 15 12.44 7.79 -35.17
N ARG C 16 11.79 6.75 -35.66
CA ARG C 16 10.38 6.80 -36.03
C ARG C 16 9.56 6.12 -34.93
N SER C 17 8.23 6.20 -35.06
CA SER C 17 7.32 5.71 -34.04
C SER C 17 6.54 4.51 -34.56
N LEU C 18 6.32 3.54 -33.69
CA LEU C 18 5.53 2.35 -33.99
C LEU C 18 4.53 2.12 -32.88
N ARG C 19 3.36 1.60 -33.24
CA ARG C 19 2.28 1.33 -32.29
C ARG C 19 1.92 -0.15 -32.35
N LEU C 20 2.03 -0.84 -31.23
CA LEU C 20 1.61 -2.23 -31.12
C LEU C 20 0.25 -2.30 -30.41
N SER C 21 -0.56 -3.26 -30.86
CA SER C 21 -1.87 -3.48 -30.25
C SER C 21 -1.98 -4.95 -29.87
N CYS C 22 -2.74 -5.21 -28.82
CA CYS C 22 -2.91 -6.56 -28.28
C CYS C 22 -4.37 -6.77 -27.91
N ALA C 23 -4.99 -7.78 -28.51
CA ALA C 23 -6.39 -8.10 -28.27
C ALA C 23 -6.49 -9.21 -27.23
N ALA C 24 -7.34 -9.01 -26.23
CA ALA C 24 -7.50 -9.94 -25.12
C ALA C 24 -8.91 -10.52 -25.12
N SER C 25 -9.01 -11.82 -24.89
CA SER C 25 -10.29 -12.51 -24.81
C SER C 25 -10.17 -13.70 -23.89
N GLY C 26 -11.31 -14.16 -23.39
CA GLY C 26 -11.35 -15.31 -22.51
C GLY C 26 -11.28 -15.01 -21.03
N PHE C 27 -11.29 -13.74 -20.64
CA PHE C 27 -11.27 -13.37 -19.23
C PHE C 27 -11.87 -11.98 -19.10
N THR C 28 -12.23 -11.63 -17.86
CA THR C 28 -12.68 -10.27 -17.57
C THR C 28 -11.50 -9.33 -17.69
N PHE C 29 -11.47 -8.54 -18.76
CA PHE C 29 -10.29 -7.74 -19.07
C PHE C 29 -10.04 -6.65 -18.02
N ARG C 30 -11.10 -6.00 -17.56
CA ARG C 30 -10.95 -4.84 -16.69
C ARG C 30 -10.58 -5.20 -15.26
N ASN C 31 -10.57 -6.49 -14.90
CA ASN C 31 -10.21 -6.90 -13.55
C ASN C 31 -8.74 -7.26 -13.39
N PHE C 32 -7.94 -7.16 -14.46
CA PHE C 32 -6.54 -7.55 -14.42
C PHE C 32 -5.68 -6.51 -15.11
N GLY C 33 -4.40 -6.49 -14.72
CA GLY C 33 -3.42 -5.62 -15.33
C GLY C 33 -2.53 -6.41 -16.29
N MET C 34 -2.14 -5.76 -17.38
CA MET C 34 -1.39 -6.40 -18.45
C MET C 34 -0.01 -5.79 -18.58
N HIS C 35 0.94 -6.62 -18.98
CA HIS C 35 2.33 -6.22 -19.15
C HIS C 35 2.73 -6.31 -20.61
N TRP C 36 3.89 -5.74 -20.92
CA TRP C 36 4.58 -5.97 -22.18
C TRP C 36 5.96 -6.53 -21.85
N VAL C 37 6.35 -7.61 -22.52
CA VAL C 37 7.59 -8.30 -22.26
C VAL C 37 8.40 -8.37 -23.55
N ARG C 38 9.69 -8.05 -23.45
CA ARG C 38 10.58 -7.97 -24.60
C ARG C 38 11.56 -9.13 -24.60
N GLN C 39 11.71 -9.79 -25.74
CA GLN C 39 12.67 -10.87 -25.92
C GLN C 39 13.58 -10.54 -27.09
N THR C 40 14.88 -10.46 -26.82
CA THR C 40 15.89 -10.21 -27.84
C THR C 40 16.86 -11.39 -27.87
N PRO C 41 17.14 -11.96 -29.03
CA PRO C 41 18.16 -13.02 -29.09
C PRO C 41 19.51 -12.50 -28.64
N GLY C 42 20.17 -13.25 -27.76
CA GLY C 42 21.43 -12.84 -27.20
C GLY C 42 21.33 -12.02 -25.94
N LYS C 43 20.13 -11.62 -25.53
CA LYS C 43 19.92 -10.88 -24.30
C LYS C 43 18.88 -11.53 -23.39
N GLY C 44 17.92 -12.25 -23.95
CA GLY C 44 16.90 -12.89 -23.15
C GLY C 44 15.67 -12.03 -22.95
N LEU C 45 14.80 -12.50 -22.06
CA LEU C 45 13.54 -11.83 -21.79
C LEU C 45 13.79 -10.52 -21.04
N GLU C 46 12.99 -9.51 -21.36
CA GLU C 46 13.10 -8.19 -20.73
C GLU C 46 11.72 -7.61 -20.50
N TRP C 47 11.54 -6.95 -19.36
CA TRP C 47 10.28 -6.28 -19.06
C TRP C 47 10.28 -4.87 -19.64
N VAL C 48 9.10 -4.41 -20.06
CA VAL C 48 8.95 -3.13 -20.73
C VAL C 48 8.02 -2.19 -19.96
N ALA C 49 6.76 -2.59 -19.79
CA ALA C 49 5.80 -1.69 -19.17
C ALA C 49 4.69 -2.50 -18.50
N VAL C 50 3.99 -1.84 -17.59
CA VAL C 50 2.83 -2.40 -16.90
C VAL C 50 1.77 -1.32 -16.76
N ILE C 51 0.51 -1.73 -16.80
CA ILE C 51 -0.61 -0.82 -16.59
C ILE C 51 -1.56 -1.45 -15.59
N TRP C 52 -2.27 -0.60 -14.85
CA TRP C 52 -3.19 -1.08 -13.83
C TRP C 52 -4.47 -1.61 -14.48
N HIS C 53 -5.40 -2.08 -13.64
CA HIS C 53 -6.65 -2.62 -14.16
C HIS C 53 -7.49 -1.53 -14.82
N ASP C 54 -7.54 -0.35 -14.22
CA ASP C 54 -8.29 0.78 -14.76
C ASP C 54 -7.40 1.77 -15.49
N GLY C 55 -6.14 1.44 -15.71
CA GLY C 55 -5.22 2.35 -16.37
C GLY C 55 -4.78 3.52 -15.53
N SER C 56 -4.95 3.46 -14.21
CA SER C 56 -4.58 4.58 -13.35
C SER C 56 -3.06 4.74 -13.29
N ASN C 57 -2.34 3.64 -13.16
CA ASN C 57 -0.90 3.68 -12.98
C ASN C 57 -0.20 2.99 -14.14
N LYS C 58 0.97 3.53 -14.51
CA LYS C 58 1.79 2.97 -15.57
C LYS C 58 3.25 3.05 -15.16
N PHE C 59 3.95 1.92 -15.24
CA PHE C 59 5.36 1.87 -14.89
C PHE C 59 6.14 1.26 -16.04
N TYR C 60 7.20 1.93 -16.47
CA TYR C 60 8.02 1.50 -17.59
C TYR C 60 9.43 1.17 -17.11
N ALA C 61 10.11 0.33 -17.88
CA ALA C 61 11.48 -0.02 -17.58
C ALA C 61 12.41 1.19 -17.79
N ASP C 62 13.61 1.10 -17.22
CA ASP C 62 14.56 2.20 -17.33
C ASP C 62 14.97 2.43 -18.79
N SER C 63 15.18 1.35 -19.54
CA SER C 63 15.65 1.48 -20.92
C SER C 63 14.59 2.06 -21.85
N VAL C 64 13.32 2.09 -21.42
CA VAL C 64 12.23 2.61 -22.24
C VAL C 64 11.53 3.80 -21.58
N GLU C 65 12.09 4.32 -20.49
CA GLU C 65 11.45 5.43 -19.79
C GLU C 65 11.46 6.68 -20.64
N GLY C 66 10.26 7.24 -20.87
CA GLY C 66 10.11 8.47 -21.62
C GLY C 66 9.94 8.30 -23.11
N ARG C 67 10.18 7.11 -23.66
CA ARG C 67 9.99 6.85 -25.07
C ARG C 67 8.78 5.98 -25.37
N PHE C 68 8.49 4.98 -24.55
CA PHE C 68 7.34 4.11 -24.72
C PHE C 68 6.20 4.58 -23.85
N THR C 69 4.97 4.35 -24.31
CA THR C 69 3.77 4.70 -23.58
C THR C 69 2.78 3.55 -23.68
N ILE C 70 2.38 3.00 -22.53
CA ILE C 70 1.41 1.92 -22.46
C ILE C 70 0.04 2.51 -22.19
N SER C 71 -0.99 1.93 -22.81
CA SER C 71 -2.35 2.38 -22.62
C SER C 71 -3.28 1.19 -22.83
N ARG C 72 -4.51 1.32 -22.35
CA ARG C 72 -5.47 0.23 -22.42
C ARG C 72 -6.86 0.80 -22.65
N ASP C 73 -7.72 -0.01 -23.27
CA ASP C 73 -9.10 0.35 -23.55
C ASP C 73 -9.98 -0.78 -23.05
N ASN C 74 -10.53 -0.64 -21.85
CA ASN C 74 -11.33 -1.69 -21.24
C ASN C 74 -12.64 -1.93 -21.97
N SER C 75 -13.07 -1.02 -22.83
CA SER C 75 -14.29 -1.19 -23.60
C SER C 75 -14.09 -2.03 -24.85
N LYS C 76 -12.88 -2.06 -25.41
CA LYS C 76 -12.59 -2.86 -26.60
C LYS C 76 -11.69 -4.05 -26.32
N ASN C 77 -11.33 -4.29 -25.06
CA ASN C 77 -10.48 -5.43 -24.67
C ASN C 77 -9.17 -5.42 -25.45
N MET C 78 -8.52 -4.27 -25.50
CA MET C 78 -7.29 -4.09 -26.26
C MET C 78 -6.22 -3.43 -25.41
N ILE C 79 -4.97 -3.83 -25.65
CA ILE C 79 -3.81 -3.24 -25.00
C ILE C 79 -2.93 -2.62 -26.08
N TYR C 80 -2.45 -1.40 -25.81
CA TYR C 80 -1.65 -0.67 -26.77
C TYR C 80 -0.31 -0.30 -26.16
N LEU C 81 0.69 -0.17 -27.02
CA LEU C 81 2.03 0.25 -26.63
C LEU C 81 2.59 1.16 -27.70
N GLN C 82 2.58 2.47 -27.45
CA GLN C 82 3.13 3.46 -28.36
C GLN C 82 4.64 3.54 -28.13
N MET C 83 5.42 3.39 -29.19
CA MET C 83 6.87 3.29 -29.11
C MET C 83 7.47 4.41 -29.97
N ASN C 84 7.66 5.57 -29.35
CA ASN C 84 8.25 6.70 -30.05
C ASN C 84 9.76 6.71 -29.88
N SER C 85 10.44 7.44 -30.77
CA SER C 85 11.89 7.60 -30.73
C SER C 85 12.61 6.26 -30.69
N LEU C 86 12.24 5.37 -31.61
CA LEU C 86 12.81 4.04 -31.64
C LEU C 86 14.30 4.09 -31.98
N ARG C 87 15.05 3.19 -31.35
CA ARG C 87 16.49 3.08 -31.55
C ARG C 87 16.83 1.63 -31.91
N VAL C 88 18.04 1.44 -32.44
CA VAL C 88 18.44 0.14 -32.98
C VAL C 88 18.42 -0.93 -31.89
N GLU C 89 18.58 -0.53 -30.63
CA GLU C 89 18.58 -1.47 -29.53
C GLU C 89 17.21 -2.09 -29.25
N ASP C 90 16.15 -1.60 -29.91
CA ASP C 90 14.79 -2.05 -29.64
C ASP C 90 14.33 -3.19 -30.52
N THR C 91 15.20 -3.76 -31.35
CA THR C 91 14.84 -4.91 -32.16
C THR C 91 14.59 -6.12 -31.26
N ALA C 92 13.36 -6.63 -31.25
CA ALA C 92 13.00 -7.70 -30.34
C ALA C 92 11.63 -8.25 -30.73
N ILE C 93 11.20 -9.25 -29.98
CA ILE C 93 9.85 -9.79 -30.08
C ILE C 93 9.08 -9.37 -28.83
N TYR C 94 7.92 -8.74 -29.02
CA TYR C 94 7.16 -8.14 -27.94
C TYR C 94 5.95 -9.01 -27.63
N TYR C 95 5.82 -9.43 -26.37
CA TYR C 95 4.77 -10.31 -25.94
C TYR C 95 3.74 -9.56 -25.10
N CYS C 96 2.46 -9.86 -25.32
CA CYS C 96 1.40 -9.38 -24.46
C CYS C 96 1.15 -10.39 -23.35
N ALA C 97 1.40 -9.96 -22.11
CA ALA C 97 1.32 -10.86 -20.97
C ALA C 97 0.35 -10.33 -19.93
N ARG C 98 -0.41 -11.24 -19.33
CA ARG C 98 -1.32 -10.91 -18.26
C ARG C 98 -0.67 -11.20 -16.92
N ASP C 99 -0.92 -10.33 -15.94
CA ASP C 99 -0.32 -10.47 -14.62
C ASP C 99 -1.12 -11.49 -13.80
N SER C 100 -0.41 -12.48 -13.25
CA SER C 100 -0.95 -13.45 -12.30
C SER C 100 -1.91 -14.44 -12.96
N LEU C 101 -1.97 -15.66 -12.42
CA LEU C 101 -2.99 -16.62 -12.83
C LEU C 101 -4.36 -16.22 -12.32
N PHE C 102 -4.43 -15.83 -11.05
CA PHE C 102 -5.66 -15.36 -10.42
C PHE C 102 -5.26 -14.33 -9.37
N TYR C 103 -6.26 -13.71 -8.75
CA TYR C 103 -6.01 -12.66 -7.77
C TYR C 103 -5.41 -13.27 -6.51
N ASP C 104 -4.18 -12.89 -6.21
CA ASP C 104 -3.55 -13.15 -4.91
C ASP C 104 -2.90 -11.86 -4.47
N HIS C 105 -3.38 -11.30 -3.35
CA HIS C 105 -2.96 -9.95 -2.96
C HIS C 105 -1.46 -9.91 -2.68
N ASP C 106 -0.91 -10.96 -2.09
CA ASP C 106 0.51 -10.99 -1.75
C ASP C 106 1.39 -11.59 -2.84
N ASN C 107 0.80 -12.01 -3.97
CA ASN C 107 1.56 -12.62 -5.05
C ASN C 107 1.04 -12.08 -6.38
N SER C 108 1.74 -11.11 -6.94
CA SER C 108 1.42 -10.57 -8.25
C SER C 108 2.68 -10.02 -8.89
N GLY C 109 2.68 -9.98 -10.22
CA GLY C 109 3.85 -9.56 -10.97
C GLY C 109 4.49 -10.64 -11.83
N TYR C 110 3.90 -11.83 -11.88
CA TYR C 110 4.33 -12.88 -12.79
C TYR C 110 3.32 -13.00 -13.92
N TYR C 111 3.81 -13.43 -15.09
CA TYR C 111 3.02 -13.44 -16.31
C TYR C 111 2.51 -14.85 -16.57
N GLY C 112 1.30 -15.14 -16.10
CA GLY C 112 0.76 -16.48 -16.27
C GLY C 112 0.40 -16.79 -17.71
N TYR C 113 -0.28 -15.86 -18.38
CA TYR C 113 -0.82 -16.10 -19.72
C TYR C 113 -0.13 -15.14 -20.69
N TRP C 114 0.54 -15.70 -21.68
CA TRP C 114 1.27 -14.93 -22.69
C TRP C 114 0.54 -14.96 -24.03
N GLY C 115 0.94 -14.03 -24.91
CA GLY C 115 0.53 -14.07 -26.30
C GLY C 115 1.65 -14.58 -27.19
N GLN C 116 1.30 -14.76 -28.48
CA GLN C 116 2.28 -15.29 -29.42
C GLN C 116 3.41 -14.30 -29.72
N GLY C 117 3.13 -13.02 -29.72
CA GLY C 117 4.20 -12.04 -29.91
C GLY C 117 4.30 -11.55 -31.34
N THR C 118 4.81 -10.34 -31.48
CA THR C 118 5.08 -9.74 -32.78
C THR C 118 6.54 -9.28 -32.84
N LEU C 119 7.09 -9.29 -34.05
CA LEU C 119 8.48 -8.94 -34.27
C LEU C 119 8.59 -7.50 -34.75
N VAL C 120 9.37 -6.69 -34.05
CA VAL C 120 9.63 -5.31 -34.40
C VAL C 120 11.12 -5.16 -34.67
N THR C 121 11.48 -4.77 -35.88
CA THR C 121 12.87 -4.59 -36.28
C THR C 121 13.11 -3.14 -36.66
N VAL C 122 14.17 -2.56 -36.11
CA VAL C 122 14.57 -1.19 -36.41
C VAL C 122 15.90 -1.24 -37.13
N SER C 123 15.91 -0.77 -38.38
CA SER C 123 17.11 -0.79 -39.20
C SER C 123 16.85 0.07 -40.43
N SER C 124 17.93 0.37 -41.15
CA SER C 124 17.85 1.16 -42.37
C SER C 124 17.96 0.28 -43.60
N GLN D 1 58.28 -9.01 17.63
CA GLN D 1 57.68 -10.01 18.49
C GLN D 1 58.63 -11.17 18.74
N ILE D 2 58.28 -12.34 18.21
CA ILE D 2 59.09 -13.54 18.34
C ILE D 2 59.93 -13.71 17.09
N VAL D 3 61.24 -13.61 17.23
CA VAL D 3 62.15 -13.75 16.10
C VAL D 3 62.25 -15.22 15.73
N MET D 4 62.04 -15.52 14.46
CA MET D 4 62.01 -16.89 13.96
C MET D 4 63.21 -17.16 13.07
N THR D 5 63.85 -18.31 13.28
CA THR D 5 65.01 -18.71 12.49
C THR D 5 64.90 -20.18 12.12
N GLN D 6 65.58 -20.53 11.02
CA GLN D 6 65.63 -21.91 10.55
C GLN D 6 67.08 -22.27 10.25
N SER D 7 67.42 -23.54 10.47
CA SER D 7 68.79 -24.01 10.25
C SER D 7 68.76 -25.48 9.87
N PRO D 8 69.57 -25.89 8.88
CA PRO D 8 70.46 -25.07 8.06
C PRO D 8 69.70 -24.31 6.98
N ALA D 9 70.35 -23.37 6.28
CA ALA D 9 69.66 -22.60 5.26
C ALA D 9 69.21 -23.48 4.09
N THR D 10 70.09 -24.38 3.65
CA THR D 10 69.77 -25.28 2.54
C THR D 10 70.21 -26.69 2.90
N VAL D 11 69.53 -27.68 2.30
CA VAL D 11 69.85 -29.07 2.48
C VAL D 11 69.94 -29.74 1.11
N SER D 12 70.89 -30.67 0.99
CA SER D 12 71.09 -31.45 -0.23
C SER D 12 70.83 -32.91 0.09
N VAL D 13 69.63 -33.38 -0.26
CA VAL D 13 69.19 -34.73 0.06
C VAL D 13 68.73 -35.40 -1.22
N SER D 14 69.25 -36.60 -1.49
CA SER D 14 68.86 -37.36 -2.67
C SER D 14 67.44 -37.90 -2.51
N PRO D 15 66.72 -38.12 -3.61
CA PRO D 15 65.38 -38.69 -3.50
C PRO D 15 65.39 -40.04 -2.81
N GLY D 16 64.37 -40.30 -2.00
CA GLY D 16 64.24 -41.53 -1.25
C GLY D 16 64.91 -41.50 0.11
N GLU D 17 65.66 -40.46 0.43
CA GLU D 17 66.34 -40.35 1.71
C GLU D 17 65.48 -39.55 2.69
N ARG D 18 65.87 -39.62 3.96
CA ARG D 18 65.16 -38.90 5.01
C ARG D 18 65.73 -37.50 5.15
N ALA D 19 64.87 -36.49 5.04
CA ALA D 19 65.26 -35.10 5.16
C ALA D 19 64.71 -34.52 6.46
N THR D 20 65.55 -33.82 7.20
CA THR D 20 65.19 -33.24 8.48
C THR D 20 65.43 -31.74 8.45
N LEU D 21 64.46 -30.97 8.96
CA LEU D 21 64.56 -29.53 9.05
C LEU D 21 64.34 -29.10 10.49
N SER D 22 65.04 -28.05 10.91
CA SER D 22 64.97 -27.56 12.27
C SER D 22 64.43 -26.13 12.30
N CYS D 23 63.53 -25.87 13.23
CA CYS D 23 62.95 -24.54 13.43
C CYS D 23 63.09 -24.15 14.89
N ARG D 24 63.58 -22.94 15.12
CA ARG D 24 63.82 -22.43 16.48
C ARG D 24 63.21 -21.05 16.62
N ALA D 25 62.50 -20.83 17.72
CA ALA D 25 61.91 -19.54 18.03
C ALA D 25 62.61 -18.91 19.23
N SER D 26 62.67 -17.58 19.23
CA SER D 26 63.33 -16.87 20.32
C SER D 26 62.59 -17.08 21.64
N ARG D 27 61.26 -17.07 21.61
CA ARG D 27 60.45 -17.25 22.80
C ARG D 27 59.48 -18.41 22.58
N SER D 28 59.00 -18.97 23.68
CA SER D 28 58.15 -20.16 23.63
C SER D 28 56.84 -19.86 22.90
N VAL D 29 56.46 -20.75 21.99
CA VAL D 29 55.22 -20.64 21.25
C VAL D 29 54.27 -21.79 21.56
N THR D 30 54.57 -22.57 22.59
CA THR D 30 53.75 -23.69 23.04
C THR D 30 53.45 -24.68 21.91
N SER D 31 52.18 -24.77 21.51
CA SER D 31 51.75 -25.73 20.50
C SER D 31 51.08 -25.03 19.33
N LYS D 32 51.51 -23.83 19.00
CA LYS D 32 50.97 -23.05 17.88
C LYS D 32 52.10 -22.77 16.89
N LEU D 33 52.29 -23.69 15.95
CA LEU D 33 53.33 -23.55 14.94
C LEU D 33 52.88 -24.29 13.68
N ALA D 34 53.14 -23.69 12.52
CA ALA D 34 52.71 -24.25 11.24
C ALA D 34 53.88 -24.32 10.28
N TRP D 35 53.78 -25.24 9.32
CA TRP D 35 54.75 -25.40 8.25
C TRP D 35 54.05 -25.20 6.92
N TYR D 36 54.77 -24.63 5.96
CA TYR D 36 54.22 -24.33 4.65
C TYR D 36 55.18 -24.78 3.56
N GLN D 37 54.62 -25.14 2.41
CA GLN D 37 55.38 -25.62 1.27
C GLN D 37 55.38 -24.55 0.18
N GLN D 38 56.55 -24.05 -0.15
CA GLN D 38 56.72 -23.00 -1.15
C GLN D 38 57.43 -23.55 -2.37
N LYS D 39 56.68 -23.73 -3.45
CA LYS D 39 57.25 -24.10 -4.73
C LYS D 39 57.42 -22.86 -5.61
N PRO D 40 58.40 -22.85 -6.51
CA PRO D 40 58.60 -21.67 -7.36
C PRO D 40 57.35 -21.34 -8.17
N GLY D 41 56.86 -20.12 -8.01
CA GLY D 41 55.67 -19.67 -8.69
C GLY D 41 54.36 -20.11 -8.07
N GLN D 42 54.39 -20.81 -6.95
CA GLN D 42 53.19 -21.33 -6.31
C GLN D 42 53.01 -20.74 -4.92
N ALA D 43 51.75 -20.58 -4.53
CA ALA D 43 51.40 -20.10 -3.21
C ALA D 43 51.75 -21.14 -2.14
N PRO D 44 52.04 -20.70 -0.91
CA PRO D 44 52.35 -21.65 0.16
C PRO D 44 51.17 -22.59 0.43
N ARG D 45 51.50 -23.83 0.76
CA ARG D 45 50.51 -24.86 1.07
C ARG D 45 50.71 -25.35 2.50
N LEU D 46 49.62 -25.42 3.26
CA LEU D 46 49.67 -25.82 4.66
C LEU D 46 49.92 -27.32 4.75
N LEU D 47 51.06 -27.71 5.33
CA LEU D 47 51.38 -29.12 5.52
C LEU D 47 51.03 -29.57 6.93
N ILE D 48 51.62 -28.93 7.94
CA ILE D 48 51.39 -29.30 9.33
C ILE D 48 50.94 -28.07 10.09
N TYR D 49 49.92 -28.23 10.94
CA TYR D 49 49.39 -27.11 11.69
C TYR D 49 49.38 -27.44 13.18
N GLY D 50 49.67 -26.42 14.00
CA GLY D 50 49.70 -26.50 15.45
C GLY D 50 51.01 -27.01 16.02
N ALA D 51 51.18 -28.33 16.09
CA ALA D 51 52.51 -28.87 16.36
C ALA D 51 52.84 -30.04 15.44
N SER D 52 51.86 -30.92 15.24
CA SER D 52 52.05 -32.13 14.44
C SER D 52 50.89 -32.46 13.51
N THR D 53 49.69 -31.94 13.75
CA THR D 53 48.52 -32.35 12.97
C THR D 53 48.70 -31.97 11.50
N ARG D 54 48.24 -32.85 10.63
CA ARG D 54 48.49 -32.75 9.19
C ARG D 54 47.22 -32.26 8.49
N ALA D 55 47.41 -31.36 7.53
CA ALA D 55 46.27 -30.86 6.76
C ALA D 55 45.67 -31.97 5.91
N THR D 56 44.37 -31.85 5.64
CA THR D 56 43.68 -32.83 4.80
C THR D 56 44.29 -32.86 3.41
N GLY D 57 44.57 -34.07 2.92
CA GLY D 57 45.19 -34.27 1.63
C GLY D 57 46.71 -34.34 1.67
N ILE D 58 47.33 -34.03 2.81
CA ILE D 58 48.77 -34.10 2.96
C ILE D 58 49.15 -35.54 3.29
N PRO D 59 50.05 -36.17 2.54
CA PRO D 59 50.41 -37.56 2.81
C PRO D 59 51.13 -37.71 4.15
N ALA D 60 51.12 -38.93 4.69
CA ALA D 60 51.77 -39.22 5.96
C ALA D 60 53.29 -39.09 5.86
N ARG D 61 53.84 -38.95 4.66
CA ARG D 61 55.27 -38.75 4.50
C ARG D 61 55.78 -37.55 5.29
N PHE D 62 54.98 -36.49 5.36
CA PHE D 62 55.36 -35.28 6.10
C PHE D 62 55.04 -35.50 7.58
N SER D 63 56.05 -35.36 8.43
CA SER D 63 55.91 -35.56 9.87
C SER D 63 56.51 -34.37 10.60
N GLY D 64 55.70 -33.76 11.46
CA GLY D 64 56.18 -32.66 12.28
C GLY D 64 56.18 -33.01 13.76
N SER D 65 57.15 -32.45 14.48
CA SER D 65 57.30 -32.72 15.90
C SER D 65 58.03 -31.55 16.56
N GLY D 66 57.92 -31.48 17.87
CA GLY D 66 58.55 -30.45 18.66
C GLY D 66 57.54 -29.60 19.42
N SER D 67 58.05 -28.96 20.47
CA SER D 67 57.23 -28.08 21.29
C SER D 67 58.12 -27.07 21.98
N GLY D 68 57.51 -25.99 22.44
CA GLY D 68 58.25 -24.94 23.12
C GLY D 68 59.00 -24.03 22.17
N THR D 69 60.32 -24.15 22.13
CA THR D 69 61.17 -23.35 21.27
C THR D 69 61.91 -24.16 20.22
N GLU D 70 61.73 -25.48 20.18
CA GLU D 70 62.40 -26.36 19.24
C GLU D 70 61.36 -27.16 18.48
N PHE D 71 61.30 -26.99 17.16
CA PHE D 71 60.38 -27.71 16.30
C PHE D 71 61.13 -28.25 15.09
N THR D 72 60.73 -29.45 14.66
CA THR D 72 61.39 -30.12 13.55
C THR D 72 60.34 -30.62 12.56
N LEU D 73 60.72 -30.63 11.29
CA LEU D 73 59.91 -31.18 10.21
C LEU D 73 60.74 -32.23 9.49
N THR D 74 60.29 -33.49 9.56
CA THR D 74 61.04 -34.62 9.02
C THR D 74 60.26 -35.26 7.89
N ILE D 75 60.94 -35.50 6.77
CA ILE D 75 60.38 -36.21 5.62
C ILE D 75 60.97 -37.60 5.64
N SER D 76 60.12 -38.62 5.78
CA SER D 76 60.60 -40.00 5.91
C SER D 76 61.34 -40.46 4.66
N SER D 77 60.80 -40.17 3.48
CA SER D 77 61.45 -40.59 2.23
C SER D 77 61.12 -39.51 1.18
N LEU D 78 62.05 -38.57 1.01
CA LEU D 78 61.83 -37.42 0.16
C LEU D 78 61.58 -37.86 -1.28
N GLN D 79 60.50 -37.37 -1.88
CA GLN D 79 60.15 -37.72 -3.24
C GLN D 79 60.55 -36.59 -4.20
N SER D 80 60.17 -36.74 -5.47
CA SER D 80 60.55 -35.77 -6.48
C SER D 80 59.76 -34.47 -6.34
N GLU D 81 58.46 -34.57 -6.06
CA GLU D 81 57.61 -33.38 -6.02
C GLU D 81 57.77 -32.57 -4.73
N ASP D 82 58.50 -33.07 -3.75
CA ASP D 82 58.66 -32.39 -2.47
C ASP D 82 59.88 -31.48 -2.44
N PHE D 83 60.61 -31.35 -3.53
CA PHE D 83 61.79 -30.50 -3.60
C PHE D 83 61.34 -29.04 -3.64
N ALA D 84 61.41 -28.36 -2.49
CA ALA D 84 60.99 -26.97 -2.38
C ALA D 84 61.57 -26.32 -1.13
N VAL D 85 61.12 -25.10 -0.83
CA VAL D 85 61.57 -24.37 0.35
C VAL D 85 60.42 -24.32 1.35
N TYR D 86 60.72 -24.68 2.60
CA TYR D 86 59.72 -24.80 3.65
C TYR D 86 59.80 -23.62 4.60
N PHE D 87 58.66 -23.09 5.00
CA PHE D 87 58.57 -21.95 5.90
C PHE D 87 58.00 -22.39 7.25
N CYS D 88 58.54 -21.81 8.32
CA CYS D 88 58.12 -22.11 9.68
C CYS D 88 57.51 -20.85 10.29
N GLN D 89 56.27 -20.96 10.77
CA GLN D 89 55.51 -19.83 11.30
C GLN D 89 55.03 -20.13 12.71
N GLN D 90 55.04 -19.11 13.56
CA GLN D 90 54.38 -19.14 14.86
C GLN D 90 53.16 -18.22 14.84
N TYR D 91 52.13 -18.60 15.60
CA TYR D 91 50.95 -17.76 15.76
C TYR D 91 50.49 -17.74 17.21
N ASN D 92 51.40 -17.98 18.14
CA ASN D 92 51.07 -17.90 19.56
C ASN D 92 51.02 -16.44 20.02
N ASN D 93 52.05 -15.66 19.67
CA ASN D 93 52.11 -14.23 19.99
C ASN D 93 52.44 -13.51 18.69
N GLY D 94 51.45 -12.92 18.05
CA GLY D 94 51.64 -12.26 16.79
C GLY D 94 51.72 -13.25 15.64
N PHE D 95 52.14 -12.73 14.48
CA PHE D 95 52.27 -13.54 13.27
C PHE D 95 53.63 -13.23 12.64
N THR D 96 54.58 -14.14 12.84
CA THR D 96 55.92 -14.01 12.29
C THR D 96 56.25 -15.26 11.49
N PHE D 97 57.12 -15.10 10.50
CA PHE D 97 57.54 -16.18 9.62
C PHE D 97 59.05 -16.34 9.65
N GLY D 98 59.51 -17.56 9.42
CA GLY D 98 60.92 -17.85 9.39
C GLY D 98 61.55 -17.47 8.07
N PRO D 99 62.89 -17.46 8.05
CA PRO D 99 63.60 -17.13 6.81
C PRO D 99 63.35 -18.12 5.68
N GLY D 100 63.12 -19.40 5.98
CA GLY D 100 62.88 -20.39 4.96
C GLY D 100 64.07 -21.27 4.67
N THR D 101 63.82 -22.58 4.59
CA THR D 101 64.87 -23.56 4.29
C THR D 101 64.53 -24.27 2.99
N LYS D 102 65.46 -24.22 2.04
CA LYS D 102 65.24 -24.80 0.72
C LYS D 102 65.85 -26.20 0.66
N VAL D 103 65.11 -27.13 0.05
CA VAL D 103 65.57 -28.50 -0.15
C VAL D 103 66.06 -28.63 -1.59
N ASP D 104 67.28 -29.12 -1.75
CA ASP D 104 67.92 -29.20 -3.05
C ASP D 104 68.38 -30.64 -3.30
N PHE D 105 68.48 -31.00 -4.58
CA PHE D 105 68.94 -32.32 -4.94
C PHE D 105 70.43 -32.47 -4.64
N LYS D 106 70.82 -33.67 -4.24
CA LYS D 106 72.22 -33.95 -3.90
C LYS D 106 72.96 -34.55 -5.10
N GLN E 1 36.73 -26.92 -2.61
CA GLN E 1 37.53 -26.15 -3.54
C GLN E 1 37.58 -24.68 -3.15
N VAL E 2 38.33 -24.38 -2.10
CA VAL E 2 38.50 -23.01 -1.61
C VAL E 2 39.36 -22.27 -2.64
N GLN E 3 38.73 -21.36 -3.39
CA GLN E 3 39.39 -20.61 -4.45
C GLN E 3 39.47 -19.15 -4.04
N LEU E 4 40.69 -18.62 -3.99
CA LEU E 4 40.93 -17.23 -3.64
C LEU E 4 41.74 -16.59 -4.76
N VAL E 5 41.22 -15.50 -5.33
CA VAL E 5 41.85 -14.82 -6.46
C VAL E 5 42.13 -13.38 -6.04
N GLU E 6 43.36 -12.93 -6.27
CA GLU E 6 43.77 -11.59 -5.90
C GLU E 6 43.85 -10.69 -7.13
N SER E 7 43.52 -9.41 -6.95
CA SER E 7 43.52 -8.46 -8.03
C SER E 7 43.97 -7.10 -7.50
N GLY E 8 43.86 -6.08 -8.34
CA GLY E 8 44.26 -4.74 -7.96
C GLY E 8 45.74 -4.46 -8.00
N GLY E 9 46.53 -5.37 -8.57
CA GLY E 9 47.96 -5.19 -8.64
C GLY E 9 48.36 -4.22 -9.75
N GLY E 10 49.65 -3.94 -9.80
CA GLY E 10 50.20 -3.03 -10.78
C GLY E 10 51.37 -2.27 -10.20
N VAL E 11 51.73 -1.17 -10.88
CA VAL E 11 52.84 -0.32 -10.48
C VAL E 11 52.29 1.06 -10.15
N VAL E 12 52.65 1.57 -8.98
CA VAL E 12 52.24 2.89 -8.54
C VAL E 12 53.46 3.64 -8.02
N GLN E 13 53.36 4.98 -8.04
CA GLN E 13 54.43 5.83 -7.55
C GLN E 13 54.37 5.95 -6.04
N PRO E 14 55.52 6.21 -5.40
CA PRO E 14 55.53 6.40 -3.95
C PRO E 14 54.66 7.58 -3.54
N GLY E 15 54.00 7.44 -2.39
CA GLY E 15 53.12 8.46 -1.87
C GLY E 15 51.69 8.41 -2.37
N ARG E 16 51.35 7.45 -3.22
CA ARG E 16 50.00 7.30 -3.74
C ARG E 16 49.31 6.14 -3.04
N SER E 17 48.08 5.87 -3.47
CA SER E 17 47.24 4.85 -2.85
C SER E 17 46.80 3.83 -3.89
N LEU E 18 46.83 2.56 -3.52
CA LEU E 18 46.34 1.46 -4.34
C LEU E 18 45.35 0.64 -3.54
N ARG E 19 44.49 -0.09 -4.22
CA ARG E 19 43.46 -0.91 -3.59
C ARG E 19 43.55 -2.34 -4.11
N LEU E 20 43.60 -3.30 -3.20
CA LEU E 20 43.60 -4.71 -3.54
C LEU E 20 42.27 -5.35 -3.17
N SER E 21 41.78 -6.22 -4.05
CA SER E 21 40.54 -6.93 -3.82
C SER E 21 40.79 -8.43 -3.92
N CYS E 22 40.12 -9.18 -3.04
CA CYS E 22 40.30 -10.61 -2.94
C CYS E 22 38.94 -11.28 -2.91
N ALA E 23 38.62 -12.02 -3.98
CA ALA E 23 37.33 -12.69 -4.11
C ALA E 23 37.45 -14.12 -3.60
N ALA E 24 36.51 -14.52 -2.76
CA ALA E 24 36.52 -15.84 -2.13
C ALA E 24 35.26 -16.61 -2.49
N SER E 25 35.43 -17.89 -2.82
CA SER E 25 34.33 -18.76 -3.15
C SER E 25 34.69 -20.19 -2.77
N GLY E 26 33.66 -21.02 -2.60
CA GLY E 26 33.86 -22.40 -2.20
C GLY E 26 33.68 -22.68 -0.73
N PHE E 27 33.26 -21.69 0.06
CA PHE E 27 33.04 -21.87 1.48
C PHE E 27 32.12 -20.78 1.98
N THR E 28 31.60 -20.96 3.18
CA THR E 28 30.79 -19.93 3.82
C THR E 28 31.68 -18.75 4.20
N PHE E 29 31.58 -17.67 3.44
CA PHE E 29 32.52 -16.56 3.60
C PHE E 29 32.31 -15.83 4.92
N ARG E 30 31.06 -15.59 5.29
CA ARG E 30 30.75 -14.77 6.45
C ARG E 30 31.09 -15.45 7.77
N ASN E 31 31.40 -16.74 7.77
CA ASN E 31 31.68 -17.47 9.00
C ASN E 31 33.17 -17.57 9.32
N PHE E 32 34.04 -16.97 8.51
CA PHE E 32 35.47 -17.07 8.73
C PHE E 32 36.12 -15.70 8.59
N GLY E 33 37.30 -15.57 9.17
CA GLY E 33 38.09 -14.36 9.06
C GLY E 33 39.28 -14.57 8.14
N MET E 34 39.59 -13.54 7.35
CA MET E 34 40.63 -13.62 6.34
C MET E 34 41.82 -12.75 6.73
N HIS E 35 42.96 -13.02 6.09
CA HIS E 35 44.21 -12.33 6.38
C HIS E 35 44.76 -11.72 5.10
N TRP E 36 45.90 -11.03 5.25
CA TRP E 36 46.71 -10.58 4.13
C TRP E 36 48.16 -10.90 4.44
N VAL E 37 48.85 -11.53 3.50
CA VAL E 37 50.22 -12.01 3.69
C VAL E 37 51.11 -11.37 2.62
N ARG E 38 52.28 -10.90 3.06
CA ARG E 38 53.24 -10.26 2.18
C ARG E 38 54.49 -11.12 2.06
N GLN E 39 54.94 -11.34 0.82
CA GLN E 39 56.14 -12.11 0.53
C GLN E 39 57.12 -11.23 -0.22
N THR E 40 58.25 -10.92 0.43
CA THR E 40 59.28 -10.07 -0.15
C THR E 40 60.51 -10.91 -0.45
N PRO E 41 61.01 -10.91 -1.68
CA PRO E 41 62.26 -11.63 -1.95
C PRO E 41 63.41 -11.11 -1.09
N GLY E 42 64.19 -12.04 -0.55
CA GLY E 42 65.26 -11.69 0.37
C GLY E 42 64.83 -11.47 1.79
N LYS E 43 63.53 -11.51 2.08
CA LYS E 43 63.00 -11.34 3.43
C LYS E 43 62.11 -12.48 3.87
N GLY E 44 61.31 -13.04 2.96
CA GLY E 44 60.38 -14.09 3.30
C GLY E 44 58.96 -13.60 3.44
N LEU E 45 58.14 -14.44 4.04
CA LEU E 45 56.73 -14.11 4.27
C LEU E 45 56.61 -13.12 5.43
N GLU E 46 55.70 -12.15 5.26
CA GLU E 46 55.45 -11.14 6.29
C GLU E 46 53.94 -10.95 6.42
N TRP E 47 53.47 -10.94 7.66
CA TRP E 47 52.05 -10.71 7.93
C TRP E 47 51.72 -9.22 7.76
N VAL E 48 50.52 -8.95 7.26
CA VAL E 48 50.05 -7.60 7.01
C VAL E 48 48.91 -7.22 7.95
N ALA E 49 47.78 -7.93 7.85
CA ALA E 49 46.60 -7.56 8.63
C ALA E 49 45.69 -8.77 8.77
N VAL E 50 44.75 -8.65 9.71
CA VAL E 50 43.73 -9.66 9.94
C VAL E 50 42.40 -8.94 10.17
N ILE E 51 41.31 -9.56 9.73
CA ILE E 51 39.97 -9.02 9.91
C ILE E 51 39.09 -10.09 10.56
N TRP E 52 38.11 -9.64 11.31
CA TRP E 52 37.18 -10.56 11.97
C TRP E 52 36.14 -11.05 10.97
N HIS E 53 35.24 -11.91 11.45
CA HIS E 53 34.25 -12.52 10.57
C HIS E 53 33.27 -11.47 10.04
N ASP E 54 32.95 -10.45 10.83
CA ASP E 54 32.11 -9.35 10.39
C ASP E 54 32.88 -8.03 10.30
N GLY E 55 34.20 -8.06 10.47
CA GLY E 55 34.99 -6.85 10.43
C GLY E 55 34.95 -6.01 11.68
N SER E 56 34.47 -6.57 12.80
CA SER E 56 34.38 -5.80 14.03
C SER E 56 35.76 -5.41 14.55
N ASN E 57 36.67 -6.37 14.63
CA ASN E 57 38.01 -6.13 15.12
C ASN E 57 39.02 -6.31 14.00
N LYS E 58 39.88 -5.29 13.84
CA LYS E 58 40.93 -5.32 12.82
C LYS E 58 42.27 -5.10 13.48
N PHE E 59 43.25 -5.92 13.11
CA PHE E 59 44.60 -5.82 13.64
C PHE E 59 45.58 -5.76 12.49
N TYR E 60 46.51 -4.80 12.55
CA TYR E 60 47.49 -4.59 11.50
C TYR E 60 48.89 -4.82 12.05
N ALA E 61 49.83 -5.08 11.15
CA ALA E 61 51.23 -5.23 11.52
C ALA E 61 51.86 -3.86 11.79
N ASP E 62 52.99 -3.87 12.50
CA ASP E 62 53.66 -2.63 12.85
C ASP E 62 54.17 -1.91 11.61
N SER E 63 54.73 -2.67 10.65
CA SER E 63 55.27 -2.06 9.44
C SER E 63 54.21 -1.38 8.59
N VAL E 64 52.93 -1.70 8.81
CA VAL E 64 51.83 -1.12 8.05
C VAL E 64 50.79 -0.49 8.95
N GLU E 65 51.10 -0.30 10.23
CA GLU E 65 50.14 0.29 11.16
C GLU E 65 49.89 1.75 10.81
N GLY E 66 48.61 2.12 10.76
CA GLY E 66 48.21 3.49 10.48
C GLY E 66 48.19 3.88 9.02
N ARG E 67 48.72 3.04 8.13
CA ARG E 67 48.73 3.33 6.70
C ARG E 67 47.83 2.43 5.89
N PHE E 68 47.78 1.13 6.21
CA PHE E 68 46.95 0.18 5.49
C PHE E 68 45.61 0.01 6.20
N THR E 69 44.55 -0.15 5.40
CA THR E 69 43.21 -0.35 5.92
C THR E 69 42.62 -1.61 5.31
N ILE E 70 42.14 -2.51 6.15
CA ILE E 70 41.51 -3.76 5.72
C ILE E 70 40.00 -3.61 5.87
N SER E 71 39.27 -4.24 4.96
CA SER E 71 37.82 -4.21 4.98
C SER E 71 37.28 -5.46 4.29
N ARG E 72 35.98 -5.68 4.44
CA ARG E 72 35.35 -6.85 3.86
C ARG E 72 33.88 -6.56 3.59
N ASP E 73 33.32 -7.26 2.61
CA ASP E 73 31.92 -7.13 2.24
C ASP E 73 31.33 -8.54 2.16
N ASN E 74 30.64 -8.95 3.22
CA ASN E 74 30.08 -10.30 3.28
C ASN E 74 28.95 -10.52 2.27
N SER E 75 28.36 -9.45 1.75
CA SER E 75 27.32 -9.58 0.74
C SER E 75 27.88 -9.80 -0.66
N LYS E 76 29.18 -9.59 -0.86
CA LYS E 76 29.82 -9.81 -2.14
C LYS E 76 30.94 -10.85 -2.07
N ASN E 77 31.30 -11.31 -0.87
CA ASN E 77 32.37 -12.29 -0.68
C ASN E 77 33.70 -11.79 -1.24
N MET E 78 34.10 -10.61 -0.77
CA MET E 78 35.34 -9.98 -1.21
C MET E 78 36.10 -9.43 -0.01
N ILE E 79 37.42 -9.47 -0.11
CA ILE E 79 38.31 -8.95 0.92
C ILE E 79 39.15 -7.83 0.30
N TYR E 80 39.15 -6.68 0.98
CA TYR E 80 39.83 -5.50 0.48
C TYR E 80 40.98 -5.11 1.41
N LEU E 81 42.01 -4.52 0.83
CA LEU E 81 43.13 -3.96 1.57
C LEU E 81 43.55 -2.65 0.92
N GLN E 82 43.23 -1.54 1.58
CA GLN E 82 43.53 -0.21 1.07
C GLN E 82 44.90 0.20 1.58
N MET E 83 45.86 0.33 0.67
CA MET E 83 47.25 0.68 1.00
C MET E 83 47.47 2.14 0.61
N ASN E 84 47.32 3.02 1.59
CA ASN E 84 47.55 4.44 1.37
C ASN E 84 48.99 4.81 1.73
N SER E 85 49.51 5.82 1.02
CA SER E 85 50.87 6.32 1.22
C SER E 85 51.90 5.20 1.07
N LEU E 86 51.88 4.55 -0.09
CA LEU E 86 52.79 3.44 -0.35
C LEU E 86 54.23 3.95 -0.45
N ARG E 87 55.17 3.09 -0.05
CA ARG E 87 56.59 3.40 -0.05
C ARG E 87 57.36 2.32 -0.79
N VAL E 88 58.65 2.58 -1.01
CA VAL E 88 59.47 1.64 -1.77
C VAL E 88 59.69 0.34 -1.01
N GLU E 89 59.45 0.35 0.30
CA GLU E 89 59.59 -0.87 1.09
C GLU E 89 58.39 -1.79 0.98
N ASP E 90 57.33 -1.35 0.31
CA ASP E 90 56.09 -2.13 0.20
C ASP E 90 56.02 -3.00 -1.05
N THR E 91 57.06 -3.03 -1.87
CA THR E 91 57.04 -3.84 -3.09
C THR E 91 57.24 -5.31 -2.73
N ALA E 92 56.24 -6.13 -3.04
CA ALA E 92 56.25 -7.54 -2.68
C ALA E 92 55.02 -8.21 -3.27
N ILE E 93 54.96 -9.53 -3.11
CA ILE E 93 53.78 -10.32 -3.50
C ILE E 93 52.83 -10.39 -2.32
N TYR E 94 51.57 -10.02 -2.55
CA TYR E 94 50.55 -9.97 -1.50
C TYR E 94 49.63 -11.17 -1.64
N TYR E 95 49.43 -11.89 -0.53
CA TYR E 95 48.65 -13.12 -0.53
C TYR E 95 47.39 -12.96 0.30
N CYS E 96 46.26 -13.37 -0.28
CA CYS E 96 45.01 -13.48 0.44
C CYS E 96 44.79 -14.91 0.89
N ALA E 97 44.81 -15.12 2.20
CA ALA E 97 44.74 -16.46 2.76
C ALA E 97 43.73 -16.52 3.90
N ARG E 98 42.95 -17.59 3.92
CA ARG E 98 41.94 -17.81 4.94
C ARG E 98 42.59 -18.39 6.20
N ASP E 99 42.00 -18.06 7.35
CA ASP E 99 42.52 -18.52 8.63
C ASP E 99 41.98 -19.91 8.94
N SER E 100 42.89 -20.89 9.05
CA SER E 100 42.60 -22.26 9.48
C SER E 100 41.76 -23.03 8.45
N LEU E 101 41.93 -24.36 8.43
CA LEU E 101 41.14 -25.20 7.54
C LEU E 101 39.70 -25.31 8.03
N PHE E 102 39.51 -25.56 9.33
CA PHE E 102 38.19 -25.65 9.92
C PHE E 102 38.21 -24.91 11.24
N TYR E 103 37.05 -24.85 11.89
CA TYR E 103 36.92 -24.15 13.16
C TYR E 103 37.54 -25.00 14.27
N ASP E 104 38.46 -24.39 15.03
CA ASP E 104 38.94 -24.94 16.28
C ASP E 104 39.22 -23.75 17.20
N HIS E 105 38.56 -23.73 18.36
CA HIS E 105 38.61 -22.56 19.22
C HIS E 105 40.02 -22.28 19.72
N ASP E 106 40.75 -23.32 20.09
CA ASP E 106 42.09 -23.17 20.63
C ASP E 106 43.18 -23.14 19.57
N ASN E 107 42.82 -23.31 18.30
CA ASN E 107 43.81 -23.30 17.21
C ASN E 107 43.29 -22.37 16.11
N SER E 108 43.85 -21.17 16.04
CA SER E 108 43.50 -20.22 15.00
C SER E 108 44.66 -19.27 14.78
N GLY E 109 44.81 -18.83 13.54
CA GLY E 109 45.93 -17.99 13.14
C GLY E 109 46.84 -18.58 12.09
N TYR E 110 46.75 -19.88 11.83
CA TYR E 110 47.49 -20.51 10.75
C TYR E 110 46.65 -20.47 9.47
N TYR E 111 47.32 -20.62 8.34
CA TYR E 111 46.72 -20.38 7.04
C TYR E 111 46.49 -21.72 6.34
N GLY E 112 45.23 -22.01 6.01
CA GLY E 112 44.92 -23.28 5.37
C GLY E 112 44.88 -23.16 3.85
N TYR E 113 44.26 -22.11 3.34
CA TYR E 113 44.07 -21.95 1.91
C TYR E 113 44.65 -20.60 1.48
N TRP E 114 45.51 -20.62 0.47
CA TRP E 114 46.16 -19.41 -0.03
C TRP E 114 45.69 -19.11 -1.45
N GLY E 115 45.74 -17.82 -1.79
CA GLY E 115 45.48 -17.39 -3.16
C GLY E 115 46.78 -17.29 -3.97
N GLN E 116 46.61 -17.16 -5.28
CA GLN E 116 47.77 -17.11 -6.17
C GLN E 116 48.60 -15.84 -5.96
N GLY E 117 48.01 -14.78 -5.42
CA GLY E 117 48.78 -13.59 -5.12
C GLY E 117 48.79 -12.60 -6.25
N THR E 118 48.99 -11.33 -5.89
CA THR E 118 49.11 -10.25 -6.86
C THR E 118 50.36 -9.44 -6.54
N LEU E 119 50.93 -8.83 -7.58
CA LEU E 119 52.16 -8.07 -7.46
C LEU E 119 51.87 -6.58 -7.47
N VAL E 120 52.37 -5.88 -6.45
CA VAL E 120 52.29 -4.43 -6.36
C VAL E 120 53.71 -3.88 -6.30
N THR E 121 54.03 -2.99 -7.24
CA THR E 121 55.38 -2.44 -7.36
C THR E 121 55.31 -0.93 -7.09
N VAL E 122 56.16 -0.47 -6.19
CA VAL E 122 56.27 0.95 -5.86
C VAL E 122 57.65 1.43 -6.32
N SER E 123 57.66 2.26 -7.35
CA SER E 123 58.92 2.77 -7.90
C SER E 123 58.61 4.02 -8.71
N SER E 124 59.67 4.76 -9.05
CA SER E 124 59.54 5.97 -9.84
C SER E 124 59.91 5.71 -11.30
N GLN F 1 38.76 -31.63 15.20
CA GLN F 1 38.50 -30.99 16.48
C GLN F 1 38.90 -31.91 17.63
N ILE F 2 37.92 -32.29 18.45
CA ILE F 2 38.12 -33.16 19.61
C ILE F 2 37.87 -34.59 19.18
N VAL F 3 38.82 -35.47 19.48
CA VAL F 3 38.71 -36.87 19.12
C VAL F 3 38.06 -37.64 20.25
N MET F 4 36.96 -38.33 19.96
CA MET F 4 36.26 -39.14 20.94
C MET F 4 36.50 -40.61 20.69
N THR F 5 36.87 -41.34 21.74
CA THR F 5 37.05 -42.78 21.69
C THR F 5 36.28 -43.42 22.82
N GLN F 6 35.75 -44.62 22.56
CA GLN F 6 34.97 -45.36 23.54
C GLN F 6 35.61 -46.72 23.74
N SER F 7 35.69 -47.14 25.00
CA SER F 7 36.31 -48.41 25.36
C SER F 7 35.55 -49.04 26.51
N PRO F 8 35.30 -50.36 26.46
CA PRO F 8 35.66 -51.29 25.38
C PRO F 8 34.68 -51.20 24.20
N ALA F 9 35.00 -51.84 23.08
CA ALA F 9 34.12 -51.77 21.91
C ALA F 9 32.77 -52.43 22.20
N THR F 10 32.77 -53.58 22.88
CA THR F 10 31.55 -54.30 23.17
C THR F 10 31.59 -54.81 24.61
N VAL F 11 30.41 -54.88 25.22
CA VAL F 11 30.26 -55.39 26.58
C VAL F 11 29.19 -56.47 26.59
N SER F 12 29.48 -57.55 27.31
CA SER F 12 28.55 -58.67 27.46
C SER F 12 28.05 -58.69 28.90
N VAL F 13 26.76 -58.43 29.09
CA VAL F 13 26.15 -58.38 30.41
C VAL F 13 24.81 -59.10 30.35
N SER F 14 24.54 -59.93 31.36
CA SER F 14 23.26 -60.60 31.47
C SER F 14 22.20 -59.62 31.97
N PRO F 15 20.92 -59.87 31.71
CA PRO F 15 19.87 -58.99 32.23
C PRO F 15 19.89 -58.93 33.75
N GLY F 16 19.67 -57.73 34.28
CA GLY F 16 19.72 -57.49 35.71
C GLY F 16 21.08 -57.08 36.22
N GLU F 17 22.12 -57.20 35.41
CA GLU F 17 23.47 -56.80 35.80
C GLU F 17 23.71 -55.33 35.53
N ARG F 18 24.82 -54.83 36.04
CA ARG F 18 25.21 -53.44 35.80
C ARG F 18 26.24 -53.38 34.66
N ALA F 19 26.13 -52.34 33.84
CA ALA F 19 27.01 -52.16 32.68
C ALA F 19 27.71 -50.82 32.80
N THR F 20 29.01 -50.80 32.51
CA THR F 20 29.82 -49.60 32.56
C THR F 20 30.31 -49.25 31.17
N LEU F 21 30.04 -48.03 30.73
CA LEU F 21 30.47 -47.52 29.44
C LEU F 21 31.35 -46.30 29.65
N SER F 22 32.49 -46.27 28.95
CA SER F 22 33.47 -45.21 29.10
C SER F 22 33.57 -44.38 27.83
N CYS F 23 33.64 -43.06 28.01
CA CYS F 23 33.86 -42.13 26.92
C CYS F 23 35.02 -41.21 27.28
N ARG F 24 35.94 -41.03 26.33
CA ARG F 24 37.13 -40.23 26.55
C ARG F 24 37.31 -39.27 25.38
N ALA F 25 37.59 -38.01 25.69
CA ALA F 25 37.83 -36.99 24.69
C ALA F 25 39.31 -36.63 24.65
N SER F 26 39.79 -36.24 23.47
CA SER F 26 41.19 -35.86 23.33
C SER F 26 41.51 -34.59 24.11
N ARG F 27 40.57 -33.64 24.13
CA ARG F 27 40.73 -32.39 24.85
C ARG F 27 39.56 -32.20 25.80
N SER F 28 39.67 -31.20 26.66
CA SER F 28 38.67 -30.97 27.68
C SER F 28 37.35 -30.51 27.07
N VAL F 29 36.26 -31.14 27.48
CA VAL F 29 34.91 -30.75 27.07
C VAL F 29 34.09 -30.23 28.24
N THR F 30 34.74 -29.96 29.38
CA THR F 30 34.09 -29.44 30.58
C THR F 30 32.92 -30.31 31.02
N SER F 31 31.71 -29.77 30.93
CA SER F 31 30.50 -30.48 31.35
C SER F 31 29.45 -30.46 30.24
N LYS F 32 29.87 -30.49 28.99
CA LYS F 32 28.97 -30.49 27.84
C LYS F 32 29.18 -31.78 27.06
N LEU F 33 28.35 -32.78 27.36
CA LEU F 33 28.46 -34.08 26.72
C LEU F 33 27.14 -34.82 26.86
N ALA F 34 26.65 -35.36 25.74
CA ALA F 34 25.37 -36.07 25.71
C ALA F 34 25.61 -37.53 25.34
N TRP F 35 24.70 -38.38 25.82
CA TRP F 35 24.72 -39.81 25.52
C TRP F 35 23.49 -40.17 24.71
N TYR F 36 23.65 -41.10 23.76
CA TYR F 36 22.58 -41.46 22.85
C TYR F 36 22.42 -42.98 22.80
N GLN F 37 21.17 -43.42 22.72
CA GLN F 37 20.83 -44.83 22.57
C GLN F 37 20.22 -45.04 21.18
N GLN F 38 20.79 -45.96 20.41
CA GLN F 38 20.28 -46.31 19.09
C GLN F 38 20.03 -47.80 19.03
N LYS F 39 18.81 -48.17 18.64
CA LYS F 39 18.44 -49.55 18.42
C LYS F 39 18.37 -49.83 16.91
N PRO F 40 18.60 -51.07 16.49
CA PRO F 40 18.57 -51.37 15.06
C PRO F 40 17.25 -50.97 14.42
N GLY F 41 17.33 -50.20 13.34
CA GLY F 41 16.16 -49.69 12.66
C GLY F 41 15.55 -48.45 13.28
N GLN F 42 16.14 -47.91 14.34
CA GLN F 42 15.61 -46.77 15.05
C GLN F 42 16.61 -45.62 15.05
N ALA F 43 16.08 -44.41 15.25
CA ALA F 43 16.90 -43.22 15.38
C ALA F 43 17.49 -43.13 16.79
N PRO F 44 18.64 -42.48 16.94
CA PRO F 44 19.23 -42.34 18.28
C PRO F 44 18.30 -41.56 19.21
N ARG F 45 18.36 -41.90 20.49
CA ARG F 45 17.53 -41.28 21.51
C ARG F 45 18.42 -40.66 22.59
N LEU F 46 18.00 -39.50 23.08
CA LEU F 46 18.78 -38.78 24.08
C LEU F 46 18.47 -39.31 25.47
N LEU F 47 19.50 -39.84 26.13
CA LEU F 47 19.34 -40.35 27.49
C LEU F 47 19.85 -39.36 28.51
N ILE F 48 21.12 -38.99 28.40
CA ILE F 48 21.75 -38.07 29.34
C ILE F 48 22.33 -36.90 28.57
N TYR F 49 22.12 -35.69 29.08
CA TYR F 49 22.64 -34.48 28.47
C TYR F 49 23.35 -33.66 29.53
N GLY F 50 24.16 -32.70 29.11
CA GLY F 50 24.98 -31.95 30.04
C GLY F 50 26.21 -32.74 30.45
N ALA F 51 26.24 -33.20 31.70
CA ALA F 51 27.25 -34.17 32.11
C ALA F 51 26.60 -35.31 32.87
N SER F 52 25.49 -35.02 33.56
CA SER F 52 24.74 -36.02 34.32
C SER F 52 23.23 -35.91 34.17
N THR F 53 22.69 -34.76 33.76
CA THR F 53 21.25 -34.56 33.73
C THR F 53 20.60 -35.53 32.75
N ARG F 54 19.39 -35.98 33.12
CA ARG F 54 18.67 -37.00 32.38
C ARG F 54 17.54 -36.37 31.59
N ALA F 55 17.33 -36.85 30.36
CA ALA F 55 16.26 -36.33 29.52
C ALA F 55 14.90 -36.78 30.07
N THR F 56 13.87 -36.00 29.75
CA THR F 56 12.51 -36.32 30.19
C THR F 56 12.05 -37.65 29.63
N GLY F 57 11.36 -38.42 30.45
CA GLY F 57 10.86 -39.73 30.07
C GLY F 57 11.85 -40.85 30.20
N ILE F 58 13.10 -40.54 30.54
CA ILE F 58 14.14 -41.56 30.70
C ILE F 58 14.13 -42.03 32.16
N PRO F 59 14.08 -43.34 32.40
CA PRO F 59 14.05 -43.82 33.79
C PRO F 59 15.34 -43.51 34.52
N ALA F 60 15.26 -43.45 35.85
CA ALA F 60 16.42 -43.18 36.68
C ALA F 60 17.45 -44.32 36.65
N ARG F 61 17.14 -45.41 35.93
CA ARG F 61 18.11 -46.49 35.79
C ARG F 61 19.40 -46.02 35.12
N PHE F 62 19.31 -45.07 34.21
CA PHE F 62 20.47 -44.53 33.51
C PHE F 62 21.11 -43.45 34.37
N SER F 63 22.43 -43.53 34.55
CA SER F 63 23.16 -42.56 35.35
C SER F 63 24.53 -42.31 34.71
N GLY F 64 24.81 -41.06 34.38
CA GLY F 64 26.10 -40.69 33.85
C GLY F 64 26.87 -39.80 34.82
N SER F 65 28.20 -39.89 34.76
CA SER F 65 29.05 -39.13 35.67
C SER F 65 30.40 -38.91 34.99
N GLY F 66 31.13 -37.93 35.51
CA GLY F 66 32.44 -37.57 35.01
C GLY F 66 32.47 -36.17 34.43
N SER F 67 33.68 -35.65 34.29
CA SER F 67 33.89 -34.32 33.75
C SER F 67 35.30 -34.24 33.18
N GLY F 68 35.52 -33.23 32.35
CA GLY F 68 36.82 -33.01 31.73
C GLY F 68 37.06 -33.88 30.53
N THR F 69 37.95 -34.88 30.68
CA THR F 69 38.29 -35.77 29.59
C THR F 69 37.92 -37.22 29.86
N GLU F 70 37.35 -37.52 31.02
CA GLU F 70 36.95 -38.88 31.38
C GLU F 70 35.48 -38.86 31.76
N PHE F 71 34.65 -39.54 30.97
CA PHE F 71 33.22 -39.64 31.21
C PHE F 71 32.79 -41.09 31.22
N THR F 72 31.85 -41.42 32.09
CA THR F 72 31.36 -42.79 32.23
C THR F 72 29.84 -42.78 32.24
N LEU F 73 29.25 -43.84 31.70
CA LEU F 73 27.82 -44.07 31.74
C LEU F 73 27.56 -45.43 32.34
N THR F 74 26.67 -45.50 33.31
CA THR F 74 26.39 -46.74 34.05
C THR F 74 24.90 -47.04 34.00
N ILE F 75 24.57 -48.29 33.69
CA ILE F 75 23.20 -48.78 33.74
C ILE F 75 23.08 -49.61 35.01
N SER F 76 22.36 -49.09 36.01
CA SER F 76 22.32 -49.73 37.32
C SER F 76 21.72 -51.13 37.25
N SER F 77 20.60 -51.30 36.53
CA SER F 77 19.96 -52.62 36.42
C SER F 77 19.48 -52.76 34.98
N LEU F 78 20.32 -53.37 34.15
CA LEU F 78 20.03 -53.47 32.72
C LEU F 78 18.84 -54.40 32.48
N GLN F 79 17.89 -53.92 31.68
CA GLN F 79 16.72 -54.71 31.34
C GLN F 79 16.86 -55.29 29.93
N SER F 80 15.78 -55.93 29.45
CA SER F 80 15.81 -56.56 28.15
C SER F 80 15.89 -55.54 27.02
N GLU F 81 15.21 -54.39 27.18
CA GLU F 81 15.14 -53.41 26.11
C GLU F 81 16.37 -52.52 26.05
N ASP F 82 17.32 -52.66 26.98
CA ASP F 82 18.49 -51.80 27.03
C ASP F 82 19.67 -52.33 26.21
N PHE F 83 19.48 -53.42 25.45
CA PHE F 83 20.53 -53.97 24.61
C PHE F 83 20.60 -53.16 23.32
N ALA F 84 21.65 -52.34 23.19
CA ALA F 84 21.81 -51.48 22.03
C ALA F 84 23.23 -50.93 21.95
N VAL F 85 23.45 -49.98 21.04
CA VAL F 85 24.75 -49.33 20.88
C VAL F 85 24.62 -47.90 21.38
N TYR F 86 25.63 -47.44 22.13
CA TYR F 86 25.59 -46.14 22.78
C TYR F 86 26.67 -45.24 22.20
N PHE F 87 26.30 -44.03 21.84
CA PHE F 87 27.22 -43.06 21.25
C PHE F 87 27.47 -41.91 22.22
N CYS F 88 28.65 -41.31 22.10
CA CYS F 88 29.08 -40.22 22.97
C CYS F 88 29.33 -38.97 22.13
N GLN F 89 28.69 -37.87 22.50
CA GLN F 89 28.82 -36.60 21.78
C GLN F 89 29.34 -35.52 22.71
N GLN F 90 30.25 -34.69 22.19
CA GLN F 90 30.65 -33.45 22.85
C GLN F 90 30.20 -32.26 21.99
N TYR F 91 29.68 -31.23 22.64
CA TYR F 91 29.18 -30.06 21.95
C TYR F 91 29.76 -28.76 22.53
N ASN F 92 30.82 -28.88 23.33
CA ASN F 92 31.51 -27.69 23.82
C ASN F 92 32.31 -27.06 22.69
N ASN F 93 33.03 -27.89 21.93
CA ASN F 93 33.85 -27.44 20.80
C ASN F 93 33.45 -28.27 19.58
N GLY F 94 32.69 -27.66 18.68
CA GLY F 94 32.21 -28.37 17.52
C GLY F 94 31.09 -29.35 17.86
N PHE F 95 30.91 -30.33 16.97
CA PHE F 95 29.88 -31.37 17.14
C PHE F 95 30.47 -32.68 16.61
N THR F 96 31.02 -33.48 17.52
CA THR F 96 31.64 -34.75 17.18
C THR F 96 31.01 -35.87 17.98
N PHE F 97 30.86 -37.03 17.34
CA PHE F 97 30.30 -38.22 17.97
C PHE F 97 31.40 -39.24 18.21
N GLY F 98 31.10 -40.21 19.06
CA GLY F 98 32.00 -41.31 19.29
C GLY F 98 31.72 -42.49 18.39
N PRO F 99 32.68 -43.41 18.33
CA PRO F 99 32.49 -44.60 17.48
C PRO F 99 31.32 -45.47 17.91
N GLY F 100 31.02 -45.55 19.20
CA GLY F 100 29.89 -46.34 19.66
C GLY F 100 30.28 -47.62 20.37
N THR F 101 29.64 -47.89 21.51
CA THR F 101 29.86 -49.10 22.27
C THR F 101 28.58 -49.92 22.28
N LYS F 102 28.70 -51.20 21.93
CA LYS F 102 27.53 -52.07 21.80
C LYS F 102 27.34 -52.88 23.08
N VAL F 103 26.09 -52.99 23.52
CA VAL F 103 25.71 -53.83 24.65
C VAL F 103 25.11 -55.11 24.09
N ASP F 104 25.70 -56.25 24.45
CA ASP F 104 25.33 -57.54 23.88
C ASP F 104 24.93 -58.50 24.99
N PHE F 105 24.07 -59.45 24.65
CA PHE F 105 23.62 -60.45 25.61
C PHE F 105 24.78 -61.37 26.00
N LYS F 106 24.86 -61.69 27.29
CA LYS F 106 25.93 -62.54 27.79
C LYS F 106 25.47 -63.99 27.91
N GLN G 1 4.48 -34.13 21.56
CA GLN G 1 4.88 -35.09 20.53
C GLN G 1 5.68 -34.41 19.43
N VAL G 2 6.98 -34.24 19.67
CA VAL G 2 7.88 -33.64 18.68
C VAL G 2 8.15 -34.69 17.62
N GLN G 3 7.60 -34.50 16.42
CA GLN G 3 7.71 -35.45 15.33
C GLN G 3 8.50 -34.81 14.19
N LEU G 4 9.56 -35.49 13.76
CA LEU G 4 10.39 -35.04 12.64
C LEU G 4 10.39 -36.12 11.58
N VAL G 5 10.00 -35.75 10.36
CA VAL G 5 9.92 -36.68 9.24
C VAL G 5 10.80 -36.14 8.11
N GLU G 6 11.52 -37.03 7.45
CA GLU G 6 12.41 -36.64 6.36
C GLU G 6 11.86 -37.12 5.03
N SER G 7 12.34 -36.52 3.95
CA SER G 7 11.92 -36.89 2.60
C SER G 7 13.02 -36.47 1.63
N GLY G 8 12.74 -36.67 0.34
CA GLY G 8 13.68 -36.27 -0.70
C GLY G 8 14.83 -37.22 -0.94
N GLY G 9 14.83 -38.38 -0.29
CA GLY G 9 15.88 -39.35 -0.48
C GLY G 9 15.72 -40.13 -1.78
N GLY G 10 16.69 -40.98 -2.04
CA GLY G 10 16.68 -41.79 -3.24
C GLY G 10 18.09 -42.09 -3.71
N VAL G 11 18.20 -42.39 -5.00
CA VAL G 11 19.46 -42.75 -5.62
C VAL G 11 19.81 -41.67 -6.63
N VAL G 12 21.05 -41.15 -6.54
CA VAL G 12 21.54 -40.13 -7.45
C VAL G 12 22.97 -40.50 -7.86
N GLN G 13 23.37 -40.00 -9.05
CA GLN G 13 24.72 -40.18 -9.56
C GLN G 13 25.67 -39.16 -8.97
N PRO G 14 26.96 -39.49 -8.85
CA PRO G 14 27.94 -38.52 -8.35
C PRO G 14 28.00 -37.29 -9.23
N GLY G 15 28.20 -36.14 -8.59
CA GLY G 15 28.30 -34.88 -9.30
C GLY G 15 27.00 -34.16 -9.52
N ARG G 16 25.86 -34.77 -9.18
CA ARG G 16 24.56 -34.13 -9.31
C ARG G 16 24.13 -33.53 -7.98
N SER G 17 22.89 -33.05 -7.94
CA SER G 17 22.36 -32.36 -6.78
C SER G 17 21.13 -33.08 -6.26
N LEU G 18 20.99 -33.13 -4.94
CA LEU G 18 19.83 -33.70 -4.26
C LEU G 18 19.37 -32.74 -3.17
N ARG G 19 18.06 -32.69 -2.95
CA ARG G 19 17.47 -31.81 -1.94
C ARG G 19 16.66 -32.64 -0.96
N LEU G 20 16.99 -32.50 0.33
CA LEU G 20 16.26 -33.17 1.40
C LEU G 20 15.37 -32.17 2.13
N SER G 21 14.21 -32.66 2.57
CA SER G 21 13.27 -31.84 3.31
C SER G 21 12.98 -32.51 4.64
N CYS G 22 12.61 -31.69 5.63
CA CYS G 22 12.36 -32.16 6.99
C CYS G 22 11.19 -31.40 7.57
N ALA G 23 10.08 -32.10 7.81
CA ALA G 23 8.87 -31.49 8.34
C ALA G 23 8.80 -31.72 9.85
N ALA G 24 8.64 -30.63 10.60
CA ALA G 24 8.61 -30.68 12.05
C ALA G 24 7.25 -30.19 12.56
N SER G 25 6.73 -30.87 13.58
CA SER G 25 5.45 -30.52 14.16
C SER G 25 5.47 -30.84 15.65
N GLY G 26 4.52 -30.26 16.37
CA GLY G 26 4.41 -30.49 17.80
C GLY G 26 5.19 -29.53 18.68
N PHE G 27 5.84 -28.52 18.10
CA PHE G 27 6.56 -27.53 18.87
C PHE G 27 6.61 -26.24 18.08
N THR G 28 6.90 -25.14 18.77
CA THR G 28 7.05 -23.85 18.11
C THR G 28 8.33 -23.87 17.28
N PHE G 29 8.17 -24.07 15.97
CA PHE G 29 9.31 -24.33 15.10
C PHE G 29 10.25 -23.13 15.02
N ARG G 30 9.68 -21.92 14.93
CA ARG G 30 10.48 -20.72 14.70
C ARG G 30 11.34 -20.34 15.91
N ASN G 31 11.10 -20.92 17.08
CA ASN G 31 11.84 -20.58 18.28
C ASN G 31 13.08 -21.44 18.50
N PHE G 32 13.30 -22.46 17.67
CA PHE G 32 14.38 -23.40 17.91
C PHE G 32 15.23 -23.56 16.66
N GLY G 33 16.50 -23.89 16.87
CA GLY G 33 17.44 -24.17 15.79
C GLY G 33 17.49 -25.66 15.50
N MET G 34 17.70 -26.00 14.24
CA MET G 34 17.65 -27.38 13.78
C MET G 34 18.99 -27.80 13.19
N HIS G 35 19.22 -29.12 13.17
CA HIS G 35 20.47 -29.69 12.70
C HIS G 35 20.20 -30.76 11.65
N TRP G 36 21.26 -31.19 10.99
CA TRP G 36 21.27 -32.38 10.16
C TRP G 36 22.40 -33.28 10.61
N VAL G 37 22.10 -34.56 10.82
CA VAL G 37 23.07 -35.52 11.32
C VAL G 37 23.19 -36.66 10.32
N ARG G 38 24.42 -37.06 10.04
CA ARG G 38 24.74 -38.08 9.06
C ARG G 38 25.23 -39.34 9.75
N GLN G 39 24.65 -40.49 9.37
CA GLN G 39 25.06 -41.78 9.90
C GLN G 39 25.59 -42.64 8.78
N THR G 40 26.91 -42.81 8.73
CA THR G 40 27.56 -43.68 7.76
C THR G 40 27.97 -44.97 8.46
N PRO G 41 27.40 -46.11 8.11
CA PRO G 41 27.84 -47.38 8.72
C PRO G 41 29.33 -47.60 8.49
N GLY G 42 30.01 -48.05 9.55
CA GLY G 42 31.46 -48.17 9.52
C GLY G 42 32.19 -46.93 9.99
N LYS G 43 31.49 -45.82 10.17
CA LYS G 43 32.07 -44.58 10.67
C LYS G 43 31.36 -44.05 11.90
N GLY G 44 30.06 -44.27 12.02
CA GLY G 44 29.28 -43.76 13.12
C GLY G 44 28.41 -42.59 12.72
N LEU G 45 28.11 -41.75 13.71
CA LEU G 45 27.31 -40.55 13.50
C LEU G 45 28.23 -39.37 13.17
N GLU G 46 27.81 -38.58 12.19
CA GLU G 46 28.58 -37.42 11.75
C GLU G 46 27.67 -36.21 11.64
N TRP G 47 28.08 -35.10 12.24
CA TRP G 47 27.34 -33.85 12.17
C TRP G 47 27.56 -33.19 10.81
N VAL G 48 26.51 -32.56 10.29
CA VAL G 48 26.54 -31.94 8.97
C VAL G 48 26.42 -30.42 9.06
N ALA G 49 25.30 -29.92 9.57
CA ALA G 49 25.06 -28.49 9.57
C ALA G 49 24.12 -28.11 10.71
N VAL G 50 24.16 -26.84 11.08
CA VAL G 50 23.24 -26.26 12.04
C VAL G 50 22.79 -24.89 11.52
N ILE G 51 21.51 -24.60 11.69
CA ILE G 51 20.94 -23.32 11.29
C ILE G 51 20.33 -22.65 12.51
N TRP G 52 20.41 -21.32 12.53
CA TRP G 52 19.85 -20.55 13.63
C TRP G 52 18.33 -20.58 13.59
N HIS G 53 17.70 -19.94 14.58
CA HIS G 53 16.25 -19.95 14.66
C HIS G 53 15.61 -19.23 13.48
N ASP G 54 16.16 -18.07 13.10
CA ASP G 54 15.64 -17.29 12.00
C ASP G 54 16.46 -17.44 10.72
N GLY G 55 17.42 -18.36 10.71
CA GLY G 55 18.28 -18.54 9.56
C GLY G 55 19.37 -17.49 9.40
N SER G 56 19.59 -16.67 10.42
CA SER G 56 20.61 -15.62 10.32
C SER G 56 22.00 -16.23 10.17
N ASN G 57 22.29 -17.29 10.90
CA ASN G 57 23.60 -17.92 10.88
C ASN G 57 23.47 -19.38 10.46
N LYS G 58 24.40 -19.82 9.62
CA LYS G 58 24.46 -21.19 9.16
C LYS G 58 25.90 -21.68 9.29
N PHE G 59 26.06 -22.90 9.81
CA PHE G 59 27.37 -23.49 9.98
C PHE G 59 27.35 -24.89 9.37
N TYR G 60 28.47 -25.30 8.78
CA TYR G 60 28.57 -26.59 8.11
C TYR G 60 29.82 -27.33 8.55
N ALA G 61 29.78 -28.65 8.47
CA ALA G 61 30.92 -29.47 8.80
C ALA G 61 32.05 -29.26 7.78
N ASP G 62 33.27 -29.58 8.19
CA ASP G 62 34.42 -29.38 7.33
C ASP G 62 34.35 -30.22 6.07
N SER G 63 33.83 -31.45 6.18
CA SER G 63 33.73 -32.33 5.03
C SER G 63 32.72 -31.82 3.99
N VAL G 64 31.76 -31.00 4.40
CA VAL G 64 30.72 -30.50 3.51
C VAL G 64 30.81 -28.99 3.32
N GLU G 65 31.91 -28.36 3.73
CA GLU G 65 32.05 -26.92 3.59
C GLU G 65 32.09 -26.53 2.11
N GLY G 66 31.16 -25.67 1.72
CA GLY G 66 31.10 -25.17 0.36
C GLY G 66 30.31 -26.01 -0.61
N ARG G 67 29.87 -27.20 -0.21
CA ARG G 67 29.06 -28.06 -1.06
C ARG G 67 27.62 -28.19 -0.60
N PHE G 68 27.37 -28.17 0.71
CA PHE G 68 26.04 -28.31 1.25
C PHE G 68 25.48 -26.95 1.66
N THR G 69 24.17 -26.80 1.49
CA THR G 69 23.47 -25.58 1.86
C THR G 69 22.25 -25.95 2.68
N ILE G 70 22.15 -25.41 3.89
CA ILE G 70 21.02 -25.63 4.78
C ILE G 70 20.14 -24.38 4.73
N SER G 71 18.83 -24.57 4.80
CA SER G 71 17.89 -23.46 4.74
C SER G 71 16.62 -23.87 5.47
N ARG G 72 15.84 -22.85 5.86
CA ARG G 72 14.62 -23.09 6.60
C ARG G 72 13.58 -22.06 6.19
N ASP G 73 12.30 -22.42 6.36
CA ASP G 73 11.19 -21.49 6.21
C ASP G 73 10.23 -21.69 7.38
N ASN G 74 9.99 -20.61 8.12
CA ASN G 74 9.20 -20.69 9.34
C ASN G 74 7.70 -20.67 9.08
N SER G 75 7.26 -20.29 7.89
CA SER G 75 5.84 -20.27 7.56
C SER G 75 5.29 -21.63 7.19
N LYS G 76 6.15 -22.61 6.91
CA LYS G 76 5.72 -23.96 6.57
C LYS G 76 6.26 -25.01 7.52
N ASN G 77 7.13 -24.62 8.47
CA ASN G 77 7.66 -25.53 9.49
C ASN G 77 8.42 -26.69 8.85
N MET G 78 9.37 -26.36 7.96
CA MET G 78 10.12 -27.37 7.24
C MET G 78 11.58 -26.94 7.11
N ILE G 79 12.46 -27.92 7.02
CA ILE G 79 13.90 -27.72 6.97
C ILE G 79 14.45 -28.31 5.68
N TYR G 80 15.35 -27.58 5.03
CA TYR G 80 15.92 -27.98 3.76
C TYR G 80 17.43 -28.15 3.89
N LEU G 81 17.96 -29.13 3.16
CA LEU G 81 19.38 -29.34 3.03
C LEU G 81 19.69 -29.56 1.55
N GLN G 82 20.28 -28.56 0.91
CA GLN G 82 20.63 -28.64 -0.50
C GLN G 82 22.01 -29.27 -0.63
N MET G 83 22.09 -30.41 -1.31
CA MET G 83 23.32 -31.19 -1.43
C MET G 83 23.79 -31.12 -2.88
N ASN G 84 24.81 -30.32 -3.12
CA ASN G 84 25.36 -30.18 -4.46
C ASN G 84 26.73 -30.84 -4.54
N SER G 85 27.08 -31.33 -5.75
CA SER G 85 28.37 -31.97 -6.01
C SER G 85 28.59 -33.16 -5.09
N LEU G 86 27.63 -34.08 -5.09
CA LEU G 86 27.70 -35.24 -4.21
C LEU G 86 28.84 -36.17 -4.62
N ARG G 87 29.49 -36.76 -3.61
CA ARG G 87 30.63 -37.64 -3.80
C ARG G 87 30.32 -38.98 -3.13
N VAL G 88 31.08 -40.01 -3.49
CA VAL G 88 30.80 -41.34 -2.98
C VAL G 88 31.06 -41.43 -1.48
N GLU G 89 31.73 -40.42 -0.91
CA GLU G 89 31.81 -40.33 0.55
C GLU G 89 30.50 -39.90 1.19
N ASP G 90 29.52 -39.45 0.41
CA ASP G 90 28.31 -38.84 0.94
C ASP G 90 27.18 -39.84 1.14
N THR G 91 27.41 -41.13 0.94
CA THR G 91 26.36 -42.12 1.15
C THR G 91 26.19 -42.37 2.65
N ALA G 92 24.95 -42.23 3.13
CA ALA G 92 24.63 -42.35 4.55
C ALA G 92 23.13 -42.16 4.73
N ILE G 93 22.68 -42.33 5.96
CA ILE G 93 21.34 -41.97 6.38
C ILE G 93 21.39 -40.61 7.08
N TYR G 94 20.57 -39.68 6.62
CA TYR G 94 20.59 -38.30 7.11
C TYR G 94 19.44 -38.09 8.07
N TYR G 95 19.75 -37.61 9.27
CA TYR G 95 18.78 -37.40 10.33
C TYR G 95 18.50 -35.92 10.52
N CYS G 96 17.22 -35.57 10.62
CA CYS G 96 16.81 -34.24 11.04
C CYS G 96 16.66 -34.21 12.56
N ALA G 97 17.40 -33.32 13.21
CA ALA G 97 17.43 -33.28 14.66
C ALA G 97 17.26 -31.86 15.16
N ARG G 98 16.51 -31.73 16.25
CA ARG G 98 16.29 -30.44 16.90
C ARG G 98 17.35 -30.23 17.98
N ASP G 99 17.70 -28.98 18.23
CA ASP G 99 18.71 -28.64 19.23
C ASP G 99 18.05 -28.48 20.59
N SER G 100 18.48 -29.28 21.56
CA SER G 100 18.07 -29.20 22.96
C SER G 100 16.61 -29.58 23.17
N LEU G 101 16.30 -30.12 24.36
CA LEU G 101 14.90 -30.39 24.71
C LEU G 101 14.16 -29.11 25.04
N PHE G 102 14.82 -28.18 25.73
CA PHE G 102 14.24 -26.88 26.05
C PHE G 102 15.36 -25.85 25.95
N TYR G 103 15.06 -24.63 26.39
CA TYR G 103 16.04 -23.54 26.33
C TYR G 103 16.79 -23.50 27.65
N ASP G 104 18.10 -23.74 27.58
CA ASP G 104 19.04 -23.42 28.64
C ASP G 104 20.18 -22.67 27.99
N HIS G 105 20.40 -21.43 28.43
CA HIS G 105 21.31 -20.53 27.71
C HIS G 105 22.73 -21.08 27.68
N ASP G 106 23.15 -21.73 28.75
CA ASP G 106 24.50 -22.27 28.84
C ASP G 106 24.62 -23.70 28.32
N ASN G 107 23.51 -24.33 27.93
CA ASN G 107 23.53 -25.71 27.46
C ASN G 107 22.76 -25.79 26.14
N SER G 108 23.49 -25.86 25.03
CA SER G 108 22.89 -26.05 23.72
C SER G 108 23.90 -26.72 22.81
N GLY G 109 23.38 -27.49 21.86
CA GLY G 109 24.20 -28.27 20.94
C GLY G 109 23.98 -29.76 20.99
N TYR G 110 23.16 -30.26 21.90
CA TYR G 110 22.76 -31.65 21.93
C TYR G 110 21.39 -31.80 21.30
N TYR G 111 21.15 -32.97 20.70
CA TYR G 111 19.96 -33.19 19.89
C TYR G 111 18.89 -33.82 20.76
N GLY G 112 17.90 -33.01 21.14
CA GLY G 112 16.82 -33.52 21.98
C GLY G 112 15.92 -34.49 21.25
N TYR G 113 15.64 -34.22 19.98
CA TYR G 113 14.71 -35.05 19.20
C TYR G 113 15.36 -35.37 17.87
N TRP G 114 15.08 -36.56 17.34
CA TRP G 114 15.58 -37.01 16.06
C TRP G 114 14.42 -37.48 15.18
N GLY G 115 14.66 -37.43 13.86
CA GLY G 115 13.74 -38.01 12.91
C GLY G 115 14.11 -39.44 12.55
N GLN G 116 13.18 -40.12 11.90
CA GLN G 116 13.40 -41.51 11.51
C GLN G 116 14.57 -41.67 10.55
N GLY G 117 14.89 -40.66 9.77
CA GLY G 117 16.04 -40.73 8.88
C GLY G 117 15.68 -41.16 7.48
N THR G 118 16.26 -40.46 6.50
CA THR G 118 16.10 -40.79 5.10
C THR G 118 17.43 -41.27 4.55
N LEU G 119 17.38 -42.24 3.66
CA LEU G 119 18.56 -42.93 3.15
C LEU G 119 18.95 -42.36 1.80
N VAL G 120 20.18 -41.89 1.68
CA VAL G 120 20.70 -41.30 0.46
C VAL G 120 21.93 -42.08 0.01
N THR G 121 21.87 -42.67 -1.18
CA THR G 121 22.97 -43.42 -1.76
C THR G 121 23.38 -42.78 -3.08
N VAL G 122 24.68 -42.56 -3.25
CA VAL G 122 25.24 -42.06 -4.51
C VAL G 122 26.09 -43.18 -5.11
N SER G 123 25.86 -43.47 -6.39
CA SER G 123 26.57 -44.53 -7.09
C SER G 123 26.27 -44.44 -8.57
N SER G 124 26.91 -45.31 -9.34
CA SER G 124 26.70 -45.38 -10.77
C SER G 124 25.90 -46.64 -11.15
N GLN H 1 15.84 -25.74 33.55
CA GLN H 1 16.76 -24.61 33.51
C GLN H 1 17.45 -24.42 34.85
N ILE H 2 16.99 -23.44 35.61
CA ILE H 2 17.54 -23.12 36.92
C ILE H 2 16.55 -23.57 37.99
N VAL H 3 17.00 -24.43 38.89
CA VAL H 3 16.15 -24.89 39.98
C VAL H 3 16.32 -23.97 41.18
N MET H 4 15.20 -23.53 41.74
CA MET H 4 15.20 -22.58 42.85
C MET H 4 14.79 -23.28 44.14
N THR H 5 15.58 -23.09 45.18
CA THR H 5 15.33 -23.72 46.48
C THR H 5 15.39 -22.68 47.58
N GLN H 6 14.60 -22.91 48.63
CA GLN H 6 14.51 -22.01 49.77
C GLN H 6 14.72 -22.80 51.05
N SER H 7 15.24 -22.11 52.07
CA SER H 7 15.46 -22.72 53.38
C SER H 7 15.41 -21.64 54.44
N PRO H 8 14.73 -21.89 55.58
CA PRO H 8 13.95 -23.07 55.91
C PRO H 8 12.56 -23.04 55.28
N ALA H 9 11.83 -24.16 55.31
CA ALA H 9 10.50 -24.19 54.72
C ALA H 9 9.53 -23.27 55.46
N THR H 10 9.58 -23.26 56.80
CA THR H 10 8.70 -22.43 57.60
C THR H 10 9.53 -21.68 58.63
N VAL H 11 9.11 -20.45 58.91
CA VAL H 11 9.73 -19.61 59.94
C VAL H 11 8.65 -19.14 60.90
N SER H 12 8.94 -19.30 62.19
CA SER H 12 8.03 -18.89 63.26
C SER H 12 8.63 -17.68 63.96
N VAL H 13 7.95 -16.53 63.82
CA VAL H 13 8.38 -15.29 64.46
C VAL H 13 7.16 -14.57 65.00
N SER H 14 7.25 -14.06 66.22
CA SER H 14 6.18 -13.25 66.77
C SER H 14 6.21 -11.86 66.14
N PRO H 15 5.07 -11.16 66.09
CA PRO H 15 5.07 -9.80 65.53
C PRO H 15 6.02 -8.89 66.30
N GLY H 16 6.74 -8.06 65.54
CA GLY H 16 7.74 -7.16 66.10
C GLY H 16 9.16 -7.67 65.99
N GLU H 17 9.35 -8.96 65.73
CA GLU H 17 10.69 -9.52 65.57
C GLU H 17 11.19 -9.32 64.14
N ARG H 18 12.31 -9.96 63.84
CA ARG H 18 12.87 -9.91 62.50
C ARG H 18 12.89 -11.31 61.89
N ALA H 19 12.41 -11.43 60.65
CA ALA H 19 12.35 -12.69 59.94
C ALA H 19 13.19 -12.58 58.67
N THR H 20 14.04 -13.58 58.42
CA THR H 20 14.89 -13.62 57.25
C THR H 20 14.57 -14.88 56.45
N LEU H 21 14.31 -14.69 55.15
CA LEU H 21 14.02 -15.79 54.24
C LEU H 21 15.13 -15.85 53.20
N SER H 22 15.62 -17.06 52.95
CA SER H 22 16.77 -17.27 52.07
C SER H 22 16.35 -17.98 50.78
N CYS H 23 17.00 -17.58 49.69
CA CYS H 23 16.76 -18.17 48.37
C CYS H 23 18.11 -18.47 47.73
N ARG H 24 18.22 -19.67 47.16
CA ARG H 24 19.49 -20.14 46.59
C ARG H 24 19.23 -20.71 45.20
N ALA H 25 20.09 -20.37 44.25
CA ALA H 25 19.99 -20.84 42.88
C ALA H 25 21.10 -21.83 42.56
N SER H 26 20.80 -22.77 41.66
CA SER H 26 21.81 -23.75 41.25
C SER H 26 22.96 -23.07 40.53
N ARG H 27 22.65 -22.11 39.64
CA ARG H 27 23.66 -21.36 38.93
C ARG H 27 23.40 -19.88 39.12
N SER H 28 24.42 -19.07 38.82
CA SER H 28 24.34 -17.64 39.04
C SER H 28 23.23 -17.01 38.19
N VAL H 29 22.42 -16.15 38.81
CA VAL H 29 21.39 -15.39 38.13
C VAL H 29 21.65 -13.89 38.20
N THR H 30 22.89 -13.49 38.51
CA THR H 30 23.31 -12.10 38.63
C THR H 30 22.41 -11.32 39.58
N SER H 31 21.69 -10.32 39.05
CA SER H 31 20.86 -9.44 39.86
C SER H 31 19.43 -9.38 39.35
N LYS H 32 18.93 -10.49 38.81
CA LYS H 32 17.55 -10.58 38.31
C LYS H 32 16.80 -11.60 39.18
N LEU H 33 16.05 -11.10 40.15
CA LEU H 33 15.35 -11.96 41.09
C LEU H 33 14.23 -11.17 41.77
N ALA H 34 13.03 -11.75 41.77
CA ALA H 34 11.86 -11.09 42.33
C ALA H 34 11.31 -11.89 43.50
N TRP H 35 10.74 -11.17 44.46
CA TRP H 35 10.09 -11.77 45.62
C TRP H 35 8.60 -11.46 45.58
N TYR H 36 7.79 -12.50 45.79
CA TYR H 36 6.35 -12.38 45.73
C TYR H 36 5.74 -12.81 47.05
N GLN H 37 4.68 -12.11 47.45
CA GLN H 37 3.94 -12.42 48.67
C GLN H 37 2.54 -12.89 48.27
N GLN H 38 2.16 -14.08 48.73
CA GLN H 38 0.85 -14.64 48.46
C GLN H 38 0.13 -14.93 49.76
N LYS H 39 -1.02 -14.30 49.95
CA LYS H 39 -1.88 -14.60 51.07
C LYS H 39 -2.98 -15.56 50.64
N PRO H 40 -3.50 -16.38 51.55
CA PRO H 40 -4.53 -17.36 51.16
C PRO H 40 -5.72 -16.71 50.49
N GLY H 41 -6.08 -17.22 49.32
CA GLY H 41 -7.17 -16.68 48.54
C GLY H 41 -6.81 -15.48 47.69
N GLN H 42 -5.56 -15.06 47.68
CA GLN H 42 -5.14 -13.88 46.94
C GLN H 42 -4.02 -14.22 45.95
N ALA H 43 -3.96 -13.46 44.87
CA ALA H 43 -2.91 -13.59 43.88
C ALA H 43 -1.59 -13.06 44.45
N PRO H 44 -0.46 -13.59 43.98
CA PRO H 44 0.84 -13.10 44.48
C PRO H 44 1.02 -11.61 44.19
N ARG H 45 1.71 -10.95 45.10
CA ARG H 45 2.00 -9.52 44.99
C ARG H 45 3.50 -9.31 44.93
N LEU H 46 3.94 -8.48 43.99
CA LEU H 46 5.37 -8.21 43.81
C LEU H 46 5.86 -7.27 44.90
N LEU H 47 6.82 -7.73 45.70
CA LEU H 47 7.40 -6.89 46.74
C LEU H 47 8.69 -6.24 46.24
N ILE H 48 9.65 -7.06 45.84
CA ILE H 48 10.96 -6.58 45.43
C ILE H 48 11.29 -7.14 44.05
N TYR H 49 11.84 -6.28 43.20
CA TYR H 49 12.23 -6.68 41.85
C TYR H 49 13.69 -6.33 41.64
N GLY H 50 14.35 -7.01 40.70
CA GLY H 50 15.77 -6.83 40.50
C GLY H 50 16.58 -7.63 41.50
N ALA H 51 17.21 -6.94 42.46
CA ALA H 51 17.82 -7.62 43.59
C ALA H 51 17.44 -6.92 44.89
N SER H 52 17.20 -5.61 44.82
CA SER H 52 16.84 -4.82 45.99
C SER H 52 15.69 -3.84 45.75
N THR H 53 15.44 -3.42 44.51
CA THR H 53 14.42 -2.41 44.25
C THR H 53 13.04 -2.89 44.70
N ARG H 54 12.30 -1.98 45.34
CA ARG H 54 10.99 -2.26 45.89
C ARG H 54 9.91 -1.82 44.92
N ALA H 55 8.88 -2.65 44.76
CA ALA H 55 7.74 -2.26 43.95
C ALA H 55 7.02 -1.08 44.59
N THR H 56 6.44 -0.22 43.76
CA THR H 56 5.72 0.96 44.25
C THR H 56 4.57 0.54 45.16
N GLY H 57 4.49 1.18 46.33
CA GLY H 57 3.48 0.87 47.31
C GLY H 57 3.94 -0.06 48.42
N ILE H 58 5.16 -0.59 48.32
CA ILE H 58 5.69 -1.51 49.32
C ILE H 58 6.37 -0.71 50.42
N PRO H 59 6.01 -0.92 51.69
CA PRO H 59 6.66 -0.17 52.77
C PRO H 59 8.14 -0.52 52.88
N ALA H 60 8.92 0.43 53.42
CA ALA H 60 10.35 0.23 53.60
C ALA H 60 10.69 -0.90 54.56
N ARG H 61 9.68 -1.55 55.14
CA ARG H 61 9.93 -2.69 56.01
C ARG H 61 10.62 -3.83 55.28
N PHE H 62 10.22 -4.09 54.04
CA PHE H 62 10.78 -5.18 53.24
C PHE H 62 12.11 -4.70 52.65
N SER H 63 13.15 -5.52 52.80
CA SER H 63 14.48 -5.19 52.29
C SER H 63 15.07 -6.42 51.64
N GLY H 64 15.29 -6.34 50.33
CA GLY H 64 15.94 -7.41 49.60
C GLY H 64 17.40 -7.11 49.34
N SER H 65 18.22 -8.17 49.34
CA SER H 65 19.66 -8.02 49.12
C SER H 65 20.22 -9.35 48.66
N GLY H 66 21.42 -9.29 48.10
CA GLY H 66 22.11 -10.46 47.61
C GLY H 66 22.20 -10.49 46.10
N SER H 67 23.15 -11.30 45.61
CA SER H 67 23.36 -11.46 44.18
C SER H 67 24.08 -12.77 43.94
N GLY H 68 24.02 -13.23 42.69
CA GLY H 68 24.66 -14.47 42.32
C GLY H 68 23.83 -15.70 42.63
N THR H 69 24.25 -16.45 43.66
CA THR H 69 23.56 -17.67 44.05
C THR H 69 23.02 -17.63 45.47
N GLU H 70 23.25 -16.56 46.22
CA GLU H 70 22.80 -16.43 47.60
C GLU H 70 21.95 -15.17 47.71
N PHE H 71 20.66 -15.34 47.97
CA PHE H 71 19.73 -14.24 48.12
C PHE H 71 19.04 -14.32 49.47
N THR H 72 18.50 -13.19 49.92
CA THR H 72 17.80 -13.12 51.19
C THR H 72 16.76 -12.01 51.14
N LEU H 73 15.68 -12.22 51.90
CA LEU H 73 14.62 -11.23 52.08
C LEU H 73 14.44 -10.99 53.57
N THR H 74 14.52 -9.74 53.98
CA THR H 74 14.48 -9.38 55.40
C THR H 74 13.25 -8.54 55.69
N ILE H 75 12.46 -8.97 56.67
CA ILE H 75 11.34 -8.20 57.19
C ILE H 75 11.75 -7.71 58.57
N SER H 76 12.02 -6.40 58.67
CA SER H 76 12.62 -5.86 59.89
C SER H 76 11.74 -6.04 61.11
N SER H 77 10.45 -5.72 61.00
CA SER H 77 9.54 -5.85 62.14
C SER H 77 8.15 -6.17 61.59
N LEU H 78 7.81 -7.45 61.55
CA LEU H 78 6.59 -7.91 60.89
C LEU H 78 5.36 -7.44 61.65
N GLN H 79 4.35 -6.95 60.92
CA GLN H 79 3.04 -6.75 61.49
C GLN H 79 2.24 -8.05 61.38
N SER H 80 0.94 -7.97 61.68
CA SER H 80 0.07 -9.13 61.52
C SER H 80 -0.14 -9.46 60.04
N GLU H 81 -0.15 -8.44 59.18
CA GLU H 81 -0.42 -8.64 57.76
C GLU H 81 0.74 -9.25 57.00
N ASP H 82 1.95 -9.25 57.56
CA ASP H 82 3.13 -9.76 56.88
C ASP H 82 3.27 -11.27 57.01
N PHE H 83 2.21 -11.98 57.39
CA PHE H 83 2.25 -13.43 57.55
C PHE H 83 1.68 -14.08 56.29
N ALA H 84 2.56 -14.67 55.48
CA ALA H 84 2.14 -15.31 54.23
C ALA H 84 3.25 -16.22 53.71
N VAL H 85 3.08 -16.72 52.48
CA VAL H 85 4.07 -17.56 51.83
C VAL H 85 4.78 -16.72 50.77
N TYR H 86 6.11 -16.78 50.77
CA TYR H 86 6.93 -15.93 49.91
C TYR H 86 7.63 -16.79 48.87
N PHE H 87 7.54 -16.37 47.60
CA PHE H 87 8.11 -17.10 46.48
C PHE H 87 9.29 -16.34 45.88
N CYS H 88 10.33 -17.09 45.51
CA CYS H 88 11.54 -16.53 44.92
C CYS H 88 11.60 -16.92 43.46
N GLN H 89 11.61 -15.92 42.58
CA GLN H 89 11.67 -16.14 41.13
C GLN H 89 12.97 -15.61 40.58
N GLN H 90 13.56 -16.33 39.63
CA GLN H 90 14.67 -15.85 38.83
C GLN H 90 14.24 -15.74 37.37
N TYR H 91 14.59 -14.63 36.74
CA TYR H 91 14.26 -14.39 35.34
C TYR H 91 15.51 -14.04 34.53
N ASN H 92 16.68 -14.44 35.00
CA ASN H 92 17.91 -14.24 34.25
C ASN H 92 18.00 -15.20 33.07
N ASN H 93 17.58 -16.45 33.28
CA ASN H 93 17.61 -17.49 32.25
C ASN H 93 16.37 -18.33 32.51
N GLY H 94 15.33 -18.10 31.72
CA GLY H 94 14.06 -18.77 31.93
C GLY H 94 13.19 -18.04 32.93
N PHE H 95 12.16 -18.75 33.40
CA PHE H 95 11.21 -18.21 34.38
C PHE H 95 10.84 -19.36 35.33
N THR H 96 11.54 -19.43 36.46
CA THR H 96 11.33 -20.48 37.45
C THR H 96 11.04 -19.87 38.81
N PHE H 97 10.20 -20.54 39.57
CA PHE H 97 9.81 -20.11 40.91
C PHE H 97 10.37 -21.04 41.96
N GLY H 98 10.50 -20.53 43.19
CA GLY H 98 10.85 -21.36 44.31
C GLY H 98 9.65 -22.07 44.89
N PRO H 99 9.92 -23.08 45.71
CA PRO H 99 8.81 -23.84 46.32
C PRO H 99 7.93 -23.02 47.24
N GLY H 100 8.47 -22.00 47.90
CA GLY H 100 7.68 -21.16 48.78
C GLY H 100 8.01 -21.34 50.25
N THR H 101 8.24 -20.23 50.95
CA THR H 101 8.55 -20.22 52.37
C THR H 101 7.42 -19.51 53.11
N LYS H 102 6.88 -20.17 54.14
CA LYS H 102 5.72 -19.68 54.85
C LYS H 102 6.14 -19.06 56.17
N VAL H 103 5.57 -17.89 56.48
CA VAL H 103 5.80 -17.21 57.75
C VAL H 103 4.50 -17.28 58.55
N ASP H 104 4.58 -17.83 59.77
CA ASP H 104 3.41 -18.04 60.60
C ASP H 104 3.65 -17.50 62.00
N PHE H 105 2.62 -17.61 62.84
CA PHE H 105 2.70 -17.13 64.21
C PHE H 105 3.69 -17.95 65.02
N LYS H 106 4.28 -17.33 66.04
CA LYS H 106 5.16 -18.04 66.95
C LYS H 106 4.47 -18.32 68.28
N GLN I 1 -4.94 2.12 37.73
CA GLN I 1 -5.41 0.87 38.29
C GLN I 1 -5.28 -0.27 37.29
N VAL I 2 -4.17 -1.02 37.37
CA VAL I 2 -3.94 -2.15 36.47
C VAL I 2 -4.81 -3.30 36.98
N GLN I 3 -5.93 -3.54 36.29
CA GLN I 3 -6.89 -4.57 36.67
C GLN I 3 -6.87 -5.67 35.62
N LEU I 4 -6.57 -6.89 36.04
CA LEU I 4 -6.52 -8.05 35.16
C LEU I 4 -7.54 -9.07 35.63
N VAL I 5 -8.40 -9.51 34.72
CA VAL I 5 -9.50 -10.43 35.04
C VAL I 5 -9.41 -11.62 34.08
N GLU I 6 -9.23 -12.81 34.64
CA GLU I 6 -9.27 -14.03 33.85
C GLU I 6 -10.71 -14.50 33.69
N SER I 7 -10.94 -15.35 32.69
CA SER I 7 -12.25 -15.89 32.43
C SER I 7 -12.10 -17.18 31.62
N GLY I 8 -13.24 -17.83 31.36
CA GLY I 8 -13.24 -19.04 30.56
C GLY I 8 -12.81 -20.29 31.29
N GLY I 9 -12.77 -20.27 32.62
CA GLY I 9 -12.42 -21.45 33.38
C GLY I 9 -13.57 -22.43 33.47
N GLY I 10 -13.27 -23.59 34.01
CA GLY I 10 -14.26 -24.64 34.17
C GLY I 10 -13.58 -25.99 34.29
N VAL I 11 -14.38 -27.04 34.09
CA VAL I 11 -13.93 -28.42 34.18
C VAL I 11 -14.12 -29.09 32.82
N VAL I 12 -13.08 -29.74 32.32
CA VAL I 12 -13.11 -30.45 31.05
C VAL I 12 -12.58 -31.86 31.26
N GLN I 13 -12.66 -32.66 30.19
CA GLN I 13 -12.15 -34.02 30.22
C GLN I 13 -10.78 -34.08 29.55
N PRO I 14 -9.93 -35.03 29.95
CA PRO I 14 -8.61 -35.15 29.34
C PRO I 14 -8.70 -35.40 27.84
N GLY I 15 -7.78 -34.78 27.08
CA GLY I 15 -7.78 -34.88 25.64
C GLY I 15 -8.65 -33.87 24.93
N ARG I 16 -9.41 -33.06 25.65
CA ARG I 16 -10.28 -32.05 25.07
C ARG I 16 -9.52 -30.73 25.03
N SER I 17 -10.23 -29.65 24.66
CA SER I 17 -9.63 -28.34 24.50
C SER I 17 -10.35 -27.33 25.39
N LEU I 18 -9.57 -26.42 25.98
CA LEU I 18 -10.09 -25.35 26.82
C LEU I 18 -9.42 -24.04 26.43
N ARG I 19 -10.12 -22.93 26.64
CA ARG I 19 -9.63 -21.60 26.27
C ARG I 19 -9.84 -20.64 27.43
N LEU I 20 -8.79 -19.93 27.81
CA LEU I 20 -8.86 -18.91 28.84
C LEU I 20 -8.65 -17.53 28.23
N SER I 21 -9.47 -16.58 28.68
CA SER I 21 -9.39 -15.20 28.22
C SER I 21 -9.04 -14.30 29.40
N CYS I 22 -8.39 -13.19 29.10
CA CYS I 22 -7.92 -12.26 30.11
C CYS I 22 -8.14 -10.83 29.63
N ALA I 23 -9.05 -10.12 30.28
CA ALA I 23 -9.38 -8.75 29.93
C ALA I 23 -8.57 -7.79 30.78
N ALA I 24 -7.72 -6.99 30.13
CA ALA I 24 -6.80 -6.08 30.81
C ALA I 24 -7.24 -4.64 30.58
N SER I 25 -7.22 -3.86 31.65
CA SER I 25 -7.57 -2.44 31.59
C SER I 25 -6.76 -1.68 32.63
N GLY I 26 -6.65 -0.38 32.42
CA GLY I 26 -5.90 0.49 33.32
C GLY I 26 -4.50 0.83 32.87
N PHE I 27 -4.09 0.42 31.68
CA PHE I 27 -2.79 0.75 31.15
C PHE I 27 -2.82 0.61 29.63
N THR I 28 -1.81 1.17 28.98
CA THR I 28 -1.68 1.01 27.54
C THR I 28 -1.33 -0.43 27.23
N PHE I 29 -2.28 -1.16 26.65
CA PHE I 29 -2.15 -2.61 26.50
C PHE I 29 -1.07 -2.97 25.49
N ARG I 30 -1.04 -2.27 24.36
CA ARG I 30 -0.15 -2.65 23.27
C ARG I 30 1.31 -2.28 23.53
N ASN I 31 1.63 -1.69 24.67
CA ASN I 31 2.99 -1.29 24.98
C ASN I 31 3.74 -2.31 25.83
N PHE I 32 3.05 -3.32 26.36
CA PHE I 32 3.66 -4.24 27.30
C PHE I 32 3.40 -5.68 26.88
N GLY I 33 4.26 -6.58 27.36
CA GLY I 33 4.12 -8.01 27.12
C GLY I 33 3.54 -8.69 28.33
N MET I 34 2.71 -9.69 28.08
CA MET I 34 1.96 -10.38 29.13
C MET I 34 2.42 -11.83 29.26
N HIS I 35 2.11 -12.43 30.40
CA HIS I 35 2.47 -13.81 30.70
C HIS I 35 1.24 -14.57 31.15
N TRP I 36 1.38 -15.89 31.22
CA TRP I 36 0.45 -16.76 31.93
C TRP I 36 1.25 -17.54 32.98
N VAL I 37 0.75 -17.53 34.21
CA VAL I 37 1.42 -18.21 35.33
C VAL I 37 0.45 -19.22 35.93
N ARG I 38 0.96 -20.41 36.18
CA ARG I 38 0.17 -21.52 36.67
C ARG I 38 0.59 -21.90 38.09
N GLN I 39 -0.39 -22.03 38.98
CA GLN I 39 -0.14 -22.38 40.37
C GLN I 39 -0.79 -23.72 40.68
N THR I 40 0.03 -24.75 40.85
CA THR I 40 -0.42 -26.09 41.19
C THR I 40 -0.20 -26.32 42.68
N PRO I 41 -1.23 -26.66 43.46
CA PRO I 41 -1.01 -26.93 44.89
C PRO I 41 -0.14 -28.15 45.08
N GLY I 42 0.83 -28.03 45.98
CA GLY I 42 1.82 -29.06 46.19
C GLY I 42 3.04 -28.96 45.30
N LYS I 43 3.03 -28.07 44.31
CA LYS I 43 4.15 -27.84 43.43
C LYS I 43 4.61 -26.40 43.40
N GLY I 44 3.72 -25.45 43.68
CA GLY I 44 4.05 -24.04 43.67
C GLY I 44 3.60 -23.35 42.39
N LEU I 45 4.31 -22.28 42.06
CA LEU I 45 4.05 -21.52 40.85
C LEU I 45 5.00 -21.97 39.75
N GLU I 46 4.49 -22.07 38.53
CA GLU I 46 5.29 -22.43 37.36
C GLU I 46 4.86 -21.59 36.18
N TRP I 47 5.82 -21.25 35.32
CA TRP I 47 5.57 -20.38 34.18
C TRP I 47 5.01 -21.18 33.01
N VAL I 48 4.15 -20.54 32.22
CA VAL I 48 3.48 -21.18 31.11
C VAL I 48 3.90 -20.57 29.77
N ALA I 49 3.61 -19.28 29.56
CA ALA I 49 3.84 -18.68 28.26
C ALA I 49 4.09 -17.18 28.42
N VAL I 50 4.63 -16.59 27.37
CA VAL I 50 4.85 -15.15 27.27
C VAL I 50 4.61 -14.73 25.82
N ILE I 51 4.11 -13.51 25.63
CA ILE I 51 3.84 -12.97 24.32
C ILE I 51 4.34 -11.53 24.26
N TRP I 52 4.88 -11.14 23.11
CA TRP I 52 5.44 -9.81 22.93
C TRP I 52 4.32 -8.76 22.91
N HIS I 53 4.72 -7.49 22.82
CA HIS I 53 3.76 -6.40 22.83
C HIS I 53 2.85 -6.46 21.60
N ASP I 54 3.42 -6.73 20.43
CA ASP I 54 2.67 -6.78 19.18
C ASP I 54 2.36 -8.20 18.74
N GLY I 55 2.63 -9.19 19.58
CA GLY I 55 2.36 -10.57 19.23
C GLY I 55 3.34 -11.20 18.28
N SER I 56 4.56 -10.65 18.17
CA SER I 56 5.54 -11.22 17.26
C SER I 56 6.06 -12.55 17.76
N ASN I 57 6.66 -12.57 18.95
CA ASN I 57 7.29 -13.76 19.50
C ASN I 57 6.41 -14.35 20.59
N LYS I 58 6.45 -15.68 20.67
CA LYS I 58 5.72 -16.42 21.69
C LYS I 58 6.62 -17.53 22.21
N PHE I 59 6.76 -17.60 23.54
CA PHE I 59 7.59 -18.62 24.17
C PHE I 59 6.75 -19.39 25.19
N TYR I 60 6.92 -20.71 25.20
CA TYR I 60 6.17 -21.58 26.09
C TYR I 60 7.12 -22.40 26.95
N ALA I 61 6.60 -22.90 28.06
CA ALA I 61 7.38 -23.77 28.93
C ALA I 61 7.52 -25.15 28.29
N ASP I 62 8.48 -25.92 28.81
CA ASP I 62 8.73 -27.25 28.27
C ASP I 62 7.50 -28.15 28.44
N SER I 63 6.88 -28.11 29.62
CA SER I 63 5.76 -28.99 29.91
C SER I 63 4.54 -28.71 29.03
N VAL I 64 4.40 -27.48 28.53
CA VAL I 64 3.25 -27.11 27.71
C VAL I 64 3.66 -26.79 26.27
N GLU I 65 4.89 -27.12 25.88
CA GLU I 65 5.36 -26.80 24.54
C GLU I 65 4.62 -27.64 23.51
N GLY I 66 4.01 -26.95 22.54
CA GLY I 66 3.31 -27.61 21.46
C GLY I 66 1.86 -27.95 21.73
N ARG I 67 1.43 -27.90 22.99
CA ARG I 67 0.04 -28.15 23.34
C ARG I 67 -0.75 -26.89 23.66
N PHE I 68 -0.09 -25.85 24.17
CA PHE I 68 -0.73 -24.60 24.53
C PHE I 68 -0.35 -23.52 23.51
N THR I 69 -1.33 -22.70 23.16
CA THR I 69 -1.12 -21.59 22.24
C THR I 69 -1.58 -20.29 22.89
N ILE I 70 -0.66 -19.33 22.98
CA ILE I 70 -0.94 -18.02 23.55
C ILE I 70 -1.15 -17.05 22.40
N SER I 71 -2.04 -16.08 22.60
CA SER I 71 -2.34 -15.09 21.57
C SER I 71 -2.90 -13.84 22.25
N ARG I 72 -2.99 -12.76 21.49
CA ARG I 72 -3.47 -11.50 22.01
C ARG I 72 -4.10 -10.69 20.89
N ASP I 73 -4.97 -9.75 21.28
CA ASP I 73 -5.58 -8.81 20.35
C ASP I 73 -5.52 -7.43 21.02
N ASN I 74 -4.67 -6.56 20.50
CA ASN I 74 -4.49 -5.24 21.09
C ASN I 74 -5.70 -4.34 20.92
N SER I 75 -6.67 -4.72 20.08
CA SER I 75 -7.84 -3.90 19.84
C SER I 75 -8.92 -4.05 20.91
N LYS I 76 -9.17 -5.26 21.40
CA LYS I 76 -10.08 -5.45 22.52
C LYS I 76 -9.38 -5.58 23.85
N ASN I 77 -8.05 -5.49 23.88
CA ASN I 77 -7.27 -5.54 25.12
C ASN I 77 -7.51 -6.86 25.86
N MET I 78 -7.18 -7.96 25.19
CA MET I 78 -7.41 -9.29 25.74
C MET I 78 -6.21 -10.19 25.48
N ILE I 79 -6.01 -11.14 26.38
CA ILE I 79 -4.98 -12.16 26.25
C ILE I 79 -5.66 -13.53 26.30
N TYR I 80 -5.32 -14.37 25.33
CA TYR I 80 -5.95 -15.67 25.20
C TYR I 80 -4.91 -16.77 25.38
N LEU I 81 -5.37 -17.90 25.91
CA LEU I 81 -4.53 -19.09 26.08
C LEU I 81 -5.34 -20.30 25.63
N GLN I 82 -5.02 -20.82 24.46
CA GLN I 82 -5.70 -21.99 23.91
C GLN I 82 -4.99 -23.24 24.43
N MET I 83 -5.75 -24.13 25.06
CA MET I 83 -5.19 -25.33 25.70
C MET I 83 -5.73 -26.55 24.97
N ASN I 84 -4.93 -27.09 24.05
CA ASN I 84 -5.31 -28.31 23.36
C ASN I 84 -4.63 -29.52 23.98
N SER I 85 -5.34 -30.64 23.96
CA SER I 85 -4.86 -31.91 24.50
C SER I 85 -4.46 -31.77 25.97
N LEU I 86 -5.42 -31.31 26.79
CA LEU I 86 -5.17 -31.17 28.21
C LEU I 86 -4.97 -32.54 28.86
N ARG I 87 -4.16 -32.55 29.92
CA ARG I 87 -3.84 -33.76 30.66
C ARG I 87 -4.03 -33.51 32.14
N VAL I 88 -3.97 -34.61 32.92
CA VAL I 88 -4.20 -34.52 34.36
C VAL I 88 -3.19 -33.58 35.03
N GLU I 89 -1.97 -33.52 34.50
CA GLU I 89 -0.96 -32.64 35.07
C GLU I 89 -1.26 -31.16 34.89
N ASP I 90 -2.26 -30.81 34.08
CA ASP I 90 -2.62 -29.42 33.82
C ASP I 90 -3.72 -28.91 34.72
N THR I 91 -3.92 -29.50 35.89
CA THR I 91 -4.92 -29.00 36.83
C THR I 91 -4.25 -28.03 37.81
N ALA I 92 -4.72 -26.78 37.81
CA ALA I 92 -4.12 -25.72 38.61
C ALA I 92 -4.96 -24.45 38.44
N ILE I 93 -4.47 -23.37 39.05
CA ILE I 93 -5.05 -22.04 38.88
C ILE I 93 -4.15 -21.24 37.95
N TYR I 94 -4.73 -20.59 36.95
CA TYR I 94 -4.00 -19.85 35.93
C TYR I 94 -4.15 -18.37 36.19
N TYR I 95 -3.02 -17.65 36.22
CA TYR I 95 -2.98 -16.23 36.49
C TYR I 95 -2.55 -15.46 35.25
N CYS I 96 -3.21 -14.33 35.00
CA CYS I 96 -2.82 -13.40 33.96
C CYS I 96 -1.91 -12.32 34.54
N ALA I 97 -0.65 -12.32 34.11
CA ALA I 97 0.35 -11.46 34.71
C ALA I 97 0.96 -10.54 33.66
N ARG I 98 1.29 -9.32 34.08
CA ARG I 98 1.97 -8.35 33.22
C ARG I 98 3.47 -8.31 33.56
N ASP I 99 4.28 -8.15 32.52
CA ASP I 99 5.73 -8.09 32.71
C ASP I 99 6.14 -6.67 33.10
N SER I 100 6.87 -6.55 34.21
CA SER I 100 7.46 -5.30 34.68
C SER I 100 6.43 -4.30 35.17
N LEU I 101 6.80 -3.48 36.15
CA LEU I 101 5.95 -2.37 36.57
C LEU I 101 5.99 -1.24 35.55
N PHE I 102 7.17 -0.96 35.02
CA PHE I 102 7.35 0.05 33.99
C PHE I 102 8.46 -0.42 33.06
N TYR I 103 8.65 0.29 31.96
CA TYR I 103 9.64 -0.09 30.97
C TYR I 103 11.04 0.13 31.54
N ASP I 104 11.87 -0.90 31.47
CA ASP I 104 13.31 -0.80 31.71
C ASP I 104 13.99 -1.79 30.78
N HIS I 105 14.96 -1.32 30.00
CA HIS I 105 15.56 -2.16 28.98
C HIS I 105 16.33 -3.32 29.58
N ASP I 106 17.05 -3.08 30.67
CA ASP I 106 17.89 -4.09 31.28
C ASP I 106 17.15 -4.94 32.31
N ASN I 107 15.92 -4.59 32.68
CA ASN I 107 15.18 -5.30 33.71
C ASN I 107 13.79 -5.63 33.17
N SER I 108 13.61 -6.88 32.75
CA SER I 108 12.31 -7.36 32.33
C SER I 108 12.22 -8.86 32.58
N GLY I 109 10.99 -9.35 32.74
CA GLY I 109 10.76 -10.75 33.03
C GLY I 109 10.11 -11.03 34.38
N TYR I 110 9.85 -10.01 35.19
CA TYR I 110 9.14 -10.17 36.44
C TYR I 110 7.72 -9.66 36.29
N TYR I 111 6.82 -10.24 37.08
CA TYR I 111 5.39 -9.98 36.97
C TYR I 111 5.01 -8.89 37.97
N GLY I 112 4.79 -7.67 37.47
CA GLY I 112 4.47 -6.57 38.36
C GLY I 112 3.02 -6.54 38.76
N TYR I 113 2.15 -7.08 37.91
CA TYR I 113 0.71 -7.04 38.17
C TYR I 113 0.11 -8.40 37.82
N TRP I 114 -0.65 -8.96 38.76
CA TRP I 114 -1.29 -10.25 38.60
C TRP I 114 -2.81 -10.09 38.57
N GLY I 115 -3.47 -11.00 37.85
CA GLY I 115 -4.90 -11.13 37.92
C GLY I 115 -5.33 -12.03 39.07
N GLN I 116 -6.63 -12.01 39.37
CA GLN I 116 -7.14 -12.81 40.47
C GLN I 116 -7.03 -14.30 40.19
N GLY I 117 -6.93 -14.71 38.94
CA GLY I 117 -6.74 -16.12 38.63
C GLY I 117 -8.06 -16.84 38.37
N THR I 118 -7.97 -17.89 37.57
CA THR I 118 -9.11 -18.75 37.26
C THR I 118 -8.70 -20.20 37.47
N LEU I 119 -9.67 -21.02 37.86
CA LEU I 119 -9.42 -22.43 38.17
C LEU I 119 -9.73 -23.29 36.95
N VAL I 120 -8.77 -24.13 36.58
CA VAL I 120 -8.94 -25.08 35.48
C VAL I 120 -8.62 -26.46 36.02
N THR I 121 -9.61 -27.36 35.98
CA THR I 121 -9.47 -28.71 36.47
C THR I 121 -9.92 -29.69 35.40
N VAL I 122 -9.19 -30.77 35.23
CA VAL I 122 -9.50 -31.80 34.26
C VAL I 122 -9.65 -33.13 34.99
N SER I 123 -10.68 -33.89 34.65
CA SER I 123 -10.95 -35.18 35.26
C SER I 123 -12.06 -35.87 34.48
N SER I 124 -12.45 -37.04 34.96
CA SER I 124 -13.55 -37.80 34.36
C SER I 124 -14.75 -37.81 35.29
N GLN J 1 13.67 3.76 36.44
CA GLN J 1 14.74 3.37 35.53
C GLN J 1 16.08 3.90 36.04
N ILE J 2 16.75 4.71 35.22
CA ILE J 2 18.05 5.28 35.56
C ILE J 2 17.83 6.57 36.34
N VAL J 3 18.42 6.65 37.52
CA VAL J 3 18.34 7.86 38.34
C VAL J 3 19.48 8.80 37.97
N MET J 4 19.20 10.09 37.96
CA MET J 4 20.17 11.10 37.54
C MET J 4 20.49 12.02 38.70
N THR J 5 21.79 12.16 38.99
CA THR J 5 22.26 12.99 40.09
C THR J 5 23.21 14.06 39.55
N GLN J 6 23.14 15.24 40.16
CA GLN J 6 24.01 16.35 39.82
C GLN J 6 24.70 16.86 41.09
N SER J 7 25.97 17.23 40.95
CA SER J 7 26.74 17.69 42.09
C SER J 7 27.77 18.71 41.62
N PRO J 8 27.99 19.80 42.39
CA PRO J 8 27.31 20.16 43.64
C PRO J 8 25.93 20.77 43.38
N ALA J 9 25.11 20.92 44.43
CA ALA J 9 23.78 21.47 44.25
C ALA J 9 23.84 22.92 43.75
N THR J 10 24.75 23.71 44.30
CA THR J 10 24.87 25.12 43.94
C THR J 10 26.33 25.46 43.75
N VAL J 11 26.62 26.17 42.65
CA VAL J 11 27.96 26.60 42.30
C VAL J 11 28.01 28.11 42.32
N SER J 12 28.97 28.65 43.07
CA SER J 12 29.17 30.09 43.20
C SER J 12 30.41 30.48 42.41
N VAL J 13 30.22 31.37 41.43
CA VAL J 13 31.32 31.84 40.58
C VAL J 13 31.03 33.28 40.20
N SER J 14 32.09 34.10 40.11
CA SER J 14 31.95 35.48 39.69
C SER J 14 32.08 35.56 38.17
N PRO J 15 31.46 36.55 37.52
CA PRO J 15 31.54 36.64 36.05
C PRO J 15 32.98 36.73 35.57
N GLY J 16 33.27 36.02 34.48
CA GLY J 16 34.59 35.96 33.91
C GLY J 16 35.37 34.70 34.24
N GLU J 17 34.93 33.93 35.22
CA GLU J 17 35.63 32.71 35.62
C GLU J 17 34.92 31.48 35.05
N ARG J 18 35.67 30.38 34.98
CA ARG J 18 35.15 29.14 34.44
C ARG J 18 34.38 28.36 35.50
N ALA J 19 33.16 27.95 35.18
CA ALA J 19 32.31 27.18 36.07
C ALA J 19 32.02 25.82 35.45
N THR J 20 32.16 24.76 36.23
CA THR J 20 31.97 23.40 35.76
C THR J 20 30.82 22.76 36.53
N LEU J 21 29.90 22.14 35.79
CA LEU J 21 28.77 21.41 36.36
C LEU J 21 28.92 19.94 36.03
N SER J 22 28.52 19.08 36.97
CA SER J 22 28.69 17.64 36.83
C SER J 22 27.34 16.94 36.85
N CYS J 23 27.27 15.82 36.12
CA CYS J 23 26.08 14.98 36.07
C CYS J 23 26.50 13.53 36.09
N ARG J 24 25.78 12.72 36.88
CA ARG J 24 26.11 11.31 37.05
C ARG J 24 24.86 10.46 36.86
N ALA J 25 25.02 9.32 36.19
CA ALA J 25 23.94 8.38 35.97
C ALA J 25 24.21 7.08 36.73
N SER J 26 23.14 6.47 37.24
CA SER J 26 23.28 5.21 37.95
C SER J 26 23.77 4.11 37.04
N ARG J 27 23.25 4.04 35.81
CA ARG J 27 23.68 3.07 34.83
C ARG J 27 24.15 3.80 33.58
N SER J 28 24.95 3.11 32.78
CA SER J 28 25.56 3.73 31.60
C SER J 28 24.50 4.15 30.59
N VAL J 29 24.61 5.40 30.15
CA VAL J 29 23.74 5.94 29.11
C VAL J 29 24.52 6.23 27.82
N THR J 30 25.71 5.63 27.68
CA THR J 30 26.61 5.87 26.55
C THR J 30 26.84 7.36 26.32
N SER J 31 26.39 7.87 25.18
CA SER J 31 26.59 9.26 24.81
C SER J 31 25.28 9.92 24.40
N LYS J 32 24.20 9.60 25.10
CA LYS J 32 22.88 10.19 24.84
C LYS J 32 22.47 10.99 26.08
N LEU J 33 22.85 12.26 26.11
CA LEU J 33 22.62 13.11 27.27
C LEU J 33 22.51 14.56 26.84
N ALA J 34 21.43 15.22 27.26
CA ALA J 34 21.17 16.60 26.89
C ALA J 34 21.22 17.50 28.12
N TRP J 35 21.72 18.71 27.91
CA TRP J 35 21.78 19.74 28.95
C TRP J 35 20.79 20.84 28.63
N TYR J 36 20.11 21.35 29.67
CA TYR J 36 19.12 22.40 29.52
C TYR J 36 19.42 23.51 30.51
N GLN J 37 19.10 24.74 30.11
CA GLN J 37 19.26 25.93 30.93
C GLN J 37 17.91 26.55 31.17
N GLN J 38 17.56 26.80 32.43
CA GLN J 38 16.28 27.39 32.80
C GLN J 38 16.52 28.63 33.64
N LYS J 39 16.00 29.76 33.19
CA LYS J 39 16.00 30.98 33.97
C LYS J 39 14.63 31.17 34.62
N PRO J 40 14.56 31.87 35.75
CA PRO J 40 13.28 32.00 36.46
C PRO J 40 12.19 32.60 35.57
N GLY J 41 11.05 31.91 35.51
CA GLY J 41 9.95 32.31 34.67
C GLY J 41 10.07 31.88 33.22
N GLN J 42 11.14 31.19 32.85
CA GLN J 42 11.38 30.82 31.46
C GLN J 42 11.43 29.29 31.33
N ALA J 43 11.02 28.83 30.15
CA ALA J 43 11.12 27.42 29.82
C ALA J 43 12.58 27.02 29.60
N PRO J 44 12.92 25.75 29.87
CA PRO J 44 14.31 25.33 29.66
C PRO J 44 14.70 25.44 28.19
N ARG J 45 15.99 25.71 27.97
CA ARG J 45 16.54 25.87 26.63
C ARG J 45 17.63 24.83 26.40
N LEU J 46 17.58 24.18 25.24
CA LEU J 46 18.54 23.12 24.92
C LEU J 46 19.90 23.74 24.61
N LEU J 47 20.90 23.41 25.43
CA LEU J 47 22.25 23.87 25.19
C LEU J 47 23.05 22.82 24.42
N ILE J 48 23.15 21.62 24.99
CA ILE J 48 23.95 20.56 24.41
C ILE J 48 23.07 19.32 24.22
N TYR J 49 23.31 18.61 23.12
CA TYR J 49 22.58 17.38 22.85
C TYR J 49 23.60 16.32 22.41
N GLY J 50 23.29 15.06 22.69
CA GLY J 50 24.24 13.99 22.44
C GLY J 50 25.18 13.80 23.61
N ALA J 51 26.44 14.17 23.44
CA ALA J 51 27.36 14.24 24.58
C ALA J 51 28.10 15.57 24.57
N SER J 52 28.36 16.09 23.37
CA SER J 52 29.06 17.37 23.22
C SER J 52 28.47 18.26 22.14
N THR J 53 27.68 17.75 21.19
CA THR J 53 27.16 18.56 20.11
C THR J 53 26.30 19.70 20.66
N ARG J 54 26.51 20.89 20.11
CA ARG J 54 25.93 22.12 20.63
C ARG J 54 24.76 22.54 19.75
N ALA J 55 23.68 22.99 20.40
CA ALA J 55 22.49 23.40 19.66
C ALA J 55 22.76 24.70 18.90
N THR J 56 22.00 24.91 17.83
CA THR J 56 22.13 26.12 17.03
C THR J 56 21.74 27.35 17.83
N GLY J 57 22.51 28.42 17.67
CA GLY J 57 22.30 29.65 18.39
C GLY J 57 23.00 29.73 19.73
N ILE J 58 23.55 28.61 20.20
CA ILE J 58 24.26 28.58 21.48
C ILE J 58 25.71 28.98 21.24
N PRO J 59 26.24 29.95 21.97
CA PRO J 59 27.63 30.38 21.75
C PRO J 59 28.61 29.27 22.10
N ALA J 60 29.81 29.34 21.51
CA ALA J 60 30.86 28.36 21.79
C ALA J 60 31.37 28.43 23.22
N ARG J 61 30.79 29.30 24.05
CA ARG J 61 31.17 29.37 25.46
C ARG J 61 30.87 28.06 26.18
N PHE J 62 29.72 27.44 25.89
CA PHE J 62 29.31 26.22 26.57
C PHE J 62 30.04 25.03 25.94
N SER J 63 30.65 24.20 26.77
CA SER J 63 31.41 23.05 26.32
C SER J 63 31.10 21.86 27.22
N GLY J 64 30.60 20.79 26.62
CA GLY J 64 30.31 19.58 27.36
C GLY J 64 31.18 18.41 26.90
N SER J 65 31.36 17.44 27.79
CA SER J 65 32.18 16.28 27.49
C SER J 65 31.83 15.16 28.45
N GLY J 66 32.34 13.98 28.16
CA GLY J 66 32.13 12.80 28.99
C GLY J 66 31.24 11.78 28.29
N SER J 67 31.35 10.55 28.78
CA SER J 67 30.56 9.44 28.26
C SER J 67 30.40 8.39 29.36
N GLY J 68 29.38 7.55 29.20
CA GLY J 68 29.12 6.51 30.17
C GLY J 68 28.25 6.98 31.32
N THR J 69 28.86 7.17 32.50
CA THR J 69 28.14 7.58 33.69
C THR J 69 28.63 8.89 34.26
N GLU J 70 29.68 9.49 33.71
CA GLU J 70 30.25 10.73 34.21
C GLU J 70 30.16 11.78 33.12
N PHE J 71 29.42 12.85 33.37
CA PHE J 71 29.22 13.92 32.41
C PHE J 71 29.48 15.26 33.07
N THR J 72 30.08 16.18 32.30
CA THR J 72 30.40 17.51 32.79
C THR J 72 29.99 18.55 31.76
N LEU J 73 29.54 19.70 32.26
CA LEU J 73 29.24 20.86 31.44
C LEU J 73 30.14 22.01 31.90
N THR J 74 30.89 22.57 30.96
CA THR J 74 31.89 23.58 31.27
C THR J 74 31.52 24.90 30.58
N ILE J 75 31.50 25.97 31.37
CA ILE J 75 31.31 27.33 30.86
C ILE J 75 32.68 28.00 30.90
N SER J 76 33.26 28.27 29.72
CA SER J 76 34.64 28.73 29.66
C SER J 76 34.83 30.08 30.34
N SER J 77 33.95 31.04 30.07
CA SER J 77 34.05 32.35 30.70
C SER J 77 32.63 32.87 30.90
N LEU J 78 32.08 32.61 32.08
CA LEU J 78 30.66 32.83 32.33
C LEU J 78 30.33 34.32 32.30
N GLN J 79 29.29 34.67 31.53
CA GLN J 79 28.86 36.06 31.40
C GLN J 79 27.74 36.36 32.39
N SER J 80 27.13 37.53 32.23
CA SER J 80 26.07 37.95 33.15
C SER J 80 24.78 37.18 32.89
N GLU J 81 24.53 36.80 31.65
CA GLU J 81 23.29 36.11 31.29
C GLU J 81 23.35 34.60 31.54
N ASP J 82 24.48 34.08 32.01
CA ASP J 82 24.65 32.65 32.20
C ASP J 82 24.31 32.19 33.62
N PHE J 83 23.67 33.05 34.41
CA PHE J 83 23.27 32.70 35.77
C PHE J 83 21.88 32.07 35.73
N ALA J 84 21.82 30.75 35.93
CA ALA J 84 20.56 30.02 35.89
C ALA J 84 20.70 28.64 36.51
N VAL J 85 19.65 27.82 36.42
CA VAL J 85 19.67 26.45 36.90
C VAL J 85 19.73 25.52 35.70
N TYR J 86 20.66 24.58 35.72
CA TYR J 86 20.94 23.70 34.58
C TYR J 86 20.51 22.28 34.90
N PHE J 87 19.76 21.67 33.99
CA PHE J 87 19.22 20.33 34.17
C PHE J 87 19.94 19.34 33.27
N CYS J 88 20.05 18.10 33.73
CA CYS J 88 20.72 17.03 33.00
C CYS J 88 19.71 15.94 32.68
N GLN J 89 19.60 15.58 31.40
CA GLN J 89 18.67 14.56 30.94
C GLN J 89 19.42 13.47 30.18
N GLN J 90 19.01 12.23 30.37
CA GLN J 90 19.46 11.11 29.56
C GLN J 90 18.26 10.49 28.84
N TYR J 91 18.44 10.20 27.55
CA TYR J 91 17.38 9.62 26.74
C TYR J 91 17.78 8.27 26.15
N ASN J 92 18.80 7.64 26.74
CA ASN J 92 19.21 6.31 26.29
C ASN J 92 18.21 5.25 26.73
N ASN J 93 17.73 5.32 27.96
CA ASN J 93 16.75 4.39 28.50
C ASN J 93 15.72 5.23 29.26
N GLY J 94 14.54 5.38 28.67
CA GLY J 94 13.54 6.26 29.23
C GLY J 94 13.92 7.72 29.06
N PHE J 95 13.30 8.57 29.89
CA PHE J 95 13.56 10.01 29.88
C PHE J 95 13.53 10.49 31.33
N THR J 96 14.71 10.62 31.92
CA THR J 96 14.87 11.03 33.31
C THR J 96 15.73 12.27 33.40
N PHE J 97 15.31 13.20 34.25
CA PHE J 97 16.01 14.46 34.47
C PHE J 97 16.79 14.41 35.78
N GLY J 98 17.80 15.26 35.87
CA GLY J 98 18.49 15.47 37.12
C GLY J 98 17.80 16.52 37.97
N PRO J 99 18.20 16.58 39.25
CA PRO J 99 17.60 17.59 40.15
C PRO J 99 17.86 19.02 39.71
N GLY J 100 19.00 19.30 39.08
CA GLY J 100 19.31 20.64 38.64
C GLY J 100 20.38 21.31 39.48
N THR J 101 21.32 22.00 38.83
CA THR J 101 22.38 22.72 39.51
C THR J 101 22.22 24.21 39.26
N LYS J 102 22.23 25.00 40.34
CA LYS J 102 22.03 26.44 40.24
C LYS J 102 23.37 27.16 40.28
N VAL J 103 23.57 28.09 39.36
CA VAL J 103 24.76 28.93 39.31
C VAL J 103 24.36 30.32 39.75
N ASP J 104 25.07 30.86 40.75
CA ASP J 104 24.71 32.13 41.35
C ASP J 104 25.94 33.02 41.50
N PHE J 105 25.68 34.28 41.83
CA PHE J 105 26.75 35.27 41.97
C PHE J 105 27.61 34.96 43.19
N LYS J 106 28.86 35.40 43.14
CA LYS J 106 29.76 35.27 44.29
C LYS J 106 29.84 36.58 45.07
N GLN K 1 10.98 29.71 12.91
CA GLN K 1 10.49 30.16 14.19
C GLN K 1 9.50 29.16 14.79
N VAL K 2 10.03 28.18 15.51
CA VAL K 2 9.20 27.14 16.14
C VAL K 2 8.56 27.76 17.38
N GLN K 3 7.26 27.99 17.31
CA GLN K 3 6.50 28.59 18.41
C GLN K 3 5.49 27.57 18.93
N LEU K 4 5.54 27.32 20.24
CA LEU K 4 4.60 26.40 20.89
C LEU K 4 3.88 27.16 22.00
N VAL K 5 2.55 27.18 21.94
CA VAL K 5 1.72 27.90 22.90
C VAL K 5 0.70 26.93 23.48
N GLU K 6 0.80 26.67 24.78
CA GLU K 6 -0.13 25.79 25.46
C GLU K 6 -1.36 26.56 25.92
N SER K 7 -2.38 25.81 26.32
CA SER K 7 -3.60 26.38 26.87
C SER K 7 -4.36 25.28 27.62
N GLY K 8 -5.55 25.63 28.10
CA GLY K 8 -6.40 24.65 28.76
C GLY K 8 -6.12 24.42 30.22
N GLY K 9 -5.22 25.19 30.82
CA GLY K 9 -4.92 25.06 32.23
C GLY K 9 -6.01 25.66 33.10
N GLY K 10 -5.77 25.62 34.40
CA GLY K 10 -6.70 26.16 35.37
C GLY K 10 -6.66 25.38 36.67
N VAL K 11 -7.77 25.44 37.39
CA VAL K 11 -7.92 24.80 38.68
C VAL K 11 -8.84 23.60 38.54
N VAL K 12 -8.48 22.49 39.20
CA VAL K 12 -9.28 21.28 39.19
C VAL K 12 -9.33 20.71 40.60
N GLN K 13 -10.37 19.90 40.84
CA GLN K 13 -10.47 19.15 42.08
C GLN K 13 -9.99 17.72 41.86
N PRO K 14 -9.46 17.08 42.91
CA PRO K 14 -8.96 15.71 42.75
C PRO K 14 -10.06 14.76 42.28
N GLY K 15 -9.68 13.84 41.41
CA GLY K 15 -10.62 12.90 40.83
C GLY K 15 -11.33 13.38 39.59
N ARG K 16 -11.09 14.61 39.15
CA ARG K 16 -11.70 15.15 37.94
C ARG K 16 -10.71 15.11 36.79
N SER K 17 -11.12 15.70 35.66
CA SER K 17 -10.37 15.60 34.42
C SER K 17 -10.10 16.99 33.86
N LEU K 18 -8.92 17.17 33.27
CA LEU K 18 -8.53 18.38 32.57
C LEU K 18 -7.90 18.02 31.24
N ARG K 19 -8.17 18.81 30.21
CA ARG K 19 -7.64 18.59 28.87
C ARG K 19 -6.76 19.76 28.47
N LEU K 20 -5.47 19.51 28.30
CA LEU K 20 -4.52 20.51 27.84
C LEU K 20 -4.39 20.45 26.33
N SER K 21 -4.10 21.61 25.72
CA SER K 21 -3.91 21.71 24.29
C SER K 21 -2.61 22.44 24.01
N CYS K 22 -2.02 22.14 22.85
CA CYS K 22 -0.75 22.71 22.42
C CYS K 22 -0.82 23.08 20.95
N ALA K 23 -0.64 24.36 20.65
CA ALA K 23 -0.65 24.85 19.28
C ALA K 23 0.79 24.99 18.78
N ALA K 24 1.08 24.36 17.65
CA ALA K 24 2.42 24.35 17.08
C ALA K 24 2.44 25.07 15.75
N SER K 25 3.50 25.83 15.51
CA SER K 25 3.67 26.56 14.26
C SER K 25 5.15 26.81 14.04
N GLY K 26 5.50 27.08 12.78
CA GLY K 26 6.88 27.35 12.42
C GLY K 26 7.67 26.15 11.95
N PHE K 27 7.04 24.99 11.78
CA PHE K 27 7.72 23.81 11.31
C PHE K 27 6.69 22.84 10.75
N THR K 28 7.17 21.85 10.01
CA THR K 28 6.29 20.79 9.50
C THR K 28 5.87 19.91 10.67
N PHE K 29 4.63 20.09 11.14
CA PHE K 29 4.18 19.43 12.36
C PHE K 29 4.13 17.91 12.18
N ARG K 30 3.65 17.45 11.03
CA ARG K 30 3.40 16.02 10.84
C ARG K 30 4.68 15.19 10.71
N ASN K 31 5.84 15.82 10.57
CA ASN K 31 7.09 15.10 10.40
C ASN K 31 7.83 14.84 11.71
N PHE K 32 7.30 15.29 12.85
CA PHE K 32 8.00 15.18 14.11
C PHE K 32 7.08 14.66 15.20
N GLY K 33 7.68 14.01 16.19
CA GLY K 33 6.97 13.55 17.37
C GLY K 33 7.12 14.55 18.50
N MET K 34 6.07 14.65 19.32
CA MET K 34 6.00 15.66 20.36
C MET K 34 5.94 15.00 21.74
N HIS K 35 6.48 15.71 22.73
CA HIS K 35 6.53 15.22 24.10
C HIS K 35 5.71 16.11 25.00
N TRP K 36 5.53 15.66 26.25
CA TRP K 36 5.03 16.48 27.34
C TRP K 36 5.99 16.37 28.51
N VAL K 37 6.39 17.51 29.06
CA VAL K 37 7.33 17.56 30.18
C VAL K 37 6.70 18.35 31.31
N ARG K 38 6.78 17.78 32.52
CA ARG K 38 6.17 18.36 33.70
C ARG K 38 7.25 18.81 34.68
N GLN K 39 7.09 20.03 35.21
CA GLN K 39 8.03 20.60 36.17
C GLN K 39 7.31 20.85 37.49
N THR K 40 7.71 20.12 38.53
CA THR K 40 7.17 20.28 39.87
C THR K 40 8.22 20.95 40.74
N PRO K 41 7.91 22.06 41.41
CA PRO K 41 8.91 22.69 42.28
C PRO K 41 9.22 21.78 43.47
N GLY K 42 10.51 21.58 43.70
CA GLY K 42 10.97 20.63 44.70
C GLY K 42 11.24 19.24 44.16
N LYS K 43 10.78 18.92 42.96
CA LYS K 43 11.05 17.65 42.31
C LYS K 43 11.85 17.80 41.03
N GLY K 44 11.66 18.90 40.31
CA GLY K 44 12.35 19.12 39.05
C GLY K 44 11.49 18.75 37.85
N LEU K 45 12.17 18.58 36.73
CA LEU K 45 11.53 18.17 35.49
C LEU K 45 11.35 16.66 35.46
N GLU K 46 10.24 16.20 34.89
CA GLU K 46 10.00 14.79 34.68
C GLU K 46 9.14 14.61 33.44
N TRP K 47 9.47 13.60 32.64
CA TRP K 47 8.76 13.34 31.40
C TRP K 47 7.38 12.75 31.68
N VAL K 48 6.42 13.05 30.80
CA VAL K 48 5.04 12.62 30.95
C VAL K 48 4.62 11.67 29.84
N ALA K 49 4.73 12.11 28.58
CA ALA K 49 4.24 11.30 27.47
C ALA K 49 4.97 11.69 26.20
N VAL K 50 4.81 10.84 25.18
CA VAL K 50 5.37 11.07 23.85
C VAL K 50 4.45 10.42 22.83
N ILE K 51 4.36 11.01 21.65
CA ILE K 51 3.55 10.48 20.56
C ILE K 51 4.39 10.49 19.28
N TRP K 52 4.10 9.55 18.39
CA TRP K 52 4.83 9.43 17.14
C TRP K 52 4.41 10.53 16.17
N HIS K 53 5.08 10.56 15.01
CA HIS K 53 4.78 11.59 14.01
C HIS K 53 3.36 11.47 13.49
N ASP K 54 2.91 10.24 13.23
CA ASP K 54 1.55 9.97 12.78
C ASP K 54 0.63 9.51 13.89
N GLY K 55 1.09 9.53 15.14
CA GLY K 55 0.27 9.11 16.26
C GLY K 55 0.09 7.62 16.39
N SER K 56 0.98 6.82 15.78
CA SER K 56 0.84 5.37 15.85
C SER K 56 1.13 4.85 17.26
N ASN K 57 2.22 5.31 17.86
CA ASN K 57 2.67 4.84 19.15
C ASN K 57 2.60 5.95 20.18
N LYS K 58 2.18 5.59 21.40
CA LYS K 58 2.07 6.53 22.50
C LYS K 58 2.68 5.88 23.74
N PHE K 59 3.57 6.61 24.41
CA PHE K 59 4.27 6.10 25.59
C PHE K 59 4.05 7.06 26.75
N TYR K 60 3.76 6.51 27.92
CA TYR K 60 3.51 7.30 29.11
C TYR K 60 4.46 6.91 30.22
N ALA K 61 4.67 7.85 31.15
CA ALA K 61 5.51 7.57 32.31
C ALA K 61 4.79 6.64 33.28
N ASP K 62 5.55 6.13 34.25
CA ASP K 62 4.99 5.20 35.24
C ASP K 62 3.89 5.89 36.05
N SER K 63 4.17 7.09 36.57
CA SER K 63 3.23 7.76 37.46
C SER K 63 1.96 8.21 36.76
N VAL K 64 1.95 8.28 35.43
CA VAL K 64 0.79 8.72 34.67
C VAL K 64 0.24 7.64 33.76
N GLU K 65 0.75 6.41 33.89
CA GLU K 65 0.28 5.32 33.03
C GLU K 65 -1.15 4.93 33.37
N GLY K 66 -2.03 5.00 32.38
CA GLY K 66 -3.42 4.63 32.53
C GLY K 66 -4.36 5.77 32.86
N ARG K 67 -3.85 6.91 33.30
CA ARG K 67 -4.67 8.08 33.59
C ARG K 67 -4.56 9.18 32.55
N PHE K 68 -3.38 9.37 31.97
CA PHE K 68 -3.17 10.41 30.97
C PHE K 68 -3.24 9.82 29.57
N THR K 69 -3.89 10.55 28.67
CA THR K 69 -4.01 10.15 27.27
C THR K 69 -3.52 11.29 26.39
N ILE K 70 -2.55 10.98 25.54
CA ILE K 70 -1.96 11.95 24.62
C ILE K 70 -2.58 11.75 23.24
N SER K 71 -2.81 12.86 22.54
CA SER K 71 -3.37 12.81 21.20
C SER K 71 -2.76 13.92 20.37
N ARG K 72 -2.95 13.83 19.05
CA ARG K 72 -2.44 14.85 18.15
C ARG K 72 -3.37 14.93 16.94
N ASP K 73 -3.38 16.11 16.31
CA ASP K 73 -4.18 16.36 15.11
C ASP K 73 -3.28 17.04 14.09
N ASN K 74 -2.81 16.27 13.10
CA ASN K 74 -1.90 16.79 12.10
C ASN K 74 -2.56 17.80 11.16
N SER K 75 -3.89 17.83 11.10
CA SER K 75 -4.58 18.76 10.23
C SER K 75 -4.79 20.14 10.87
N LYS K 76 -4.59 20.25 12.18
CA LYS K 76 -4.72 21.52 12.88
C LYS K 76 -3.47 21.90 13.66
N ASN K 77 -2.41 21.10 13.58
CA ASN K 77 -1.14 21.38 14.26
C ASN K 77 -1.35 21.56 15.76
N MET K 78 -2.07 20.62 16.37
CA MET K 78 -2.41 20.70 17.78
C MET K 78 -2.02 19.42 18.50
N ILE K 79 -1.53 19.58 19.72
CA ILE K 79 -1.16 18.47 20.59
C ILE K 79 -2.03 18.54 21.85
N TYR K 80 -2.64 17.41 22.18
CA TYR K 80 -3.56 17.34 23.30
C TYR K 80 -2.99 16.40 24.36
N LEU K 81 -3.50 16.55 25.58
CA LEU K 81 -3.14 15.68 26.70
C LEU K 81 -4.34 15.60 27.64
N GLN K 82 -5.09 14.52 27.53
CA GLN K 82 -6.26 14.29 28.38
C GLN K 82 -5.76 13.72 29.72
N MET K 83 -6.17 14.35 30.82
CA MET K 83 -5.68 14.01 32.15
C MET K 83 -6.88 13.63 33.02
N ASN K 84 -7.23 12.34 32.98
CA ASN K 84 -8.37 11.85 33.74
C ASN K 84 -7.93 11.36 35.11
N SER K 85 -8.87 11.45 36.07
CA SER K 85 -8.65 11.02 37.45
C SER K 85 -7.42 11.71 38.05
N LEU K 86 -7.50 13.04 38.13
CA LEU K 86 -6.37 13.82 38.61
C LEU K 86 -6.18 13.65 40.11
N ARG K 87 -4.94 13.84 40.55
CA ARG K 87 -4.56 13.76 41.95
C ARG K 87 -3.74 14.99 42.32
N VAL K 88 -3.58 15.21 43.62
CA VAL K 88 -2.85 16.39 44.09
C VAL K 88 -1.38 16.30 43.69
N GLU K 89 -0.89 15.10 43.37
CA GLU K 89 0.48 14.93 42.91
C GLU K 89 0.69 15.46 41.50
N ASP K 90 -0.38 15.79 40.78
CA ASP K 90 -0.30 16.25 39.40
C ASP K 90 -0.23 17.78 39.28
N THR K 91 -0.13 18.49 40.40
CA THR K 91 -0.06 19.94 40.35
C THR K 91 1.35 20.39 39.98
N ALA K 92 1.50 20.94 38.78
CA ALA K 92 2.80 21.34 38.27
C ALA K 92 2.61 22.13 36.98
N ILE K 93 3.73 22.47 36.35
CA ILE K 93 3.73 23.18 35.07
C ILE K 93 3.99 22.18 33.97
N TYR K 94 3.17 22.22 32.92
CA TYR K 94 3.23 21.27 31.82
C TYR K 94 3.76 21.97 30.58
N TYR K 95 4.87 21.46 30.04
CA TYR K 95 5.51 22.05 28.87
C TYR K 95 5.28 21.19 27.64
N CYS K 96 5.02 21.84 26.52
CA CYS K 96 4.93 21.18 25.23
C CYS K 96 6.28 21.25 24.52
N ALA K 97 6.92 20.09 24.37
CA ALA K 97 8.27 20.03 23.85
C ALA K 97 8.32 19.20 22.60
N ARG K 98 8.98 19.73 21.57
CA ARG K 98 9.20 19.00 20.33
C ARG K 98 10.46 18.15 20.43
N ASP K 99 10.43 16.98 19.79
CA ASP K 99 11.55 16.06 19.84
C ASP K 99 12.58 16.44 18.78
N SER K 100 13.83 16.58 19.21
CA SER K 100 14.99 16.79 18.34
C SER K 100 14.98 18.16 17.67
N LEU K 101 16.18 18.71 17.44
CA LEU K 101 16.30 19.93 16.63
C LEU K 101 16.07 19.64 15.16
N PHE K 102 16.67 18.56 14.66
CA PHE K 102 16.48 18.10 13.30
C PHE K 102 16.50 16.58 13.31
N TYR K 103 16.09 15.98 12.20
CA TYR K 103 16.00 14.52 12.11
C TYR K 103 17.41 13.94 12.15
N ASP K 104 17.69 13.14 13.17
CA ASP K 104 18.86 12.28 13.22
C ASP K 104 18.38 10.92 13.68
N HIS K 105 18.73 9.87 12.93
CA HIS K 105 18.18 8.55 13.19
C HIS K 105 18.68 7.99 14.51
N ASP K 106 19.95 8.22 14.83
CA ASP K 106 20.56 7.67 16.04
C ASP K 106 20.45 8.61 17.24
N ASN K 107 20.04 9.86 17.03
CA ASN K 107 19.95 10.84 18.11
C ASN K 107 18.53 11.41 18.14
N SER K 108 17.69 10.85 19.01
CA SER K 108 16.35 11.37 19.22
C SER K 108 15.96 11.14 20.67
N GLY K 109 15.08 12.00 21.17
CA GLY K 109 14.65 11.93 22.55
C GLY K 109 14.98 13.13 23.40
N TYR K 110 15.66 14.14 22.84
CA TYR K 110 15.88 15.40 23.54
C TYR K 110 14.91 16.44 23.00
N TYR K 111 14.68 17.47 23.82
CA TYR K 111 13.64 18.45 23.55
C TYR K 111 14.28 19.68 22.93
N GLY K 112 14.20 19.79 21.60
CA GLY K 112 14.81 20.92 20.92
C GLY K 112 14.11 22.23 21.20
N TYR K 113 12.78 22.21 21.21
CA TYR K 113 12.01 23.45 21.34
C TYR K 113 10.91 23.24 22.37
N TRP K 114 10.86 24.13 23.36
CA TRP K 114 9.86 24.09 24.43
C TRP K 114 8.84 25.20 24.26
N GLY K 115 7.64 24.96 24.78
CA GLY K 115 6.64 26.00 24.92
C GLY K 115 6.81 26.75 26.23
N GLN K 116 5.99 27.78 26.40
CA GLN K 116 6.13 28.64 27.58
C GLN K 116 5.60 27.99 28.85
N GLY K 117 4.78 26.96 28.74
CA GLY K 117 4.29 26.27 29.93
C GLY K 117 2.91 26.73 30.34
N THR K 118 2.17 25.82 30.95
CA THR K 118 0.85 26.11 31.49
C THR K 118 0.75 25.51 32.89
N LEU K 119 -0.05 26.15 33.73
CA LEU K 119 -0.16 25.77 35.14
C LEU K 119 -1.46 25.01 35.37
N VAL K 120 -1.34 23.82 35.94
CA VAL K 120 -2.49 23.01 36.34
C VAL K 120 -2.31 22.69 37.82
N THR K 121 -3.28 23.10 38.63
CA THR K 121 -3.24 22.89 40.07
C THR K 121 -4.41 22.02 40.49
N VAL K 122 -4.14 21.07 41.38
CA VAL K 122 -5.14 20.12 41.86
C VAL K 122 -5.30 20.34 43.36
N SER K 123 -6.38 21.02 43.75
CA SER K 123 -6.63 21.31 45.16
C SER K 123 -8.10 21.61 45.33
N SER K 124 -8.55 21.54 46.58
CA SER K 124 -9.94 21.83 46.92
C SER K 124 -10.07 23.20 47.59
N GLN L 1 23.48 16.07 11.07
CA GLN L 1 23.54 14.64 10.79
C GLN L 1 24.99 14.18 10.70
N ILE L 2 25.34 13.59 9.55
CA ILE L 2 26.68 13.07 9.31
C ILE L 2 27.46 14.12 8.51
N VAL L 3 28.65 14.45 9.00
CA VAL L 3 29.51 15.42 8.32
C VAL L 3 30.53 14.67 7.46
N MET L 4 30.61 15.03 6.20
CA MET L 4 31.49 14.38 5.24
C MET L 4 32.70 15.25 4.95
N THR L 5 33.88 14.63 4.95
CA THR L 5 35.12 15.33 4.65
C THR L 5 35.84 14.61 3.52
N GLN L 6 36.51 15.40 2.67
CA GLN L 6 37.24 14.88 1.53
C GLN L 6 38.68 15.36 1.58
N SER L 7 39.61 14.44 1.34
CA SER L 7 41.02 14.74 1.37
C SER L 7 41.72 14.05 0.20
N PRO L 8 42.67 14.72 -0.46
CA PRO L 8 43.10 16.10 -0.24
C PRO L 8 42.13 17.10 -0.87
N ALA L 9 42.27 18.39 -0.58
CA ALA L 9 41.40 19.40 -1.19
C ALA L 9 41.60 19.44 -2.70
N THR L 10 42.85 19.40 -3.16
CA THR L 10 43.16 19.36 -4.57
C THR L 10 44.21 18.29 -4.83
N VAL L 11 44.09 17.64 -5.99
CA VAL L 11 45.06 16.64 -6.42
C VAL L 11 45.47 16.97 -7.85
N SER L 12 46.79 16.97 -8.07
CA SER L 12 47.37 17.35 -9.35
C SER L 12 47.86 16.11 -10.06
N VAL L 13 47.27 15.83 -11.22
CA VAL L 13 47.67 14.68 -12.05
C VAL L 13 47.65 15.13 -13.51
N SER L 14 48.64 14.67 -14.28
CA SER L 14 48.62 14.88 -15.72
C SER L 14 47.75 13.81 -16.38
N PRO L 15 47.19 14.10 -17.57
CA PRO L 15 46.37 13.08 -18.24
C PRO L 15 47.16 11.81 -18.50
N GLY L 16 46.53 10.67 -18.22
CA GLY L 16 47.13 9.38 -18.44
C GLY L 16 47.43 8.57 -17.19
N GLU L 17 47.55 9.22 -16.02
CA GLU L 17 47.89 8.50 -14.81
C GLU L 17 46.64 8.14 -14.02
N ARG L 18 46.87 7.71 -12.77
CA ARG L 18 45.80 7.24 -11.92
C ARG L 18 45.52 8.26 -10.82
N ALA L 19 44.25 8.61 -10.66
CA ALA L 19 43.83 9.60 -9.66
C ALA L 19 42.83 8.97 -8.71
N THR L 20 43.05 9.16 -7.41
CA THR L 20 42.19 8.62 -6.37
C THR L 20 41.73 9.75 -5.46
N LEU L 21 40.42 9.82 -5.24
CA LEU L 21 39.82 10.78 -4.32
C LEU L 21 39.16 10.05 -3.17
N SER L 22 39.40 10.51 -1.95
CA SER L 22 38.94 9.83 -0.74
C SER L 22 37.82 10.61 -0.08
N CYS L 23 36.84 9.88 0.45
CA CYS L 23 35.71 10.46 1.16
C CYS L 23 35.52 9.71 2.47
N ARG L 24 35.34 10.46 3.56
CA ARG L 24 35.22 9.90 4.89
C ARG L 24 34.01 10.50 5.60
N ALA L 25 33.23 9.65 6.25
CA ALA L 25 32.06 10.09 7.00
C ALA L 25 32.31 9.94 8.50
N SER L 26 31.64 10.80 9.28
CA SER L 26 31.78 10.74 10.73
C SER L 26 31.13 9.49 11.31
N ARG L 27 29.95 9.13 10.81
CA ARG L 27 29.25 7.94 11.24
C ARG L 27 29.01 7.03 10.03
N SER L 28 28.87 5.74 10.32
CA SER L 28 28.78 4.75 9.25
C SER L 28 27.53 4.98 8.39
N VAL L 29 27.73 4.97 7.08
CA VAL L 29 26.65 5.13 6.12
C VAL L 29 26.42 3.86 5.31
N THR L 30 26.93 2.72 5.79
CA THR L 30 26.81 1.42 5.12
C THR L 30 27.33 1.49 3.69
N SER L 31 26.43 1.38 2.71
CA SER L 31 26.80 1.38 1.30
C SER L 31 25.92 2.33 0.50
N LYS L 32 25.54 3.46 1.10
CA LYS L 32 24.74 4.49 0.43
C LYS L 32 25.58 5.75 0.32
N LEU L 33 26.32 5.86 -0.79
CA LEU L 33 27.22 6.99 -1.00
C LEU L 33 27.40 7.23 -2.49
N ALA L 34 26.94 8.39 -2.96
CA ALA L 34 26.97 8.73 -4.37
C ALA L 34 28.05 9.76 -4.65
N TRP L 35 28.62 9.69 -5.85
CA TRP L 35 29.64 10.63 -6.31
C TRP L 35 29.07 11.47 -7.45
N TYR L 36 29.45 12.75 -7.46
CA TYR L 36 29.00 13.68 -8.48
C TYR L 36 30.18 14.43 -9.06
N GLN L 37 30.09 14.77 -10.34
CA GLN L 37 31.12 15.54 -11.04
C GLN L 37 30.49 16.81 -11.58
N GLN L 38 31.09 17.95 -11.26
CA GLN L 38 30.60 19.25 -11.70
C GLN L 38 31.69 19.99 -12.45
N LYS L 39 31.45 20.28 -13.72
CA LYS L 39 32.34 21.10 -14.52
C LYS L 39 32.00 22.59 -14.34
N PRO L 40 32.97 23.49 -14.54
CA PRO L 40 32.68 24.91 -14.37
C PRO L 40 31.54 25.36 -15.27
N GLY L 41 30.51 25.95 -14.65
CA GLY L 41 29.34 26.41 -15.36
C GLY L 41 28.30 25.34 -15.65
N GLN L 42 28.51 24.11 -15.20
CA GLN L 42 27.60 23.01 -15.46
C GLN L 42 27.05 22.46 -14.15
N ALA L 43 25.91 21.79 -14.27
CA ALA L 43 25.30 21.10 -13.14
C ALA L 43 26.06 19.82 -12.82
N PRO L 44 26.00 19.35 -11.58
CA PRO L 44 26.68 18.10 -11.23
C PRO L 44 26.09 16.91 -11.98
N ARG L 45 26.94 15.93 -12.26
CA ARG L 45 26.54 14.72 -12.97
C ARG L 45 26.81 13.51 -12.10
N LEU L 46 25.84 12.60 -12.03
CA LEU L 46 25.97 11.40 -11.21
C LEU L 46 26.89 10.41 -11.89
N LEU L 47 28.03 10.12 -11.26
CA LEU L 47 28.95 9.12 -11.79
C LEU L 47 28.68 7.75 -11.16
N ILE L 48 28.78 7.68 -9.84
CA ILE L 48 28.68 6.41 -9.13
C ILE L 48 27.68 6.54 -8.00
N TYR L 49 26.79 5.56 -7.90
CA TYR L 49 25.78 5.54 -6.85
C TYR L 49 25.90 4.24 -6.08
N GLY L 50 25.21 4.15 -4.95
CA GLY L 50 25.39 3.02 -4.05
C GLY L 50 26.72 3.13 -3.34
N ALA L 51 27.65 2.23 -3.66
CA ALA L 51 29.02 2.39 -3.20
C ALA L 51 29.99 2.17 -4.36
N SER L 52 29.58 1.35 -5.33
CA SER L 52 30.39 1.05 -6.50
C SER L 52 29.62 1.06 -7.82
N THR L 53 28.30 0.95 -7.82
CA THR L 53 27.55 0.86 -9.06
C THR L 53 27.69 2.14 -9.87
N ARG L 54 27.83 1.97 -11.19
CA ARG L 54 28.09 3.07 -12.10
C ARG L 54 26.81 3.47 -12.80
N ALA L 55 26.58 4.79 -12.92
CA ALA L 55 25.42 5.29 -13.62
C ALA L 55 25.51 4.95 -15.11
N THR L 56 24.35 4.87 -15.76
CA THR L 56 24.29 4.57 -17.18
C THR L 56 25.00 5.64 -17.99
N GLY L 57 25.87 5.21 -18.91
CA GLY L 57 26.63 6.11 -19.75
C GLY L 57 28.00 6.46 -19.21
N ILE L 58 28.30 6.13 -17.96
CA ILE L 58 29.58 6.43 -17.37
C ILE L 58 30.62 5.42 -17.86
N PRO L 59 31.74 5.85 -18.42
CA PRO L 59 32.76 4.90 -18.87
C PRO L 59 33.32 4.10 -17.70
N ALA L 60 33.79 2.89 -18.03
CA ALA L 60 34.35 2.00 -17.01
C ALA L 60 35.62 2.55 -16.36
N ARG L 61 36.10 3.71 -16.80
CA ARG L 61 37.26 4.33 -16.18
C ARG L 61 37.00 4.69 -14.72
N PHE L 62 35.82 5.22 -14.42
CA PHE L 62 35.47 5.63 -13.07
C PHE L 62 35.11 4.38 -12.26
N SER L 63 35.89 4.11 -11.21
CA SER L 63 35.70 2.93 -10.38
C SER L 63 35.48 3.37 -8.95
N GLY L 64 34.34 2.98 -8.37
CA GLY L 64 34.05 3.30 -6.98
C GLY L 64 34.23 2.09 -6.08
N SER L 65 34.56 2.36 -4.82
CA SER L 65 34.82 1.31 -3.86
C SER L 65 34.70 1.88 -2.45
N GLY L 66 34.64 0.98 -1.48
CA GLY L 66 34.60 1.33 -0.08
C GLY L 66 33.20 1.19 0.51
N SER L 67 33.18 1.09 1.84
CA SER L 67 31.94 0.98 2.60
C SER L 67 32.20 1.46 4.01
N GLY L 68 31.11 1.79 4.70
CA GLY L 68 31.19 2.26 6.07
C GLY L 68 31.57 3.72 6.18
N THR L 69 32.81 4.00 6.60
CA THR L 69 33.27 5.36 6.83
C THR L 69 34.45 5.75 5.97
N GLU L 70 34.93 4.89 5.08
CA GLU L 70 36.10 5.17 4.25
C GLU L 70 35.77 4.80 2.81
N PHE L 71 35.64 5.81 1.95
CA PHE L 71 35.28 5.62 0.55
C PHE L 71 36.34 6.24 -0.35
N THR L 72 36.49 5.67 -1.54
CA THR L 72 37.44 6.17 -2.52
C THR L 72 36.78 6.21 -3.89
N LEU L 73 37.17 7.21 -4.68
CA LEU L 73 36.77 7.32 -6.08
C LEU L 73 38.03 7.26 -6.93
N THR L 74 38.10 6.24 -7.78
CA THR L 74 39.33 5.94 -8.53
C THR L 74 39.09 6.17 -10.01
N ILE L 75 40.02 6.87 -10.66
CA ILE L 75 40.00 7.12 -12.09
C ILE L 75 41.17 6.36 -12.71
N SER L 76 40.88 5.45 -13.63
CA SER L 76 41.90 4.54 -14.13
C SER L 76 42.98 5.25 -14.94
N SER L 77 42.59 6.01 -15.96
CA SER L 77 43.58 6.70 -16.80
C SER L 77 42.88 7.98 -17.32
N LEU L 78 43.13 9.09 -16.63
CA LEU L 78 42.31 10.29 -16.75
C LEU L 78 42.46 10.92 -18.13
N GLN L 79 41.33 11.33 -18.73
CA GLN L 79 41.36 12.12 -19.95
C GLN L 79 41.39 13.61 -19.63
N SER L 80 41.11 14.43 -20.65
CA SER L 80 41.17 15.88 -20.47
C SER L 80 39.82 16.44 -20.00
N GLU L 81 38.71 15.81 -20.38
CA GLU L 81 37.41 16.31 -19.95
C GLU L 81 37.03 15.86 -18.55
N ASP L 82 37.89 15.10 -17.88
CA ASP L 82 37.63 14.65 -16.52
C ASP L 82 38.15 15.63 -15.47
N PHE L 83 38.60 16.81 -15.88
CA PHE L 83 39.05 17.82 -14.94
C PHE L 83 37.84 18.62 -14.45
N ALA L 84 37.49 18.42 -13.18
CA ALA L 84 36.32 19.07 -12.59
C ALA L 84 36.36 18.94 -11.07
N VAL L 85 35.28 19.31 -10.40
CA VAL L 85 35.14 19.13 -8.96
C VAL L 85 34.25 17.91 -8.71
N TYR L 86 34.64 17.08 -7.76
CA TYR L 86 33.92 15.86 -7.43
C TYR L 86 33.38 15.95 -6.02
N PHE L 87 32.08 15.73 -5.88
CA PHE L 87 31.39 15.83 -4.60
C PHE L 87 31.07 14.43 -4.06
N CYS L 88 31.05 14.31 -2.74
CA CYS L 88 30.71 13.07 -2.07
C CYS L 88 29.42 13.28 -1.26
N GLN L 89 28.43 12.44 -1.50
CA GLN L 89 27.15 12.51 -0.81
C GLN L 89 26.88 11.20 -0.08
N GLN L 90 26.29 11.30 1.11
CA GLN L 90 25.70 10.16 1.79
C GLN L 90 24.20 10.36 1.90
N TYR L 91 23.43 9.31 1.63
CA TYR L 91 21.98 9.36 1.71
C TYR L 91 21.42 8.26 2.61
N ASN L 92 22.28 7.69 3.47
CA ASN L 92 21.82 6.73 4.47
C ASN L 92 21.02 7.42 5.56
N ASN L 93 21.52 8.53 6.07
CA ASN L 93 20.85 9.30 7.13
C ASN L 93 20.90 10.77 6.70
N GLY L 94 19.75 11.32 6.33
CA GLY L 94 19.69 12.65 5.79
C GLY L 94 20.31 12.72 4.41
N PHE L 95 20.71 13.94 4.03
CA PHE L 95 21.33 14.19 2.72
C PHE L 95 22.38 15.28 2.93
N THR L 96 23.65 14.88 2.98
CA THR L 96 24.76 15.80 3.17
C THR L 96 25.79 15.59 2.07
N PHE L 97 26.50 16.66 1.73
CA PHE L 97 27.51 16.64 0.69
C PHE L 97 28.89 16.91 1.27
N GLY L 98 29.91 16.47 0.54
CA GLY L 98 31.27 16.81 0.88
C GLY L 98 31.66 18.17 0.33
N PRO L 99 32.79 18.69 0.83
CA PRO L 99 33.26 20.01 0.35
C PRO L 99 33.65 20.03 -1.10
N GLY L 100 33.99 18.89 -1.70
CA GLY L 100 34.40 18.85 -3.09
C GLY L 100 35.91 18.76 -3.25
N THR L 101 36.37 18.06 -4.28
CA THR L 101 37.78 17.88 -4.56
C THR L 101 38.08 18.34 -5.98
N LYS L 102 39.13 19.14 -6.12
CA LYS L 102 39.56 19.64 -7.42
C LYS L 102 40.64 18.73 -8.01
N VAL L 103 40.49 18.41 -9.30
CA VAL L 103 41.53 17.76 -10.07
C VAL L 103 42.00 18.75 -11.13
N ASP L 104 43.31 18.95 -11.22
CA ASP L 104 43.87 19.98 -12.09
C ASP L 104 45.10 19.45 -12.80
N PHE L 105 45.46 20.12 -13.89
CA PHE L 105 46.61 19.72 -14.70
C PHE L 105 47.89 19.91 -13.90
N LYS L 106 48.81 18.96 -14.02
CA LYS L 106 50.06 19.01 -13.28
C LYS L 106 51.12 19.82 -14.03
N GLN M 1 15.37 11.16 -23.03
CA GLN M 1 15.88 12.52 -22.91
C GLN M 1 15.18 13.27 -21.78
N VAL M 2 15.81 13.29 -20.61
CA VAL M 2 15.25 13.91 -19.43
C VAL M 2 15.84 15.30 -19.29
N GLN M 3 14.97 16.31 -19.34
CA GLN M 3 15.38 17.71 -19.23
C GLN M 3 14.65 18.36 -18.05
N LEU M 4 15.41 19.01 -17.18
CA LEU M 4 14.85 19.77 -16.06
C LEU M 4 15.31 21.21 -16.20
N VAL M 5 14.35 22.14 -16.24
CA VAL M 5 14.63 23.56 -16.40
C VAL M 5 13.95 24.30 -15.25
N GLU M 6 14.66 25.23 -14.65
CA GLU M 6 14.11 26.01 -13.54
C GLU M 6 13.81 27.43 -13.99
N SER M 7 12.95 28.10 -13.23
CA SER M 7 12.59 29.48 -13.50
C SER M 7 12.29 30.18 -12.18
N GLY M 8 11.78 31.40 -12.28
CA GLY M 8 11.43 32.16 -11.10
C GLY M 8 12.59 32.80 -10.37
N GLY M 9 13.80 32.66 -10.88
CA GLY M 9 14.97 33.25 -10.25
C GLY M 9 15.00 34.76 -10.39
N GLY M 10 15.95 35.36 -9.70
CA GLY M 10 16.11 36.80 -9.72
C GLY M 10 16.71 37.28 -8.41
N VAL M 11 16.48 38.56 -8.13
CA VAL M 11 17.01 39.22 -6.95
C VAL M 11 15.84 39.76 -6.12
N VAL M 12 15.88 39.49 -4.81
CA VAL M 12 14.85 39.94 -3.89
C VAL M 12 15.52 40.54 -2.65
N GLN M 13 14.75 41.33 -1.91
CA GLN M 13 15.24 41.90 -0.67
C GLN M 13 15.03 40.93 0.49
N PRO M 14 15.84 41.01 1.54
CA PRO M 14 15.64 40.14 2.69
C PRO M 14 14.27 40.33 3.32
N GLY M 15 13.68 39.22 3.79
CA GLY M 15 12.38 39.24 4.39
C GLY M 15 11.23 39.11 3.41
N ARG M 16 11.51 39.07 2.11
CA ARG M 16 10.48 38.94 1.09
C ARG M 16 10.38 37.49 0.62
N SER M 17 9.42 37.24 -0.27
CA SER M 17 9.11 35.88 -0.73
C SER M 17 9.42 35.76 -2.20
N LEU M 18 9.98 34.61 -2.60
CA LEU M 18 10.24 34.28 -3.99
C LEU M 18 9.70 32.88 -4.27
N ARG M 19 9.30 32.64 -5.52
CA ARG M 19 8.72 31.37 -5.92
C ARG M 19 9.50 30.81 -7.10
N LEU M 20 10.18 29.70 -6.89
CA LEU M 20 10.88 29.00 -7.96
C LEU M 20 10.02 27.88 -8.51
N SER M 21 10.05 27.71 -9.83
CA SER M 21 9.32 26.65 -10.50
C SER M 21 10.28 25.85 -11.36
N CYS M 22 10.03 24.56 -11.45
CA CYS M 22 10.87 23.63 -12.21
C CYS M 22 10.00 22.79 -13.13
N ALA M 23 10.36 22.76 -14.41
CA ALA M 23 9.61 22.01 -15.41
C ALA M 23 10.35 20.72 -15.73
N ALA M 24 9.60 19.62 -15.75
CA ALA M 24 10.16 18.30 -15.98
C ALA M 24 9.53 17.65 -17.19
N SER M 25 10.35 17.01 -18.02
CA SER M 25 9.88 16.32 -19.21
C SER M 25 10.82 15.18 -19.53
N GLY M 26 10.32 14.21 -20.29
CA GLY M 26 11.11 13.07 -20.68
C GLY M 26 10.98 11.84 -19.79
N PHE M 27 10.04 11.85 -18.85
CA PHE M 27 9.83 10.70 -17.98
C PHE M 27 8.42 10.77 -17.41
N THR M 28 7.98 9.66 -16.83
CA THR M 28 6.72 9.66 -16.10
C THR M 28 6.90 10.46 -14.81
N PHE M 29 6.39 11.69 -14.80
CA PHE M 29 6.66 12.61 -13.70
C PHE M 29 6.07 12.10 -12.39
N ARG M 30 4.86 11.54 -12.46
CA ARG M 30 4.13 11.17 -11.25
C ARG M 30 4.64 9.91 -10.58
N ASN M 31 5.67 9.26 -11.13
CA ASN M 31 6.22 8.04 -10.55
C ASN M 31 7.49 8.26 -9.75
N PHE M 32 7.99 9.48 -9.65
CA PHE M 32 9.27 9.74 -9.00
C PHE M 32 9.15 10.90 -8.03
N GLY M 33 10.04 10.91 -7.03
CA GLY M 33 10.12 11.99 -6.07
C GLY M 33 11.23 12.95 -6.46
N MET M 34 10.94 14.24 -6.33
CA MET M 34 11.83 15.30 -6.78
C MET M 34 12.46 16.01 -5.59
N HIS M 35 13.65 16.56 -5.82
CA HIS M 35 14.43 17.21 -4.78
C HIS M 35 14.76 18.63 -5.23
N TRP M 36 15.04 19.49 -4.25
CA TRP M 36 15.68 20.77 -4.47
C TRP M 36 17.04 20.77 -3.77
N VAL M 37 18.09 21.10 -4.50
CA VAL M 37 19.45 21.05 -3.99
C VAL M 37 20.09 22.41 -4.20
N ARG M 38 20.80 22.89 -3.18
CA ARG M 38 21.32 24.25 -3.15
C ARG M 38 22.83 24.24 -3.24
N GLN M 39 23.38 25.17 -4.01
CA GLN M 39 24.83 25.32 -4.19
C GLN M 39 25.22 26.75 -3.88
N THR M 40 25.85 26.96 -2.73
CA THR M 40 26.38 28.27 -2.35
C THR M 40 27.90 28.25 -2.49
N PRO M 41 28.50 29.16 -3.23
CA PRO M 41 29.97 29.18 -3.33
C PRO M 41 30.61 29.37 -1.96
N GLY M 42 31.70 28.64 -1.73
CA GLY M 42 32.39 28.67 -0.46
C GLY M 42 31.85 27.72 0.58
N LYS M 43 30.67 27.15 0.38
CA LYS M 43 30.06 26.20 1.31
C LYS M 43 29.94 24.80 0.74
N GLY M 44 29.73 24.67 -0.56
CA GLY M 44 29.52 23.38 -1.18
C GLY M 44 28.07 23.15 -1.55
N LEU M 45 27.78 21.90 -1.91
CA LEU M 45 26.43 21.50 -2.28
C LEU M 45 25.60 21.26 -1.01
N GLU M 46 24.32 21.61 -1.07
CA GLU M 46 23.44 21.50 0.09
C GLU M 46 22.05 21.08 -0.35
N TRP M 47 21.43 20.20 0.43
CA TRP M 47 20.07 19.75 0.17
C TRP M 47 19.06 20.69 0.84
N VAL M 48 17.89 20.83 0.22
CA VAL M 48 16.85 21.74 0.67
C VAL M 48 15.57 21.01 1.04
N ALA M 49 14.98 20.31 0.08
CA ALA M 49 13.67 19.70 0.31
C ALA M 49 13.47 18.50 -0.60
N VAL M 50 12.46 17.69 -0.26
CA VAL M 50 12.08 16.52 -1.03
C VAL M 50 10.57 16.36 -0.95
N ILE M 51 9.97 15.85 -2.02
CA ILE M 51 8.54 15.60 -2.08
C ILE M 51 8.30 14.21 -2.66
N TRP M 52 7.35 13.49 -2.08
CA TRP M 52 7.00 12.15 -2.53
C TRP M 52 6.40 12.21 -3.93
N HIS M 53 6.13 11.03 -4.50
CA HIS M 53 5.63 10.95 -5.87
C HIS M 53 4.28 11.65 -6.01
N ASP M 54 3.37 11.42 -5.06
CA ASP M 54 2.06 12.05 -5.07
C ASP M 54 1.98 13.25 -4.14
N GLY M 55 3.10 13.65 -3.55
CA GLY M 55 3.10 14.77 -2.64
C GLY M 55 2.55 14.49 -1.26
N SER M 56 2.55 13.23 -0.82
CA SER M 56 2.02 12.90 0.50
C SER M 56 2.96 13.37 1.60
N ASN M 57 4.26 13.16 1.42
CA ASN M 57 5.26 13.52 2.41
C ASN M 57 6.21 14.57 1.85
N LYS M 58 6.55 15.55 2.69
CA LYS M 58 7.49 16.59 2.34
C LYS M 58 8.48 16.75 3.48
N PHE M 59 9.77 16.73 3.16
CA PHE M 59 10.82 16.85 4.17
C PHE M 59 11.76 17.98 3.77
N TYR M 60 12.03 18.87 4.71
CA TYR M 60 12.90 20.02 4.48
C TYR M 60 14.14 19.93 5.34
N ALA M 61 15.21 20.60 4.91
CA ALA M 61 16.43 20.67 5.70
C ALA M 61 16.21 21.53 6.93
N ASP M 62 17.13 21.40 7.89
CA ASP M 62 17.02 22.17 9.13
C ASP M 62 17.10 23.67 8.84
N SER M 63 18.04 24.09 7.99
CA SER M 63 18.24 25.50 7.72
C SER M 63 17.04 26.15 7.04
N VAL M 64 16.16 25.36 6.41
CA VAL M 64 15.02 25.89 5.68
C VAL M 64 13.70 25.46 6.28
N GLU M 65 13.74 24.71 7.39
CA GLU M 65 12.52 24.20 8.00
C GLU M 65 11.66 25.34 8.53
N GLY M 66 10.39 25.37 8.12
CA GLY M 66 9.45 26.37 8.57
C GLY M 66 9.33 27.59 7.68
N ARG M 67 10.28 27.81 6.77
CA ARG M 67 10.23 28.96 5.86
C ARG M 67 9.94 28.57 4.42
N PHE M 68 10.58 27.52 3.91
CA PHE M 68 10.36 27.07 2.55
C PHE M 68 9.17 26.12 2.49
N THR M 69 8.62 25.96 1.29
CA THR M 69 7.51 25.06 1.04
C THR M 69 7.63 24.48 -0.36
N ILE M 70 7.64 23.16 -0.46
CA ILE M 70 7.76 22.47 -1.74
C ILE M 70 6.41 21.86 -2.09
N SER M 71 6.07 21.92 -3.37
CA SER M 71 4.81 21.36 -3.85
C SER M 71 5.02 20.85 -5.27
N ARG M 72 3.98 20.24 -5.82
CA ARG M 72 4.06 19.69 -7.17
C ARG M 72 2.66 19.57 -7.75
N ASP M 73 2.59 19.57 -9.08
CA ASP M 73 1.35 19.35 -9.81
C ASP M 73 1.62 18.31 -10.88
N ASN M 74 1.15 17.08 -10.65
CA ASN M 74 1.40 15.99 -11.58
C ASN M 74 0.67 16.17 -12.90
N SER M 75 -0.28 17.09 -12.99
CA SER M 75 -0.97 17.37 -14.23
C SER M 75 -0.24 18.37 -15.12
N LYS M 76 0.74 19.09 -14.57
CA LYS M 76 1.53 20.03 -15.35
C LYS M 76 3.01 19.66 -15.38
N ASN M 77 3.41 18.59 -14.69
CA ASN M 77 4.80 18.12 -14.69
C ASN M 77 5.77 19.21 -14.23
N MET M 78 5.38 19.90 -13.16
CA MET M 78 6.16 21.03 -12.65
C MET M 78 6.38 20.88 -11.15
N ILE M 79 7.54 21.34 -10.71
CA ILE M 79 7.93 21.31 -9.30
C ILE M 79 8.16 22.75 -8.83
N TYR M 80 7.56 23.08 -7.69
CA TYR M 80 7.61 24.43 -7.16
C TYR M 80 8.38 24.44 -5.84
N LEU M 81 8.80 25.63 -5.44
CA LEU M 81 9.47 25.84 -4.15
C LEU M 81 9.19 27.26 -3.69
N GLN M 82 8.26 27.42 -2.76
CA GLN M 82 7.90 28.72 -2.20
C GLN M 82 8.92 29.06 -1.13
N MET M 83 9.63 30.18 -1.31
CA MET M 83 10.70 30.60 -0.42
C MET M 83 10.22 31.83 0.36
N ASN M 84 9.55 31.59 1.48
CA ASN M 84 9.06 32.67 2.30
C ASN M 84 10.12 33.07 3.35
N SER M 85 10.06 34.34 3.75
CA SER M 85 10.97 34.90 4.76
C SER M 85 12.42 34.67 4.39
N LEU M 86 12.78 35.10 3.18
CA LEU M 86 14.14 34.89 2.69
C LEU M 86 15.14 35.70 3.51
N ARG M 87 16.36 35.19 3.58
CA ARG M 87 17.46 35.84 4.30
C ARG M 87 18.70 35.85 3.41
N VAL M 88 19.72 36.59 3.86
CA VAL M 88 20.93 36.75 3.06
C VAL M 88 21.69 35.44 2.94
N GLU M 89 21.44 34.49 3.85
CA GLU M 89 22.09 33.19 3.79
C GLU M 89 21.55 32.31 2.67
N ASP M 90 20.48 32.71 2.00
CA ASP M 90 19.85 31.91 0.97
C ASP M 90 20.32 32.28 -0.44
N THR M 91 21.39 33.03 -0.58
CA THR M 91 21.89 33.41 -1.89
C THR M 91 22.71 32.26 -2.48
N ALA M 92 22.16 31.60 -3.49
CA ALA M 92 22.80 30.43 -4.07
C ALA M 92 22.08 30.05 -5.36
N ILE M 93 22.64 29.06 -6.05
CA ILE M 93 22.02 28.48 -7.23
C ILE M 93 21.20 27.27 -6.80
N TYR M 94 19.94 27.23 -7.22
CA TYR M 94 19.00 26.19 -6.81
C TYR M 94 18.76 25.25 -7.97
N TYR M 95 19.05 23.97 -7.75
CA TYR M 95 18.93 22.94 -8.78
C TYR M 95 17.66 22.12 -8.58
N CYS M 96 17.06 21.70 -9.69
CA CYS M 96 15.96 20.74 -9.67
C CYS M 96 16.51 19.35 -9.95
N ALA M 97 16.50 18.49 -8.94
CA ALA M 97 17.11 17.18 -9.05
C ALA M 97 16.07 16.08 -8.86
N ARG M 98 16.14 15.06 -9.71
CA ARG M 98 15.27 13.90 -9.61
C ARG M 98 15.98 12.79 -8.84
N ASP M 99 15.21 12.05 -8.05
CA ASP M 99 15.78 11.00 -7.22
C ASP M 99 15.95 9.71 -8.03
N SER M 100 17.17 9.17 -8.01
CA SER M 100 17.51 7.87 -8.58
C SER M 100 17.45 7.84 -10.10
N LEU M 101 18.24 6.96 -10.71
CA LEU M 101 18.17 6.73 -12.14
C LEU M 101 16.91 5.96 -12.51
N PHE M 102 16.59 4.93 -11.73
CA PHE M 102 15.40 4.12 -11.91
C PHE M 102 14.90 3.72 -10.53
N TYR M 103 13.80 2.98 -10.49
CA TYR M 103 13.22 2.55 -9.23
C TYR M 103 14.03 1.39 -8.67
N ASP M 104 14.60 1.59 -7.48
CA ASP M 104 15.19 0.51 -6.69
C ASP M 104 14.71 0.73 -5.26
N HIS M 105 14.12 -0.30 -4.67
CA HIS M 105 13.49 -0.14 -3.35
C HIS M 105 14.51 0.16 -2.27
N ASP M 106 15.67 -0.49 -2.33
CA ASP M 106 16.69 -0.35 -1.30
C ASP M 106 17.74 0.71 -1.63
N ASN M 107 17.63 1.37 -2.79
CA ASN M 107 18.60 2.37 -3.20
C ASN M 107 17.86 3.57 -3.75
N SER M 108 17.63 4.58 -2.90
CA SER M 108 17.00 5.81 -3.32
C SER M 108 17.51 6.95 -2.45
N GLY M 109 17.42 8.17 -2.97
CA GLY M 109 17.93 9.34 -2.31
C GLY M 109 19.13 10.00 -2.97
N TYR M 110 19.66 9.43 -4.04
CA TYR M 110 20.73 10.02 -4.81
C TYR M 110 20.16 10.71 -6.05
N TYR M 111 20.80 11.81 -6.45
CA TYR M 111 20.27 12.68 -7.49
C TYR M 111 20.83 12.25 -8.84
N GLY M 112 20.10 11.38 -9.53
CA GLY M 112 20.57 10.92 -10.83
C GLY M 112 20.60 12.03 -11.86
N TYR M 113 19.51 12.80 -11.94
CA TYR M 113 19.32 13.77 -13.03
C TYR M 113 19.14 15.15 -12.42
N TRP M 114 19.93 16.10 -12.89
CA TRP M 114 19.90 17.48 -12.41
C TRP M 114 19.41 18.44 -13.50
N GLY M 115 18.83 19.55 -13.06
CA GLY M 115 18.52 20.65 -13.94
C GLY M 115 19.70 21.60 -14.09
N GLN M 116 19.54 22.59 -14.96
CA GLN M 116 20.61 23.55 -15.19
C GLN M 116 20.82 24.50 -14.02
N GLY M 117 19.81 24.71 -13.19
CA GLY M 117 19.96 25.57 -12.03
C GLY M 117 19.53 26.99 -12.29
N THR M 118 18.99 27.62 -11.24
CA THR M 118 18.57 29.00 -11.29
C THR M 118 19.20 29.76 -10.13
N LEU M 119 19.44 31.05 -10.34
CA LEU M 119 20.15 31.89 -9.39
C LEU M 119 19.17 32.74 -8.60
N VAL M 120 19.25 32.67 -7.27
CA VAL M 120 18.44 33.48 -6.37
C VAL M 120 19.38 34.32 -5.53
N THR M 121 19.24 35.64 -5.63
CA THR M 121 20.07 36.58 -4.90
C THR M 121 19.22 37.36 -3.92
N VAL M 122 19.63 37.37 -2.65
CA VAL M 122 18.96 38.12 -1.60
C VAL M 122 19.91 39.22 -1.14
N SER M 123 19.52 40.47 -1.39
CA SER M 123 20.35 41.61 -1.03
C SER M 123 19.52 42.88 -1.18
N SER M 124 20.10 44.00 -0.77
CA SER M 124 19.44 45.29 -0.88
C SER M 124 20.22 46.22 -1.80
N GLN N 1 -5.23 -18.96 -3.64
CA GLN N 1 -5.36 -17.90 -2.64
C GLN N 1 -4.99 -18.43 -1.25
N ILE N 2 -6.01 -18.67 -0.43
CA ILE N 2 -5.82 -19.15 0.92
C ILE N 2 -6.37 -20.57 1.02
N VAL N 3 -5.53 -21.49 1.49
CA VAL N 3 -5.95 -22.88 1.67
C VAL N 3 -6.49 -23.05 3.08
N MET N 4 -7.73 -23.51 3.19
CA MET N 4 -8.41 -23.64 4.47
C MET N 4 -8.55 -25.10 4.85
N THR N 5 -8.06 -25.44 6.05
CA THR N 5 -8.10 -26.80 6.55
C THR N 5 -8.79 -26.84 7.90
N GLN N 6 -9.62 -27.87 8.10
CA GLN N 6 -10.32 -28.09 9.36
C GLN N 6 -9.87 -29.41 9.96
N SER N 7 -9.79 -29.44 11.29
CA SER N 7 -9.36 -30.62 12.01
C SER N 7 -10.01 -30.65 13.38
N PRO N 8 -10.51 -31.81 13.83
CA PRO N 8 -10.57 -33.09 13.11
C PRO N 8 -11.74 -33.15 12.14
N ALA N 9 -11.78 -34.15 11.27
CA ALA N 9 -12.86 -34.24 10.29
C ALA N 9 -14.20 -34.49 10.98
N THR N 10 -14.22 -35.33 12.01
CA THR N 10 -15.46 -35.64 12.71
C THR N 10 -15.16 -35.73 14.20
N VAL N 11 -16.04 -35.11 15.00
CA VAL N 11 -15.92 -35.15 16.45
C VAL N 11 -17.14 -35.87 17.02
N SER N 12 -16.87 -36.73 18.00
CA SER N 12 -17.92 -37.49 18.68
C SER N 12 -18.26 -36.80 19.99
N VAL N 13 -19.51 -36.41 20.14
CA VAL N 13 -19.97 -35.65 21.30
C VAL N 13 -21.39 -36.08 21.65
N SER N 14 -21.75 -35.96 22.92
CA SER N 14 -23.09 -36.27 23.42
C SER N 14 -23.82 -34.97 23.76
N PRO N 15 -25.16 -34.99 23.76
CA PRO N 15 -25.89 -33.77 24.14
C PRO N 15 -25.53 -33.31 25.55
N GLY N 16 -25.41 -32.00 25.71
CA GLY N 16 -24.98 -31.41 26.97
C GLY N 16 -23.49 -31.28 27.12
N GLU N 17 -22.71 -31.97 26.29
CA GLU N 17 -21.26 -31.91 26.34
C GLU N 17 -20.76 -30.81 25.40
N ARG N 18 -19.72 -30.12 25.83
CA ARG N 18 -19.17 -29.02 25.04
C ARG N 18 -18.34 -29.56 23.90
N ALA N 19 -18.65 -29.12 22.68
CA ALA N 19 -17.95 -29.55 21.48
C ALA N 19 -17.17 -28.37 20.90
N THR N 20 -15.98 -28.65 20.38
CA THR N 20 -15.10 -27.64 19.81
C THR N 20 -14.73 -28.03 18.39
N LEU N 21 -14.50 -27.02 17.55
CA LEU N 21 -14.07 -27.20 16.17
C LEU N 21 -12.92 -26.26 15.89
N SER N 22 -11.97 -26.72 15.08
CA SER N 22 -10.77 -25.94 14.77
C SER N 22 -10.70 -25.63 13.29
N CYS N 23 -10.18 -24.44 12.98
CA CYS N 23 -9.98 -24.00 11.61
C CYS N 23 -8.61 -23.35 11.49
N ARG N 24 -7.88 -23.69 10.42
CA ARG N 24 -6.52 -23.21 10.21
C ARG N 24 -6.38 -22.64 8.81
N ALA N 25 -5.62 -21.56 8.69
CA ALA N 25 -5.36 -20.91 7.41
C ALA N 25 -3.89 -21.02 7.06
N SER N 26 -3.62 -21.14 5.74
CA SER N 26 -2.24 -21.23 5.28
C SER N 26 -1.46 -19.95 5.57
N ARG N 27 -2.08 -18.79 5.34
CA ARG N 27 -1.45 -17.50 5.61
C ARG N 27 -2.36 -16.69 6.52
N SER N 28 -1.88 -15.50 6.88
CA SER N 28 -2.62 -14.63 7.79
C SER N 28 -3.97 -14.24 7.21
N VAL N 29 -5.00 -14.28 8.04
CA VAL N 29 -6.37 -13.92 7.66
C VAL N 29 -6.90 -12.77 8.51
N THR N 30 -6.16 -12.42 9.58
CA THR N 30 -6.54 -11.41 10.56
C THR N 30 -7.83 -11.79 11.27
N SER N 31 -8.89 -10.99 11.09
CA SER N 31 -10.14 -11.18 11.82
C SER N 31 -11.33 -11.24 10.88
N LYS N 32 -11.16 -11.83 9.70
CA LYS N 32 -12.22 -11.96 8.72
C LYS N 32 -12.46 -13.45 8.45
N LEU N 33 -13.34 -14.05 9.24
CA LEU N 33 -13.60 -15.49 9.15
C LEU N 33 -15.00 -15.80 9.65
N ALA N 34 -15.78 -16.49 8.81
CA ALA N 34 -17.16 -16.80 9.11
C ALA N 34 -17.34 -18.30 9.25
N TRP N 35 -18.27 -18.69 10.13
CA TRP N 35 -18.63 -20.09 10.34
C TRP N 35 -20.05 -20.32 9.86
N TYR N 36 -20.24 -21.39 9.10
CA TYR N 36 -21.55 -21.74 8.57
C TYR N 36 -21.94 -23.13 9.05
N GLN N 37 -23.24 -23.31 9.28
CA GLN N 37 -23.80 -24.60 9.71
C GLN N 37 -24.72 -25.11 8.61
N GLN N 38 -24.44 -26.31 8.12
CA GLN N 38 -25.25 -26.94 7.08
C GLN N 38 -25.84 -28.23 7.62
N LYS N 39 -27.17 -28.31 7.66
CA LYS N 39 -27.84 -29.54 7.99
C LYS N 39 -28.17 -30.32 6.72
N PRO N 40 -28.28 -31.65 6.81
CA PRO N 40 -28.54 -32.44 5.59
C PRO N 40 -29.81 -31.99 4.88
N GLY N 41 -29.67 -31.69 3.60
CA GLY N 41 -30.79 -31.22 2.80
C GLY N 41 -31.10 -29.74 2.93
N GLN N 42 -30.25 -28.97 3.59
CA GLN N 42 -30.49 -27.55 3.83
C GLN N 42 -29.28 -26.72 3.42
N ALA N 43 -29.53 -25.45 3.12
CA ALA N 43 -28.49 -24.51 2.78
C ALA N 43 -27.71 -24.11 4.04
N PRO N 44 -26.44 -23.76 3.90
CA PRO N 44 -25.65 -23.35 5.06
C PRO N 44 -26.25 -22.10 5.71
N ARG N 45 -26.08 -22.00 7.03
CA ARG N 45 -26.60 -20.90 7.81
C ARG N 45 -25.45 -20.17 8.50
N LEU N 46 -25.48 -18.85 8.45
CA LEU N 46 -24.41 -18.04 9.03
C LEU N 46 -24.58 -17.99 10.54
N LEU N 47 -23.62 -18.57 11.26
CA LEU N 47 -23.61 -18.51 12.71
C LEU N 47 -22.77 -17.34 13.20
N ILE N 48 -21.49 -17.34 12.80
CA ILE N 48 -20.54 -16.37 13.28
C ILE N 48 -19.89 -15.68 12.09
N TYR N 49 -19.57 -14.40 12.25
CA TYR N 49 -18.89 -13.63 11.21
C TYR N 49 -17.87 -12.73 11.87
N GLY N 50 -16.94 -12.21 11.08
CA GLY N 50 -15.81 -11.50 11.64
C GLY N 50 -14.80 -12.48 12.21
N ALA N 51 -14.69 -12.53 13.53
CA ALA N 51 -13.94 -13.62 14.17
C ALA N 51 -14.76 -14.20 15.32
N SER N 52 -15.61 -13.37 15.93
CA SER N 52 -16.43 -13.79 17.05
C SER N 52 -17.85 -13.24 17.03
N THR N 53 -18.16 -12.24 16.20
CA THR N 53 -19.48 -11.64 16.20
C THR N 53 -20.53 -12.66 15.76
N ARG N 54 -21.67 -12.65 16.44
CA ARG N 54 -22.72 -13.64 16.25
C ARG N 54 -23.83 -13.06 15.39
N ALA N 55 -24.30 -13.85 14.42
CA ALA N 55 -25.40 -13.42 13.57
C ALA N 55 -26.68 -13.29 14.40
N THR N 56 -27.55 -12.38 13.97
CA THR N 56 -28.83 -12.18 14.65
C THR N 56 -29.66 -13.45 14.64
N GLY N 57 -30.22 -13.79 15.79
CA GLY N 57 -31.01 -14.99 15.95
C GLY N 57 -30.22 -16.22 16.34
N ILE N 58 -28.90 -16.13 16.37
CA ILE N 58 -28.06 -17.27 16.76
C ILE N 58 -27.98 -17.32 18.28
N PRO N 59 -28.30 -18.46 18.90
CA PRO N 59 -28.22 -18.55 20.36
C PRO N 59 -26.80 -18.28 20.86
N ALA N 60 -26.71 -17.71 22.06
CA ALA N 60 -25.42 -17.48 22.69
C ALA N 60 -24.66 -18.77 22.96
N ARG N 61 -25.26 -19.92 22.69
CA ARG N 61 -24.58 -21.20 22.83
C ARG N 61 -23.33 -21.27 21.97
N PHE N 62 -23.35 -20.66 20.79
CA PHE N 62 -22.25 -20.72 19.84
C PHE N 62 -21.24 -19.63 20.18
N SER N 63 -19.98 -20.02 20.34
CA SER N 63 -18.92 -19.08 20.69
C SER N 63 -17.73 -19.31 19.78
N GLY N 64 -17.33 -18.28 19.05
CA GLY N 64 -16.15 -18.34 18.22
C GLY N 64 -15.06 -17.39 18.71
N SER N 65 -13.82 -17.70 18.36
CA SER N 65 -12.69 -16.89 18.76
C SER N 65 -11.51 -17.20 17.85
N GLY N 66 -10.42 -16.48 18.06
CA GLY N 66 -9.19 -16.68 17.32
C GLY N 66 -8.95 -15.58 16.30
N SER N 67 -7.69 -15.50 15.88
CA SER N 67 -7.26 -14.51 14.90
C SER N 67 -5.99 -15.00 14.22
N GLY N 68 -5.73 -14.46 13.04
CA GLY N 68 -4.56 -14.87 12.29
C GLY N 68 -4.74 -16.18 11.55
N THR N 69 -4.10 -17.24 12.05
CA THR N 69 -4.18 -18.56 11.43
C THR N 69 -4.75 -19.62 12.34
N GLU N 70 -5.41 -19.24 13.44
CA GLU N 70 -5.98 -20.20 14.39
C GLU N 70 -7.36 -19.70 14.78
N PHE N 71 -8.40 -20.38 14.30
CA PHE N 71 -9.78 -20.04 14.60
C PHE N 71 -10.52 -21.26 15.13
N THR N 72 -11.34 -21.04 16.14
CA THR N 72 -12.07 -22.13 16.79
C THR N 72 -13.54 -21.75 16.93
N LEU N 73 -14.40 -22.76 16.80
CA LEU N 73 -15.82 -22.62 17.05
C LEU N 73 -16.20 -23.55 18.20
N THR N 74 -16.73 -22.98 19.27
CA THR N 74 -17.02 -23.70 20.50
C THR N 74 -18.51 -23.68 20.78
N ILE N 75 -19.09 -24.84 21.04
CA ILE N 75 -20.48 -24.98 21.43
C ILE N 75 -20.50 -25.32 22.91
N SER N 76 -21.03 -24.42 23.73
CA SER N 76 -20.95 -24.58 25.18
C SER N 76 -21.71 -25.80 25.68
N SER N 77 -22.98 -25.93 25.31
CA SER N 77 -23.77 -27.09 25.73
C SER N 77 -24.56 -27.57 24.50
N LEU N 78 -23.94 -28.45 23.72
CA LEU N 78 -24.49 -28.86 22.42
C LEU N 78 -25.81 -29.58 22.62
N GLN N 79 -26.86 -29.08 21.99
CA GLN N 79 -28.19 -29.66 22.09
C GLN N 79 -28.41 -30.68 20.97
N SER N 80 -29.67 -31.10 20.83
CA SER N 80 -30.00 -32.14 19.84
C SER N 80 -30.00 -31.58 18.43
N GLU N 81 -30.40 -30.32 18.26
CA GLU N 81 -30.48 -29.73 16.92
C GLU N 81 -29.13 -29.25 16.41
N ASP N 82 -28.09 -29.27 17.24
CA ASP N 82 -26.77 -28.78 16.86
C ASP N 82 -25.91 -29.83 16.16
N PHE N 83 -26.52 -30.86 15.60
CA PHE N 83 -25.79 -31.90 14.90
C PHE N 83 -25.81 -31.63 13.40
N ALA N 84 -24.67 -31.20 12.86
CA ALA N 84 -24.54 -30.86 11.44
C ALA N 84 -23.07 -30.73 11.07
N VAL N 85 -22.80 -30.31 9.84
CA VAL N 85 -21.44 -30.10 9.35
C VAL N 85 -21.18 -28.59 9.31
N TYR N 86 -20.06 -28.17 9.88
CA TYR N 86 -19.74 -26.75 10.03
C TYR N 86 -18.60 -26.39 9.09
N PHE N 87 -18.77 -25.29 8.36
CA PHE N 87 -17.81 -24.84 7.36
C PHE N 87 -17.09 -23.59 7.84
N CYS N 88 -15.84 -23.44 7.44
CA CYS N 88 -15.01 -22.30 7.79
C CYS N 88 -14.64 -21.54 6.53
N GLN N 89 -14.97 -20.24 6.50
CA GLN N 89 -14.70 -19.40 5.34
C GLN N 89 -13.84 -18.21 5.75
N GLN N 90 -12.94 -17.81 4.87
CA GLN N 90 -12.20 -16.56 5.00
C GLN N 90 -12.53 -15.64 3.83
N TYR N 91 -12.64 -14.35 4.12
CA TYR N 91 -12.89 -13.34 3.10
C TYR N 91 -11.88 -12.20 3.16
N ASN N 92 -10.68 -12.50 3.65
CA ASN N 92 -9.61 -11.51 3.68
C ASN N 92 -8.91 -11.41 2.32
N ASN N 93 -8.52 -12.55 1.77
CA ASN N 93 -7.89 -12.63 0.45
C ASN N 93 -8.67 -13.67 -0.34
N GLY N 94 -9.56 -13.21 -1.20
CA GLY N 94 -10.43 -14.10 -1.94
C GLY N 94 -11.58 -14.60 -1.09
N PHE N 95 -12.18 -15.71 -1.54
CA PHE N 95 -13.32 -16.33 -0.86
C PHE N 95 -13.14 -17.84 -0.96
N THR N 96 -12.53 -18.42 0.07
CA THR N 96 -12.26 -19.85 0.13
C THR N 96 -12.93 -20.46 1.35
N PHE N 97 -13.42 -21.70 1.19
CA PHE N 97 -14.08 -22.44 2.24
C PHE N 97 -13.18 -23.56 2.75
N GLY N 98 -13.53 -24.08 3.93
CA GLY N 98 -12.89 -25.25 4.45
C GLY N 98 -13.61 -26.52 4.05
N PRO N 99 -12.94 -27.66 4.22
CA PRO N 99 -13.57 -28.94 3.88
C PRO N 99 -14.82 -29.25 4.70
N GLY N 100 -14.92 -28.72 5.92
CA GLY N 100 -16.08 -28.96 6.75
C GLY N 100 -15.87 -30.05 7.77
N THR N 101 -16.33 -29.82 9.00
CA THR N 101 -16.20 -30.79 10.09
C THR N 101 -17.60 -31.16 10.55
N LYS N 102 -17.87 -32.46 10.64
CA LYS N 102 -19.19 -32.96 11.01
C LYS N 102 -19.21 -33.39 12.46
N VAL N 103 -20.23 -32.97 13.20
CA VAL N 103 -20.46 -33.42 14.57
C VAL N 103 -21.57 -34.47 14.52
N ASP N 104 -21.38 -35.55 15.27
CA ASP N 104 -22.32 -36.68 15.23
C ASP N 104 -22.57 -37.21 16.64
N PHE N 105 -23.60 -38.03 16.76
CA PHE N 105 -23.97 -38.61 18.04
C PHE N 105 -22.87 -39.52 18.55
N LYS N 106 -22.71 -39.57 19.87
CA LYS N 106 -21.71 -40.44 20.49
C LYS N 106 -22.38 -41.71 21.03
N GLN O 1 -37.62 -10.74 6.49
CA GLN O 1 -37.75 -12.04 5.85
C GLN O 1 -37.06 -12.04 4.48
N VAL O 2 -35.75 -12.23 4.49
CA VAL O 2 -34.96 -12.26 3.24
C VAL O 2 -35.10 -13.67 2.67
N GLN O 3 -35.72 -13.77 1.49
CA GLN O 3 -36.00 -15.04 0.84
C GLN O 3 -35.38 -15.04 -0.55
N LEU O 4 -34.58 -16.05 -0.84
CA LEU O 4 -33.92 -16.19 -2.13
C LEU O 4 -34.34 -17.50 -2.77
N VAL O 5 -34.85 -17.43 -4.00
CA VAL O 5 -35.37 -18.60 -4.71
C VAL O 5 -34.58 -18.74 -6.00
N GLU O 6 -33.78 -19.80 -6.08
CA GLU O 6 -33.05 -20.10 -7.30
C GLU O 6 -33.96 -20.81 -8.30
N SER O 7 -33.55 -20.80 -9.56
CA SER O 7 -34.29 -21.47 -10.63
C SER O 7 -33.35 -21.72 -11.80
N GLY O 8 -33.91 -22.25 -12.89
CA GLY O 8 -33.15 -22.47 -14.09
C GLY O 8 -32.26 -23.69 -14.09
N GLY O 9 -32.33 -24.53 -13.05
CA GLY O 9 -31.52 -25.73 -12.99
C GLY O 9 -32.06 -26.83 -13.89
N GLY O 10 -31.31 -27.92 -13.93
CA GLY O 10 -31.68 -29.05 -14.75
C GLY O 10 -30.46 -29.83 -15.19
N VAL O 11 -30.62 -30.53 -16.31
CA VAL O 11 -29.57 -31.37 -16.87
C VAL O 11 -29.23 -30.85 -18.27
N VAL O 12 -27.94 -30.70 -18.54
CA VAL O 12 -27.45 -30.25 -19.84
C VAL O 12 -26.26 -31.09 -20.24
N GLN O 13 -25.95 -31.05 -21.56
CA GLN O 13 -24.78 -31.75 -22.09
C GLN O 13 -23.55 -30.87 -21.97
N PRO O 14 -22.36 -31.47 -21.83
CA PRO O 14 -21.14 -30.68 -21.75
C PRO O 14 -20.95 -29.83 -22.99
N GLY O 15 -20.44 -28.61 -22.79
CA GLY O 15 -20.24 -27.67 -23.86
C GLY O 15 -21.43 -26.81 -24.21
N ARG O 16 -22.57 -27.02 -23.56
CA ARG O 16 -23.78 -26.26 -23.82
C ARG O 16 -23.93 -25.16 -22.77
N SER O 17 -24.99 -24.36 -22.91
CA SER O 17 -25.20 -23.19 -22.08
C SER O 17 -26.42 -23.37 -21.20
N LEU O 18 -26.27 -23.00 -19.92
CA LEU O 18 -27.37 -23.01 -18.96
C LEU O 18 -27.39 -21.68 -18.23
N ARG O 19 -28.58 -21.15 -17.98
CA ARG O 19 -28.75 -19.86 -17.33
C ARG O 19 -29.54 -20.03 -16.05
N LEU O 20 -28.95 -19.63 -14.92
CA LEU O 20 -29.59 -19.69 -13.62
C LEU O 20 -30.17 -18.32 -13.26
N SER O 21 -31.32 -18.33 -12.59
CA SER O 21 -31.97 -17.11 -12.17
C SER O 21 -32.24 -17.18 -10.67
N CYS O 22 -32.03 -16.05 -9.99
CA CYS O 22 -32.20 -15.96 -8.56
C CYS O 22 -33.13 -14.80 -8.23
N ALA O 23 -34.25 -15.10 -7.61
CA ALA O 23 -35.25 -14.10 -7.23
C ALA O 23 -35.08 -13.74 -5.77
N ALA O 24 -34.96 -12.45 -5.49
CA ALA O 24 -34.75 -11.95 -4.13
C ALA O 24 -35.93 -11.11 -3.69
N SER O 25 -36.29 -11.22 -2.41
CA SER O 25 -37.37 -10.43 -1.82
C SER O 25 -37.11 -10.27 -0.34
N GLY O 26 -37.77 -9.28 0.26
CA GLY O 26 -37.65 -9.02 1.67
C GLY O 26 -36.58 -8.03 2.06
N PHE O 27 -35.94 -7.37 1.10
CA PHE O 27 -34.92 -6.37 1.41
C PHE O 27 -34.77 -5.46 0.18
N THR O 28 -34.12 -4.32 0.40
CA THR O 28 -33.80 -3.42 -0.70
C THR O 28 -32.73 -4.06 -1.57
N PHE O 29 -33.12 -4.49 -2.77
CA PHE O 29 -32.22 -5.29 -3.60
C PHE O 29 -31.03 -4.48 -4.08
N ARG O 30 -31.26 -3.23 -4.48
CA ARG O 30 -30.21 -2.44 -5.13
C ARG O 30 -29.11 -1.98 -4.18
N ASN O 31 -29.28 -2.15 -2.88
CA ASN O 31 -28.31 -1.67 -1.90
C ASN O 31 -27.24 -2.70 -1.57
N PHE O 32 -27.37 -3.95 -2.04
CA PHE O 32 -26.47 -5.01 -1.63
C PHE O 32 -25.92 -5.75 -2.84
N GLY O 33 -24.76 -6.36 -2.64
CA GLY O 33 -24.14 -7.20 -3.65
C GLY O 33 -24.48 -8.66 -3.39
N MET O 34 -24.61 -9.43 -4.47
CA MET O 34 -25.02 -10.82 -4.41
C MET O 34 -23.93 -11.73 -4.93
N HIS O 35 -23.86 -12.94 -4.38
CA HIS O 35 -22.86 -13.91 -4.74
C HIS O 35 -23.51 -15.16 -5.32
N TRP O 36 -22.68 -15.99 -5.94
CA TRP O 36 -23.06 -17.36 -6.30
C TRP O 36 -22.06 -18.31 -5.67
N VAL O 37 -22.57 -19.35 -5.01
CA VAL O 37 -21.74 -20.30 -4.28
C VAL O 37 -22.05 -21.70 -4.80
N ARG O 38 -21.00 -22.50 -4.99
CA ARG O 38 -21.09 -23.83 -5.57
C ARG O 38 -20.71 -24.89 -4.55
N GLN O 39 -21.54 -25.94 -4.45
CA GLN O 39 -21.31 -27.04 -3.52
C GLN O 39 -21.25 -28.34 -4.30
N THR O 40 -20.06 -28.94 -4.36
CA THR O 40 -19.86 -30.25 -4.96
C THR O 40 -19.55 -31.26 -3.86
N PRO O 41 -20.27 -32.38 -3.78
CA PRO O 41 -19.93 -33.39 -2.78
C PRO O 41 -18.52 -33.92 -2.98
N GLY O 42 -17.80 -34.10 -1.87
CA GLY O 42 -16.42 -34.55 -1.91
C GLY O 42 -15.39 -33.45 -1.97
N LYS O 43 -15.79 -32.23 -2.32
CA LYS O 43 -14.88 -31.08 -2.34
C LYS O 43 -15.31 -29.95 -1.42
N GLY O 44 -16.61 -29.78 -1.20
CA GLY O 44 -17.11 -28.76 -0.32
C GLY O 44 -17.66 -27.55 -1.07
N LEU O 45 -17.86 -26.48 -0.30
CA LEU O 45 -18.42 -25.25 -0.85
C LEU O 45 -17.36 -24.51 -1.65
N GLU O 46 -17.79 -23.88 -2.74
CA GLU O 46 -16.89 -23.17 -3.63
C GLU O 46 -17.52 -21.87 -4.09
N TRP O 47 -16.75 -20.79 -4.02
CA TRP O 47 -17.21 -19.49 -4.51
C TRP O 47 -17.11 -19.42 -6.02
N VAL O 48 -18.06 -18.73 -6.65
CA VAL O 48 -18.15 -18.65 -8.09
C VAL O 48 -18.01 -17.22 -8.59
N ALA O 49 -18.92 -16.34 -8.19
CA ALA O 49 -18.92 -14.98 -8.73
C ALA O 49 -19.54 -14.02 -7.73
N VAL O 50 -19.24 -12.74 -7.91
CA VAL O 50 -19.79 -11.66 -7.10
C VAL O 50 -20.08 -10.48 -8.01
N ILE O 51 -21.15 -9.75 -7.70
CA ILE O 51 -21.55 -8.57 -8.46
C ILE O 51 -21.80 -7.42 -7.49
N TRP O 52 -21.39 -6.23 -7.88
CA TRP O 52 -21.55 -5.05 -7.05
C TRP O 52 -23.03 -4.68 -6.92
N HIS O 53 -23.30 -3.63 -6.13
CA HIS O 53 -24.69 -3.23 -5.90
C HIS O 53 -25.33 -2.68 -7.16
N ASP O 54 -24.56 -1.94 -7.96
CA ASP O 54 -25.06 -1.35 -9.20
C ASP O 54 -24.69 -2.16 -10.43
N GLY O 55 -24.00 -3.29 -10.25
CA GLY O 55 -23.55 -4.08 -11.37
C GLY O 55 -22.31 -3.56 -12.06
N SER O 56 -21.61 -2.60 -11.45
CA SER O 56 -20.44 -2.02 -12.10
C SER O 56 -19.29 -3.02 -12.18
N ASN O 57 -19.02 -3.72 -11.07
CA ASN O 57 -17.89 -4.63 -10.99
C ASN O 57 -18.37 -6.07 -10.87
N LYS O 58 -17.67 -6.96 -11.57
CA LYS O 58 -17.95 -8.39 -11.51
C LYS O 58 -16.65 -9.14 -11.35
N PHE O 59 -16.62 -10.10 -10.43
CA PHE O 59 -15.43 -10.90 -10.18
C PHE O 59 -15.82 -12.37 -10.23
N TYR O 60 -14.90 -13.21 -10.72
CA TYR O 60 -15.16 -14.63 -10.87
C TYR O 60 -13.99 -15.44 -10.32
N ALA O 61 -14.29 -16.69 -9.95
CA ALA O 61 -13.23 -17.59 -9.51
C ALA O 61 -12.39 -18.04 -10.70
N ASP O 62 -11.23 -18.63 -10.40
CA ASP O 62 -10.32 -19.07 -11.44
C ASP O 62 -10.97 -20.15 -12.30
N SER O 63 -11.62 -21.14 -11.67
CA SER O 63 -12.19 -22.26 -12.41
C SER O 63 -13.36 -21.86 -13.29
N VAL O 64 -13.94 -20.68 -13.09
CA VAL O 64 -15.08 -20.21 -13.87
C VAL O 64 -14.78 -18.91 -14.59
N GLU O 65 -13.51 -18.50 -14.67
CA GLU O 65 -13.16 -17.24 -15.31
C GLU O 65 -13.29 -17.37 -16.82
N GLY O 66 -14.04 -16.43 -17.42
CA GLY O 66 -14.23 -16.40 -18.85
C GLY O 66 -15.34 -17.28 -19.38
N ARG O 67 -15.89 -18.17 -18.56
CA ARG O 67 -16.99 -19.03 -18.96
C ARG O 67 -18.31 -18.68 -18.30
N PHE O 68 -18.29 -18.26 -17.04
CA PHE O 68 -19.50 -17.85 -16.33
C PHE O 68 -19.60 -16.33 -16.31
N THR O 69 -20.80 -15.84 -16.57
CA THR O 69 -21.09 -14.42 -16.57
C THR O 69 -22.22 -14.12 -15.61
N ILE O 70 -21.93 -13.33 -14.59
CA ILE O 70 -22.91 -12.93 -13.59
C ILE O 70 -23.49 -11.57 -13.99
N SER O 71 -24.78 -11.39 -13.76
CA SER O 71 -25.44 -10.13 -14.08
C SER O 71 -26.60 -9.94 -13.12
N ARG O 72 -27.03 -8.69 -13.00
CA ARG O 72 -28.14 -8.35 -12.11
C ARG O 72 -29.02 -7.33 -12.79
N ASP O 73 -30.29 -7.29 -12.38
CA ASP O 73 -31.26 -6.33 -12.90
C ASP O 73 -32.09 -5.87 -11.70
N ASN O 74 -31.82 -4.65 -11.22
CA ASN O 74 -32.41 -4.15 -9.99
C ASN O 74 -33.91 -3.87 -10.12
N SER O 75 -34.44 -3.75 -11.34
CA SER O 75 -35.85 -3.45 -11.52
C SER O 75 -36.75 -4.66 -11.32
N LYS O 76 -36.20 -5.86 -11.33
CA LYS O 76 -36.97 -7.08 -11.12
C LYS O 76 -36.52 -7.88 -9.92
N ASN O 77 -35.50 -7.42 -9.19
CA ASN O 77 -34.97 -8.13 -8.02
C ASN O 77 -34.52 -9.54 -8.40
N MET O 78 -33.72 -9.63 -9.46
CA MET O 78 -33.30 -10.90 -10.01
C MET O 78 -31.79 -10.94 -10.17
N ILE O 79 -31.22 -12.12 -9.97
CA ILE O 79 -29.79 -12.35 -10.14
C ILE O 79 -29.61 -13.50 -11.13
N TYR O 80 -28.74 -13.28 -12.11
CA TYR O 80 -28.55 -14.22 -13.20
C TYR O 80 -27.12 -14.71 -13.23
N LEU O 81 -26.94 -15.96 -13.67
CA LEU O 81 -25.63 -16.56 -13.88
C LEU O 81 -25.67 -17.33 -15.19
N GLN O 82 -24.95 -16.82 -16.18
CA GLN O 82 -24.89 -17.43 -17.51
C GLN O 82 -23.68 -18.34 -17.55
N MET O 83 -23.92 -19.62 -17.84
CA MET O 83 -22.88 -20.66 -17.80
C MET O 83 -22.63 -21.17 -19.21
N ASN O 84 -21.56 -20.70 -19.83
CA ASN O 84 -21.19 -21.16 -21.15
C ASN O 84 -20.01 -22.14 -21.07
N SER O 85 -19.91 -23.00 -22.08
CA SER O 85 -18.85 -24.01 -22.16
C SER O 85 -18.79 -24.86 -20.89
N LEU O 86 -19.93 -25.43 -20.53
CA LEU O 86 -20.02 -26.23 -19.31
C LEU O 86 -19.20 -27.52 -19.44
N ARG O 87 -18.57 -27.90 -18.33
CA ARG O 87 -17.75 -29.10 -18.26
C ARG O 87 -18.24 -29.99 -17.13
N VAL O 88 -17.76 -31.23 -17.12
CA VAL O 88 -18.24 -32.22 -16.15
C VAL O 88 -17.87 -31.81 -14.73
N GLU O 89 -16.87 -30.92 -14.58
CA GLU O 89 -16.48 -30.45 -13.26
C GLU O 89 -17.46 -29.42 -12.70
N ASP O 90 -18.42 -28.95 -13.49
CA ASP O 90 -19.32 -27.88 -13.08
C ASP O 90 -20.62 -28.39 -12.46
N THR O 91 -20.79 -29.70 -12.30
CA THR O 91 -22.01 -30.21 -11.69
C THR O 91 -21.98 -29.98 -10.18
N ALA O 92 -23.05 -29.38 -9.66
CA ALA O 92 -23.12 -28.99 -8.26
C ALA O 92 -24.49 -28.42 -7.97
N ILE O 93 -24.71 -28.11 -6.69
CA ILE O 93 -25.85 -27.32 -6.27
C ILE O 93 -25.39 -25.88 -6.13
N TYR O 94 -26.11 -24.96 -6.78
CA TYR O 94 -25.70 -23.56 -6.85
C TYR O 94 -26.60 -22.74 -5.92
N TYR O 95 -25.97 -22.04 -4.98
CA TYR O 95 -26.68 -21.24 -3.98
C TYR O 95 -26.58 -19.76 -4.30
N CYS O 96 -27.71 -19.07 -4.20
CA CYS O 96 -27.73 -17.61 -4.27
C CYS O 96 -27.55 -17.03 -2.88
N ALA O 97 -26.45 -16.31 -2.68
CA ALA O 97 -26.08 -15.83 -1.36
C ALA O 97 -25.88 -14.32 -1.38
N ARG O 98 -26.59 -13.62 -0.50
CA ARG O 98 -26.43 -12.19 -0.31
C ARG O 98 -25.18 -11.92 0.51
N ASP O 99 -24.50 -10.81 0.20
CA ASP O 99 -23.28 -10.44 0.92
C ASP O 99 -23.67 -9.65 2.16
N SER O 100 -23.13 -10.07 3.32
CA SER O 100 -23.26 -9.37 4.59
C SER O 100 -24.68 -9.41 5.15
N LEU O 101 -24.78 -9.35 6.49
CA LEU O 101 -26.09 -9.22 7.12
C LEU O 101 -26.59 -7.78 7.05
N PHE O 102 -25.76 -6.84 7.48
CA PHE O 102 -26.06 -5.41 7.33
C PHE O 102 -24.80 -4.75 6.79
N TYR O 103 -24.93 -3.50 6.37
CA TYR O 103 -23.81 -2.76 5.81
C TYR O 103 -22.80 -2.49 6.92
N ASP O 104 -21.62 -3.09 6.82
CA ASP O 104 -20.48 -2.76 7.65
C ASP O 104 -19.31 -2.51 6.70
N HIS O 105 -18.69 -1.34 6.83
CA HIS O 105 -17.69 -0.93 5.84
C HIS O 105 -16.44 -1.79 5.93
N ASP O 106 -16.02 -2.15 7.13
CA ASP O 106 -14.79 -2.92 7.34
C ASP O 106 -15.03 -4.42 7.40
N ASN O 107 -16.26 -4.88 7.26
CA ASN O 107 -16.58 -6.30 7.31
C ASN O 107 -17.57 -6.62 6.21
N SER O 108 -17.07 -7.16 5.10
CA SER O 108 -17.92 -7.57 3.99
C SER O 108 -17.26 -8.74 3.27
N GLY O 109 -18.10 -9.61 2.72
CA GLY O 109 -17.63 -10.81 2.05
C GLY O 109 -18.17 -12.11 2.62
N TYR O 110 -18.95 -12.06 3.69
CA TYR O 110 -19.62 -13.22 4.24
C TYR O 110 -21.07 -13.24 3.79
N TYR O 111 -21.63 -14.44 3.69
CA TYR O 111 -22.96 -14.64 3.13
C TYR O 111 -23.96 -14.78 4.28
N GLY O 112 -24.65 -13.68 4.58
CA GLY O 112 -25.63 -13.72 5.66
C GLY O 112 -26.83 -14.58 5.33
N TYR O 113 -27.30 -14.50 4.08
CA TYR O 113 -28.55 -15.16 3.69
C TYR O 113 -28.30 -15.99 2.44
N TRP O 114 -28.61 -17.28 2.52
CA TRP O 114 -28.46 -18.20 1.41
C TRP O 114 -29.82 -18.55 0.81
N GLY O 115 -29.81 -18.90 -0.47
CA GLY O 115 -31.00 -19.41 -1.12
C GLY O 115 -31.16 -20.90 -0.91
N GLN O 116 -32.29 -21.42 -1.40
CA GLN O 116 -32.57 -22.85 -1.27
C GLN O 116 -31.64 -23.69 -2.13
N GLY O 117 -31.14 -23.16 -3.24
CA GLY O 117 -30.21 -23.89 -4.07
C GLY O 117 -30.90 -24.65 -5.19
N THR O 118 -30.19 -24.82 -6.29
CA THR O 118 -30.68 -25.57 -7.44
C THR O 118 -29.56 -26.48 -7.94
N LEU O 119 -29.97 -27.60 -8.53
CA LEU O 119 -29.04 -28.64 -8.96
C LEU O 119 -28.81 -28.55 -10.46
N VAL O 120 -27.54 -28.44 -10.84
CA VAL O 120 -27.13 -28.43 -12.24
C VAL O 120 -26.26 -29.66 -12.48
N THR O 121 -26.74 -30.55 -13.33
CA THR O 121 -26.04 -31.79 -13.64
C THR O 121 -25.58 -31.75 -15.09
N VAL O 122 -24.30 -32.07 -15.32
CA VAL O 122 -23.71 -32.07 -16.65
C VAL O 122 -23.20 -33.48 -16.93
N SER O 123 -23.75 -34.11 -17.98
CA SER O 123 -23.39 -35.47 -18.35
C SER O 123 -24.03 -35.78 -19.70
N SER O 124 -23.85 -37.03 -20.13
CA SER O 124 -24.47 -37.50 -21.36
C SER O 124 -25.37 -38.70 -21.08
N GLN P 1 -21.99 -2.60 13.09
CA GLN P 1 -21.10 -1.47 12.85
C GLN P 1 -20.27 -1.13 14.09
N ILE P 2 -20.50 0.04 14.67
CA ILE P 2 -19.73 0.52 15.82
C ILE P 2 -20.65 0.62 17.02
N VAL P 3 -20.24 0.01 18.13
CA VAL P 3 -20.97 0.12 19.38
C VAL P 3 -20.42 1.32 20.15
N MET P 4 -21.32 2.21 20.56
CA MET P 4 -20.94 3.48 21.14
C MET P 4 -21.21 3.48 22.63
N THR P 5 -20.20 3.83 23.42
CA THR P 5 -20.29 3.78 24.87
C THR P 5 -20.00 5.15 25.47
N GLN P 6 -20.68 5.45 26.57
CA GLN P 6 -20.50 6.69 27.30
C GLN P 6 -20.27 6.38 28.77
N SER P 7 -19.41 7.17 29.41
CA SER P 7 -19.08 6.97 30.81
C SER P 7 -18.75 8.29 31.47
N PRO P 8 -19.24 8.54 32.69
CA PRO P 8 -20.15 7.70 33.48
C PRO P 8 -21.60 7.88 33.06
N ALA P 9 -22.51 7.04 33.54
CA ALA P 9 -23.91 7.15 33.14
C ALA P 9 -24.54 8.43 33.69
N THR P 10 -24.10 8.88 34.86
CA THR P 10 -24.65 10.07 35.48
C THR P 10 -23.53 10.90 36.09
N VAL P 11 -23.62 12.22 35.89
CA VAL P 11 -22.69 13.17 36.48
C VAL P 11 -23.47 14.16 37.32
N SER P 12 -22.88 14.52 38.46
CA SER P 12 -23.47 15.48 39.39
C SER P 12 -22.53 16.67 39.54
N VAL P 13 -22.99 17.84 39.11
CA VAL P 13 -22.20 19.07 39.18
C VAL P 13 -23.11 20.19 39.67
N SER P 14 -22.58 21.05 40.53
CA SER P 14 -23.28 22.26 40.96
C SER P 14 -23.18 23.33 39.87
N PRO P 15 -24.14 24.23 39.79
CA PRO P 15 -24.05 25.32 38.80
C PRO P 15 -22.78 26.15 39.03
N GLY P 16 -22.13 26.50 37.93
CA GLY P 16 -20.85 27.19 37.96
C GLY P 16 -19.65 26.28 37.89
N GLU P 17 -19.83 24.98 38.13
CA GLU P 17 -18.74 24.02 38.04
C GLU P 17 -18.65 23.48 36.61
N ARG P 18 -17.53 22.83 36.32
CA ARG P 18 -17.28 22.28 34.99
C ARG P 18 -17.67 20.81 34.95
N ALA P 19 -18.49 20.45 33.96
CA ALA P 19 -18.93 19.08 33.76
C ALA P 19 -18.35 18.54 32.46
N THR P 20 -17.76 17.35 32.53
CA THR P 20 -17.14 16.71 31.38
C THR P 20 -17.79 15.36 31.15
N LEU P 21 -18.09 15.07 29.88
CA LEU P 21 -18.70 13.81 29.48
C LEU P 21 -17.78 13.10 28.50
N SER P 22 -17.76 11.78 28.56
CA SER P 22 -16.88 10.97 27.73
C SER P 22 -17.69 10.08 26.80
N CYS P 23 -17.14 9.86 25.61
CA CYS P 23 -17.76 9.00 24.60
C CYS P 23 -16.68 8.14 23.97
N ARG P 24 -16.92 6.84 23.91
CA ARG P 24 -15.94 5.88 23.40
C ARG P 24 -16.58 5.05 22.29
N ALA P 25 -15.83 4.80 21.23
CA ALA P 25 -16.29 3.99 20.10
C ALA P 25 -15.51 2.69 20.03
N SER P 26 -16.19 1.63 19.58
CA SER P 26 -15.54 0.33 19.46
C SER P 26 -14.41 0.37 18.45
N ARG P 27 -14.63 1.02 17.30
CA ARG P 27 -13.62 1.14 16.26
C ARG P 27 -13.34 2.61 15.98
N SER P 28 -12.40 2.85 15.07
CA SER P 28 -12.00 4.21 14.73
C SER P 28 -13.16 4.96 14.10
N VAL P 29 -13.35 6.21 14.53
CA VAL P 29 -14.41 7.07 14.03
C VAL P 29 -13.84 8.34 13.39
N THR P 30 -12.56 8.61 13.63
CA THR P 30 -11.86 9.81 13.15
C THR P 30 -12.49 11.08 13.70
N SER P 31 -13.06 11.91 12.82
CA SER P 31 -13.59 13.21 13.22
C SER P 31 -15.03 13.38 12.78
N LYS P 32 -15.83 12.31 12.89
CA LYS P 32 -17.25 12.34 12.54
C LYS P 32 -18.05 11.89 13.75
N LEU P 33 -18.34 12.84 14.65
CA LEU P 33 -19.03 12.53 15.90
C LEU P 33 -19.78 13.75 16.39
N ALA P 34 -21.07 13.58 16.64
CA ALA P 34 -21.95 14.68 17.02
C ALA P 34 -22.50 14.44 18.42
N TRP P 35 -22.77 15.55 19.12
CA TRP P 35 -23.36 15.53 20.45
C TRP P 35 -24.74 16.16 20.41
N TYR P 36 -25.69 15.52 21.08
CA TYR P 36 -27.08 16.00 21.11
C TYR P 36 -27.53 16.15 22.55
N GLN P 37 -28.29 17.22 22.81
CA GLN P 37 -28.82 17.51 24.12
C GLN P 37 -30.34 17.38 24.08
N GLN P 38 -30.89 16.49 24.91
CA GLN P 38 -32.31 16.26 24.97
C GLN P 38 -32.84 16.62 26.36
N LYS P 39 -33.80 17.53 26.41
CA LYS P 39 -34.50 17.86 27.64
C LYS P 39 -35.78 17.04 27.75
N PRO P 40 -36.27 16.78 28.96
CA PRO P 40 -37.48 15.96 29.11
C PRO P 40 -38.65 16.55 28.35
N GLY P 41 -39.25 15.74 27.48
CA GLY P 41 -40.35 16.16 26.65
C GLY P 41 -39.97 16.90 25.39
N GLN P 42 -38.68 17.06 25.12
CA GLN P 42 -38.19 17.80 23.96
C GLN P 42 -37.36 16.90 23.06
N ALA P 43 -37.25 17.30 21.80
CA ALA P 43 -36.40 16.61 20.84
C ALA P 43 -34.93 16.94 21.10
N PRO P 44 -34.03 16.03 20.73
CA PRO P 44 -32.59 16.31 20.91
C PRO P 44 -32.16 17.53 20.10
N ARG P 45 -31.18 18.26 20.64
CA ARG P 45 -30.66 19.46 20.01
C ARG P 45 -29.18 19.28 19.70
N LEU P 46 -28.81 19.58 18.45
CA LEU P 46 -27.44 19.39 17.99
C LEU P 46 -26.54 20.46 18.63
N LEU P 47 -25.58 20.00 19.44
CA LEU P 47 -24.60 20.92 20.03
C LEU P 47 -23.33 20.96 19.20
N ILE P 48 -22.67 19.81 19.08
CA ILE P 48 -21.40 19.71 18.38
C ILE P 48 -21.57 18.81 17.17
N TYR P 49 -20.89 19.14 16.08
CA TYR P 49 -20.84 18.26 14.91
C TYR P 49 -19.41 18.22 14.41
N GLY P 50 -19.06 17.15 13.71
CA GLY P 50 -17.68 16.91 13.34
C GLY P 50 -16.93 16.27 14.49
N ALA P 51 -16.03 17.02 15.13
CA ALA P 51 -15.45 16.59 16.38
C ALA P 51 -15.47 17.73 17.40
N SER P 52 -15.41 18.95 16.91
CA SER P 52 -15.41 20.14 17.78
C SER P 52 -16.27 21.29 17.26
N THR P 53 -16.65 21.31 15.99
CA THR P 53 -17.41 22.44 15.45
C THR P 53 -18.75 22.59 16.17
N ARG P 54 -19.13 23.83 16.42
CA ARG P 54 -20.31 24.15 17.24
C ARG P 54 -21.44 24.62 16.34
N ALA P 55 -22.64 24.08 16.57
CA ALA P 55 -23.80 24.48 15.79
C ALA P 55 -24.17 25.92 16.07
N THR P 56 -24.77 26.57 15.07
CA THR P 56 -25.20 27.96 15.22
C THR P 56 -26.25 28.08 16.31
N GLY P 57 -26.08 29.09 17.17
CA GLY P 57 -26.96 29.32 18.29
C GLY P 57 -26.52 28.67 19.58
N ILE P 58 -25.53 27.78 19.53
CA ILE P 58 -25.01 27.13 20.73
C ILE P 58 -23.96 28.04 21.34
N PRO P 59 -24.08 28.40 22.62
CA PRO P 59 -23.10 29.30 23.24
C PRO P 59 -21.71 28.65 23.30
N ALA P 60 -20.68 29.50 23.37
CA ALA P 60 -19.31 29.03 23.47
C ALA P 60 -19.04 28.25 24.76
N ARG P 61 -20.04 28.11 25.62
CA ARG P 61 -19.88 27.30 26.83
C ARG P 61 -19.57 25.85 26.50
N PHE P 62 -20.24 25.28 25.51
CA PHE P 62 -20.06 23.87 25.14
C PHE P 62 -18.81 23.76 24.27
N SER P 63 -17.93 22.84 24.63
CA SER P 63 -16.66 22.64 23.94
C SER P 63 -16.41 21.15 23.74
N GLY P 64 -16.61 20.67 22.53
CA GLY P 64 -16.31 19.28 22.20
C GLY P 64 -14.88 19.11 21.73
N SER P 65 -14.36 17.89 21.88
CA SER P 65 -12.99 17.59 21.51
C SER P 65 -12.84 16.08 21.34
N GLY P 66 -11.63 15.67 20.99
CA GLY P 66 -11.29 14.28 20.82
C GLY P 66 -11.32 13.85 19.38
N SER P 67 -10.65 12.72 19.12
CA SER P 67 -10.58 12.15 17.79
C SER P 67 -10.27 10.66 17.91
N GLY P 68 -10.57 9.93 16.85
CA GLY P 68 -10.33 8.50 16.84
C GLY P 68 -11.37 7.71 17.61
N THR P 69 -10.97 7.17 18.77
CA THR P 69 -11.87 6.40 19.61
C THR P 69 -12.16 7.07 20.95
N GLU P 70 -11.48 8.16 21.27
CA GLU P 70 -11.67 8.87 22.54
C GLU P 70 -12.26 10.24 22.25
N PHE P 71 -13.47 10.48 22.72
CA PHE P 71 -14.15 11.76 22.55
C PHE P 71 -14.64 12.26 23.90
N THR P 72 -14.49 13.57 24.11
CA THR P 72 -14.94 14.21 25.34
C THR P 72 -15.74 15.46 25.00
N LEU P 73 -16.75 15.72 25.83
CA LEU P 73 -17.53 16.95 25.75
C LEU P 73 -17.41 17.68 27.08
N THR P 74 -17.02 18.95 27.02
CA THR P 74 -16.73 19.73 28.21
C THR P 74 -17.66 20.93 28.28
N ILE P 75 -18.35 21.07 29.41
CA ILE P 75 -19.15 22.26 29.72
C ILE P 75 -18.35 23.08 30.69
N SER P 76 -17.86 24.25 30.24
CA SER P 76 -16.91 25.03 31.03
C SER P 76 -17.50 25.49 32.35
N SER P 77 -18.69 26.09 32.33
CA SER P 77 -19.34 26.55 33.56
C SER P 77 -20.84 26.39 33.35
N LEU P 78 -21.39 25.29 33.85
CA LEU P 78 -22.76 24.90 33.55
C LEU P 78 -23.77 25.76 34.31
N GLN P 79 -24.76 26.30 33.59
CA GLN P 79 -25.88 27.01 34.18
C GLN P 79 -27.05 26.06 34.45
N SER P 80 -28.21 26.65 34.75
CA SER P 80 -29.36 25.86 35.18
C SER P 80 -30.04 25.13 34.02
N GLU P 81 -30.10 25.76 32.84
CA GLU P 81 -30.79 25.13 31.73
C GLU P 81 -29.94 24.04 31.06
N ASP P 82 -28.70 23.85 31.48
CA ASP P 82 -27.84 22.83 30.91
C ASP P 82 -27.97 21.48 31.63
N PHE P 83 -29.08 21.25 32.33
CA PHE P 83 -29.34 19.95 32.94
C PHE P 83 -30.21 19.12 32.01
N ALA P 84 -29.61 18.10 31.39
CA ALA P 84 -30.31 17.24 30.44
C ALA P 84 -29.53 15.97 30.19
N VAL P 85 -29.95 15.18 29.21
CA VAL P 85 -29.26 13.95 28.83
C VAL P 85 -28.59 14.19 27.49
N TYR P 86 -27.30 13.85 27.41
CA TYR P 86 -26.48 14.13 26.24
C TYR P 86 -26.16 12.84 25.51
N PHE P 87 -26.52 12.78 24.23
CA PHE P 87 -26.31 11.60 23.40
C PHE P 87 -25.12 11.82 22.48
N CYS P 88 -24.39 10.74 22.23
CA CYS P 88 -23.19 10.77 21.39
C CYS P 88 -23.45 9.92 20.15
N GLN P 89 -23.29 10.51 18.97
CA GLN P 89 -23.51 9.83 17.71
C GLN P 89 -22.24 9.81 16.88
N GLN P 90 -22.01 8.72 16.16
CA GLN P 90 -20.99 8.63 15.14
C GLN P 90 -21.66 8.38 13.80
N TYR P 91 -21.19 9.08 12.76
CA TYR P 91 -21.70 8.90 11.41
C TYR P 91 -20.59 8.57 10.42
N ASN P 92 -19.48 8.03 10.92
CA ASN P 92 -18.39 7.59 10.05
C ASN P 92 -18.75 6.31 9.31
N ASN P 93 -19.36 5.35 10.01
CA ASN P 93 -19.79 4.08 9.43
C ASN P 93 -21.14 3.76 10.04
N GLY P 94 -22.20 3.91 9.25
CA GLY P 94 -23.55 3.77 9.75
C GLY P 94 -23.93 4.96 10.61
N PHE P 95 -25.05 4.81 11.32
CA PHE P 95 -25.59 5.87 12.17
C PHE P 95 -25.98 5.23 13.51
N THR P 96 -25.05 5.27 14.46
CA THR P 96 -25.25 4.70 15.78
C THR P 96 -25.18 5.79 16.84
N PHE P 97 -25.96 5.61 17.91
CA PHE P 97 -26.00 6.55 19.02
C PHE P 97 -25.39 5.92 20.26
N GLY P 98 -25.16 6.77 21.27
CA GLY P 98 -24.78 6.30 22.58
C GLY P 98 -25.98 6.17 23.49
N PRO P 99 -25.78 5.45 24.61
CA PRO P 99 -26.88 5.28 25.57
C PRO P 99 -27.38 6.59 26.16
N GLY P 100 -26.52 7.57 26.36
CA GLY P 100 -26.93 8.85 26.92
C GLY P 100 -26.48 9.05 28.35
N THR P 101 -25.87 10.20 28.62
CA THR P 101 -25.40 10.55 29.95
C THR P 101 -26.25 11.69 30.50
N LYS P 102 -26.75 11.52 31.72
CA LYS P 102 -27.61 12.51 32.34
C LYS P 102 -26.83 13.39 33.30
N VAL P 103 -27.09 14.68 33.25
CA VAL P 103 -26.48 15.65 34.15
C VAL P 103 -27.53 16.05 35.18
N ASP P 104 -27.18 15.94 36.46
CA ASP P 104 -28.13 16.14 37.54
C ASP P 104 -27.56 17.08 38.59
N PHE P 105 -28.45 17.66 39.39
CA PHE P 105 -28.05 18.56 40.46
C PHE P 105 -27.27 17.80 41.52
N LYS P 106 -26.42 18.52 42.25
CA LYS P 106 -25.66 17.93 43.35
C LYS P 106 -26.18 18.44 44.69
N GLN Q 1 -36.38 29.62 9.97
CA GLN Q 1 -37.26 28.87 10.88
C GLN Q 1 -37.52 27.47 10.35
N VAL Q 2 -36.61 26.54 10.66
CA VAL Q 2 -36.74 25.15 10.23
C VAL Q 2 -37.74 24.47 11.16
N GLN Q 3 -38.93 24.19 10.64
CA GLN Q 3 -40.01 23.59 11.41
C GLN Q 3 -40.33 22.22 10.80
N LEU Q 4 -40.31 21.19 11.64
CA LEU Q 4 -40.63 19.83 11.24
C LEU Q 4 -41.74 19.31 12.14
N VAL Q 5 -42.84 18.84 11.54
CA VAL Q 5 -44.00 18.35 12.26
C VAL Q 5 -44.30 16.94 11.77
N GLU Q 6 -44.65 16.06 12.70
CA GLU Q 6 -44.93 14.67 12.38
C GLU Q 6 -46.38 14.32 12.67
N SER Q 7 -46.91 13.37 11.91
CA SER Q 7 -48.30 12.95 12.06
C SER Q 7 -48.41 11.48 11.71
N GLY Q 8 -49.64 10.96 11.79
CA GLY Q 8 -49.90 9.57 11.46
C GLY Q 8 -49.69 8.58 12.59
N GLY Q 9 -49.32 9.04 13.78
CA GLY Q 9 -49.13 8.16 14.90
C GLY Q 9 -50.46 7.68 15.48
N GLY Q 10 -50.35 6.79 16.45
CA GLY Q 10 -51.51 6.23 17.11
C GLY Q 10 -51.22 4.83 17.61
N VAL Q 11 -52.30 4.05 17.71
CA VAL Q 11 -52.23 2.67 18.21
C VAL Q 11 -52.56 1.73 17.07
N VAL Q 12 -51.80 0.63 16.98
CA VAL Q 12 -52.00 -0.40 15.97
C VAL Q 12 -51.76 -1.76 16.60
N GLN Q 13 -52.30 -2.79 15.96
CA GLN Q 13 -52.03 -4.16 16.35
C GLN Q 13 -50.76 -4.67 15.68
N PRO Q 14 -50.08 -5.63 16.30
CA PRO Q 14 -48.90 -6.21 15.66
C PRO Q 14 -49.24 -6.84 14.32
N GLY Q 15 -48.34 -6.67 13.35
CA GLY Q 15 -48.53 -7.22 12.03
C GLY Q 15 -49.34 -6.36 11.07
N ARG Q 16 -49.82 -5.20 11.51
CA ARG Q 16 -50.60 -4.32 10.67
C ARG Q 16 -49.70 -3.24 10.06
N SER Q 17 -50.31 -2.35 9.27
CA SER Q 17 -49.58 -1.35 8.51
C SER Q 17 -49.90 0.04 9.05
N LEU Q 18 -48.86 0.86 9.20
CA LEU Q 18 -48.98 2.25 9.62
C LEU Q 18 -48.15 3.12 8.70
N ARG Q 19 -48.55 4.37 8.52
CA ARG Q 19 -47.87 5.31 7.65
C ARG Q 19 -47.67 6.64 8.38
N LEU Q 20 -46.41 7.06 8.50
CA LEU Q 20 -46.07 8.32 9.14
C LEU Q 20 -45.75 9.37 8.08
N SER Q 21 -46.23 10.59 8.32
CA SER Q 21 -46.01 11.70 7.40
C SER Q 21 -45.30 12.83 8.13
N CYS Q 22 -44.35 13.45 7.43
CA CYS Q 22 -43.55 14.54 7.95
C CYS Q 22 -43.65 15.74 7.01
N ALA Q 23 -44.04 16.88 7.54
CA ALA Q 23 -44.14 18.11 6.77
C ALA Q 23 -42.99 19.03 7.15
N ALA Q 24 -42.24 19.49 6.14
CA ALA Q 24 -41.06 20.31 6.35
C ALA Q 24 -41.27 21.70 5.75
N SER Q 25 -40.85 22.72 6.48
CA SER Q 25 -40.98 24.10 6.03
C SER Q 25 -39.83 24.92 6.61
N GLY Q 26 -39.57 26.07 5.99
CA GLY Q 26 -38.51 26.95 6.41
C GLY Q 26 -37.19 26.76 5.71
N PHE Q 27 -37.13 25.93 4.69
CA PHE Q 27 -35.90 25.72 3.92
C PHE Q 27 -36.26 25.13 2.57
N THR Q 28 -35.29 25.16 1.66
CA THR Q 28 -35.45 24.51 0.36
C THR Q 28 -35.45 23.00 0.58
N PHE Q 29 -36.62 22.38 0.43
CA PHE Q 29 -36.78 20.99 0.81
C PHE Q 29 -36.00 20.05 -0.10
N ARG Q 30 -36.03 20.31 -1.41
CA ARG Q 30 -35.49 19.37 -2.37
C ARG Q 30 -33.97 19.30 -2.37
N ASN Q 31 -33.27 20.19 -1.67
CA ASN Q 31 -31.82 20.24 -1.70
C ASN Q 31 -31.17 19.43 -0.58
N PHE Q 32 -31.94 18.84 0.31
CA PHE Q 32 -31.39 18.15 1.47
C PHE Q 32 -32.02 16.77 1.63
N GLY Q 33 -31.25 15.86 2.21
CA GLY Q 33 -31.72 14.52 2.52
C GLY Q 33 -32.20 14.46 3.96
N MET Q 34 -33.24 13.65 4.17
CA MET Q 34 -33.90 13.57 5.46
C MET Q 34 -33.74 12.18 6.07
N HIS Q 35 -33.91 12.11 7.39
CA HIS Q 35 -33.75 10.88 8.13
C HIS Q 35 -34.99 10.60 8.97
N TRP Q 36 -35.05 9.39 9.53
CA TRP Q 36 -36.00 9.04 10.58
C TRP Q 36 -35.23 8.45 11.74
N VAL Q 37 -35.45 9.00 12.93
CA VAL Q 37 -34.73 8.59 14.14
C VAL Q 37 -35.74 8.09 15.16
N ARG Q 38 -35.46 6.93 15.74
CA ARG Q 38 -36.36 6.26 16.67
C ARG Q 38 -35.79 6.30 18.07
N GLN Q 39 -36.63 6.69 19.04
CA GLN Q 39 -36.23 6.77 20.44
C GLN Q 39 -37.04 5.76 21.25
N THR Q 40 -36.39 4.65 21.62
CA THR Q 40 -36.98 3.65 22.48
C THR Q 40 -36.50 3.87 23.90
N PRO Q 41 -37.38 4.05 24.89
CA PRO Q 41 -36.92 4.18 26.27
C PRO Q 41 -36.25 2.91 26.75
N GLY Q 42 -35.13 3.07 27.46
CA GLY Q 42 -34.32 1.96 27.88
C GLY Q 42 -33.28 1.51 26.87
N LYS Q 43 -33.38 1.95 25.62
CA LYS Q 43 -32.40 1.64 24.57
C LYS Q 43 -31.72 2.88 24.03
N GLY Q 44 -32.38 4.02 24.00
CA GLY Q 44 -31.82 5.24 23.47
C GLY Q 44 -32.34 5.58 22.10
N LEU Q 45 -31.59 6.45 21.42
CA LEU Q 45 -31.93 6.86 20.06
C LEU Q 45 -31.42 5.83 19.07
N GLU Q 46 -32.24 5.57 18.04
CA GLU Q 46 -31.91 4.60 17.01
C GLU Q 46 -32.29 5.16 15.64
N TRP Q 47 -31.40 4.98 14.67
CA TRP Q 47 -31.67 5.42 13.31
C TRP Q 47 -32.50 4.38 12.56
N VAL Q 48 -33.34 4.84 11.65
CA VAL Q 48 -34.27 3.99 10.92
C VAL Q 48 -33.99 4.00 9.43
N ALA Q 49 -34.11 5.16 8.79
CA ALA Q 49 -33.98 5.23 7.34
C ALA Q 49 -33.46 6.59 6.93
N VAL Q 50 -32.96 6.66 5.70
CA VAL Q 50 -32.47 7.89 5.10
C VAL Q 50 -32.85 7.88 3.62
N ILE Q 51 -33.14 9.07 3.09
CA ILE Q 51 -33.53 9.23 1.70
C ILE Q 51 -32.72 10.39 1.10
N TRP Q 52 -32.32 10.21 -0.16
CA TRP Q 52 -31.54 11.24 -0.84
C TRP Q 52 -32.39 12.47 -1.13
N HIS Q 53 -31.77 13.48 -1.74
CA HIS Q 53 -32.48 14.73 -1.99
C HIS Q 53 -33.65 14.53 -2.96
N ASP Q 54 -33.43 13.76 -4.02
CA ASP Q 54 -34.47 13.50 -5.01
C ASP Q 54 -35.10 12.12 -4.84
N GLY Q 55 -34.81 11.43 -3.74
CA GLY Q 55 -35.31 10.08 -3.54
C GLY Q 55 -34.61 9.02 -4.34
N SER Q 56 -33.40 9.31 -4.85
CA SER Q 56 -32.69 8.34 -5.68
C SER Q 56 -32.30 7.11 -4.87
N ASN Q 57 -31.73 7.30 -3.69
CA ASN Q 57 -31.24 6.20 -2.88
C ASN Q 57 -31.95 6.18 -1.53
N LYS Q 58 -32.12 4.97 -1.00
CA LYS Q 58 -32.77 4.75 0.28
C LYS Q 58 -32.00 3.69 1.04
N PHE Q 59 -31.62 4.02 2.28
CA PHE Q 59 -30.88 3.09 3.12
C PHE Q 59 -31.59 2.93 4.45
N TYR Q 60 -31.78 1.69 4.88
CA TYR Q 60 -32.50 1.38 6.10
C TYR Q 60 -31.57 0.70 7.10
N ALA Q 61 -31.98 0.74 8.37
CA ALA Q 61 -31.29 -0.03 9.39
C ALA Q 61 -31.68 -1.51 9.28
N ASP Q 62 -30.82 -2.37 9.85
CA ASP Q 62 -31.06 -3.81 9.77
C ASP Q 62 -32.36 -4.18 10.49
N SER Q 63 -32.63 -3.55 11.63
CA SER Q 63 -33.82 -3.87 12.40
C SER Q 63 -35.11 -3.60 11.64
N VAL Q 64 -35.09 -2.69 10.66
CA VAL Q 64 -36.27 -2.34 9.88
C VAL Q 64 -36.10 -2.65 8.41
N GLU Q 65 -35.02 -3.34 8.04
CA GLU Q 65 -34.78 -3.66 6.64
C GLU Q 65 -35.82 -4.62 6.10
N GLY Q 66 -36.47 -4.24 5.00
CA GLY Q 66 -37.46 -5.06 4.35
C GLY Q 66 -38.88 -4.86 4.86
N ARG Q 67 -39.06 -4.17 5.99
CA ARG Q 67 -40.38 -3.89 6.53
C ARG Q 67 -40.82 -2.45 6.38
N PHE Q 68 -39.87 -1.51 6.36
CA PHE Q 68 -40.18 -0.10 6.30
C PHE Q 68 -39.82 0.48 4.94
N THR Q 69 -40.67 1.37 4.45
CA THR Q 69 -40.46 2.05 3.18
C THR Q 69 -40.48 3.55 3.42
N ILE Q 70 -39.42 4.23 3.02
CA ILE Q 70 -39.29 5.68 3.16
C ILE Q 70 -39.48 6.30 1.78
N SER Q 71 -40.17 7.44 1.74
CA SER Q 71 -40.42 8.13 0.49
C SER Q 71 -40.49 9.62 0.77
N ARG Q 72 -40.51 10.40 -0.31
CA ARG Q 72 -40.58 11.85 -0.19
C ARG Q 72 -41.28 12.43 -1.41
N ASP Q 73 -41.98 13.53 -1.20
CA ASP Q 73 -42.70 14.23 -2.26
C ASP Q 73 -42.19 15.67 -2.27
N ASN Q 74 -41.20 15.94 -3.12
CA ASN Q 74 -40.55 17.25 -3.14
C ASN Q 74 -41.49 18.38 -3.52
N SER Q 75 -42.58 18.10 -4.22
CA SER Q 75 -43.55 19.12 -4.57
C SER Q 75 -44.46 19.49 -3.41
N LYS Q 76 -44.63 18.60 -2.43
CA LYS Q 76 -45.46 18.87 -1.26
C LYS Q 76 -44.65 19.09 0.01
N ASN Q 77 -43.32 19.04 -0.06
CA ASN Q 77 -42.45 19.20 1.10
C ASN Q 77 -42.81 18.21 2.20
N MET Q 78 -42.98 16.95 1.81
CA MET Q 78 -43.45 15.92 2.74
C MET Q 78 -42.52 14.72 2.71
N ILE Q 79 -42.25 14.19 3.90
CA ILE Q 79 -41.46 12.99 4.10
C ILE Q 79 -42.35 11.91 4.69
N TYR Q 80 -42.28 10.72 4.11
CA TYR Q 80 -43.16 9.63 4.51
C TYR Q 80 -42.34 8.44 4.98
N LEU Q 81 -42.95 7.63 5.85
CA LEU Q 81 -42.39 6.36 6.30
C LEU Q 81 -43.52 5.35 6.37
N GLN Q 82 -43.43 4.30 5.56
CA GLN Q 82 -44.43 3.25 5.53
C GLN Q 82 -43.98 2.13 6.47
N MET Q 83 -44.84 1.78 7.42
CA MET Q 83 -44.52 0.81 8.47
C MET Q 83 -45.36 -0.44 8.22
N ASN Q 84 -44.75 -1.42 7.56
CA ASN Q 84 -45.44 -2.68 7.29
C ASN Q 84 -44.88 -3.79 8.18
N SER Q 85 -45.72 -4.80 8.43
CA SER Q 85 -45.38 -5.90 9.33
C SER Q 85 -44.92 -5.38 10.69
N LEU Q 86 -45.71 -4.47 11.25
CA LEU Q 86 -45.34 -3.82 12.49
C LEU Q 86 -45.31 -4.82 13.64
N ARG Q 87 -44.32 -4.66 14.51
CA ARG Q 87 -44.10 -5.56 15.63
C ARG Q 87 -44.01 -4.75 16.92
N VAL Q 88 -43.98 -5.47 18.04
CA VAL Q 88 -43.99 -4.84 19.35
C VAL Q 88 -42.71 -4.03 19.58
N GLU Q 89 -41.57 -4.52 19.06
CA GLU Q 89 -40.30 -3.85 19.25
C GLU Q 89 -40.22 -2.50 18.55
N ASP Q 90 -41.17 -2.18 17.67
CA ASP Q 90 -41.16 -0.92 16.95
C ASP Q 90 -41.95 0.17 17.67
N THR Q 91 -42.29 -0.03 18.94
CA THR Q 91 -43.00 1.00 19.69
C THR Q 91 -42.01 2.02 20.22
N ALA Q 92 -42.15 3.28 19.78
CA ALA Q 92 -41.23 4.33 20.17
C ALA Q 92 -41.78 5.67 19.69
N ILE Q 93 -40.98 6.71 19.89
CA ILE Q 93 -41.24 8.03 19.34
C ILE Q 93 -40.34 8.23 18.13
N TYR Q 94 -40.94 8.62 17.00
CA TYR Q 94 -40.24 8.70 15.73
C TYR Q 94 -39.99 10.16 15.40
N TYR Q 95 -38.71 10.51 15.19
CA TYR Q 95 -38.31 11.89 14.95
C TYR Q 95 -37.96 12.10 13.49
N CYS Q 96 -38.56 13.12 12.89
CA CYS Q 96 -38.18 13.56 11.54
C CYS Q 96 -36.99 14.50 11.64
N ALA Q 97 -35.90 14.12 10.97
CA ALA Q 97 -34.66 14.86 11.08
C ALA Q 97 -34.15 15.28 9.70
N ARG Q 98 -33.44 16.40 9.66
CA ARG Q 98 -32.78 16.87 8.46
C ARG Q 98 -31.27 16.67 8.58
N ASP Q 99 -30.65 16.22 7.50
CA ASP Q 99 -29.22 15.95 7.51
C ASP Q 99 -28.45 17.26 7.36
N SER Q 100 -27.52 17.50 8.28
CA SER Q 100 -26.60 18.64 8.26
C SER Q 100 -27.29 19.98 8.46
N LEU Q 101 -26.58 20.94 9.05
CA LEU Q 101 -27.08 22.31 9.13
C LEU Q 101 -26.99 23.00 7.79
N PHE Q 102 -25.89 22.80 7.08
CA PHE Q 102 -25.70 23.33 5.74
C PHE Q 102 -24.85 22.32 4.96
N TYR Q 103 -24.83 22.48 3.64
CA TYR Q 103 -24.13 21.54 2.77
C TYR Q 103 -22.63 21.64 3.03
N ASP Q 104 -22.06 20.53 3.50
CA ASP Q 104 -20.61 20.34 3.53
C ASP Q 104 -20.34 18.96 2.94
N HIS Q 105 -19.47 18.91 1.93
CA HIS Q 105 -19.28 17.66 1.19
C HIS Q 105 -18.60 16.61 2.05
N ASP Q 106 -17.69 17.02 2.93
CA ASP Q 106 -16.95 16.09 3.76
C ASP Q 106 -17.59 15.86 5.13
N ASN Q 107 -18.73 16.48 5.40
CA ASN Q 107 -19.41 16.34 6.69
C ASN Q 107 -20.90 16.24 6.45
N SER Q 108 -21.44 15.02 6.57
CA SER Q 108 -22.87 14.79 6.44
C SER Q 108 -23.25 13.57 7.27
N GLY Q 109 -24.53 13.49 7.61
CA GLY Q 109 -25.05 12.40 8.41
C GLY Q 109 -25.53 12.79 9.80
N TYR Q 110 -25.15 13.96 10.31
CA TYR Q 110 -25.66 14.45 11.58
C TYR Q 110 -26.95 15.23 11.34
N TYR Q 111 -27.81 15.23 12.35
CA TYR Q 111 -29.15 15.80 12.24
C TYR Q 111 -29.15 17.19 12.88
N GLY Q 112 -29.09 18.21 12.03
CA GLY Q 112 -29.10 19.58 12.54
C GLY Q 112 -30.43 19.97 13.16
N TYR Q 113 -31.53 19.55 12.53
CA TYR Q 113 -32.85 20.02 12.92
C TYR Q 113 -33.77 18.82 13.08
N TRP Q 114 -34.42 18.72 14.23
CA TRP Q 114 -35.32 17.62 14.57
C TRP Q 114 -36.77 18.11 14.63
N GLY Q 115 -37.69 17.19 14.38
CA GLY Q 115 -39.10 17.43 14.62
C GLY Q 115 -39.48 17.15 16.06
N GLN Q 116 -40.74 17.46 16.39
CA GLN Q 116 -41.21 17.22 17.75
C GLN Q 116 -41.42 15.75 18.05
N GLY Q 117 -41.68 14.94 17.02
CA GLY Q 117 -41.84 13.51 17.24
C GLY Q 117 -43.29 13.10 17.41
N THR Q 118 -43.60 11.90 16.93
CA THR Q 118 -44.92 11.31 17.09
C THR Q 118 -44.77 9.94 17.73
N LEU Q 119 -45.77 9.55 18.51
CA LEU Q 119 -45.74 8.31 19.27
C LEU Q 119 -46.46 7.22 18.49
N VAL Q 120 -45.76 6.12 18.23
CA VAL Q 120 -46.34 4.94 17.61
C VAL Q 120 -46.15 3.79 18.58
N THR Q 121 -47.26 3.16 18.98
CA THR Q 121 -47.25 2.07 19.94
C THR Q 121 -47.86 0.83 19.30
N VAL Q 122 -47.28 -0.32 19.57
CA VAL Q 122 -47.73 -1.60 19.04
C VAL Q 122 -48.02 -2.52 20.22
N SER Q 123 -49.28 -2.90 20.39
CA SER Q 123 -49.68 -3.80 21.47
C SER Q 123 -51.08 -4.32 21.17
N SER Q 124 -51.51 -5.27 21.97
CA SER Q 124 -52.84 -5.85 21.81
C SER Q 124 -53.82 -5.27 22.83
N GLN R 1 -18.29 25.91 6.16
CA GLN R 1 -17.66 25.02 5.20
C GLN R 1 -16.15 25.19 5.21
N ILE R 2 -15.63 25.99 4.30
CA ILE R 2 -14.21 26.26 4.17
C ILE R 2 -13.95 27.71 4.55
N VAL R 3 -13.07 27.92 5.53
CA VAL R 3 -12.75 29.27 5.99
C VAL R 3 -11.51 29.76 5.27
N MET R 4 -11.64 30.90 4.59
CA MET R 4 -10.54 31.51 3.85
C MET R 4 -9.81 32.51 4.74
N THR R 5 -8.49 32.47 4.70
CA THR R 5 -7.66 33.41 5.44
C THR R 5 -6.56 33.95 4.55
N GLN R 6 -6.20 35.21 4.77
CA GLN R 6 -5.15 35.88 4.01
C GLN R 6 -4.19 36.57 4.95
N SER R 7 -2.91 36.57 4.58
CA SER R 7 -1.87 37.16 5.41
C SER R 7 -0.74 37.67 4.52
N PRO R 8 -0.19 38.85 4.80
CA PRO R 8 -0.59 39.79 5.87
C PRO R 8 -1.83 40.58 5.49
N ALA R 9 -2.44 41.28 6.45
CA ALA R 9 -3.64 42.06 6.14
C ALA R 9 -3.34 43.18 5.16
N THR R 10 -2.22 43.88 5.35
CA THR R 10 -1.81 44.95 4.46
C THR R 10 -0.36 44.74 4.04
N VAL R 11 -0.08 45.06 2.78
CA VAL R 11 1.27 45.00 2.25
C VAL R 11 1.63 46.36 1.65
N SER R 12 2.83 46.83 1.99
CA SER R 12 3.33 48.11 1.52
C SER R 12 4.37 47.87 0.45
N VAL R 13 4.06 48.28 -0.78
CA VAL R 13 4.94 48.09 -1.93
C VAL R 13 4.96 49.37 -2.75
N SER R 14 6.17 49.89 -3.00
CA SER R 14 6.34 51.06 -3.86
C SER R 14 6.18 50.66 -5.32
N PRO R 15 5.79 51.59 -6.19
CA PRO R 15 5.68 51.26 -7.62
C PRO R 15 7.00 50.75 -8.18
N GLY R 16 6.91 49.75 -9.04
CA GLY R 16 8.08 49.09 -9.61
C GLY R 16 8.59 47.91 -8.80
N GLU R 17 8.00 47.63 -7.64
CA GLU R 17 8.41 46.53 -6.80
C GLU R 17 7.43 45.37 -6.92
N ARG R 18 7.90 44.18 -6.55
CA ARG R 18 7.09 42.97 -6.62
C ARG R 18 6.31 42.78 -5.32
N ALA R 19 5.00 42.56 -5.45
CA ALA R 19 4.12 42.36 -4.31
C ALA R 19 3.55 40.95 -4.34
N THR R 20 3.53 40.30 -3.18
CA THR R 20 3.04 38.93 -3.06
C THR R 20 1.95 38.88 -1.99
N LEU R 21 0.85 38.21 -2.31
CA LEU R 21 -0.27 38.02 -1.39
C LEU R 21 -0.44 36.52 -1.16
N SER R 22 -0.92 36.16 0.04
CA SER R 22 -1.08 34.77 0.42
C SER R 22 -2.53 34.46 0.78
N CYS R 23 -2.95 33.25 0.46
CA CYS R 23 -4.28 32.75 0.80
C CYS R 23 -4.14 31.30 1.23
N ARG R 24 -4.70 30.97 2.39
CA ARG R 24 -4.54 29.65 2.98
C ARG R 24 -5.92 29.07 3.31
N ALA R 25 -6.08 27.78 3.07
CA ALA R 25 -7.34 27.09 3.28
C ALA R 25 -7.26 26.14 4.47
N SER R 26 -8.38 25.98 5.17
CA SER R 26 -8.44 25.03 6.27
C SER R 26 -8.33 23.60 5.77
N ARG R 27 -9.06 23.27 4.71
CA ARG R 27 -8.98 21.97 4.06
C ARG R 27 -8.63 22.17 2.59
N SER R 28 -8.17 21.09 1.96
CA SER R 28 -7.72 21.16 0.58
C SER R 28 -8.86 21.57 -0.34
N VAL R 29 -8.59 22.53 -1.22
CA VAL R 29 -9.53 22.97 -2.25
C VAL R 29 -9.02 22.64 -3.65
N THR R 30 -8.12 21.65 -3.76
CA THR R 30 -7.51 21.24 -5.02
C THR R 30 -6.91 22.42 -5.77
N SER R 31 -7.52 22.79 -6.89
CA SER R 31 -7.04 23.89 -7.72
C SER R 31 -8.19 24.79 -8.15
N LYS R 32 -9.18 24.96 -7.29
CA LYS R 32 -10.34 25.81 -7.56
C LYS R 32 -10.30 27.00 -6.62
N LEU R 33 -9.64 28.07 -7.04
CA LEU R 33 -9.44 29.24 -6.21
C LEU R 33 -9.23 30.47 -7.07
N ALA R 34 -10.18 31.40 -7.00
CA ALA R 34 -10.18 32.59 -7.84
C ALA R 34 -9.76 33.81 -7.02
N TRP R 35 -9.08 34.74 -7.69
CA TRP R 35 -8.64 35.99 -7.09
C TRP R 35 -9.42 37.15 -7.71
N TYR R 36 -9.80 38.11 -6.87
CA TYR R 36 -10.55 39.27 -7.30
C TYR R 36 -9.82 40.54 -6.86
N GLN R 37 -10.01 41.61 -7.61
CA GLN R 37 -9.46 42.92 -7.29
C GLN R 37 -10.60 43.93 -7.18
N GLN R 38 -10.64 44.66 -6.07
CA GLN R 38 -11.68 45.65 -5.85
C GLN R 38 -11.04 47.01 -5.56
N LYS R 39 -11.39 48.00 -6.37
CA LYS R 39 -11.01 49.37 -6.10
C LYS R 39 -12.14 50.08 -5.37
N PRO R 40 -11.83 51.08 -4.53
CA PRO R 40 -12.88 51.74 -3.76
C PRO R 40 -13.98 52.30 -4.65
N GLY R 41 -15.23 52.01 -4.29
CA GLY R 41 -16.37 52.44 -5.07
C GLY R 41 -16.69 51.59 -6.27
N GLN R 42 -15.98 50.49 -6.49
CA GLN R 42 -16.17 49.65 -7.66
C GLN R 42 -16.35 48.19 -7.25
N ALA R 43 -17.03 47.44 -8.11
CA ALA R 43 -17.24 46.01 -7.92
C ALA R 43 -15.93 45.25 -8.12
N PRO R 44 -15.78 44.10 -7.46
CA PRO R 44 -14.56 43.31 -7.65
C PRO R 44 -14.41 42.86 -9.10
N ARG R 45 -13.16 42.76 -9.54
CA ARG R 45 -12.82 42.33 -10.89
C ARG R 45 -12.07 41.01 -10.84
N LEU R 46 -12.50 40.05 -11.66
CA LEU R 46 -11.86 38.74 -11.69
C LEU R 46 -10.50 38.85 -12.37
N LEU R 47 -9.45 38.54 -11.63
CA LEU R 47 -8.10 38.54 -12.19
C LEU R 47 -7.71 37.12 -12.61
N ILE R 48 -7.84 36.18 -11.68
CA ILE R 48 -7.36 34.83 -11.88
C ILE R 48 -8.48 33.83 -11.55
N TYR R 49 -8.60 32.82 -12.39
CA TYR R 49 -9.59 31.76 -12.15
C TYR R 49 -8.87 30.43 -12.27
N GLY R 50 -9.36 29.42 -11.55
CA GLY R 50 -8.68 28.15 -11.48
C GLY R 50 -7.63 28.16 -10.38
N ALA R 51 -6.35 28.04 -10.75
CA ALA R 51 -5.28 28.21 -9.78
C ALA R 51 -4.24 29.19 -10.32
N SER R 52 -4.07 29.21 -11.63
CA SER R 52 -3.11 30.11 -12.27
C SER R 52 -3.62 30.76 -13.55
N THR R 53 -4.68 30.24 -14.18
CA THR R 53 -5.16 30.81 -15.43
C THR R 53 -5.63 32.24 -15.24
N ARG R 54 -5.34 33.08 -16.22
CA ARG R 54 -5.62 34.51 -16.14
C ARG R 54 -6.88 34.85 -16.92
N ALA R 55 -7.70 35.72 -16.36
CA ALA R 55 -8.90 36.18 -17.04
C ALA R 55 -8.52 37.00 -18.27
N THR R 56 -9.40 36.98 -19.27
CA THR R 56 -9.17 37.75 -20.49
C THR R 56 -9.13 39.24 -20.19
N GLY R 57 -8.12 39.92 -20.74
CA GLY R 57 -7.92 41.34 -20.52
C GLY R 57 -7.05 41.65 -19.32
N ILE R 58 -6.65 40.65 -18.54
CA ILE R 58 -5.79 40.86 -17.39
C ILE R 58 -4.34 40.89 -17.87
N PRO R 59 -3.58 41.94 -17.55
CA PRO R 59 -2.17 41.99 -17.97
C PRO R 59 -1.39 40.80 -17.42
N ALA R 60 -0.36 40.39 -18.18
CA ALA R 60 0.51 39.30 -17.75
C ALA R 60 1.28 39.63 -16.49
N ARG R 61 1.14 40.85 -15.96
CA ARG R 61 1.77 41.22 -14.71
C ARG R 61 1.27 40.35 -13.56
N PHE R 62 -0.03 40.10 -13.50
CA PHE R 62 -0.64 39.34 -12.41
C PHE R 62 -0.37 37.86 -12.64
N SER R 63 0.40 37.25 -11.73
CA SER R 63 0.77 35.85 -11.83
C SER R 63 0.46 35.16 -10.51
N GLY R 64 -0.57 34.32 -10.51
CA GLY R 64 -0.92 33.55 -9.34
C GLY R 64 -0.57 32.08 -9.49
N SER R 65 -0.68 31.35 -8.38
CA SER R 65 -0.27 29.95 -8.35
C SER R 65 -0.78 29.32 -7.06
N GLY R 66 -0.34 28.10 -6.83
CA GLY R 66 -0.67 27.36 -5.62
C GLY R 66 -1.78 26.35 -5.85
N SER R 67 -1.76 25.32 -4.99
CA SER R 67 -2.77 24.28 -5.01
C SER R 67 -2.81 23.64 -3.64
N GLY R 68 -3.94 22.98 -3.35
CA GLY R 68 -4.13 22.37 -2.05
C GLY R 68 -4.63 23.34 -1.01
N THR R 69 -3.76 23.74 -0.08
CA THR R 69 -4.13 24.66 0.98
C THR R 69 -3.27 25.92 0.99
N GLU R 70 -2.31 26.06 0.09
CA GLU R 70 -1.42 27.21 0.05
C GLU R 70 -1.51 27.85 -1.34
N PHE R 71 -2.00 29.09 -1.37
CA PHE R 71 -2.15 29.84 -2.61
C PHE R 71 -1.51 31.21 -2.48
N THR R 72 -0.92 31.68 -3.57
CA THR R 72 -0.26 32.98 -3.59
C THR R 72 -0.63 33.74 -4.85
N LEU R 73 -0.57 35.07 -4.75
CA LEU R 73 -0.78 35.96 -5.88
C LEU R 73 0.41 36.92 -5.96
N THR R 74 1.05 36.98 -7.11
CA THR R 74 2.26 37.77 -7.29
C THR R 74 2.03 38.83 -8.38
N ILE R 75 2.38 40.07 -8.06
CA ILE R 75 2.35 41.17 -9.01
C ILE R 75 3.80 41.48 -9.38
N SER R 76 4.16 41.21 -10.64
CA SER R 76 5.57 41.24 -11.03
C SER R 76 6.19 42.63 -10.88
N SER R 77 5.49 43.68 -11.35
CA SER R 77 6.01 45.04 -11.22
C SER R 77 4.79 45.96 -11.05
N LEU R 78 4.43 46.20 -9.79
CA LEU R 78 3.18 46.87 -9.46
C LEU R 78 3.17 48.29 -10.01
N GLN R 79 2.09 48.65 -10.70
CA GLN R 79 1.92 49.99 -11.23
C GLN R 79 1.06 50.82 -10.28
N SER R 80 0.73 52.04 -10.70
CA SER R 80 -0.10 52.91 -9.87
C SER R 80 -1.54 52.41 -9.81
N GLU R 81 -1.99 51.72 -10.86
CA GLU R 81 -3.36 51.23 -10.90
C GLU R 81 -3.55 49.94 -10.10
N ASP R 82 -2.47 49.32 -9.63
CA ASP R 82 -2.55 48.07 -8.90
C ASP R 82 -2.66 48.26 -7.40
N PHE R 83 -3.11 49.43 -6.94
CA PHE R 83 -3.32 49.68 -5.52
C PHE R 83 -4.79 49.45 -5.20
N ALA R 84 -5.09 48.33 -4.55
CA ALA R 84 -6.47 47.97 -4.22
C ALA R 84 -6.51 46.86 -3.17
N VAL R 85 -7.70 46.33 -2.92
CA VAL R 85 -7.89 45.23 -1.98
C VAL R 85 -8.24 43.98 -2.78
N TYR R 86 -7.54 42.88 -2.48
CA TYR R 86 -7.63 41.66 -3.27
C TYR R 86 -8.27 40.56 -2.41
N PHE R 87 -9.29 39.91 -2.97
CA PHE R 87 -10.06 38.90 -2.25
C PHE R 87 -9.77 37.52 -2.80
N CYS R 88 -9.79 36.52 -1.92
CA CYS R 88 -9.53 35.13 -2.27
C CYS R 88 -10.80 34.33 -2.11
N GLN R 89 -11.22 33.64 -3.17
CA GLN R 89 -12.42 32.82 -3.16
C GLN R 89 -12.05 31.37 -3.49
N GLN R 90 -12.75 30.43 -2.86
CA GLN R 90 -12.69 29.03 -3.23
C GLN R 90 -14.09 28.56 -3.62
N TYR R 91 -14.17 27.78 -4.70
CA TYR R 91 -15.44 27.27 -5.19
C TYR R 91 -15.40 25.74 -5.32
N ASN R 92 -14.45 25.09 -4.65
CA ASN R 92 -14.42 23.63 -4.64
C ASN R 92 -15.52 23.07 -3.76
N ASN R 93 -15.74 23.66 -2.59
CA ASN R 93 -16.77 23.22 -1.64
C ASN R 93 -17.45 24.50 -1.15
N GLY R 94 -18.66 24.75 -1.64
CA GLY R 94 -19.35 25.99 -1.33
C GLY R 94 -18.73 27.17 -2.05
N PHE R 95 -19.09 28.36 -1.58
CA PHE R 95 -18.59 29.62 -2.16
C PHE R 95 -18.26 30.56 -1.00
N THR R 96 -17.00 30.53 -0.58
CA THR R 96 -16.53 31.34 0.54
C THR R 96 -15.39 32.26 0.09
N PHE R 97 -15.37 33.46 0.65
CA PHE R 97 -14.38 34.47 0.31
C PHE R 97 -13.40 34.67 1.45
N GLY R 98 -12.28 35.31 1.15
CA GLY R 98 -11.31 35.68 2.15
C GLY R 98 -11.59 37.06 2.71
N PRO R 99 -10.89 37.38 3.81
CA PRO R 99 -11.06 38.71 4.42
C PRO R 99 -10.60 39.85 3.52
N GLY R 100 -9.61 39.62 2.66
CA GLY R 100 -9.12 40.66 1.79
C GLY R 100 -7.80 41.27 2.24
N THR R 101 -6.87 41.45 1.31
CA THR R 101 -5.58 42.05 1.60
C THR R 101 -5.45 43.36 0.82
N LYS R 102 -5.11 44.43 1.53
CA LYS R 102 -5.01 45.76 0.94
C LYS R 102 -3.55 46.07 0.60
N VAL R 103 -3.35 46.66 -0.58
CA VAL R 103 -2.04 47.11 -1.01
C VAL R 103 -2.04 48.64 -1.00
N ASP R 104 -1.08 49.23 -0.28
CA ASP R 104 -1.03 50.68 -0.13
C ASP R 104 0.37 51.18 -0.47
N PHE R 105 0.48 52.51 -0.59
CA PHE R 105 1.74 53.15 -0.91
C PHE R 105 2.75 52.97 0.22
N LYS R 106 4.03 52.97 -0.13
CA LYS R 106 5.10 52.89 0.86
C LYS R 106 5.79 54.24 1.02
N GLN S 1 -19.68 43.14 -24.58
CA GLN S 1 -19.92 44.04 -23.47
C GLN S 1 -21.05 43.52 -22.58
N VAL S 2 -20.68 42.74 -21.56
CA VAL S 2 -21.64 42.18 -20.61
C VAL S 2 -21.91 43.25 -19.56
N GLN S 3 -23.13 43.77 -19.52
CA GLN S 3 -23.52 44.84 -18.60
C GLN S 3 -24.59 44.31 -17.66
N LEU S 4 -24.34 44.41 -16.36
CA LEU S 4 -25.27 43.99 -15.33
C LEU S 4 -25.58 45.18 -14.43
N VAL S 5 -26.86 45.48 -14.24
CA VAL S 5 -27.31 46.59 -13.41
C VAL S 5 -28.32 46.05 -12.40
N GLU S 6 -28.10 46.36 -11.13
CA GLU S 6 -29.02 45.96 -10.08
C GLU S 6 -30.04 47.05 -9.81
N SER S 7 -31.15 46.67 -9.18
CA SER S 7 -32.21 47.61 -8.87
C SER S 7 -32.98 47.10 -7.65
N GLY S 8 -33.98 47.87 -7.23
CA GLY S 8 -34.83 47.48 -6.12
C GLY S 8 -34.27 47.78 -4.75
N GLY S 9 -33.13 48.44 -4.65
CA GLY S 9 -32.55 48.78 -3.36
C GLY S 9 -33.29 49.91 -2.68
N GLY S 10 -32.91 50.14 -1.43
CA GLY S 10 -33.52 51.19 -0.64
C GLY S 10 -33.41 50.87 0.84
N VAL S 11 -34.34 51.45 1.61
CA VAL S 11 -34.37 51.31 3.06
C VAL S 11 -35.70 50.69 3.44
N VAL S 12 -35.64 49.61 4.23
CA VAL S 12 -36.83 48.94 4.73
C VAL S 12 -36.63 48.62 6.20
N GLN S 13 -37.76 48.42 6.91
CA GLN S 13 -37.75 48.06 8.31
C GLN S 13 -37.53 46.56 8.48
N PRO S 14 -36.97 46.13 9.62
CA PRO S 14 -36.78 44.70 9.85
C PRO S 14 -38.10 43.94 9.82
N GLY S 15 -38.05 42.72 9.29
CA GLY S 15 -39.23 41.89 9.16
C GLY S 15 -40.08 42.15 7.93
N ARG S 16 -39.69 43.11 7.10
CA ARG S 16 -40.42 43.45 5.89
C ARG S 16 -39.78 42.74 4.69
N SER S 17 -40.44 42.85 3.53
CA SER S 17 -40.03 42.15 2.32
C SER S 17 -39.49 43.15 1.31
N LEU S 18 -38.38 42.80 0.67
CA LEU S 18 -37.77 43.60 -0.38
C LEU S 18 -37.44 42.69 -1.57
N ARG S 19 -37.58 43.23 -2.77
CA ARG S 19 -37.36 42.48 -4.00
C ARG S 19 -36.32 43.21 -4.86
N LEU S 20 -35.17 42.58 -5.04
CA LEU S 20 -34.12 43.10 -5.91
C LEU S 20 -34.26 42.52 -7.31
N SER S 21 -33.80 43.29 -8.29
CA SER S 21 -33.82 42.87 -9.68
C SER S 21 -32.47 43.15 -10.31
N CYS S 22 -32.13 42.37 -11.34
CA CYS S 22 -30.86 42.48 -12.03
C CYS S 22 -31.08 42.20 -13.51
N ALA S 23 -30.81 43.20 -14.34
CA ALA S 23 -30.99 43.10 -15.79
C ALA S 23 -29.67 42.77 -16.45
N ALA S 24 -29.67 41.75 -17.30
CA ALA S 24 -28.46 41.27 -17.97
C ALA S 24 -28.56 41.50 -19.47
N SER S 25 -27.44 41.88 -20.07
CA SER S 25 -27.36 42.09 -21.51
C SER S 25 -25.92 41.90 -21.94
N GLY S 26 -25.74 41.68 -23.24
CA GLY S 26 -24.42 41.47 -23.80
C GLY S 26 -23.95 40.03 -23.87
N PHE S 27 -24.83 39.07 -23.57
CA PHE S 27 -24.48 37.66 -23.67
C PHE S 27 -25.77 36.86 -23.76
N THR S 28 -25.63 35.57 -24.10
CA THR S 28 -26.76 34.66 -24.10
C THR S 28 -27.19 34.40 -22.67
N PHE S 29 -28.28 35.03 -22.24
CA PHE S 29 -28.68 34.98 -20.84
C PHE S 29 -29.07 33.58 -20.41
N ARG S 30 -29.76 32.85 -21.28
CA ARG S 30 -30.36 31.58 -20.89
C ARG S 30 -29.36 30.42 -20.86
N ASN S 31 -28.09 30.67 -21.21
CA ASN S 31 -27.08 29.61 -21.21
C ASN S 31 -26.19 29.63 -19.98
N PHE S 32 -26.42 30.54 -19.03
CA PHE S 32 -25.53 30.69 -17.89
C PHE S 32 -26.35 30.80 -16.60
N GLY S 33 -25.70 30.46 -15.50
CA GLY S 33 -26.29 30.59 -14.17
C GLY S 33 -25.75 31.80 -13.45
N MET S 34 -26.65 32.55 -12.83
CA MET S 34 -26.30 33.81 -12.16
C MET S 34 -26.36 33.64 -10.65
N HIS S 35 -25.52 34.41 -9.96
CA HIS S 35 -25.40 34.35 -8.52
C HIS S 35 -25.84 35.66 -7.90
N TRP S 36 -25.75 35.72 -6.56
CA TRP S 36 -25.85 36.95 -5.80
C TRP S 36 -24.74 36.96 -4.77
N VAL S 37 -24.03 38.09 -4.67
CA VAL S 37 -22.91 38.24 -3.75
C VAL S 37 -23.17 39.44 -2.86
N ARG S 38 -22.97 39.25 -1.55
CA ARG S 38 -23.24 40.27 -0.56
C ARG S 38 -21.93 40.75 0.06
N GLN S 39 -21.81 42.07 0.22
CA GLN S 39 -20.61 42.67 0.78
C GLN S 39 -20.99 43.52 1.99
N THR S 40 -20.69 43.02 3.19
CA THR S 40 -20.90 43.74 4.43
C THR S 40 -19.58 44.38 4.86
N PRO S 41 -19.52 45.69 5.05
CA PRO S 41 -18.30 46.30 5.58
C PRO S 41 -17.95 45.71 6.94
N GLY S 42 -16.67 45.41 7.15
CA GLY S 42 -16.21 44.77 8.35
C GLY S 42 -16.26 43.25 8.34
N LYS S 43 -16.85 42.65 7.31
CA LYS S 43 -16.89 41.20 7.15
C LYS S 43 -16.38 40.73 5.80
N GLY S 44 -16.57 41.53 4.75
CA GLY S 44 -16.11 41.17 3.42
C GLY S 44 -17.22 40.64 2.54
N LEU S 45 -16.80 39.99 1.47
CA LEU S 45 -17.71 39.40 0.50
C LEU S 45 -18.24 38.07 1.02
N GLU S 46 -19.52 37.81 0.74
CA GLU S 46 -20.16 36.57 1.14
C GLU S 46 -21.16 36.15 0.08
N TRP S 47 -21.21 34.85 -0.22
CA TRP S 47 -22.14 34.32 -1.20
C TRP S 47 -23.55 34.25 -0.62
N VAL S 48 -24.54 34.36 -1.50
CA VAL S 48 -25.94 34.37 -1.11
C VAL S 48 -26.71 33.23 -1.77
N ALA S 49 -26.76 33.20 -3.10
CA ALA S 49 -27.57 32.22 -3.79
C ALA S 49 -27.02 31.98 -5.19
N VAL S 50 -27.50 30.90 -5.82
CA VAL S 50 -27.16 30.54 -7.19
C VAL S 50 -28.38 29.92 -7.84
N ILE S 51 -28.55 30.15 -9.14
CA ILE S 51 -29.64 29.59 -9.91
C ILE S 51 -29.07 28.97 -11.18
N TRP S 52 -29.65 27.84 -11.59
CA TRP S 52 -29.21 27.16 -12.80
C TRP S 52 -29.62 27.95 -14.03
N HIS S 53 -29.19 27.50 -15.20
CA HIS S 53 -29.47 28.22 -16.44
C HIS S 53 -30.98 28.25 -16.72
N ASP S 54 -31.66 27.12 -16.50
CA ASP S 54 -33.09 27.02 -16.73
C ASP S 54 -33.90 27.25 -15.46
N GLY S 55 -33.24 27.55 -14.35
CA GLY S 55 -33.93 27.71 -13.08
C GLY S 55 -34.34 26.41 -12.42
N SER S 56 -33.75 25.28 -12.83
CA SER S 56 -34.14 23.99 -12.27
C SER S 56 -33.74 23.88 -10.80
N ASN S 57 -32.50 24.23 -10.49
CA ASN S 57 -31.97 24.12 -9.14
C ASN S 57 -31.70 25.51 -8.57
N LYS S 58 -31.97 25.65 -7.27
CA LYS S 58 -31.68 26.88 -6.55
C LYS S 58 -31.01 26.52 -5.23
N PHE S 59 -29.87 27.16 -4.96
CA PHE S 59 -29.13 26.90 -3.72
C PHE S 59 -28.93 28.23 -3.01
N TYR S 60 -28.99 28.20 -1.69
CA TYR S 60 -28.84 29.39 -0.86
C TYR S 60 -27.82 29.16 0.24
N ALA S 61 -27.19 30.24 0.69
CA ALA S 61 -26.30 30.16 1.83
C ALA S 61 -27.09 29.86 3.10
N ASP S 62 -26.39 29.28 4.09
CA ASP S 62 -27.05 28.92 5.34
C ASP S 62 -27.59 30.14 6.07
N SER S 63 -26.87 31.26 6.01
CA SER S 63 -27.31 32.48 6.67
C SER S 63 -28.59 33.04 6.07
N VAL S 64 -28.91 32.68 4.82
CA VAL S 64 -30.09 33.17 4.13
C VAL S 64 -31.05 32.06 3.74
N GLU S 65 -30.81 30.83 4.22
CA GLU S 65 -31.65 29.71 3.85
C GLU S 65 -33.05 29.87 4.45
N GLY S 66 -34.07 29.68 3.61
CA GLY S 66 -35.44 29.73 4.04
C GLY S 66 -36.09 31.10 4.02
N ARG S 67 -35.29 32.16 3.94
CA ARG S 67 -35.81 33.52 3.87
C ARG S 67 -35.68 34.16 2.51
N PHE S 68 -34.61 33.88 1.78
CA PHE S 68 -34.36 34.49 0.47
C PHE S 68 -34.80 33.54 -0.63
N THR S 69 -35.25 34.10 -1.74
CA THR S 69 -35.70 33.34 -2.90
C THR S 69 -35.11 33.95 -4.16
N ILE S 70 -34.38 33.14 -4.93
CA ILE S 70 -33.79 33.57 -6.18
C ILE S 70 -34.62 33.01 -7.33
N SER S 71 -34.87 33.84 -8.33
CA SER S 71 -35.64 33.44 -9.50
C SER S 71 -35.12 34.18 -10.71
N ARG S 72 -35.56 33.73 -11.89
CA ARG S 72 -35.07 34.31 -13.13
C ARG S 72 -36.15 34.20 -14.19
N ASP S 73 -36.09 35.10 -15.18
CA ASP S 73 -37.00 35.12 -16.31
C ASP S 73 -36.16 35.21 -17.58
N ASN S 74 -36.02 34.10 -18.28
CA ASN S 74 -35.18 34.07 -19.48
C ASN S 74 -35.78 34.86 -20.64
N SER S 75 -37.08 35.14 -20.63
CA SER S 75 -37.71 35.92 -21.68
C SER S 75 -37.56 37.43 -21.46
N LYS S 76 -37.12 37.86 -20.29
CA LYS S 76 -36.92 39.26 -19.99
C LYS S 76 -35.47 39.59 -19.61
N ASN S 77 -34.60 38.59 -19.55
CA ASN S 77 -33.19 38.78 -19.19
C ASN S 77 -33.05 39.49 -17.85
N MET S 78 -33.75 38.97 -16.84
CA MET S 78 -33.77 39.57 -15.51
C MET S 78 -33.52 38.51 -14.45
N ILE S 79 -32.79 38.92 -13.41
CA ILE S 79 -32.54 38.07 -12.26
C ILE S 79 -33.16 38.74 -11.04
N TYR S 80 -33.91 37.96 -10.26
CA TYR S 80 -34.65 38.50 -9.13
C TYR S 80 -34.14 37.86 -7.85
N LEU S 81 -34.40 38.54 -6.73
CA LEU S 81 -34.06 38.06 -5.40
C LEU S 81 -35.08 38.60 -4.42
N GLN S 82 -36.03 37.76 -4.02
CA GLN S 82 -37.08 38.13 -3.09
C GLN S 82 -36.54 37.92 -1.67
N MET S 83 -36.53 38.99 -0.88
CA MET S 83 -35.91 38.99 0.44
C MET S 83 -37.03 39.06 1.48
N ASN S 84 -37.45 37.90 1.97
CA ASN S 84 -38.46 37.84 3.01
C ASN S 84 -37.81 37.74 4.39
N SER S 85 -38.56 38.20 5.40
CA SER S 85 -38.09 38.22 6.78
C SER S 85 -36.75 38.93 6.91
N LEU S 86 -36.65 40.09 6.28
CA LEU S 86 -35.40 40.84 6.26
C LEU S 86 -35.02 41.30 7.66
N ARG S 87 -33.73 41.20 7.97
CA ARG S 87 -33.21 41.50 9.29
C ARG S 87 -32.07 42.51 9.19
N VAL S 88 -31.57 42.93 10.35
CA VAL S 88 -30.63 44.04 10.41
C VAL S 88 -29.24 43.63 9.93
N GLU S 89 -28.89 42.35 10.08
CA GLU S 89 -27.57 41.90 9.65
C GLU S 89 -27.49 41.62 8.16
N ASP S 90 -28.60 41.76 7.43
CA ASP S 90 -28.60 41.62 5.98
C ASP S 90 -28.37 42.94 5.27
N THR S 91 -27.93 43.97 5.98
CA THR S 91 -27.63 45.26 5.36
C THR S 91 -26.26 45.21 4.69
N ALA S 92 -26.24 45.36 3.37
CA ALA S 92 -24.99 45.24 2.62
C ALA S 92 -25.21 45.75 1.20
N ILE S 93 -24.19 45.55 0.38
CA ILE S 93 -24.24 45.84 -1.04
C ILE S 93 -24.37 44.53 -1.80
N TYR S 94 -25.38 44.43 -2.65
CA TYR S 94 -25.71 43.19 -3.36
C TYR S 94 -25.19 43.28 -4.79
N TYR S 95 -24.38 42.30 -5.18
CA TYR S 95 -23.80 42.25 -6.52
C TYR S 95 -24.45 41.12 -7.33
N CYS S 96 -24.86 41.45 -8.55
CA CYS S 96 -25.33 40.45 -9.50
C CYS S 96 -24.15 39.95 -10.31
N ALA S 97 -23.83 38.67 -10.13
CA ALA S 97 -22.63 38.10 -10.72
C ALA S 97 -22.97 36.94 -11.63
N ARG S 98 -22.21 36.82 -12.72
CA ARG S 98 -22.36 35.70 -13.66
C ARG S 98 -21.27 34.68 -13.40
N ASP S 99 -21.65 33.40 -13.46
CA ASP S 99 -20.72 32.31 -13.18
C ASP S 99 -19.86 32.06 -14.42
N SER S 100 -18.54 32.04 -14.23
CA SER S 100 -17.56 31.66 -15.24
C SER S 100 -17.43 32.67 -16.37
N LEU S 101 -16.23 32.80 -16.92
CA LEU S 101 -16.03 33.61 -18.12
C LEU S 101 -16.61 32.93 -19.35
N PHE S 102 -16.33 31.64 -19.49
CA PHE S 102 -16.90 30.82 -20.57
C PHE S 102 -17.24 29.47 -19.98
N TYR S 103 -17.88 28.63 -20.80
CA TYR S 103 -18.31 27.31 -20.36
C TYR S 103 -17.09 26.39 -20.28
N ASP S 104 -16.71 26.01 -19.06
CA ASP S 104 -15.75 24.94 -18.82
C ASP S 104 -16.39 23.99 -17.83
N HIS S 105 -16.49 22.71 -18.20
CA HIS S 105 -17.24 21.76 -17.38
C HIS S 105 -16.59 21.55 -16.03
N ASP S 106 -15.26 21.48 -15.98
CA ASP S 106 -14.54 21.20 -14.75
C ASP S 106 -14.19 22.46 -13.96
N ASN S 107 -14.54 23.64 -14.46
CA ASN S 107 -14.25 24.90 -13.77
C ASN S 107 -15.50 25.77 -13.82
N SER S 108 -16.21 25.86 -12.69
CA SER S 108 -17.40 26.68 -12.61
C SER S 108 -17.61 27.11 -11.16
N GLY S 109 -18.26 28.25 -11.00
CA GLY S 109 -18.54 28.80 -9.69
C GLY S 109 -17.84 30.11 -9.37
N TYR S 110 -16.93 30.58 -10.20
CA TYR S 110 -16.29 31.86 -10.03
C TYR S 110 -17.03 32.93 -10.82
N TYR S 111 -16.94 34.16 -10.35
CA TYR S 111 -17.72 35.27 -10.89
C TYR S 111 -16.84 36.09 -11.83
N GLY S 112 -16.92 35.80 -13.13
CA GLY S 112 -16.16 36.56 -14.09
C GLY S 112 -16.66 37.98 -14.24
N TYR S 113 -17.98 38.16 -14.29
CA TYR S 113 -18.59 39.44 -14.62
C TYR S 113 -19.51 39.85 -13.48
N TRP S 114 -19.17 40.96 -12.82
CA TRP S 114 -19.95 41.50 -11.71
C TRP S 114 -20.79 42.69 -12.16
N GLY S 115 -21.92 42.89 -11.49
CA GLY S 115 -22.68 44.11 -11.63
C GLY S 115 -22.12 45.21 -10.75
N GLN S 116 -22.66 46.42 -10.92
CA GLN S 116 -22.17 47.57 -10.17
C GLN S 116 -22.60 47.54 -8.71
N GLY S 117 -23.66 46.80 -8.38
CA GLY S 117 -24.06 46.66 -6.98
C GLY S 117 -25.17 47.60 -6.59
N THR S 118 -26.02 47.11 -5.68
CA THR S 118 -27.11 47.90 -5.11
C THR S 118 -27.00 47.87 -3.60
N LEU S 119 -27.45 48.94 -2.96
CA LEU S 119 -27.35 49.09 -1.52
C LEU S 119 -28.70 48.82 -0.87
N VAL S 120 -28.72 47.90 0.08
CA VAL S 120 -29.91 47.57 0.85
C VAL S 120 -29.58 47.77 2.33
N THR S 121 -30.34 48.64 2.99
CA THR S 121 -30.15 48.94 4.39
C THR S 121 -31.42 48.61 5.16
N VAL S 122 -31.27 47.86 6.25
CA VAL S 122 -32.38 47.48 7.11
C VAL S 122 -32.16 48.08 8.48
N SER S 123 -33.06 48.97 8.88
CA SER S 123 -32.96 49.64 10.18
C SER S 123 -34.31 50.24 10.52
N SER S 124 -34.41 50.76 11.75
CA SER S 124 -35.64 51.39 12.21
C SER S 124 -35.55 52.91 12.08
N GLN T 1 -10.54 26.41 -22.13
CA GLN T 1 -10.99 25.03 -21.98
C GLN T 1 -9.82 24.06 -22.12
N ILE T 2 -9.85 23.24 -23.17
CA ILE T 2 -8.81 22.28 -23.45
C ILE T 2 -7.98 22.76 -24.63
N VAL T 3 -6.67 22.82 -24.45
CA VAL T 3 -5.77 23.32 -25.49
C VAL T 3 -5.08 22.14 -26.16
N MET T 4 -5.18 22.08 -27.48
CA MET T 4 -4.57 21.00 -28.27
C MET T 4 -3.23 21.46 -28.83
N THR T 5 -2.25 20.56 -28.78
CA THR T 5 -0.94 20.81 -29.34
C THR T 5 -0.54 19.66 -30.24
N GLN T 6 -0.01 20.00 -31.42
CA GLN T 6 0.42 19.01 -32.39
C GLN T 6 1.93 19.08 -32.54
N SER T 7 2.55 17.90 -32.70
CA SER T 7 3.98 17.79 -32.85
C SER T 7 4.31 16.60 -33.74
N PRO T 8 5.19 16.77 -34.74
CA PRO T 8 5.88 18.02 -35.11
C PRO T 8 4.99 18.92 -35.96
N ALA T 9 5.37 20.18 -36.14
CA ALA T 9 4.59 21.09 -36.99
C ALA T 9 4.60 20.62 -38.44
N THR T 10 5.75 20.17 -38.93
CA THR T 10 5.87 19.67 -40.29
C THR T 10 6.67 18.38 -40.28
N VAL T 11 6.33 17.49 -41.21
CA VAL T 11 7.03 16.21 -41.37
C VAL T 11 7.44 16.07 -42.84
N SER T 12 8.65 15.54 -43.04
CA SER T 12 9.21 15.35 -44.36
C SER T 12 9.25 13.86 -44.66
N VAL T 13 8.70 13.47 -45.80
CA VAL T 13 8.57 12.06 -46.18
C VAL T 13 8.41 11.97 -47.69
N SER T 14 8.74 10.82 -48.24
CA SER T 14 8.51 10.50 -49.64
C SER T 14 7.31 9.55 -49.76
N PRO T 15 6.62 9.56 -50.90
CA PRO T 15 5.46 8.66 -51.05
C PRO T 15 5.85 7.20 -50.88
N GLY T 16 4.97 6.43 -50.24
CA GLY T 16 5.18 5.02 -50.02
C GLY T 16 5.55 4.63 -48.61
N GLU T 17 5.96 5.58 -47.76
CA GLU T 17 6.32 5.26 -46.39
C GLU T 17 5.19 5.59 -45.43
N ARG T 18 5.45 5.33 -44.15
CA ARG T 18 4.45 5.52 -43.11
C ARG T 18 4.67 6.85 -42.40
N ALA T 19 3.60 7.62 -42.24
CA ALA T 19 3.66 8.93 -41.60
C ALA T 19 2.85 8.91 -40.32
N THR T 20 3.43 9.45 -39.24
CA THR T 20 2.79 9.49 -37.94
C THR T 20 2.53 10.94 -37.55
N LEU T 21 1.30 11.22 -37.12
CA LEU T 21 0.89 12.55 -36.71
C LEU T 21 0.35 12.48 -35.29
N SER T 22 0.84 13.35 -34.42
CA SER T 22 0.53 13.30 -32.99
C SER T 22 -0.33 14.48 -32.57
N CYS T 23 -1.29 14.20 -31.70
CA CYS T 23 -2.15 15.22 -31.10
C CYS T 23 -2.21 15.00 -29.60
N ARG T 24 -2.02 16.08 -28.83
CA ARG T 24 -2.02 16.01 -27.38
C ARG T 24 -2.90 17.12 -26.82
N ALA T 25 -3.70 16.78 -25.81
CA ALA T 25 -4.59 17.72 -25.17
C ALA T 25 -4.19 17.93 -23.71
N SER T 26 -4.43 19.14 -23.21
CA SER T 26 -4.05 19.48 -21.84
C SER T 26 -4.82 18.65 -20.82
N ARG T 27 -6.12 18.45 -21.03
CA ARG T 27 -6.95 17.70 -20.11
C ARG T 27 -7.55 16.51 -20.83
N SER T 28 -8.07 15.56 -20.05
CA SER T 28 -8.60 14.32 -20.60
C SER T 28 -9.78 14.59 -21.52
N VAL T 29 -9.81 13.90 -22.66
CA VAL T 29 -10.87 14.02 -23.65
C VAL T 29 -11.61 12.70 -23.83
N THR T 30 -11.33 11.70 -23.00
CA THR T 30 -11.87 10.35 -23.13
C THR T 30 -11.61 9.79 -24.51
N SER T 31 -12.64 9.71 -25.35
CA SER T 31 -12.52 9.13 -26.70
C SER T 31 -13.30 9.94 -27.72
N LYS T 32 -13.39 11.25 -27.54
CA LYS T 32 -14.10 12.13 -28.45
C LYS T 32 -13.09 13.08 -29.11
N LEU T 33 -12.53 12.65 -30.25
CA LEU T 33 -11.53 13.43 -30.95
C LEU T 33 -11.58 13.12 -32.44
N ALA T 34 -11.65 14.17 -33.25
CA ALA T 34 -11.80 14.03 -34.69
C ALA T 34 -10.58 14.59 -35.41
N TRP T 35 -10.25 13.98 -36.54
CA TRP T 35 -9.17 14.42 -37.41
C TRP T 35 -9.74 14.95 -38.72
N TYR T 36 -9.17 16.05 -39.20
CA TYR T 36 -9.60 16.68 -40.45
C TYR T 36 -8.40 16.87 -41.35
N GLN T 37 -8.64 16.71 -42.65
CA GLN T 37 -7.61 16.92 -43.67
C GLN T 37 -8.03 18.07 -44.56
N GLN T 38 -7.20 19.11 -44.63
CA GLN T 38 -7.47 20.28 -45.45
C GLN T 38 -6.36 20.44 -46.47
N LYS T 39 -6.71 20.41 -47.75
CA LYS T 39 -5.77 20.73 -48.79
C LYS T 39 -5.82 22.23 -49.09
N PRO T 40 -4.77 22.79 -49.67
CA PRO T 40 -4.82 24.20 -50.06
C PRO T 40 -5.92 24.48 -51.08
N GLY T 41 -6.83 25.39 -50.71
CA GLY T 41 -7.87 25.84 -51.60
C GLY T 41 -9.27 25.43 -51.27
N GLN T 42 -9.47 24.35 -50.50
CA GLN T 42 -10.81 23.92 -50.13
C GLN T 42 -10.88 23.55 -48.66
N ALA T 43 -12.11 23.31 -48.20
CA ALA T 43 -12.47 23.07 -46.82
C ALA T 43 -11.88 21.75 -46.31
N PRO T 44 -11.63 21.65 -45.01
CA PRO T 44 -11.14 20.38 -44.45
C PRO T 44 -12.16 19.27 -44.62
N ARG T 45 -11.67 18.05 -44.74
CA ARG T 45 -12.50 16.86 -44.88
C ARG T 45 -12.37 15.98 -43.65
N LEU T 46 -13.50 15.51 -43.14
CA LEU T 46 -13.51 14.66 -41.95
C LEU T 46 -12.97 13.28 -42.31
N LEU T 47 -11.82 12.93 -41.75
CA LEU T 47 -11.26 11.60 -41.96
C LEU T 47 -11.73 10.64 -40.88
N ILE T 48 -11.48 10.99 -39.62
CA ILE T 48 -11.71 10.09 -38.50
C ILE T 48 -12.54 10.80 -37.43
N TYR T 49 -13.51 10.09 -36.87
CA TYR T 49 -14.32 10.64 -35.80
C TYR T 49 -14.36 9.62 -34.67
N GLY T 50 -14.75 10.06 -33.48
CA GLY T 50 -14.66 9.22 -32.31
C GLY T 50 -13.24 9.19 -31.76
N ALA T 51 -12.58 8.05 -31.88
CA ALA T 51 -11.15 7.99 -31.60
C ALA T 51 -10.43 7.24 -32.71
N SER T 52 -11.14 6.30 -33.35
CA SER T 52 -10.58 5.50 -34.44
C SER T 52 -11.55 5.26 -35.60
N THR T 53 -12.84 5.52 -35.43
CA THR T 53 -13.80 5.24 -36.50
C THR T 53 -13.53 6.13 -37.71
N ARG T 54 -13.63 5.53 -38.90
CA ARG T 54 -13.33 6.20 -40.15
C ARG T 54 -14.62 6.65 -40.82
N ALA T 55 -14.59 7.84 -41.41
CA ALA T 55 -15.75 8.35 -42.13
C ALA T 55 -16.01 7.51 -43.38
N THR T 56 -17.28 7.48 -43.79
CA THR T 56 -17.66 6.72 -44.98
C THR T 56 -16.98 7.27 -46.22
N GLY T 57 -16.25 6.42 -46.93
CA GLY T 57 -15.51 6.81 -48.10
C GLY T 57 -14.03 7.00 -47.87
N ILE T 58 -13.59 7.07 -46.62
CA ILE T 58 -12.18 7.23 -46.29
C ILE T 58 -11.48 5.88 -46.47
N PRO T 59 -10.38 5.82 -47.21
CA PRO T 59 -9.67 4.54 -47.38
C PRO T 59 -9.10 4.04 -46.07
N ALA T 60 -8.94 2.72 -45.97
CA ALA T 60 -8.34 2.11 -44.79
C ALA T 60 -6.89 2.52 -44.59
N ARG T 61 -6.31 3.27 -45.52
CA ARG T 61 -4.96 3.79 -45.35
C ARG T 61 -4.87 4.70 -44.14
N PHE T 62 -5.92 5.47 -43.87
CA PHE T 62 -5.95 6.40 -42.74
C PHE T 62 -6.32 5.64 -41.48
N SER T 63 -5.42 5.64 -40.50
CA SER T 63 -5.60 4.91 -39.25
C SER T 63 -5.42 5.85 -38.08
N GLY T 64 -6.40 5.89 -37.19
CA GLY T 64 -6.32 6.70 -35.99
C GLY T 64 -6.38 5.85 -34.73
N SER T 65 -5.82 6.39 -33.65
CA SER T 65 -5.76 5.66 -32.39
C SER T 65 -5.47 6.65 -31.26
N GLY T 66 -5.67 6.18 -30.04
CA GLY T 66 -5.40 6.95 -28.85
C GLY T 66 -6.68 7.33 -28.10
N SER T 67 -6.49 7.64 -26.83
CA SER T 67 -7.58 8.06 -25.96
C SER T 67 -7.00 8.82 -24.78
N GLY T 68 -7.86 9.60 -24.13
CA GLY T 68 -7.43 10.39 -22.99
C GLY T 68 -6.80 11.70 -23.38
N THR T 69 -5.46 11.76 -23.33
CA THR T 69 -4.73 12.97 -23.68
C THR T 69 -3.73 12.76 -24.81
N GLU T 70 -3.45 11.52 -25.20
CA GLU T 70 -2.52 11.22 -26.28
C GLU T 70 -3.30 10.64 -27.45
N PHE T 71 -3.11 11.21 -28.63
CA PHE T 71 -3.76 10.74 -29.85
C PHE T 71 -2.75 10.76 -30.99
N THR T 72 -2.89 9.80 -31.90
CA THR T 72 -2.01 9.71 -33.05
C THR T 72 -2.82 9.42 -34.30
N LEU T 73 -2.29 9.87 -35.45
CA LEU T 73 -2.85 9.58 -36.76
C LEU T 73 -1.76 8.95 -37.60
N THR T 74 -2.01 7.75 -38.10
CA THR T 74 -1.02 6.97 -38.85
C THR T 74 -1.55 6.64 -40.23
N ILE T 75 -0.71 6.82 -41.24
CA ILE T 75 -1.04 6.52 -42.63
C ILE T 75 -0.13 5.39 -43.07
N SER T 76 -0.72 4.25 -43.47
CA SER T 76 0.06 3.04 -43.70
C SER T 76 1.07 3.20 -44.83
N SER T 77 0.65 3.74 -45.97
CA SER T 77 1.56 3.90 -47.11
C SER T 77 1.19 5.23 -47.78
N LEU T 78 1.87 6.29 -47.37
CA LEU T 78 1.40 7.63 -47.65
C LEU T 78 1.49 7.90 -49.15
N GLN T 79 0.42 8.45 -49.70
CA GLN T 79 0.33 8.63 -51.15
C GLN T 79 0.45 10.10 -51.52
N SER T 80 0.30 10.37 -52.81
CA SER T 80 0.60 11.70 -53.33
C SER T 80 -0.61 12.64 -53.27
N GLU T 81 -1.80 12.13 -53.61
CA GLU T 81 -2.98 12.99 -53.65
C GLU T 81 -3.39 13.51 -52.28
N ASP T 82 -2.83 12.95 -51.22
CA ASP T 82 -3.25 13.25 -49.86
C ASP T 82 -2.26 14.13 -49.07
N PHE T 83 -1.36 14.84 -49.76
CA PHE T 83 -0.46 15.78 -49.10
C PHE T 83 -1.25 17.04 -48.76
N ALA T 84 -1.38 17.32 -47.47
CA ALA T 84 -2.22 18.41 -46.98
C ALA T 84 -1.90 18.74 -45.53
N VAL T 85 -2.72 19.58 -44.92
CA VAL T 85 -2.58 19.95 -43.52
C VAL T 85 -3.69 19.27 -42.73
N TYR T 86 -3.34 18.71 -41.57
CA TYR T 86 -4.26 17.90 -40.78
C TYR T 86 -4.53 18.59 -39.45
N PHE T 87 -5.81 18.62 -39.06
CA PHE T 87 -6.24 19.30 -37.86
C PHE T 87 -6.83 18.31 -36.86
N CYS T 88 -6.66 18.63 -35.58
CA CYS T 88 -7.12 17.80 -34.48
C CYS T 88 -8.16 18.56 -33.68
N GLN T 89 -9.35 17.98 -33.51
CA GLN T 89 -10.44 18.60 -32.79
C GLN T 89 -10.85 17.73 -31.62
N GLN T 90 -11.25 18.36 -30.51
CA GLN T 90 -11.89 17.68 -29.40
C GLN T 90 -13.29 18.24 -29.21
N TYR T 91 -14.26 17.35 -29.03
CA TYR T 91 -15.66 17.74 -28.83
C TYR T 91 -16.24 17.14 -27.57
N ASN T 92 -15.39 16.88 -26.57
CA ASN T 92 -15.87 16.41 -25.28
C ASN T 92 -16.19 17.58 -24.35
N ASN T 93 -15.32 18.59 -24.33
CA ASN T 93 -15.51 19.80 -23.53
C ASN T 93 -15.28 20.97 -24.47
N GLY T 94 -16.35 21.65 -24.86
CA GLY T 94 -16.26 22.72 -25.82
C GLY T 94 -15.97 22.20 -27.22
N PHE T 95 -15.38 23.08 -28.03
CA PHE T 95 -15.01 22.76 -29.42
C PHE T 95 -13.74 23.53 -29.74
N THR T 96 -12.60 22.87 -29.62
CA THR T 96 -11.30 23.47 -29.91
C THR T 96 -10.59 22.67 -30.99
N PHE T 97 -9.68 23.34 -31.69
CA PHE T 97 -8.88 22.72 -32.75
C PHE T 97 -7.41 22.79 -32.40
N GLY T 98 -6.63 21.89 -33.00
CA GLY T 98 -5.20 21.97 -32.92
C GLY T 98 -4.63 22.96 -33.91
N PRO T 99 -3.36 23.33 -33.70
CA PRO T 99 -2.72 24.28 -34.62
C PRO T 99 -2.58 23.77 -36.03
N GLY T 100 -2.63 22.45 -36.25
CA GLY T 100 -2.49 21.90 -37.57
C GLY T 100 -1.06 21.53 -37.93
N THR T 101 -0.87 20.36 -38.55
CA THR T 101 0.44 19.89 -38.94
C THR T 101 0.43 19.56 -40.42
N LYS T 102 1.59 19.65 -41.07
CA LYS T 102 1.68 19.55 -42.52
C LYS T 102 2.57 18.38 -42.92
N VAL T 103 2.15 17.66 -43.96
CA VAL T 103 2.95 16.60 -44.56
C VAL T 103 3.52 17.14 -45.88
N ASP T 104 4.81 16.94 -46.09
CA ASP T 104 5.50 17.54 -47.23
C ASP T 104 6.41 16.53 -47.90
N PHE T 105 6.72 16.80 -49.17
CA PHE T 105 7.64 15.96 -49.93
C PHE T 105 9.04 16.01 -49.32
N LYS T 106 9.77 14.91 -49.41
CA LYS T 106 11.15 14.86 -48.93
C LYS T 106 12.13 14.86 -50.11
N GLN U 1 -25.85 13.37 -52.10
CA GLN U 1 -25.22 14.60 -52.58
C GLN U 1 -25.57 15.79 -51.70
N VAL U 2 -24.88 15.91 -50.56
CA VAL U 2 -25.09 17.01 -49.63
C VAL U 2 -24.18 18.16 -50.05
N GLN U 3 -24.78 19.30 -50.39
CA GLN U 3 -24.05 20.49 -50.78
C GLN U 3 -24.40 21.63 -49.83
N LEU U 4 -23.38 22.26 -49.26
CA LEU U 4 -23.53 23.42 -48.40
C LEU U 4 -22.84 24.59 -49.07
N VAL U 5 -23.60 25.63 -49.42
CA VAL U 5 -23.10 26.78 -50.16
C VAL U 5 -23.28 28.02 -49.27
N GLU U 6 -22.18 28.74 -49.04
CA GLU U 6 -22.22 29.93 -48.21
C GLU U 6 -22.38 31.17 -49.07
N SER U 7 -22.83 32.26 -48.44
CA SER U 7 -23.02 33.53 -49.13
C SER U 7 -22.95 34.65 -48.10
N GLY U 8 -23.21 35.88 -48.56
CA GLY U 8 -23.20 37.02 -47.69
C GLY U 8 -21.83 37.58 -47.36
N GLY U 9 -20.78 37.06 -47.97
CA GLY U 9 -19.44 37.54 -47.73
C GLY U 9 -19.18 38.87 -48.42
N GLY U 10 -18.02 39.43 -48.11
CA GLY U 10 -17.62 40.70 -48.66
C GLY U 10 -16.74 41.45 -47.68
N VAL U 11 -16.70 42.77 -47.85
CA VAL U 11 -15.90 43.66 -47.01
C VAL U 11 -16.84 44.65 -46.31
N VAL U 12 -16.55 44.91 -45.04
CA VAL U 12 -17.31 45.87 -44.24
C VAL U 12 -16.35 46.57 -43.29
N GLN U 13 -16.80 47.70 -42.75
CA GLN U 13 -15.99 48.45 -41.81
C GLN U 13 -16.24 47.99 -40.38
N PRO U 14 -15.25 48.13 -39.50
CA PRO U 14 -15.43 47.73 -38.10
C PRO U 14 -16.56 48.51 -37.45
N GLY U 15 -17.31 47.83 -36.57
CA GLY U 15 -18.43 48.43 -35.88
C GLY U 15 -19.74 48.38 -36.61
N ARG U 16 -19.76 47.88 -37.84
CA ARG U 16 -20.97 47.76 -38.64
C ARG U 16 -21.60 46.39 -38.41
N SER U 17 -22.55 46.03 -39.27
CA SER U 17 -23.26 44.76 -39.18
C SER U 17 -23.16 44.02 -40.50
N LEU U 18 -22.94 42.71 -40.43
CA LEU U 18 -22.90 41.85 -41.60
C LEU U 18 -23.70 40.58 -41.32
N ARG U 19 -24.30 40.02 -42.37
CA ARG U 19 -25.12 38.82 -42.26
C ARG U 19 -24.63 37.77 -43.25
N LEU U 20 -24.30 36.59 -42.73
CA LEU U 20 -23.88 35.47 -43.56
C LEU U 20 -25.02 34.49 -43.73
N SER U 21 -25.10 33.89 -44.92
CA SER U 21 -26.15 32.93 -45.22
C SER U 21 -25.54 31.64 -45.73
N CYS U 22 -26.21 30.53 -45.42
CA CYS U 22 -25.77 29.19 -45.82
C CYS U 22 -26.98 28.39 -46.25
N ALA U 23 -26.90 27.82 -47.45
CA ALA U 23 -27.99 27.01 -48.00
C ALA U 23 -27.59 25.54 -47.98
N ALA U 24 -28.49 24.70 -47.49
CA ALA U 24 -28.24 23.28 -47.30
C ALA U 24 -29.23 22.46 -48.11
N SER U 25 -28.72 21.45 -48.82
CA SER U 25 -29.55 20.53 -49.58
C SER U 25 -28.87 19.18 -49.63
N GLY U 26 -29.66 18.15 -49.91
CA GLY U 26 -29.16 16.79 -49.95
C GLY U 26 -29.36 15.99 -48.69
N PHE U 27 -30.01 16.56 -47.68
CA PHE U 27 -30.28 15.85 -46.43
C PHE U 27 -31.49 16.50 -45.77
N THR U 28 -32.06 15.80 -44.79
CA THR U 28 -33.16 16.37 -44.02
C THR U 28 -32.62 17.46 -43.12
N PHE U 29 -32.93 18.71 -43.46
CA PHE U 29 -32.35 19.85 -42.75
C PHE U 29 -32.82 19.92 -41.31
N ARG U 30 -34.10 19.60 -41.07
CA ARG U 30 -34.70 19.79 -39.76
C ARG U 30 -34.27 18.74 -38.73
N ASN U 31 -33.56 17.71 -39.15
CA ASN U 31 -33.17 16.63 -38.26
C ASN U 31 -31.73 16.73 -37.77
N PHE U 32 -31.02 17.81 -38.07
CA PHE U 32 -29.62 17.93 -37.69
C PHE U 32 -29.33 19.34 -37.17
N GLY U 33 -28.26 19.44 -36.38
CA GLY U 33 -27.81 20.72 -35.86
C GLY U 33 -26.67 21.26 -36.70
N MET U 34 -26.68 22.57 -36.92
CA MET U 34 -25.74 23.26 -37.79
C MET U 34 -24.70 24.03 -36.98
N HIS U 35 -23.55 24.26 -37.61
CA HIS U 35 -22.43 24.94 -36.96
C HIS U 35 -21.88 26.03 -37.88
N TRP U 36 -20.99 26.84 -37.32
CA TRP U 36 -20.18 27.78 -38.05
C TRP U 36 -18.75 27.66 -37.56
N VAL U 37 -17.79 27.66 -38.50
CA VAL U 37 -16.39 27.49 -38.19
C VAL U 37 -15.59 28.62 -38.83
N ARG U 38 -14.65 29.17 -38.08
CA ARG U 38 -13.81 30.26 -38.56
C ARG U 38 -12.38 29.77 -38.73
N GLN U 39 -11.71 30.27 -39.77
CA GLN U 39 -10.32 29.89 -40.05
C GLN U 39 -9.50 31.16 -40.26
N THR U 40 -8.60 31.43 -39.31
CA THR U 40 -7.67 32.56 -39.40
C THR U 40 -6.28 32.03 -39.65
N PRO U 41 -5.58 32.45 -40.71
CA PRO U 41 -4.20 32.03 -40.90
C PRO U 41 -3.33 32.48 -39.73
N GLY U 42 -2.43 31.58 -39.31
CA GLY U 42 -1.62 31.82 -38.13
C GLY U 42 -2.23 31.33 -36.84
N LYS U 43 -3.52 31.02 -36.82
CA LYS U 43 -4.21 30.49 -35.66
C LYS U 43 -4.84 29.13 -35.90
N GLY U 44 -5.29 28.86 -37.11
CA GLY U 44 -6.03 27.65 -37.42
C GLY U 44 -7.53 27.87 -37.43
N LEU U 45 -8.24 26.76 -37.37
CA LEU U 45 -9.71 26.81 -37.33
C LEU U 45 -10.18 27.20 -35.94
N GLU U 46 -11.33 27.87 -35.90
CA GLU U 46 -11.92 28.34 -34.64
C GLU U 46 -13.43 28.17 -34.72
N TRP U 47 -14.01 27.63 -33.65
CA TRP U 47 -15.45 27.43 -33.58
C TRP U 47 -16.15 28.74 -33.24
N VAL U 48 -17.35 28.92 -33.79
CA VAL U 48 -18.10 30.16 -33.65
C VAL U 48 -19.41 29.93 -32.91
N ALA U 49 -20.31 29.11 -33.46
CA ALA U 49 -21.62 28.94 -32.86
C ALA U 49 -22.23 27.62 -33.32
N VAL U 50 -23.24 27.17 -32.58
CA VAL U 50 -24.00 25.97 -32.88
C VAL U 50 -25.47 26.24 -32.62
N ILE U 51 -26.34 25.63 -33.42
CA ILE U 51 -27.78 25.75 -33.26
C ILE U 51 -28.40 24.36 -33.30
N TRP U 52 -29.37 24.13 -32.42
CA TRP U 52 -30.06 22.85 -32.34
C TRP U 52 -30.85 22.59 -33.61
N HIS U 53 -31.43 21.40 -33.70
CA HIS U 53 -32.18 21.03 -34.91
C HIS U 53 -33.39 21.93 -35.11
N ASP U 54 -34.12 22.21 -34.03
CA ASP U 54 -35.29 23.09 -34.10
C ASP U 54 -34.98 24.53 -33.70
N GLY U 55 -33.72 24.83 -33.42
CA GLY U 55 -33.35 26.17 -33.00
C GLY U 55 -33.63 26.48 -31.56
N SER U 56 -33.92 25.47 -30.73
CA SER U 56 -34.23 25.71 -29.32
C SER U 56 -33.03 26.26 -28.57
N ASN U 57 -31.84 25.74 -28.86
CA ASN U 57 -30.63 26.11 -28.15
C ASN U 57 -29.60 26.69 -29.11
N LYS U 58 -28.90 27.72 -28.63
CA LYS U 58 -27.83 28.35 -29.39
C LYS U 58 -26.66 28.60 -28.44
N PHE U 59 -25.49 28.12 -28.82
CA PHE U 59 -24.29 28.27 -28.00
C PHE U 59 -23.21 28.95 -28.83
N TYR U 60 -22.52 29.90 -28.23
CA TYR U 60 -21.51 30.70 -28.92
C TYR U 60 -20.16 30.57 -28.23
N ALA U 61 -19.10 30.82 -28.99
CA ALA U 61 -17.76 30.83 -28.43
C ALA U 61 -17.53 32.06 -27.58
N ASP U 62 -16.52 32.01 -26.72
CA ASP U 62 -16.20 33.13 -25.85
C ASP U 62 -15.78 34.35 -26.66
N SER U 63 -14.98 34.14 -27.71
CA SER U 63 -14.47 35.26 -28.50
C SER U 63 -15.57 35.98 -29.26
N VAL U 64 -16.73 35.35 -29.46
CA VAL U 64 -17.82 35.94 -30.23
C VAL U 64 -19.10 36.07 -29.41
N GLU U 65 -19.02 35.84 -28.10
CA GLU U 65 -20.21 35.89 -27.26
C GLU U 65 -20.73 37.31 -27.16
N GLY U 66 -22.06 37.46 -27.35
CA GLY U 66 -22.71 38.74 -27.21
C GLY U 66 -22.73 39.60 -28.46
N ARG U 67 -22.06 39.19 -29.53
CA ARG U 67 -22.04 39.94 -30.77
C ARG U 67 -22.63 39.20 -31.95
N PHE U 68 -22.36 37.90 -32.08
CA PHE U 68 -22.87 37.09 -33.17
C PHE U 68 -24.21 36.47 -32.78
N THR U 69 -25.10 36.36 -33.76
CA THR U 69 -26.42 35.78 -33.56
C THR U 69 -26.69 34.77 -34.67
N ILE U 70 -26.87 33.51 -34.29
CA ILE U 70 -27.13 32.43 -35.23
C ILE U 70 -28.61 32.11 -35.19
N SER U 71 -29.17 31.79 -36.36
CA SER U 71 -30.59 31.48 -36.47
C SER U 71 -30.79 30.54 -37.65
N ARG U 72 -31.98 29.95 -37.73
CA ARG U 72 -32.26 28.98 -38.78
C ARG U 72 -33.75 28.97 -39.06
N ASP U 73 -34.09 28.65 -40.31
CA ASP U 73 -35.48 28.43 -40.72
C ASP U 73 -35.54 27.10 -41.47
N ASN U 74 -36.18 26.11 -40.86
CA ASN U 74 -36.27 24.79 -41.47
C ASN U 74 -37.17 24.78 -42.70
N SER U 75 -37.99 25.81 -42.89
CA SER U 75 -38.85 25.90 -44.07
C SER U 75 -38.08 26.30 -45.32
N LYS U 76 -36.92 26.94 -45.18
CA LYS U 76 -36.11 27.33 -46.34
C LYS U 76 -34.77 26.60 -46.39
N ASN U 77 -34.49 25.72 -45.44
CA ASN U 77 -33.23 24.97 -45.39
C ASN U 77 -32.02 25.89 -45.50
N MET U 78 -32.06 26.98 -44.73
CA MET U 78 -31.02 28.00 -44.79
C MET U 78 -30.53 28.34 -43.40
N ILE U 79 -29.26 28.73 -43.31
CA ILE U 79 -28.61 29.05 -42.05
C ILE U 79 -28.08 30.47 -42.12
N TYR U 80 -28.24 31.20 -41.01
CA TYR U 80 -27.82 32.59 -40.93
C TYR U 80 -26.85 32.77 -39.78
N LEU U 81 -26.04 33.82 -39.88
CA LEU U 81 -25.16 34.25 -38.79
C LEU U 81 -25.10 35.76 -38.81
N GLN U 82 -25.98 36.40 -38.04
CA GLN U 82 -26.05 37.86 -37.97
C GLN U 82 -24.89 38.33 -37.12
N MET U 83 -23.94 39.02 -37.74
CA MET U 83 -22.65 39.34 -37.15
C MET U 83 -22.59 40.85 -36.90
N ASN U 84 -22.97 41.26 -35.69
CA ASN U 84 -22.95 42.67 -35.34
C ASN U 84 -21.64 43.03 -34.65
N SER U 85 -21.27 44.31 -34.78
CA SER U 85 -20.07 44.87 -34.16
C SER U 85 -18.81 44.07 -34.53
N LEU U 86 -18.55 43.97 -35.82
CA LEU U 86 -17.37 43.28 -36.28
C LEU U 86 -16.11 44.01 -35.84
N ARG U 87 -15.07 43.24 -35.52
CA ARG U 87 -13.79 43.78 -35.10
C ARG U 87 -12.69 43.21 -35.97
N VAL U 88 -11.52 43.88 -35.95
CA VAL U 88 -10.44 43.55 -36.86
C VAL U 88 -10.02 42.08 -36.70
N GLU U 89 -10.23 41.51 -35.52
CA GLU U 89 -9.89 40.11 -35.28
C GLU U 89 -10.77 39.14 -36.05
N ASP U 90 -11.85 39.60 -36.68
CA ASP U 90 -12.85 38.73 -37.28
C ASP U 90 -12.58 38.40 -38.74
N THR U 91 -11.47 38.87 -39.32
CA THR U 91 -11.16 38.54 -40.71
C THR U 91 -10.79 37.07 -40.83
N ALA U 92 -11.62 36.30 -41.52
CA ALA U 92 -11.42 34.86 -41.65
C ALA U 92 -12.37 34.31 -42.69
N ILE U 93 -12.28 33.00 -42.91
CA ILE U 93 -13.17 32.28 -43.80
C ILE U 93 -14.19 31.52 -42.95
N TYR U 94 -15.47 31.68 -43.25
CA TYR U 94 -16.55 31.12 -42.46
C TYR U 94 -17.09 29.88 -43.15
N TYR U 95 -17.05 28.75 -42.46
CA TYR U 95 -17.52 27.48 -42.99
C TYR U 95 -18.85 27.10 -42.38
N CYS U 96 -19.80 26.71 -43.23
CA CYS U 96 -21.06 26.14 -42.80
C CYS U 96 -20.92 24.62 -42.72
N ALA U 97 -20.81 24.11 -41.50
CA ALA U 97 -20.50 22.71 -41.27
C ALA U 97 -21.66 22.01 -40.59
N ARG U 98 -21.83 20.73 -40.89
CA ARG U 98 -22.90 19.93 -40.31
C ARG U 98 -22.36 19.04 -39.20
N ASP U 99 -23.16 18.86 -38.15
CA ASP U 99 -22.76 18.05 -37.01
C ASP U 99 -23.01 16.58 -37.30
N SER U 100 -21.98 15.76 -37.15
CA SER U 100 -22.04 14.30 -37.24
C SER U 100 -22.29 13.81 -38.66
N LEU U 101 -21.71 12.65 -38.99
CA LEU U 101 -22.04 11.99 -40.25
C LEU U 101 -23.45 11.40 -40.21
N PHE U 102 -23.77 10.72 -39.11
CA PHE U 102 -25.12 10.26 -38.82
C PHE U 102 -25.33 10.39 -37.32
N TYR U 103 -26.55 10.12 -36.88
CA TYR U 103 -26.89 10.32 -35.48
C TYR U 103 -26.35 9.14 -34.69
N ASP U 104 -25.37 9.41 -33.83
CA ASP U 104 -24.99 8.52 -32.75
C ASP U 104 -25.16 9.30 -31.45
N HIS U 105 -25.91 8.73 -30.51
CA HIS U 105 -26.29 9.48 -29.32
C HIS U 105 -25.08 9.89 -28.49
N ASP U 106 -24.09 9.00 -28.38
CA ASP U 106 -22.90 9.28 -27.58
C ASP U 106 -21.77 9.90 -28.38
N ASN U 107 -21.98 10.18 -29.67
CA ASN U 107 -20.95 10.78 -30.51
C ASN U 107 -21.57 11.90 -31.32
N SER U 108 -21.47 13.13 -30.83
CA SER U 108 -21.95 14.29 -31.55
C SER U 108 -21.06 15.49 -31.22
N GLY U 109 -20.99 16.42 -32.17
CA GLY U 109 -20.13 17.58 -32.03
C GLY U 109 -18.96 17.64 -32.99
N TYR U 110 -18.85 16.68 -33.91
CA TYR U 110 -17.81 16.70 -34.93
C TYR U 110 -18.46 17.01 -36.29
N TYR U 111 -17.72 17.78 -37.09
CA TYR U 111 -18.25 18.27 -38.36
C TYR U 111 -17.90 17.28 -39.46
N GLY U 112 -18.93 16.67 -40.05
CA GLY U 112 -18.69 15.72 -41.12
C GLY U 112 -18.69 16.38 -42.49
N TYR U 113 -19.65 17.27 -42.73
CA TYR U 113 -19.88 17.84 -44.07
C TYR U 113 -19.61 19.33 -43.99
N TRP U 114 -18.59 19.79 -44.71
CA TRP U 114 -18.20 21.19 -44.74
C TRP U 114 -18.62 21.86 -46.04
N GLY U 115 -18.78 23.18 -45.99
CA GLY U 115 -18.94 23.98 -47.18
C GLY U 115 -17.62 24.62 -47.60
N GLN U 116 -17.61 25.17 -48.81
CA GLN U 116 -16.37 25.73 -49.34
C GLN U 116 -15.91 26.99 -48.59
N GLY U 117 -16.82 27.66 -47.90
CA GLY U 117 -16.41 28.80 -47.11
C GLY U 117 -16.55 30.12 -47.83
N THR U 118 -16.84 31.17 -47.07
CA THR U 118 -16.90 32.53 -47.58
C THR U 118 -15.94 33.40 -46.81
N LEU U 119 -15.37 34.39 -47.50
CA LEU U 119 -14.34 35.25 -46.94
C LEU U 119 -14.97 36.54 -46.42
N VAL U 120 -14.77 36.81 -45.13
CA VAL U 120 -15.23 38.04 -44.49
C VAL U 120 -14.00 38.73 -43.90
N THR U 121 -13.74 39.95 -44.35
CA THR U 121 -12.63 40.75 -43.86
C THR U 121 -13.13 42.14 -43.48
N VAL U 122 -12.55 42.72 -42.43
CA VAL U 122 -12.94 44.03 -41.94
C VAL U 122 -11.70 44.92 -41.89
N SER U 123 -11.81 46.11 -42.46
CA SER U 123 -10.73 47.08 -42.46
C SER U 123 -11.30 48.42 -42.90
N SER U 124 -10.40 49.39 -43.09
CA SER U 124 -10.80 50.70 -43.56
C SER U 124 -10.08 51.05 -44.85
N GLN V 1 -23.44 3.62 -35.58
CA GLN V 1 -24.24 3.43 -34.38
C GLN V 1 -23.75 2.23 -33.58
N ILE V 2 -24.65 1.29 -33.30
CA ILE V 2 -24.34 0.09 -32.54
C ILE V 2 -24.25 -1.09 -33.50
N VAL V 3 -23.12 -1.80 -33.46
CA VAL V 3 -22.89 -2.93 -34.35
C VAL V 3 -23.27 -4.21 -33.61
N MET V 4 -24.12 -5.02 -34.23
CA MET V 4 -24.57 -6.29 -33.66
C MET V 4 -23.83 -7.47 -34.28
N THR V 5 -23.56 -8.46 -33.45
CA THR V 5 -23.00 -9.73 -33.89
C THR V 5 -23.74 -10.87 -33.22
N GLN V 6 -23.85 -11.99 -33.93
CA GLN V 6 -24.48 -13.19 -33.40
C GLN V 6 -23.55 -14.38 -33.58
N SER V 7 -23.57 -15.27 -32.60
CA SER V 7 -22.68 -16.43 -32.60
C SER V 7 -23.32 -17.55 -31.80
N PRO V 8 -23.30 -18.80 -32.32
CA PRO V 8 -22.75 -19.21 -33.63
C PRO V 8 -23.66 -18.80 -34.79
N ALA V 9 -23.13 -18.73 -36.00
CA ALA V 9 -23.96 -18.37 -37.15
C ALA V 9 -25.04 -19.41 -37.40
N THR V 10 -24.68 -20.69 -37.34
CA THR V 10 -25.64 -21.77 -37.48
C THR V 10 -25.42 -22.79 -36.37
N VAL V 11 -26.52 -23.39 -35.91
CA VAL V 11 -26.47 -24.44 -34.90
C VAL V 11 -27.32 -25.60 -35.36
N SER V 12 -26.81 -26.82 -35.14
CA SER V 12 -27.48 -28.05 -35.51
C SER V 12 -28.20 -28.59 -34.28
N VAL V 13 -29.52 -28.74 -34.37
CA VAL V 13 -30.35 -29.11 -33.24
C VAL V 13 -31.34 -30.18 -33.68
N SER V 14 -31.41 -31.28 -32.94
CA SER V 14 -32.45 -32.28 -33.15
C SER V 14 -33.71 -31.88 -32.39
N PRO V 15 -34.90 -32.21 -32.91
CA PRO V 15 -36.14 -31.83 -32.22
C PRO V 15 -36.22 -32.41 -30.82
N GLY V 16 -36.80 -31.65 -29.90
CA GLY V 16 -36.91 -32.04 -28.52
C GLY V 16 -35.78 -31.56 -27.63
N GLU V 17 -34.71 -31.04 -28.21
CA GLU V 17 -33.58 -30.55 -27.44
C GLU V 17 -33.80 -29.10 -27.03
N ARG V 18 -32.72 -28.48 -26.56
CA ARG V 18 -32.75 -27.06 -26.19
C ARG V 18 -31.68 -26.32 -26.97
N ALA V 19 -32.06 -25.20 -27.59
CA ALA V 19 -31.17 -24.41 -28.43
C ALA V 19 -30.96 -23.04 -27.80
N THR V 20 -29.74 -22.53 -27.89
CA THR V 20 -29.37 -21.23 -27.33
C THR V 20 -28.80 -20.34 -28.44
N LEU V 21 -29.33 -19.13 -28.53
CA LEU V 21 -28.87 -18.14 -29.50
C LEU V 21 -28.37 -16.92 -28.76
N SER V 22 -27.20 -16.42 -29.16
CA SER V 22 -26.53 -15.33 -28.48
C SER V 22 -26.48 -14.09 -29.36
N CYS V 23 -26.67 -12.93 -28.73
CA CYS V 23 -26.60 -11.64 -29.39
C CYS V 23 -25.74 -10.70 -28.56
N ARG V 24 -24.78 -10.06 -29.20
CA ARG V 24 -23.84 -9.16 -28.53
C ARG V 24 -23.76 -7.84 -29.28
N ALA V 25 -23.83 -6.73 -28.55
CA ALA V 25 -23.74 -5.40 -29.12
C ALA V 25 -22.42 -4.75 -28.73
N SER V 26 -21.94 -3.85 -29.60
CA SER V 26 -20.68 -3.17 -29.34
C SER V 26 -20.77 -2.27 -28.11
N ARG V 27 -21.89 -1.56 -27.95
CA ARG V 27 -22.08 -0.66 -26.82
C ARG V 27 -23.36 -1.05 -26.07
N SER V 28 -23.55 -0.43 -24.91
CA SER V 28 -24.66 -0.77 -24.04
C SER V 28 -26.00 -0.46 -24.70
N VAL V 29 -26.96 -1.36 -24.50
CA VAL V 29 -28.30 -1.23 -25.05
C VAL V 29 -29.35 -1.19 -23.95
N THR V 30 -28.92 -1.30 -22.68
CA THR V 30 -29.82 -1.38 -21.53
C THR V 30 -30.84 -2.50 -21.69
N SER V 31 -32.11 -2.16 -21.93
CA SER V 31 -33.18 -3.14 -21.99
C SER V 31 -34.11 -2.88 -23.17
N LYS V 32 -33.56 -2.55 -24.34
CA LYS V 32 -34.33 -2.32 -25.55
C LYS V 32 -33.77 -3.21 -26.65
N LEU V 33 -34.25 -4.45 -26.72
CA LEU V 33 -33.78 -5.42 -27.71
C LEU V 33 -34.90 -6.38 -28.06
N ALA V 34 -35.00 -6.72 -29.34
CA ALA V 34 -36.07 -7.56 -29.84
C ALA V 34 -35.51 -8.71 -30.67
N TRP V 35 -36.23 -9.82 -30.67
CA TRP V 35 -35.89 -11.00 -31.46
C TRP V 35 -37.00 -11.25 -32.48
N TYR V 36 -36.59 -11.51 -33.72
CA TYR V 36 -37.53 -11.76 -34.81
C TYR V 36 -37.26 -13.12 -35.41
N GLN V 37 -38.33 -13.79 -35.86
CA GLN V 37 -38.24 -15.08 -36.52
C GLN V 37 -38.72 -14.93 -37.96
N GLN V 38 -37.91 -15.40 -38.90
CA GLN V 38 -38.24 -15.35 -40.31
C GLN V 38 -38.11 -16.74 -40.91
N LYS V 39 -39.19 -17.21 -41.55
CA LYS V 39 -39.19 -18.45 -42.29
C LYS V 39 -38.96 -18.17 -43.77
N PRO V 40 -38.40 -19.11 -44.52
CA PRO V 40 -38.15 -18.87 -45.95
C PRO V 40 -39.43 -18.51 -46.68
N GLY V 41 -39.41 -17.38 -47.38
CA GLY V 41 -40.56 -16.87 -48.07
C GLY V 41 -41.55 -16.13 -47.20
N GLN V 42 -41.25 -15.94 -45.92
CA GLN V 42 -42.15 -15.28 -44.97
C GLN V 42 -41.49 -14.04 -44.38
N ALA V 43 -42.33 -13.05 -44.09
CA ALA V 43 -41.86 -11.85 -43.41
C ALA V 43 -41.50 -12.17 -41.95
N PRO V 44 -40.51 -11.49 -41.39
CA PRO V 44 -40.12 -11.76 -40.00
C PRO V 44 -41.28 -11.48 -39.05
N ARG V 45 -41.35 -12.30 -37.99
CA ARG V 45 -42.38 -12.18 -36.97
C ARG V 45 -41.75 -11.83 -35.63
N LEU V 46 -42.41 -10.96 -34.88
CA LEU V 46 -41.88 -10.51 -33.59
C LEU V 46 -42.13 -11.59 -32.53
N LEU V 47 -41.04 -12.12 -31.97
CA LEU V 47 -41.15 -13.09 -30.89
C LEU V 47 -41.05 -12.39 -29.54
N ILE V 48 -39.93 -11.73 -29.31
CA ILE V 48 -39.63 -11.11 -28.02
C ILE V 48 -39.36 -9.63 -28.22
N TYR V 49 -39.82 -8.82 -27.27
CA TYR V 49 -39.60 -7.37 -27.36
C TYR V 49 -39.18 -6.83 -26.01
N GLY V 50 -38.40 -5.75 -26.03
CA GLY V 50 -37.81 -5.10 -24.88
C GLY V 50 -36.52 -5.74 -24.42
N ALA V 51 -36.59 -6.78 -23.59
CA ALA V 51 -35.45 -7.67 -23.43
C ALA V 51 -35.90 -9.12 -23.32
N SER V 52 -37.07 -9.33 -22.72
CA SER V 52 -37.60 -10.66 -22.47
C SER V 52 -39.10 -10.80 -22.72
N THR V 53 -39.86 -9.70 -22.76
CA THR V 53 -41.31 -9.79 -22.89
C THR V 53 -41.69 -10.45 -24.21
N ARG V 54 -42.66 -11.35 -24.15
CA ARG V 54 -43.08 -12.16 -25.28
C ARG V 54 -44.27 -11.50 -25.97
N ALA V 55 -44.26 -11.51 -27.29
CA ALA V 55 -45.40 -11.00 -28.06
C ALA V 55 -46.60 -11.91 -27.86
N THR V 56 -47.80 -11.34 -28.01
CA THR V 56 -49.03 -12.10 -27.86
C THR V 56 -49.08 -13.22 -28.90
N GLY V 57 -49.50 -14.40 -28.44
CA GLY V 57 -49.57 -15.59 -29.28
C GLY V 57 -48.30 -16.39 -29.34
N ILE V 58 -47.20 -15.87 -28.79
CA ILE V 58 -45.93 -16.59 -28.75
C ILE V 58 -45.96 -17.57 -27.59
N PRO V 59 -45.69 -18.85 -27.83
CA PRO V 59 -45.72 -19.84 -26.73
C PRO V 59 -44.63 -19.57 -25.71
N ALA V 60 -44.86 -20.05 -24.48
CA ALA V 60 -43.85 -19.96 -23.43
C ALA V 60 -42.59 -20.75 -23.75
N ARG V 61 -42.56 -21.46 -24.88
CA ARG V 61 -41.36 -22.15 -25.31
C ARG V 61 -40.18 -21.21 -25.47
N PHE V 62 -40.44 -20.00 -25.95
CA PHE V 62 -39.39 -19.04 -26.28
C PHE V 62 -39.08 -18.21 -25.04
N SER V 63 -37.82 -18.22 -24.62
CA SER V 63 -37.39 -17.50 -23.42
C SER V 63 -36.20 -16.62 -23.78
N GLY V 64 -36.38 -15.31 -23.65
CA GLY V 64 -35.31 -14.37 -23.89
C GLY V 64 -34.77 -13.80 -22.59
N SER V 65 -33.50 -13.37 -22.64
CA SER V 65 -32.84 -12.84 -21.45
C SER V 65 -31.64 -12.02 -21.89
N GLY V 66 -31.06 -11.32 -20.93
CA GLY V 66 -29.87 -10.52 -21.15
C GLY V 66 -30.12 -9.05 -20.91
N SER V 67 -29.02 -8.35 -20.64
CA SER V 67 -29.06 -6.91 -20.41
C SER V 67 -27.68 -6.33 -20.72
N GLY V 68 -27.67 -5.05 -21.06
CA GLY V 68 -26.42 -4.38 -21.39
C GLY V 68 -25.92 -4.72 -22.78
N THR V 69 -24.83 -5.47 -22.85
CA THR V 69 -24.21 -5.83 -24.13
C THR V 69 -24.30 -7.31 -24.46
N GLU V 70 -24.90 -8.12 -23.59
CA GLU V 70 -25.01 -9.56 -23.81
C GLU V 70 -26.48 -9.96 -23.69
N PHE V 71 -27.01 -10.57 -24.75
CA PHE V 71 -28.39 -11.03 -24.78
C PHE V 71 -28.42 -12.47 -25.29
N THR V 72 -29.42 -13.22 -24.81
CA THR V 72 -29.53 -14.63 -25.12
C THR V 72 -30.97 -14.99 -25.42
N LEU V 73 -31.15 -15.85 -26.42
CA LEU V 73 -32.45 -16.43 -26.75
C LEU V 73 -32.34 -17.95 -26.66
N THR V 74 -33.23 -18.57 -25.89
CA THR V 74 -33.24 -20.01 -25.71
C THR V 74 -34.63 -20.54 -26.05
N ILE V 75 -34.67 -21.78 -26.54
CA ILE V 75 -35.93 -22.45 -26.89
C ILE V 75 -35.99 -23.74 -26.09
N SER V 76 -37.08 -23.91 -25.33
CA SER V 76 -37.16 -25.01 -24.37
C SER V 76 -37.14 -26.37 -25.05
N SER V 77 -38.03 -26.61 -26.00
CA SER V 77 -38.09 -27.92 -26.67
C SER V 77 -38.59 -27.69 -28.11
N LEU V 78 -37.66 -27.54 -29.04
CA LEU V 78 -38.00 -27.20 -30.41
C LEU V 78 -38.71 -28.34 -31.10
N GLN V 79 -39.86 -28.06 -31.71
CA GLN V 79 -40.47 -28.97 -32.66
C GLN V 79 -39.99 -28.62 -34.06
N SER V 80 -40.67 -29.18 -35.07
CA SER V 80 -40.25 -28.97 -36.45
C SER V 80 -40.39 -27.50 -36.87
N GLU V 81 -41.43 -26.82 -36.38
CA GLU V 81 -41.71 -25.47 -36.83
C GLU V 81 -40.75 -24.42 -36.27
N ASP V 82 -39.93 -24.77 -35.28
CA ASP V 82 -38.96 -23.84 -34.71
C ASP V 82 -37.66 -23.76 -35.51
N PHE V 83 -37.62 -24.32 -36.71
CA PHE V 83 -36.44 -24.27 -37.55
C PHE V 83 -36.56 -23.13 -38.55
N ALA V 84 -35.86 -22.03 -38.28
CA ALA V 84 -35.89 -20.84 -39.12
C ALA V 84 -34.70 -19.94 -38.82
N VAL V 85 -34.72 -18.72 -39.33
CA VAL V 85 -33.67 -17.74 -39.07
C VAL V 85 -34.19 -16.74 -38.04
N TYR V 86 -33.30 -16.28 -37.16
CA TYR V 86 -33.65 -15.39 -36.07
C TYR V 86 -32.75 -14.17 -36.09
N PHE V 87 -33.35 -12.98 -35.99
CA PHE V 87 -32.63 -11.72 -36.05
C PHE V 87 -32.67 -11.01 -34.71
N CYS V 88 -31.60 -10.26 -34.42
CA CYS V 88 -31.47 -9.49 -33.20
C CYS V 88 -31.46 -8.01 -33.55
N GLN V 89 -32.37 -7.24 -32.95
CA GLN V 89 -32.49 -5.81 -33.20
C GLN V 89 -32.36 -5.04 -31.90
N GLN V 90 -31.73 -3.86 -31.96
CA GLN V 90 -31.74 -2.90 -30.88
C GLN V 90 -32.39 -1.60 -31.35
N TYR V 91 -33.18 -0.99 -30.48
CA TYR V 91 -33.82 0.29 -30.76
C TYR V 91 -33.54 1.31 -29.65
N ASN V 92 -32.36 1.21 -29.02
CA ASN V 92 -31.98 2.18 -28.00
C ASN V 92 -31.30 3.39 -28.62
N ASN V 93 -30.36 3.16 -29.53
CA ASN V 93 -29.66 4.23 -30.24
C ASN V 93 -29.66 3.81 -31.71
N GLY V 94 -30.57 4.38 -32.48
CA GLY V 94 -30.74 3.98 -33.87
C GLY V 94 -31.52 2.68 -34.00
N PHE V 95 -31.41 2.09 -35.18
CA PHE V 95 -32.11 0.82 -35.49
C PHE V 95 -31.14 -0.04 -36.30
N THR V 96 -30.51 -1.00 -35.63
CA THR V 96 -29.55 -1.89 -36.26
C THR V 96 -29.93 -3.34 -35.99
N PHE V 97 -29.68 -4.19 -36.98
CA PHE V 97 -29.98 -5.61 -36.89
C PHE V 97 -28.69 -6.42 -36.82
N GLY V 98 -28.81 -7.64 -36.29
CA GLY V 98 -27.73 -8.58 -36.34
C GLY V 98 -27.71 -9.34 -37.65
N PRO V 99 -26.63 -10.09 -37.87
CA PRO V 99 -26.52 -10.88 -39.11
C PRO V 99 -27.57 -11.96 -39.24
N GLY V 100 -28.13 -12.44 -38.13
CA GLY V 100 -29.12 -13.49 -38.18
C GLY V 100 -28.52 -14.87 -38.04
N THR V 101 -29.12 -15.72 -37.21
CA THR V 101 -28.64 -17.07 -36.97
C THR V 101 -29.70 -18.06 -37.40
N LYS V 102 -29.25 -19.24 -37.85
CA LYS V 102 -30.15 -20.28 -38.35
C LYS V 102 -30.07 -21.52 -37.47
N VAL V 103 -31.22 -22.11 -37.17
CA VAL V 103 -31.29 -23.40 -36.49
C VAL V 103 -31.57 -24.46 -37.55
N ASP V 104 -30.69 -25.46 -37.63
CA ASP V 104 -30.77 -26.49 -38.65
C ASP V 104 -30.94 -27.85 -38.01
N PHE V 105 -31.58 -28.76 -38.74
CA PHE V 105 -31.78 -30.11 -38.26
C PHE V 105 -30.44 -30.81 -38.09
N LYS V 106 -30.27 -31.51 -36.97
CA LYS V 106 -29.01 -32.19 -36.68
C LYS V 106 -29.00 -33.60 -37.24
N GLN W 1 -57.31 -7.95 -36.85
CA GLN W 1 -56.60 -8.46 -38.01
C GLN W 1 -55.77 -7.37 -38.69
N VAL W 2 -54.62 -7.07 -38.10
CA VAL W 2 -53.72 -6.04 -38.65
C VAL W 2 -53.03 -6.65 -39.87
N GLN W 3 -53.40 -6.17 -41.05
CA GLN W 3 -52.85 -6.66 -42.31
C GLN W 3 -52.14 -5.51 -43.01
N LEU W 4 -50.90 -5.78 -43.46
CA LEU W 4 -50.12 -4.81 -44.21
C LEU W 4 -49.83 -5.38 -45.59
N VAL W 5 -50.39 -4.75 -46.62
CA VAL W 5 -50.21 -5.18 -48.00
C VAL W 5 -49.39 -4.11 -48.72
N GLU W 6 -48.28 -4.53 -49.32
CA GLU W 6 -47.38 -3.59 -49.98
C GLU W 6 -47.48 -3.72 -51.49
N SER W 7 -47.06 -2.67 -52.19
CA SER W 7 -47.09 -2.64 -53.64
C SER W 7 -45.99 -1.71 -54.14
N GLY W 8 -46.04 -1.41 -55.44
CA GLY W 8 -45.09 -0.49 -56.03
C GLY W 8 -43.75 -1.09 -56.42
N GLY W 9 -43.59 -2.41 -56.32
CA GLY W 9 -42.37 -3.06 -56.71
C GLY W 9 -42.23 -3.17 -58.22
N GLY W 10 -41.06 -3.58 -58.64
CA GLY W 10 -40.77 -3.74 -60.06
C GLY W 10 -39.29 -3.59 -60.33
N VAL W 11 -38.99 -3.22 -61.58
CA VAL W 11 -37.62 -3.06 -62.04
C VAL W 11 -37.44 -1.62 -62.50
N VAL W 12 -36.40 -0.96 -61.99
CA VAL W 12 -36.10 0.43 -62.34
C VAL W 12 -34.61 0.55 -62.59
N GLN W 13 -34.26 1.21 -63.71
CA GLN W 13 -32.84 1.38 -64.01
C GLN W 13 -32.20 2.38 -63.05
N PRO W 14 -30.90 2.25 -62.79
CA PRO W 14 -30.24 3.15 -61.84
C PRO W 14 -30.36 4.61 -62.26
N GLY W 15 -30.51 5.48 -61.27
CA GLY W 15 -30.66 6.90 -61.50
C GLY W 15 -32.09 7.37 -61.68
N ARG W 16 -33.06 6.47 -61.69
CA ARG W 16 -34.46 6.82 -61.87
C ARG W 16 -35.19 6.75 -60.53
N SER W 17 -36.48 7.07 -60.55
CA SER W 17 -37.28 7.18 -59.34
C SER W 17 -38.34 6.07 -59.32
N LEU W 18 -38.49 5.44 -58.16
CA LEU W 18 -39.53 4.44 -57.92
C LEU W 18 -40.31 4.83 -56.68
N ARG W 19 -41.60 4.51 -56.68
CA ARG W 19 -42.50 4.84 -55.57
C ARG W 19 -43.15 3.57 -55.05
N LEU W 20 -43.08 3.35 -53.74
CA LEU W 20 -43.72 2.22 -53.09
C LEU W 20 -44.94 2.69 -52.30
N SER W 21 -45.93 1.81 -52.23
CA SER W 21 -47.15 2.09 -51.49
C SER W 21 -47.43 0.94 -50.53
N CYS W 22 -47.94 1.29 -49.35
CA CYS W 22 -48.26 0.31 -48.31
C CYS W 22 -49.65 0.61 -47.77
N ALA W 23 -50.59 -0.29 -48.02
CA ALA W 23 -51.95 -0.18 -47.52
C ALA W 23 -52.08 -0.99 -46.25
N ALA W 24 -52.61 -0.36 -45.20
CA ALA W 24 -52.73 -0.99 -43.89
C ALA W 24 -54.18 -0.99 -43.45
N SER W 25 -54.59 -2.09 -42.79
CA SER W 25 -55.94 -2.25 -42.31
C SER W 25 -55.91 -3.10 -41.04
N GLY W 26 -56.98 -2.99 -40.25
CA GLY W 26 -57.10 -3.74 -39.02
C GLY W 26 -56.67 -3.02 -37.76
N PHE W 27 -56.30 -1.74 -37.85
CA PHE W 27 -55.89 -0.98 -36.68
C PHE W 27 -56.10 0.49 -36.95
N THR W 28 -56.08 1.28 -35.88
CA THR W 28 -56.19 2.73 -36.02
C THR W 28 -54.92 3.26 -36.66
N PHE W 29 -55.01 3.62 -37.94
CA PHE W 29 -53.81 3.97 -38.71
C PHE W 29 -53.14 5.23 -38.16
N ARG W 30 -53.94 6.25 -37.84
CA ARG W 30 -53.39 7.55 -37.47
C ARG W 30 -52.74 7.57 -36.10
N ASN W 31 -52.86 6.51 -35.31
CA ASN W 31 -52.37 6.49 -33.95
C ASN W 31 -50.98 5.88 -33.80
N PHE W 32 -50.38 5.40 -34.88
CA PHE W 32 -49.08 4.75 -34.81
C PHE W 32 -48.18 5.24 -35.94
N GLY W 33 -46.88 5.05 -35.75
CA GLY W 33 -45.89 5.39 -36.76
C GLY W 33 -45.45 4.14 -37.51
N MET W 34 -45.20 4.31 -38.81
CA MET W 34 -44.86 3.20 -39.69
C MET W 34 -43.40 3.27 -40.11
N HIS W 35 -42.83 2.11 -40.42
CA HIS W 35 -41.44 1.99 -40.78
C HIS W 35 -41.30 1.34 -42.15
N TRP W 36 -40.12 1.49 -42.74
CA TRP W 36 -39.70 0.72 -43.90
C TRP W 36 -38.42 -0.03 -43.54
N VAL W 37 -38.39 -1.33 -43.81
CA VAL W 37 -37.26 -2.18 -43.49
C VAL W 37 -36.78 -2.87 -44.77
N ARG W 38 -35.48 -2.87 -44.97
CA ARG W 38 -34.86 -3.39 -46.18
C ARG W 38 -34.17 -4.72 -45.88
N GLN W 39 -34.43 -5.72 -46.71
CA GLN W 39 -33.87 -7.06 -46.54
C GLN W 39 -33.08 -7.43 -47.78
N THR W 40 -31.76 -7.51 -47.64
CA THR W 40 -30.86 -7.84 -48.74
C THR W 40 -30.22 -9.20 -48.47
N PRO W 41 -30.35 -10.18 -49.35
CA PRO W 41 -29.61 -11.44 -49.17
C PRO W 41 -28.11 -11.19 -49.12
N GLY W 42 -27.47 -11.70 -48.08
CA GLY W 42 -26.07 -11.44 -47.84
C GLY W 42 -25.78 -10.25 -46.94
N LYS W 43 -26.79 -9.46 -46.59
CA LYS W 43 -26.64 -8.34 -45.66
C LYS W 43 -27.67 -8.36 -44.55
N GLY W 44 -28.79 -9.03 -44.74
CA GLY W 44 -29.81 -9.11 -43.72
C GLY W 44 -30.76 -7.93 -43.74
N LEU W 45 -31.49 -7.79 -42.64
CA LEU W 45 -32.44 -6.70 -42.47
C LEU W 45 -31.71 -5.40 -42.18
N GLU W 46 -32.09 -4.33 -42.88
CA GLU W 46 -31.52 -3.01 -42.66
C GLU W 46 -32.65 -1.99 -42.58
N TRP W 47 -32.59 -1.14 -41.57
CA TRP W 47 -33.61 -0.10 -41.39
C TRP W 47 -33.44 1.00 -42.43
N VAL W 48 -34.56 1.59 -42.84
CA VAL W 48 -34.57 2.60 -43.89
C VAL W 48 -35.13 3.93 -43.38
N ALA W 49 -36.38 3.94 -42.94
CA ALA W 49 -37.03 5.20 -42.57
C ALA W 49 -38.15 4.93 -41.58
N VAL W 50 -38.55 6.01 -40.90
CA VAL W 50 -39.66 5.98 -39.94
C VAL W 50 -40.39 7.32 -40.03
N ILE W 51 -41.71 7.28 -39.85
CA ILE W 51 -42.54 8.47 -39.83
C ILE W 51 -43.36 8.48 -38.55
N TRP W 52 -43.78 9.67 -38.14
CA TRP W 52 -44.57 9.81 -36.92
C TRP W 52 -46.02 9.46 -37.18
N HIS W 53 -46.84 9.48 -36.13
CA HIS W 53 -48.25 9.12 -36.26
C HIS W 53 -48.99 10.13 -37.13
N ASP W 54 -48.70 11.42 -36.96
CA ASP W 54 -49.33 12.47 -37.75
C ASP W 54 -48.46 12.96 -38.89
N GLY W 55 -47.31 12.32 -39.12
CA GLY W 55 -46.42 12.72 -40.18
C GLY W 55 -45.62 13.97 -39.90
N SER W 56 -45.53 14.39 -38.64
CA SER W 56 -44.79 15.62 -38.31
C SER W 56 -43.30 15.43 -38.54
N ASN W 57 -42.74 14.31 -38.07
CA ASN W 57 -41.30 14.07 -38.14
C ASN W 57 -41.00 12.89 -39.05
N LYS W 58 -39.85 12.97 -39.72
CA LYS W 58 -39.38 11.91 -40.60
C LYS W 58 -37.90 11.69 -40.34
N PHE W 59 -37.51 10.42 -40.24
CA PHE W 59 -36.12 10.06 -39.99
C PHE W 59 -35.70 8.98 -40.97
N TYR W 60 -34.48 9.09 -41.49
CA TYR W 60 -33.95 8.17 -42.49
C TYR W 60 -32.59 7.63 -42.06
N ALA W 61 -32.24 6.47 -42.61
CA ALA W 61 -30.92 5.91 -42.37
C ALA W 61 -29.86 6.70 -43.12
N ASP W 62 -28.60 6.46 -42.76
CA ASP W 62 -27.50 7.19 -43.38
C ASP W 62 -27.37 6.86 -44.87
N SER W 63 -27.60 5.59 -45.24
CA SER W 63 -27.44 5.18 -46.63
C SER W 63 -28.49 5.78 -47.55
N VAL W 64 -29.68 6.11 -47.02
CA VAL W 64 -30.77 6.65 -47.82
C VAL W 64 -31.02 8.13 -47.53
N GLU W 65 -30.10 8.78 -46.82
CA GLU W 65 -30.30 10.17 -46.44
C GLU W 65 -30.27 11.08 -47.66
N GLY W 66 -31.35 11.83 -47.86
CA GLY W 66 -31.44 12.80 -48.94
C GLY W 66 -32.02 12.26 -50.24
N ARG W 67 -32.13 10.95 -50.40
CA ARG W 67 -32.68 10.36 -51.60
C ARG W 67 -34.07 9.78 -51.41
N PHE W 68 -34.34 9.15 -50.29
CA PHE W 68 -35.64 8.54 -50.02
C PHE W 68 -36.53 9.53 -49.26
N THR W 69 -37.81 9.51 -49.59
CA THR W 69 -38.81 10.36 -48.94
C THR W 69 -40.00 9.49 -48.55
N ILE W 70 -40.39 9.57 -47.29
CA ILE W 70 -41.54 8.84 -46.77
C ILE W 70 -42.68 9.80 -46.53
N SER W 71 -43.87 9.44 -46.99
CA SER W 71 -45.04 10.28 -46.84
C SER W 71 -46.20 9.43 -46.33
N ARG W 72 -47.16 10.08 -45.69
CA ARG W 72 -48.30 9.38 -45.12
C ARG W 72 -49.52 10.30 -45.14
N ASP W 73 -50.64 9.75 -45.59
CA ASP W 73 -51.94 10.41 -45.51
C ASP W 73 -52.84 9.54 -44.64
N ASN W 74 -53.64 10.18 -43.78
CA ASN W 74 -54.46 9.44 -42.84
C ASN W 74 -55.87 9.17 -43.35
N SER W 75 -56.27 9.78 -44.46
CA SER W 75 -57.60 9.57 -45.01
C SER W 75 -57.70 8.32 -45.87
N LYS W 76 -56.57 7.74 -46.28
CA LYS W 76 -56.57 6.53 -47.10
C LYS W 76 -55.83 5.36 -46.47
N ASN W 77 -55.26 5.55 -45.27
CA ASN W 77 -54.56 4.48 -44.55
C ASN W 77 -53.42 3.91 -45.39
N MET W 78 -52.54 4.78 -45.86
CA MET W 78 -51.45 4.38 -46.73
C MET W 78 -50.21 5.22 -46.46
N ILE W 79 -49.05 4.57 -46.48
CA ILE W 79 -47.77 5.26 -46.43
C ILE W 79 -47.06 5.04 -47.76
N TYR W 80 -46.12 5.92 -48.05
CA TYR W 80 -45.40 5.88 -49.32
C TYR W 80 -43.91 6.04 -49.06
N LEU W 81 -43.11 5.55 -50.01
CA LEU W 81 -41.67 5.71 -49.97
C LEU W 81 -41.20 6.14 -51.35
N GLN W 82 -41.01 7.44 -51.52
CA GLN W 82 -40.53 8.01 -52.78
C GLN W 82 -39.02 7.85 -52.81
N MET W 83 -38.53 7.04 -53.75
CA MET W 83 -37.12 6.67 -53.82
C MET W 83 -36.51 7.26 -55.08
N ASN W 84 -35.85 8.40 -54.93
CA ASN W 84 -35.14 9.01 -56.05
C ASN W 84 -33.68 8.60 -56.02
N SER W 85 -33.03 8.70 -57.19
CA SER W 85 -31.61 8.41 -57.35
C SER W 85 -31.27 6.99 -56.89
N LEU W 86 -31.96 6.01 -57.46
CA LEU W 86 -31.72 4.62 -57.12
C LEU W 86 -30.33 4.18 -57.57
N ARG W 87 -29.67 3.37 -56.74
CA ARG W 87 -28.36 2.82 -57.02
C ARG W 87 -28.40 1.31 -56.85
N VAL W 88 -27.43 0.63 -57.45
CA VAL W 88 -27.47 -0.84 -57.49
C VAL W 88 -27.29 -1.44 -56.11
N GLU W 89 -26.88 -0.64 -55.13
CA GLU W 89 -26.84 -1.11 -53.75
C GLU W 89 -28.22 -1.28 -53.14
N ASP W 90 -29.27 -0.78 -53.80
CA ASP W 90 -30.60 -0.72 -53.22
C ASP W 90 -31.51 -1.87 -53.63
N THR W 91 -30.98 -2.89 -54.30
CA THR W 91 -31.80 -4.04 -54.67
C THR W 91 -32.05 -4.92 -53.44
N ALA W 92 -33.33 -5.07 -53.09
CA ALA W 92 -33.71 -5.78 -51.87
C ALA W 92 -35.23 -5.84 -51.80
N ILE W 93 -35.72 -6.54 -50.77
CA ILE W 93 -37.14 -6.56 -50.44
C ILE W 93 -37.42 -5.48 -49.41
N TYR W 94 -38.43 -4.65 -49.66
CA TYR W 94 -38.79 -3.56 -48.78
C TYR W 94 -40.05 -3.94 -48.01
N TYR W 95 -39.95 -3.96 -46.68
CA TYR W 95 -41.03 -4.37 -45.81
C TYR W 95 -41.72 -3.16 -45.20
N CYS W 96 -43.04 -3.24 -45.07
CA CYS W 96 -43.82 -2.27 -44.32
C CYS W 96 -43.97 -2.77 -42.88
N ALA W 97 -43.45 -2.00 -41.94
CA ALA W 97 -43.39 -2.43 -40.55
C ALA W 97 -44.13 -1.44 -39.66
N ARG W 98 -44.89 -1.98 -38.70
CA ARG W 98 -45.62 -1.17 -37.74
C ARG W 98 -44.85 -1.10 -36.43
N ASP W 99 -44.78 0.09 -35.85
CA ASP W 99 -44.04 0.30 -34.62
C ASP W 99 -44.88 -0.11 -33.42
N SER W 100 -44.31 -0.97 -32.57
CA SER W 100 -44.90 -1.37 -31.29
C SER W 100 -46.13 -2.26 -31.46
N LEU W 101 -46.35 -3.15 -30.50
CA LEU W 101 -47.60 -3.92 -30.47
C LEU W 101 -48.73 -3.10 -29.87
N PHE W 102 -48.43 -2.32 -28.84
CA PHE W 102 -49.37 -1.40 -28.23
C PHE W 102 -48.60 -0.22 -27.68
N TYR W 103 -49.32 0.87 -27.42
CA TYR W 103 -48.70 2.16 -27.08
C TYR W 103 -48.11 2.08 -25.68
N ASP W 104 -46.77 2.09 -25.61
CA ASP W 104 -46.04 2.14 -24.35
C ASP W 104 -45.01 3.25 -24.45
N HIS W 105 -44.86 4.03 -23.38
CA HIS W 105 -44.01 5.21 -23.42
C HIS W 105 -42.53 4.82 -23.51
N ASP W 106 -42.09 3.89 -22.66
CA ASP W 106 -40.68 3.55 -22.55
C ASP W 106 -40.28 2.40 -23.46
N ASN W 107 -41.18 1.88 -24.28
CA ASN W 107 -40.86 0.77 -25.18
C ASN W 107 -41.51 1.04 -26.53
N SER W 108 -40.74 1.60 -27.46
CA SER W 108 -41.21 1.82 -28.81
C SER W 108 -40.01 1.75 -29.75
N GLY W 109 -40.28 1.30 -30.98
CA GLY W 109 -39.23 1.12 -31.96
C GLY W 109 -39.04 -0.31 -32.43
N TYR W 110 -39.85 -1.25 -31.96
CA TYR W 110 -39.81 -2.63 -32.43
C TYR W 110 -40.98 -2.87 -33.38
N TYR W 111 -40.69 -3.57 -34.47
CA TYR W 111 -41.66 -3.78 -35.55
C TYR W 111 -42.53 -4.97 -35.19
N GLY W 112 -43.64 -4.70 -34.48
CA GLY W 112 -44.50 -5.78 -34.03
C GLY W 112 -45.15 -6.54 -35.18
N TYR W 113 -45.69 -5.81 -36.15
CA TYR W 113 -46.47 -6.42 -37.22
C TYR W 113 -45.82 -6.08 -38.55
N TRP W 114 -45.62 -7.09 -39.40
CA TRP W 114 -44.93 -6.94 -40.67
C TRP W 114 -45.85 -7.29 -41.83
N GLY W 115 -45.57 -6.65 -42.98
CA GLY W 115 -46.17 -7.05 -44.24
C GLY W 115 -45.23 -7.92 -45.05
N GLN W 116 -45.78 -8.54 -46.10
CA GLN W 116 -44.98 -9.43 -46.94
C GLN W 116 -43.92 -8.68 -47.74
N GLY W 117 -44.20 -7.44 -48.15
CA GLY W 117 -43.20 -6.66 -48.85
C GLY W 117 -43.17 -6.93 -50.34
N THR W 118 -42.44 -6.08 -51.06
CA THR W 118 -42.28 -6.20 -52.50
C THR W 118 -40.80 -6.25 -52.85
N LEU W 119 -40.49 -6.84 -53.99
CA LEU W 119 -39.14 -6.92 -54.50
C LEU W 119 -38.86 -5.73 -55.41
N VAL W 120 -37.84 -4.95 -55.06
CA VAL W 120 -37.38 -3.83 -55.88
C VAL W 120 -35.96 -4.12 -56.30
N THR W 121 -35.76 -4.34 -57.60
CA THR W 121 -34.44 -4.63 -58.15
C THR W 121 -34.08 -3.55 -59.15
N VAL W 122 -32.80 -3.15 -59.15
CA VAL W 122 -32.28 -2.13 -60.04
C VAL W 122 -31.06 -2.68 -60.76
N SER W 123 -31.05 -2.55 -62.08
CA SER W 123 -29.96 -3.06 -62.90
C SER W 123 -30.09 -2.48 -64.30
N SER W 124 -29.20 -2.89 -65.18
CA SER W 124 -29.21 -2.45 -66.56
C SER W 124 -29.50 -3.61 -67.51
#